data_2L8B
#
_entry.id   2L8B
#
_entity_poly.entity_id   1
_entity_poly.type   'polypeptide(L)'
_entity_poly.pdbx_seq_one_letter_code
;TSGIHVLDELSVRALSRDIMKQNRVTVHPEKSVPRTAGYSDAVSVLAQDRPSLAIVSGQGGAAGQRERVAELVMMAREQG
REVQIIAADRRSQMNMKQDERLSGELITGRRQLLEGMAFTPGSTVIVDQGEKLSLKETLTLLDGAARHNVQVLITDSGQR
TGTGSALMAMKDAGVNTYRWQGGEQRPAT
;
_entity_poly.pdbx_strand_id   A
#
# COMPACT_ATOMS: atom_id res chain seq x y z
N THR A 1 -17.96 14.57 19.74
CA THR A 1 -17.90 13.59 20.88
C THR A 1 -18.02 12.17 20.34
N SER A 2 -19.05 11.89 19.59
CA SER A 2 -19.23 10.52 19.03
C SER A 2 -18.40 10.35 17.77
N GLY A 3 -17.97 9.15 17.49
CA GLY A 3 -17.14 8.90 16.27
C GLY A 3 -15.69 9.35 16.53
N ILE A 4 -15.29 9.40 17.78
CA ILE A 4 -13.88 9.82 18.09
C ILE A 4 -12.96 8.60 18.29
N HIS A 5 -13.50 7.39 18.27
CA HIS A 5 -12.61 6.19 18.46
C HIS A 5 -11.59 6.12 17.32
N VAL A 6 -12.03 6.33 16.11
CA VAL A 6 -11.08 6.30 14.94
C VAL A 6 -10.94 7.69 14.32
N LEU A 7 -9.73 8.13 14.07
CA LEU A 7 -9.52 9.48 13.46
C LEU A 7 -8.94 9.35 12.04
N ASP A 8 -8.54 10.44 11.44
CA ASP A 8 -7.98 10.38 10.06
C ASP A 8 -6.73 9.49 10.02
N GLU A 9 -5.86 9.59 11.00
CA GLU A 9 -4.61 8.75 10.97
C GLU A 9 -4.22 8.24 12.37
N LEU A 10 -5.00 8.50 13.38
CA LEU A 10 -4.63 8.00 14.75
C LEU A 10 -4.57 6.47 14.75
N SER A 11 -5.54 5.84 14.13
CA SER A 11 -5.55 4.35 14.07
C SER A 11 -4.32 3.84 13.31
N VAL A 12 -4.01 4.46 12.19
CA VAL A 12 -2.82 4.02 11.39
C VAL A 12 -1.52 4.25 12.16
N ARG A 13 -1.44 5.30 12.91
CA ARG A 13 -0.17 5.61 13.65
C ARG A 13 0.16 4.51 14.66
N ALA A 14 -0.81 4.05 15.40
CA ALA A 14 -0.54 2.98 16.42
C ALA A 14 -0.05 1.67 15.79
N LEU A 15 -0.68 1.22 14.74
CA LEU A 15 -0.25 -0.07 14.12
C LEU A 15 1.10 0.06 13.38
N SER A 16 1.44 1.21 12.87
CA SER A 16 2.76 1.34 12.17
C SER A 16 3.91 1.08 13.14
N ARG A 17 3.83 1.64 14.32
CA ARG A 17 4.93 1.45 15.32
C ARG A 17 5.05 -0.01 15.76
N ASP A 18 3.95 -0.69 16.01
CA ASP A 18 4.03 -2.13 16.44
C ASP A 18 4.65 -2.99 15.33
N ILE A 19 4.28 -2.71 14.11
CA ILE A 19 4.83 -3.48 12.95
C ILE A 19 6.35 -3.29 12.86
N MET A 20 6.81 -2.06 13.05
CA MET A 20 8.28 -1.81 12.98
C MET A 20 8.98 -2.57 14.12
N LYS A 21 8.30 -2.75 15.23
CA LYS A 21 8.90 -3.48 16.39
C LYS A 21 9.28 -4.91 15.93
N GLN A 22 8.54 -5.47 15.01
CA GLN A 22 8.89 -6.82 14.49
C GLN A 22 9.76 -6.66 13.22
N ASN A 23 9.77 -5.48 12.65
CA ASN A 23 10.60 -5.22 11.44
C ASN A 23 12.07 -5.37 11.80
N ARG A 24 12.45 -4.96 12.99
CA ARG A 24 13.87 -5.09 13.45
C ARG A 24 13.93 -6.08 14.63
N VAL A 25 12.89 -6.90 14.79
CA VAL A 25 12.82 -7.91 15.91
C VAL A 25 14.22 -8.51 16.21
N THR A 26 14.50 -8.76 17.47
CA THR A 26 15.82 -9.34 17.84
C THR A 26 15.87 -10.82 17.45
N VAL A 27 15.97 -11.11 16.17
CA VAL A 27 15.99 -12.53 15.71
C VAL A 27 17.40 -12.97 15.32
N HIS A 28 17.82 -14.11 15.80
CA HIS A 28 19.19 -14.62 15.46
C HIS A 28 19.10 -15.55 14.24
N PRO A 29 20.08 -15.50 13.37
CA PRO A 29 20.06 -16.37 12.17
C PRO A 29 20.18 -17.84 12.59
N GLU A 30 20.83 -18.09 13.71
CA GLU A 30 20.98 -19.49 14.20
C GLU A 30 19.61 -20.14 14.42
N LYS A 31 18.62 -19.34 14.64
CA LYS A 31 17.25 -19.86 14.89
C LYS A 31 16.25 -18.76 14.54
N SER A 32 16.30 -18.28 13.33
CA SER A 32 15.37 -17.17 12.93
C SER A 32 13.91 -17.59 13.09
N VAL A 33 13.16 -16.80 13.81
CA VAL A 33 11.70 -17.08 14.02
C VAL A 33 10.87 -16.49 12.88
N PRO A 34 10.26 -17.34 12.08
CA PRO A 34 9.41 -16.83 10.98
C PRO A 34 8.15 -16.18 11.56
N ARG A 35 7.68 -15.10 10.98
CA ARG A 35 6.43 -14.44 11.48
C ARG A 35 5.83 -13.57 10.36
N THR A 36 5.43 -14.15 9.27
CA THR A 36 4.83 -13.33 8.18
C THR A 36 3.50 -12.76 8.66
N ALA A 37 2.78 -13.52 9.45
CA ALA A 37 1.46 -13.04 9.94
C ALA A 37 1.61 -11.89 10.93
N GLY A 38 2.82 -11.61 11.39
CA GLY A 38 2.98 -10.49 12.37
C GLY A 38 2.50 -9.17 11.75
N TYR A 39 2.86 -8.91 10.52
CA TYR A 39 2.41 -7.64 9.85
C TYR A 39 1.12 -7.92 9.05
N SER A 40 0.66 -9.14 9.02
CA SER A 40 -0.60 -9.47 8.30
C SER A 40 -1.78 -9.11 9.19
N ASP A 41 -1.61 -9.33 10.47
CA ASP A 41 -2.68 -9.00 11.45
C ASP A 41 -2.70 -7.51 11.74
N ALA A 42 -1.56 -6.93 11.99
CA ALA A 42 -1.51 -5.46 12.30
C ALA A 42 -2.04 -4.64 11.13
N VAL A 43 -1.56 -4.91 9.96
CA VAL A 43 -1.99 -4.15 8.74
C VAL A 43 -3.43 -4.52 8.31
N SER A 44 -3.82 -5.78 8.37
CA SER A 44 -5.21 -6.16 7.93
C SER A 44 -6.26 -5.42 8.75
N VAL A 45 -6.02 -5.27 10.02
CA VAL A 45 -6.99 -4.57 10.90
C VAL A 45 -7.16 -3.12 10.42
N LEU A 46 -6.08 -2.48 10.09
CA LEU A 46 -6.16 -1.07 9.63
C LEU A 46 -7.06 -0.92 8.38
N ALA A 47 -7.12 -1.91 7.52
CA ALA A 47 -8.01 -1.79 6.32
C ALA A 47 -9.47 -1.86 6.76
N GLN A 48 -9.75 -2.66 7.78
CA GLN A 48 -11.16 -2.74 8.27
C GLN A 48 -11.58 -1.37 8.79
N ASP A 49 -10.63 -0.61 9.29
CA ASP A 49 -10.95 0.77 9.76
C ASP A 49 -11.42 1.57 8.55
N ARG A 50 -10.53 2.24 7.83
CA ARG A 50 -10.96 3.00 6.62
C ARG A 50 -9.70 3.51 5.87
N PRO A 51 -8.91 4.34 6.51
CA PRO A 51 -7.69 4.87 5.84
C PRO A 51 -6.66 3.77 5.66
N SER A 52 -6.49 3.28 4.45
CA SER A 52 -5.50 2.19 4.20
C SER A 52 -4.12 2.82 3.97
N LEU A 53 -3.26 2.81 4.96
CA LEU A 53 -1.90 3.39 4.76
C LEU A 53 -0.94 2.97 5.87
N ALA A 54 -0.15 1.96 5.61
CA ALA A 54 0.82 1.48 6.66
C ALA A 54 2.14 1.00 6.05
N ILE A 55 3.07 0.63 6.90
CA ILE A 55 4.39 0.13 6.42
C ILE A 55 4.58 -1.34 6.85
N VAL A 56 5.12 -2.16 5.98
CA VAL A 56 5.33 -3.60 6.35
C VAL A 56 6.63 -4.12 5.73
N SER A 57 7.32 -5.01 6.42
CA SER A 57 8.58 -5.57 5.85
C SER A 57 8.56 -7.11 5.95
N GLY A 58 9.01 -7.80 4.94
CA GLY A 58 8.97 -9.29 4.95
C GLY A 58 10.32 -9.86 5.42
N GLN A 59 10.29 -11.00 6.05
CA GLN A 59 11.55 -11.65 6.54
C GLN A 59 11.92 -12.80 5.61
N GLY A 60 10.97 -13.67 5.34
CA GLY A 60 11.22 -14.83 4.44
C GLY A 60 9.95 -15.15 3.66
N GLY A 61 10.08 -15.74 2.50
CA GLY A 61 8.88 -16.08 1.68
C GLY A 61 8.58 -14.95 0.70
N ALA A 62 8.86 -15.15 -0.57
CA ALA A 62 8.58 -14.09 -1.58
C ALA A 62 7.34 -14.44 -2.41
N ALA A 63 7.25 -15.66 -2.88
CA ALA A 63 6.07 -16.05 -3.73
C ALA A 63 4.77 -16.07 -2.91
N GLY A 64 4.77 -16.59 -1.70
CA GLY A 64 3.52 -16.62 -0.90
C GLY A 64 3.17 -15.22 -0.39
N GLN A 65 4.15 -14.38 -0.19
CA GLN A 65 3.86 -13.01 0.32
C GLN A 65 3.09 -12.19 -0.71
N ARG A 66 3.40 -12.33 -1.98
CA ARG A 66 2.65 -11.55 -3.03
C ARG A 66 1.17 -12.01 -3.06
N GLU A 67 0.94 -13.29 -2.97
CA GLU A 67 -0.48 -13.79 -2.98
C GLU A 67 -1.17 -13.43 -1.65
N ARG A 68 -0.43 -13.32 -0.59
CA ARG A 68 -1.04 -13.00 0.75
C ARG A 68 -1.72 -11.62 0.72
N VAL A 69 -1.02 -10.56 0.38
CA VAL A 69 -1.68 -9.21 0.37
C VAL A 69 -2.88 -9.27 -0.58
N ALA A 70 -2.79 -10.06 -1.62
CA ALA A 70 -3.94 -10.20 -2.54
C ALA A 70 -5.14 -10.77 -1.77
N GLU A 71 -4.89 -11.51 -0.70
CA GLU A 71 -6.03 -12.05 0.12
C GLU A 71 -6.82 -10.84 0.65
N LEU A 72 -6.13 -9.76 0.91
CA LEU A 72 -6.82 -8.53 1.39
C LEU A 72 -7.74 -8.04 0.27
N VAL A 73 -7.31 -8.16 -0.95
CA VAL A 73 -8.15 -7.71 -2.11
C VAL A 73 -9.46 -8.50 -2.13
N MET A 74 -9.47 -9.71 -1.60
CA MET A 74 -10.74 -10.49 -1.56
C MET A 74 -11.70 -9.80 -0.60
N MET A 75 -11.18 -9.25 0.48
CA MET A 75 -12.04 -8.52 1.47
C MET A 75 -12.77 -7.38 0.75
N ALA A 76 -12.15 -6.83 -0.27
CA ALA A 76 -12.79 -5.75 -1.08
C ALA A 76 -13.73 -6.38 -2.14
N ARG A 77 -13.47 -7.61 -2.49
CA ARG A 77 -14.33 -8.30 -3.51
C ARG A 77 -15.74 -8.44 -2.94
N GLU A 78 -15.85 -8.81 -1.69
CA GLU A 78 -17.18 -8.96 -1.05
C GLU A 78 -17.83 -7.58 -0.82
N GLN A 79 -17.02 -6.57 -0.66
CA GLN A 79 -17.58 -5.19 -0.41
C GLN A 79 -17.99 -4.51 -1.74
N GLY A 80 -17.92 -5.21 -2.85
CA GLY A 80 -18.34 -4.60 -4.14
C GLY A 80 -17.34 -3.53 -4.59
N ARG A 81 -16.10 -3.65 -4.20
CA ARG A 81 -15.08 -2.64 -4.60
C ARG A 81 -13.79 -3.30 -5.08
N GLU A 82 -13.32 -2.92 -6.23
CA GLU A 82 -12.05 -3.48 -6.75
C GLU A 82 -10.88 -2.70 -6.17
N VAL A 83 -9.69 -3.20 -6.31
CA VAL A 83 -8.50 -2.47 -5.75
C VAL A 83 -7.28 -2.67 -6.66
N GLN A 84 -6.38 -1.70 -6.72
CA GLN A 84 -5.16 -1.85 -7.56
C GLN A 84 -4.02 -2.29 -6.65
N ILE A 85 -3.34 -3.36 -6.95
CA ILE A 85 -2.23 -3.82 -6.04
C ILE A 85 -0.99 -4.18 -6.89
N ILE A 86 0.19 -3.81 -6.43
CA ILE A 86 1.43 -4.14 -7.21
C ILE A 86 2.47 -4.82 -6.30
N ALA A 87 2.95 -5.96 -6.71
CA ALA A 87 3.98 -6.66 -5.89
C ALA A 87 5.37 -6.12 -6.22
N ALA A 88 6.37 -6.66 -5.60
CA ALA A 88 7.78 -6.21 -5.87
C ALA A 88 8.10 -6.36 -7.35
N ASP A 89 9.36 -6.34 -7.69
CA ASP A 89 9.74 -6.50 -9.13
C ASP A 89 9.14 -7.80 -9.71
N ARG A 90 8.73 -8.71 -8.86
CA ARG A 90 8.14 -10.01 -9.32
C ARG A 90 6.73 -9.79 -9.92
N ARG A 91 6.16 -8.61 -9.75
CA ARG A 91 4.78 -8.34 -10.29
C ARG A 91 4.71 -8.59 -11.81
N SER A 92 5.76 -8.33 -12.54
CA SER A 92 5.71 -8.54 -14.03
C SER A 92 5.29 -9.98 -14.37
N GLN A 93 5.89 -10.94 -13.70
CA GLN A 93 5.51 -12.36 -13.93
C GLN A 93 4.06 -12.55 -13.48
N MET A 94 3.69 -11.91 -12.40
CA MET A 94 2.29 -12.01 -11.90
C MET A 94 1.30 -11.54 -12.95
N ASN A 95 1.66 -10.58 -13.77
CA ASN A 95 0.70 -10.08 -14.82
C ASN A 95 0.33 -11.24 -15.74
N MET A 96 1.29 -12.05 -16.09
CA MET A 96 0.99 -13.24 -16.94
C MET A 96 0.12 -14.19 -16.12
N LYS A 97 0.37 -14.25 -14.84
CA LYS A 97 -0.42 -15.13 -13.93
C LYS A 97 -1.42 -14.26 -13.14
N GLN A 98 -1.73 -14.63 -11.91
CA GLN A 98 -2.67 -13.79 -11.09
C GLN A 98 -3.96 -13.47 -11.85
N ASP A 99 -4.55 -14.44 -12.50
CA ASP A 99 -5.82 -14.18 -13.26
C ASP A 99 -7.05 -14.53 -12.41
N GLU A 100 -6.87 -14.76 -11.13
CA GLU A 100 -8.02 -15.11 -10.25
C GLU A 100 -8.77 -13.86 -9.77
N ARG A 101 -8.30 -12.67 -10.14
CA ARG A 101 -9.02 -11.42 -9.69
C ARG A 101 -8.42 -10.15 -10.30
N LEU A 102 -7.15 -10.12 -10.67
CA LEU A 102 -6.57 -8.87 -11.24
C LEU A 102 -6.37 -8.96 -12.75
N SER A 103 -7.19 -9.72 -13.45
CA SER A 103 -7.02 -9.82 -14.93
C SER A 103 -7.18 -8.44 -15.59
N GLY A 104 -7.96 -7.57 -14.99
CA GLY A 104 -8.16 -6.21 -15.56
C GLY A 104 -9.41 -5.57 -14.95
N GLU A 105 -9.53 -5.63 -13.65
CA GLU A 105 -10.74 -5.03 -12.99
C GLU A 105 -10.32 -4.13 -11.82
N LEU A 106 -9.27 -3.36 -11.97
CA LEU A 106 -8.84 -2.47 -10.84
C LEU A 106 -9.92 -1.40 -10.66
N ILE A 107 -9.94 -0.34 -11.45
CA ILE A 107 -11.08 0.63 -11.35
C ILE A 107 -11.02 1.73 -12.40
N THR A 108 -9.97 2.53 -12.41
CA THR A 108 -9.88 3.59 -13.45
C THR A 108 -8.91 3.16 -14.56
N GLY A 109 -8.54 1.90 -14.59
CA GLY A 109 -7.61 1.43 -15.65
C GLY A 109 -8.42 1.02 -16.87
N ARG A 110 -9.07 1.96 -17.52
CA ARG A 110 -9.89 1.60 -18.71
C ARG A 110 -9.77 2.71 -19.74
N ARG A 111 -10.23 3.89 -19.41
CA ARG A 111 -10.13 5.02 -20.36
C ARG A 111 -8.97 5.93 -19.97
N GLN A 112 -8.74 6.09 -18.69
CA GLN A 112 -7.63 6.98 -18.22
C GLN A 112 -6.27 6.49 -18.70
N LEU A 113 -6.10 5.20 -18.89
CA LEU A 113 -4.77 4.70 -19.33
C LEU A 113 -4.72 4.59 -20.85
N LEU A 114 -5.85 4.33 -21.47
CA LEU A 114 -5.86 4.15 -22.95
C LEU A 114 -6.41 5.35 -23.72
N GLU A 115 -7.44 6.03 -23.24
CA GLU A 115 -7.99 7.16 -24.06
C GLU A 115 -7.86 8.57 -23.43
N GLY A 116 -7.41 8.71 -22.20
CA GLY A 116 -7.24 10.09 -21.63
C GLY A 116 -8.42 10.47 -20.69
N MET A 117 -9.54 9.81 -20.78
CA MET A 117 -10.70 10.17 -19.91
C MET A 117 -10.44 9.82 -18.44
N ALA A 118 -11.34 10.19 -17.58
CA ALA A 118 -11.15 9.91 -16.11
C ALA A 118 -12.19 8.93 -15.60
N PHE A 119 -11.84 8.15 -14.61
CA PHE A 119 -12.79 7.15 -14.04
C PHE A 119 -13.14 7.55 -12.60
N THR A 120 -14.33 7.21 -12.14
CA THR A 120 -14.76 7.58 -10.77
C THR A 120 -13.76 7.06 -9.73
N PRO A 121 -12.98 7.95 -9.15
CA PRO A 121 -11.99 7.52 -8.14
C PRO A 121 -12.69 7.00 -6.90
N GLY A 122 -12.55 5.73 -6.63
CA GLY A 122 -13.18 5.13 -5.43
C GLY A 122 -12.60 3.75 -5.15
N SER A 123 -11.38 3.50 -5.57
CA SER A 123 -10.76 2.16 -5.35
C SER A 123 -9.89 2.15 -4.11
N THR A 124 -9.29 1.02 -3.83
CA THR A 124 -8.35 0.91 -2.69
C THR A 124 -7.05 0.39 -3.27
N VAL A 125 -5.93 0.98 -2.95
CA VAL A 125 -4.66 0.51 -3.56
C VAL A 125 -3.64 0.08 -2.51
N ILE A 126 -3.00 -1.04 -2.76
CA ILE A 126 -1.95 -1.52 -1.82
C ILE A 126 -0.76 -2.00 -2.66
N VAL A 127 0.40 -1.41 -2.51
CA VAL A 127 1.56 -1.83 -3.34
C VAL A 127 2.68 -2.44 -2.47
N ASP A 128 2.79 -3.75 -2.52
CA ASP A 128 3.87 -4.46 -1.75
C ASP A 128 5.11 -4.49 -2.65
N GLN A 129 6.24 -3.95 -2.22
CA GLN A 129 7.41 -3.94 -3.16
C GLN A 129 8.81 -3.84 -2.50
N GLY A 130 9.69 -4.74 -2.89
CA GLY A 130 11.09 -4.72 -2.36
C GLY A 130 11.85 -3.61 -3.08
N GLU A 131 11.68 -3.56 -4.36
CA GLU A 131 12.31 -2.53 -5.21
C GLU A 131 11.50 -1.25 -5.00
N LYS A 132 12.14 -0.15 -5.08
CA LYS A 132 11.44 1.16 -4.84
C LYS A 132 11.07 1.84 -6.16
N LEU A 133 11.60 1.38 -7.25
CA LEU A 133 11.25 1.96 -8.58
C LEU A 133 9.75 1.69 -8.83
N SER A 134 9.28 0.57 -8.37
CA SER A 134 7.83 0.21 -8.53
C SER A 134 6.96 1.10 -7.66
N LEU A 135 7.43 1.42 -6.49
CA LEU A 135 6.64 2.26 -5.54
C LEU A 135 6.42 3.66 -6.12
N LYS A 136 7.44 4.24 -6.70
CA LYS A 136 7.31 5.64 -7.26
C LYS A 136 6.33 5.72 -8.44
N GLU A 137 6.38 4.79 -9.38
CA GLU A 137 5.44 4.88 -10.56
C GLU A 137 3.99 4.66 -10.11
N THR A 138 3.77 3.69 -9.25
CA THR A 138 2.39 3.42 -8.75
C THR A 138 1.88 4.66 -8.02
N LEU A 139 2.74 5.29 -7.27
CA LEU A 139 2.36 6.50 -6.48
C LEU A 139 1.88 7.65 -7.37
N THR A 140 2.50 7.88 -8.51
CA THR A 140 2.07 9.02 -9.37
C THR A 140 0.59 8.85 -9.80
N LEU A 141 0.25 7.75 -10.44
CA LEU A 141 -1.18 7.57 -10.87
C LEU A 141 -2.12 7.53 -9.66
N LEU A 142 -1.71 6.86 -8.63
CA LEU A 142 -2.57 6.74 -7.40
C LEU A 142 -2.93 8.12 -6.84
N ASP A 143 -2.08 9.08 -7.02
CA ASP A 143 -2.34 10.45 -6.49
C ASP A 143 -3.71 10.98 -6.96
N GLY A 144 -4.03 10.87 -8.23
CA GLY A 144 -5.35 11.36 -8.72
C GLY A 144 -6.48 10.61 -8.00
N ALA A 145 -6.40 9.30 -7.98
CA ALA A 145 -7.47 8.49 -7.31
C ALA A 145 -7.53 8.75 -5.80
N ALA A 146 -6.40 8.97 -5.16
CA ALA A 146 -6.41 9.22 -3.68
C ALA A 146 -7.21 10.48 -3.35
N ARG A 147 -7.35 11.40 -4.28
CA ARG A 147 -8.15 12.63 -4.00
C ARG A 147 -9.55 12.20 -3.52
N HIS A 148 -10.08 11.18 -4.12
CA HIS A 148 -11.42 10.66 -3.71
C HIS A 148 -11.22 9.52 -2.68
N ASN A 149 -11.94 8.42 -2.80
CA ASN A 149 -11.79 7.31 -1.80
C ASN A 149 -10.68 6.32 -2.17
N VAL A 150 -9.44 6.66 -1.92
CA VAL A 150 -8.31 5.72 -2.23
C VAL A 150 -7.29 5.82 -1.09
N GLN A 151 -6.34 4.91 -1.07
CA GLN A 151 -5.34 4.91 0.02
C GLN A 151 -4.13 4.04 -0.35
N VAL A 152 -3.02 4.20 0.34
CA VAL A 152 -1.81 3.39 0.00
C VAL A 152 -1.43 2.41 1.12
N LEU A 153 -1.60 1.15 0.86
CA LEU A 153 -1.17 0.10 1.83
C LEU A 153 0.05 -0.52 1.21
N ILE A 154 1.21 -0.45 1.81
CA ILE A 154 2.39 -1.06 1.14
C ILE A 154 3.24 -1.85 2.10
N THR A 155 4.03 -2.71 1.54
CA THR A 155 4.97 -3.51 2.34
C THR A 155 6.34 -3.26 1.73
N ASP A 156 7.31 -4.02 2.09
CA ASP A 156 8.65 -3.79 1.50
C ASP A 156 9.51 -5.02 1.64
N SER A 157 10.61 -5.02 0.97
CA SER A 157 11.55 -6.18 1.06
C SER A 157 13.01 -5.67 1.08
N GLY A 158 13.20 -4.40 1.37
CA GLY A 158 14.57 -3.84 1.42
C GLY A 158 14.71 -2.87 2.62
N GLN A 159 13.75 -2.88 3.52
CA GLN A 159 13.80 -1.98 4.73
C GLN A 159 14.39 -2.72 5.94
N ARG A 160 14.77 -3.97 5.79
CA ARG A 160 15.33 -4.74 6.95
C ARG A 160 16.49 -3.99 7.60
N THR A 161 17.19 -3.18 6.85
CA THR A 161 18.33 -2.42 7.43
C THR A 161 17.96 -0.94 7.60
N GLY A 162 17.20 -0.41 6.68
CA GLY A 162 16.77 1.02 6.77
C GLY A 162 15.28 1.10 6.46
N THR A 163 14.46 1.33 7.45
CA THR A 163 12.99 1.40 7.20
C THR A 163 12.51 2.85 7.05
N GLY A 164 12.97 3.76 7.88
CA GLY A 164 12.51 5.17 7.80
C GLY A 164 12.91 5.77 6.44
N SER A 165 14.04 5.38 5.91
CA SER A 165 14.48 5.91 4.60
C SER A 165 13.48 5.52 3.51
N ALA A 166 12.86 4.38 3.65
CA ALA A 166 11.87 3.92 2.65
C ALA A 166 10.65 4.86 2.66
N LEU A 167 10.29 5.35 3.82
CA LEU A 167 9.11 6.27 3.91
C LEU A 167 9.34 7.53 3.07
N MET A 168 10.51 8.11 3.16
CA MET A 168 10.81 9.32 2.33
C MET A 168 10.83 8.92 0.86
N ALA A 169 11.29 7.73 0.59
CA ALA A 169 11.35 7.24 -0.83
C ALA A 169 9.97 7.41 -1.49
N MET A 170 8.94 6.90 -0.87
CA MET A 170 7.57 7.04 -1.46
C MET A 170 7.23 8.52 -1.65
N LYS A 171 7.53 9.33 -0.68
CA LYS A 171 7.24 10.79 -0.77
C LYS A 171 7.98 11.44 -1.93
N ASP A 172 9.14 10.94 -2.25
CA ASP A 172 9.94 11.52 -3.38
C ASP A 172 9.31 11.17 -4.72
N ALA A 173 8.35 10.25 -4.73
CA ALA A 173 7.70 9.85 -6.01
C ALA A 173 6.79 10.95 -6.60
N GLY A 174 6.77 12.15 -6.05
CA GLY A 174 5.92 13.22 -6.64
C GLY A 174 4.69 13.49 -5.77
N VAL A 175 4.36 12.59 -4.86
CA VAL A 175 3.16 12.81 -4.01
C VAL A 175 3.39 14.00 -3.08
N ASN A 176 2.54 14.99 -3.16
CA ASN A 176 2.66 16.20 -2.30
C ASN A 176 1.32 16.91 -2.17
N THR A 177 0.75 16.92 -0.99
CA THR A 177 -0.56 17.61 -0.82
C THR A 177 -0.34 19.06 -0.37
N TYR A 178 -0.67 20.00 -1.21
CA TYR A 178 -0.47 21.44 -0.84
C TYR A 178 -1.70 21.95 -0.07
N ARG A 179 -2.75 22.31 -0.77
CA ARG A 179 -3.98 22.81 -0.09
C ARG A 179 -5.21 22.59 -0.97
N TRP A 180 -5.25 23.26 -2.11
CA TRP A 180 -6.42 23.11 -3.03
C TRP A 180 -6.24 21.93 -3.99
N GLN A 181 -5.01 21.53 -4.21
CA GLN A 181 -4.75 20.38 -5.13
C GLN A 181 -3.49 19.65 -4.66
N GLY A 182 -3.38 18.37 -4.92
CA GLY A 182 -2.18 17.60 -4.46
C GLY A 182 -1.11 17.56 -5.56
N GLY A 183 -0.48 16.44 -5.74
CA GLY A 183 0.57 16.30 -6.78
C GLY A 183 -0.04 15.71 -8.07
N GLU A 184 -1.32 15.87 -8.25
CA GLU A 184 -1.99 15.31 -9.47
C GLU A 184 -1.46 16.00 -10.73
N GLN A 185 -1.12 17.26 -10.62
CA GLN A 185 -0.59 18.01 -11.80
C GLN A 185 0.93 17.81 -11.95
N ARG A 186 1.55 17.06 -11.07
CA ARG A 186 3.03 16.84 -11.18
C ARG A 186 3.32 15.40 -11.65
N PRO A 187 3.21 15.16 -12.94
CA PRO A 187 3.45 13.81 -13.48
C PRO A 187 4.94 13.43 -13.43
N ALA A 188 5.82 14.40 -13.26
CA ALA A 188 7.29 14.07 -13.21
C ALA A 188 8.07 15.16 -12.48
N THR A 189 7.42 15.93 -11.64
CA THR A 189 8.14 17.01 -10.90
C THR A 189 7.32 17.49 -9.70
N THR A 1 3.59 15.06 26.74
CA THR A 1 2.17 15.53 26.68
C THR A 1 2.10 17.02 26.34
N SER A 2 2.84 17.45 25.35
CA SER A 2 2.80 18.90 24.97
C SER A 2 1.40 19.28 24.51
N GLY A 3 0.71 18.36 23.88
CA GLY A 3 -0.67 18.65 23.39
C GLY A 3 -0.61 18.86 21.87
N ILE A 4 -1.28 18.02 21.12
CA ILE A 4 -1.27 18.18 19.64
C ILE A 4 -2.50 18.96 19.19
N HIS A 5 -2.27 20.11 18.61
CA HIS A 5 -3.42 20.96 18.15
C HIS A 5 -4.13 20.29 16.96
N VAL A 6 -3.41 19.60 16.13
CA VAL A 6 -4.04 18.92 14.95
C VAL A 6 -4.13 17.41 15.15
N LEU A 7 -5.21 16.80 14.72
CA LEU A 7 -5.37 15.32 14.89
C LEU A 7 -5.30 14.61 13.53
N ASP A 8 -4.46 13.63 13.41
CA ASP A 8 -4.34 12.88 12.12
C ASP A 8 -4.76 11.42 12.32
N GLU A 9 -4.50 10.56 11.35
CA GLU A 9 -4.89 9.13 11.49
C GLU A 9 -4.16 8.50 12.67
N LEU A 10 -4.73 8.59 13.85
CA LEU A 10 -4.09 8.01 15.07
C LEU A 10 -4.02 6.48 14.97
N SER A 11 -5.04 5.86 14.44
CA SER A 11 -5.03 4.36 14.32
C SER A 11 -3.89 3.90 13.41
N VAL A 12 -3.74 4.51 12.26
CA VAL A 12 -2.64 4.10 11.33
C VAL A 12 -1.28 4.52 11.89
N ARG A 13 -1.20 5.66 12.53
CA ARG A 13 0.11 6.11 13.10
C ARG A 13 0.57 5.13 14.17
N ALA A 14 -0.31 4.78 15.07
CA ALA A 14 0.04 3.80 16.14
C ALA A 14 0.35 2.45 15.51
N LEU A 15 -0.33 2.14 14.45
CA LEU A 15 -0.12 0.84 13.75
C LEU A 15 1.32 0.73 13.25
N SER A 16 1.87 1.80 12.75
CA SER A 16 3.28 1.75 12.24
C SER A 16 4.27 1.46 13.37
N ARG A 17 4.04 1.98 14.54
CA ARG A 17 5.00 1.76 15.68
C ARG A 17 5.06 0.26 16.08
N ASP A 18 3.92 -0.37 16.23
CA ASP A 18 3.92 -1.82 16.65
C ASP A 18 4.43 -2.74 15.53
N ILE A 19 4.06 -2.47 14.31
CA ILE A 19 4.50 -3.32 13.17
C ILE A 19 6.03 -3.24 13.04
N MET A 20 6.59 -2.07 13.20
CA MET A 20 8.07 -1.91 13.08
C MET A 20 8.78 -2.74 14.17
N LYS A 21 8.17 -2.88 15.32
CA LYS A 21 8.82 -3.71 16.40
C LYS A 21 9.01 -5.15 15.91
N GLN A 22 8.12 -5.64 15.09
CA GLN A 22 8.30 -7.00 14.51
C GLN A 22 9.10 -6.91 13.19
N ASN A 23 9.20 -5.72 12.65
CA ASN A 23 9.95 -5.50 11.39
C ASN A 23 11.43 -5.80 11.62
N ARG A 24 11.94 -5.47 12.79
CA ARG A 24 13.38 -5.75 13.12
C ARG A 24 13.46 -6.77 14.28
N VAL A 25 12.38 -7.49 14.54
CA VAL A 25 12.36 -8.50 15.66
C VAL A 25 13.69 -9.28 15.77
N THR A 26 14.04 -9.67 16.96
CA THR A 26 15.29 -10.44 17.19
C THR A 26 15.02 -11.93 16.94
N VAL A 27 14.95 -12.34 15.70
CA VAL A 27 14.64 -13.77 15.39
C VAL A 27 15.90 -14.59 15.11
N HIS A 28 16.00 -15.73 15.75
CA HIS A 28 17.17 -16.63 15.54
C HIS A 28 16.82 -17.71 14.50
N PRO A 29 17.79 -18.10 13.70
CA PRO A 29 17.53 -19.13 12.66
C PRO A 29 17.21 -20.50 13.29
N GLU A 30 17.60 -20.71 14.52
CA GLU A 30 17.32 -22.01 15.21
C GLU A 30 15.84 -22.32 15.18
N LYS A 31 15.06 -21.30 15.31
CA LYS A 31 13.58 -21.47 15.29
C LYS A 31 12.99 -20.13 14.90
N SER A 32 13.21 -19.71 13.68
CA SER A 32 12.68 -18.39 13.24
C SER A 32 11.14 -18.37 13.29
N VAL A 33 10.60 -17.31 13.81
CA VAL A 33 9.13 -17.18 13.89
C VAL A 33 8.61 -16.69 12.53
N PRO A 34 7.40 -17.08 12.18
CA PRO A 34 6.84 -16.63 10.86
C PRO A 34 6.79 -15.10 10.79
N ARG A 35 7.19 -14.54 9.68
CA ARG A 35 7.22 -13.06 9.56
C ARG A 35 5.96 -12.49 8.90
N THR A 36 5.10 -13.32 8.36
CA THR A 36 3.83 -12.78 7.78
C THR A 36 2.69 -12.96 8.79
N ALA A 37 3.04 -13.14 10.03
CA ALA A 37 2.01 -13.31 11.09
C ALA A 37 1.95 -12.05 11.92
N GLY A 38 3.08 -11.44 12.14
CA GLY A 38 3.11 -10.18 12.93
C GLY A 38 2.44 -9.07 12.12
N TYR A 39 2.64 -9.02 10.82
CA TYR A 39 2.01 -7.92 10.03
C TYR A 39 0.68 -8.38 9.42
N SER A 40 0.36 -9.65 9.52
CA SER A 40 -0.97 -10.10 8.98
C SER A 40 -2.07 -9.59 9.92
N ASP A 41 -1.82 -9.67 11.20
CA ASP A 41 -2.83 -9.20 12.19
C ASP A 41 -2.86 -7.68 12.27
N ALA A 42 -1.72 -7.04 12.30
CA ALA A 42 -1.69 -5.55 12.39
C ALA A 42 -2.23 -4.89 11.12
N VAL A 43 -1.77 -5.33 9.98
CA VAL A 43 -2.24 -4.73 8.68
C VAL A 43 -3.72 -5.06 8.42
N SER A 44 -4.15 -6.28 8.65
CA SER A 44 -5.57 -6.62 8.37
C SER A 44 -6.53 -5.75 9.18
N VAL A 45 -6.25 -5.51 10.43
CA VAL A 45 -7.17 -4.67 11.27
C VAL A 45 -7.28 -3.24 10.69
N LEU A 46 -6.18 -2.62 10.35
CA LEU A 46 -6.23 -1.21 9.83
C LEU A 46 -7.14 -1.08 8.59
N ALA A 47 -7.15 -2.06 7.71
CA ALA A 47 -8.04 -1.95 6.52
C ALA A 47 -9.49 -2.04 6.97
N GLN A 48 -9.76 -2.87 7.96
CA GLN A 48 -11.15 -3.00 8.47
C GLN A 48 -11.61 -1.64 8.97
N ASP A 49 -10.70 -0.83 9.46
CA ASP A 49 -11.08 0.55 9.90
C ASP A 49 -11.56 1.31 8.67
N ARG A 50 -10.68 1.94 7.90
CA ARG A 50 -11.13 2.65 6.67
C ARG A 50 -9.89 3.13 5.89
N PRO A 51 -9.02 3.91 6.51
CA PRO A 51 -7.81 4.38 5.79
C PRO A 51 -6.82 3.23 5.62
N SER A 52 -6.69 2.70 4.42
CA SER A 52 -5.73 1.58 4.22
C SER A 52 -4.34 2.14 3.96
N LEU A 53 -3.52 2.18 4.98
CA LEU A 53 -2.13 2.68 4.84
C LEU A 53 -1.29 1.94 5.88
N ALA A 54 -0.13 1.44 5.52
CA ALA A 54 0.69 0.70 6.52
C ALA A 54 2.05 0.32 5.93
N ILE A 55 2.90 -0.24 6.75
CA ILE A 55 4.24 -0.68 6.28
C ILE A 55 4.56 -2.09 6.79
N VAL A 56 4.79 -3.01 5.88
CA VAL A 56 5.11 -4.42 6.29
C VAL A 56 6.50 -4.80 5.77
N SER A 57 7.34 -5.42 6.58
CA SER A 57 8.72 -5.79 6.09
C SER A 57 8.94 -7.31 6.10
N GLY A 58 9.28 -7.87 4.96
CA GLY A 58 9.53 -9.33 4.88
C GLY A 58 11.04 -9.63 4.98
N GLN A 59 11.42 -10.88 4.89
CA GLN A 59 12.87 -11.24 4.98
C GLN A 59 13.05 -12.72 4.63
N GLY A 60 12.32 -13.19 3.65
CA GLY A 60 12.44 -14.64 3.25
C GLY A 60 12.01 -14.80 1.80
N GLY A 61 10.74 -15.02 1.56
CA GLY A 61 10.25 -15.20 0.16
C GLY A 61 9.25 -14.09 -0.18
N ALA A 62 9.40 -13.50 -1.33
CA ALA A 62 8.46 -12.42 -1.74
C ALA A 62 7.37 -12.96 -2.68
N ALA A 63 7.56 -14.13 -3.24
CA ALA A 63 6.56 -14.70 -4.19
C ALA A 63 5.26 -15.08 -3.47
N GLY A 64 5.33 -15.70 -2.31
CA GLY A 64 4.08 -16.09 -1.58
C GLY A 64 3.49 -14.87 -0.88
N GLN A 65 4.34 -14.00 -0.38
CA GLN A 65 3.82 -12.78 0.32
C GLN A 65 3.02 -11.94 -0.67
N ARG A 66 3.45 -11.92 -1.91
CA ARG A 66 2.72 -11.13 -2.94
C ARG A 66 1.28 -11.63 -3.09
N GLU A 67 1.10 -12.92 -3.17
CA GLU A 67 -0.29 -13.47 -3.29
C GLU A 67 -1.08 -13.22 -2.01
N ARG A 68 -0.40 -13.16 -0.89
CA ARG A 68 -1.13 -12.93 0.40
C ARG A 68 -1.83 -11.57 0.38
N VAL A 69 -1.15 -10.53 -0.05
CA VAL A 69 -1.80 -9.18 -0.09
C VAL A 69 -3.05 -9.27 -0.98
N ALA A 70 -3.01 -10.12 -1.98
CA ALA A 70 -4.22 -10.28 -2.85
C ALA A 70 -5.38 -10.80 -1.99
N GLU A 71 -5.08 -11.52 -0.91
CA GLU A 71 -6.18 -12.02 -0.03
C GLU A 71 -6.96 -10.82 0.51
N LEU A 72 -6.27 -9.72 0.79
CA LEU A 72 -6.98 -8.49 1.27
C LEU A 72 -7.95 -8.03 0.18
N VAL A 73 -7.55 -8.13 -1.07
CA VAL A 73 -8.44 -7.68 -2.18
C VAL A 73 -9.77 -8.46 -2.13
N MET A 74 -9.75 -9.66 -1.62
CA MET A 74 -11.02 -10.44 -1.52
C MET A 74 -11.95 -9.74 -0.52
N MET A 75 -11.39 -9.23 0.55
CA MET A 75 -12.23 -8.50 1.55
C MET A 75 -12.88 -7.27 0.89
N ALA A 76 -12.31 -6.81 -0.20
CA ALA A 76 -12.91 -5.66 -0.94
C ALA A 76 -14.02 -6.16 -1.88
N ARG A 77 -13.97 -7.41 -2.25
CA ARG A 77 -15.01 -7.98 -3.15
C ARG A 77 -16.35 -8.01 -2.41
N GLU A 78 -16.33 -8.38 -1.15
CA GLU A 78 -17.59 -8.44 -0.35
C GLU A 78 -18.10 -7.01 -0.14
N GLN A 79 -17.19 -6.09 -0.01
CA GLN A 79 -17.58 -4.66 0.22
C GLN A 79 -18.06 -3.98 -1.08
N GLY A 80 -18.10 -4.71 -2.18
CA GLY A 80 -18.57 -4.10 -3.46
C GLY A 80 -17.59 -3.01 -3.90
N ARG A 81 -16.33 -3.13 -3.53
CA ARG A 81 -15.33 -2.10 -3.92
C ARG A 81 -14.10 -2.77 -4.54
N GLU A 82 -13.82 -2.46 -5.78
CA GLU A 82 -12.63 -3.07 -6.45
C GLU A 82 -11.38 -2.37 -5.93
N VAL A 83 -10.21 -2.93 -6.15
CA VAL A 83 -8.97 -2.28 -5.62
C VAL A 83 -7.83 -2.29 -6.64
N GLN A 84 -6.89 -1.39 -6.47
CA GLN A 84 -5.71 -1.35 -7.38
C GLN A 84 -4.53 -1.89 -6.58
N ILE A 85 -4.01 -3.04 -6.94
CA ILE A 85 -2.88 -3.61 -6.14
C ILE A 85 -1.65 -3.85 -7.04
N ILE A 86 -0.50 -3.38 -6.64
CA ILE A 86 0.72 -3.51 -7.49
C ILE A 86 1.83 -4.32 -6.80
N ALA A 87 2.11 -5.50 -7.29
CA ALA A 87 3.22 -6.31 -6.69
C ALA A 87 4.52 -5.52 -6.72
N ALA A 88 5.50 -5.94 -5.96
CA ALA A 88 6.80 -5.22 -5.91
C ALA A 88 7.41 -5.18 -7.31
N ASP A 89 8.68 -4.93 -7.42
CA ASP A 89 9.33 -4.89 -8.76
C ASP A 89 9.15 -6.24 -9.51
N ARG A 90 8.71 -7.26 -8.82
CA ARG A 90 8.53 -8.60 -9.48
C ARG A 90 7.12 -8.73 -10.09
N ARG A 91 6.34 -7.68 -10.07
CA ARG A 91 4.96 -7.76 -10.64
C ARG A 91 5.00 -8.20 -12.11
N SER A 92 6.08 -7.95 -12.81
CA SER A 92 6.16 -8.35 -14.26
C SER A 92 5.96 -9.87 -14.43
N GLN A 93 6.64 -10.66 -13.66
CA GLN A 93 6.49 -12.15 -13.78
C GLN A 93 5.07 -12.56 -13.39
N MET A 94 4.50 -11.88 -12.42
CA MET A 94 3.12 -12.21 -11.97
C MET A 94 2.11 -11.90 -13.09
N ASN A 95 2.38 -10.89 -13.88
CA ASN A 95 1.44 -10.54 -14.99
C ASN A 95 1.31 -11.70 -15.97
N MET A 96 2.40 -12.39 -16.20
CA MET A 96 2.35 -13.56 -17.14
C MET A 96 1.36 -14.59 -16.59
N LYS A 97 1.33 -14.73 -15.29
CA LYS A 97 0.39 -15.68 -14.64
C LYS A 97 -0.53 -14.90 -13.68
N GLN A 98 -0.88 -15.47 -12.54
CA GLN A 98 -1.76 -14.73 -11.56
C GLN A 98 -2.99 -14.11 -12.24
N ASP A 99 -4.05 -14.86 -12.36
CA ASP A 99 -5.28 -14.31 -13.01
C ASP A 99 -6.51 -14.54 -12.12
N GLU A 100 -6.29 -14.75 -10.84
CA GLU A 100 -7.44 -15.01 -9.92
C GLU A 100 -7.66 -13.82 -8.96
N ARG A 101 -6.85 -12.79 -9.05
CA ARG A 101 -7.05 -11.63 -8.10
C ARG A 101 -6.96 -10.28 -8.81
N LEU A 102 -6.48 -10.23 -10.04
CA LEU A 102 -6.37 -8.91 -10.74
C LEU A 102 -6.02 -9.09 -12.23
N SER A 103 -6.92 -9.64 -13.00
CA SER A 103 -6.63 -9.84 -14.45
C SER A 103 -6.72 -8.51 -15.21
N GLY A 104 -7.35 -7.52 -14.63
CA GLY A 104 -7.47 -6.19 -15.31
C GLY A 104 -8.69 -5.45 -14.74
N GLU A 105 -8.82 -5.40 -13.44
CA GLU A 105 -9.99 -4.72 -12.82
C GLU A 105 -9.57 -3.94 -11.58
N LEU A 106 -8.91 -2.82 -11.75
CA LEU A 106 -8.51 -2.01 -10.53
C LEU A 106 -9.58 -0.95 -10.29
N ILE A 107 -9.55 0.15 -11.02
CA ILE A 107 -10.62 1.22 -10.97
C ILE A 107 -10.09 2.52 -11.52
N THR A 108 -8.84 2.78 -11.29
CA THR A 108 -8.26 4.07 -11.72
C THR A 108 -7.41 3.96 -13.00
N GLY A 109 -7.51 2.86 -13.69
CA GLY A 109 -6.70 2.71 -14.94
C GLY A 109 -7.39 1.75 -15.90
N ARG A 110 -8.16 2.27 -16.83
CA ARG A 110 -8.83 1.39 -17.80
C ARG A 110 -8.89 2.12 -19.13
N ARG A 111 -9.74 3.10 -19.18
CA ARG A 111 -9.88 3.89 -20.42
C ARG A 111 -8.93 5.09 -20.42
N GLN A 112 -8.39 5.47 -19.28
CA GLN A 112 -7.46 6.63 -19.26
C GLN A 112 -6.12 6.25 -19.92
N LEU A 113 -5.49 5.23 -19.40
CA LEU A 113 -4.17 4.80 -19.95
C LEU A 113 -4.28 4.45 -21.45
N LEU A 114 -5.43 4.01 -21.88
CA LEU A 114 -5.60 3.62 -23.31
C LEU A 114 -6.38 4.68 -24.10
N GLU A 115 -7.49 5.15 -23.56
CA GLU A 115 -8.32 6.13 -24.32
C GLU A 115 -8.16 7.57 -23.79
N GLY A 116 -7.48 7.78 -22.69
CA GLY A 116 -7.35 9.18 -22.13
C GLY A 116 -8.57 9.51 -21.24
N MET A 117 -9.51 8.61 -21.16
CA MET A 117 -10.77 8.86 -20.38
C MET A 117 -10.51 9.02 -18.88
N ALA A 118 -11.57 9.19 -18.15
CA ALA A 118 -11.48 9.34 -16.68
C ALA A 118 -12.09 8.10 -16.01
N PHE A 119 -11.90 7.97 -14.74
CA PHE A 119 -12.39 6.75 -14.01
C PHE A 119 -12.92 7.12 -12.63
N THR A 120 -13.87 6.38 -12.14
CA THR A 120 -14.46 6.68 -10.80
C THR A 120 -13.36 6.56 -9.73
N PRO A 121 -12.95 7.67 -9.18
CA PRO A 121 -11.90 7.63 -8.15
C PRO A 121 -12.54 7.36 -6.78
N GLY A 122 -12.25 6.20 -6.23
CA GLY A 122 -12.83 5.86 -4.89
C GLY A 122 -12.61 4.38 -4.54
N SER A 123 -11.52 3.80 -4.99
CA SER A 123 -11.23 2.36 -4.69
C SER A 123 -10.30 2.22 -3.49
N THR A 124 -9.91 1.02 -3.20
CA THR A 124 -8.93 0.77 -2.10
C THR A 124 -7.65 0.32 -2.80
N VAL A 125 -6.55 1.01 -2.60
CA VAL A 125 -5.29 0.62 -3.32
C VAL A 125 -4.21 0.13 -2.38
N ILE A 126 -3.64 -1.01 -2.65
CA ILE A 126 -2.52 -1.50 -1.80
C ILE A 126 -1.33 -1.76 -2.74
N VAL A 127 -0.23 -1.09 -2.55
CA VAL A 127 0.92 -1.32 -3.45
C VAL A 127 2.02 -2.11 -2.72
N ASP A 128 2.21 -3.34 -3.13
CA ASP A 128 3.25 -4.19 -2.51
C ASP A 128 4.58 -3.82 -3.18
N GLN A 129 5.39 -3.12 -2.47
CA GLN A 129 6.67 -2.61 -3.01
C GLN A 129 7.89 -3.32 -2.41
N GLY A 130 9.06 -2.95 -2.85
CA GLY A 130 10.31 -3.52 -2.29
C GLY A 130 11.46 -2.66 -2.81
N GLU A 131 12.01 -3.05 -3.93
CA GLU A 131 13.16 -2.30 -4.57
C GLU A 131 12.97 -0.76 -4.44
N LYS A 132 12.38 -0.09 -5.40
CA LYS A 132 12.19 1.40 -5.26
C LYS A 132 11.46 1.98 -6.48
N LEU A 133 11.76 1.49 -7.65
CA LEU A 133 11.09 1.98 -8.89
C LEU A 133 9.59 1.70 -8.82
N SER A 134 9.23 0.62 -8.16
CA SER A 134 7.78 0.25 -8.05
C SER A 134 7.00 1.25 -7.17
N LEU A 135 7.61 1.70 -6.11
CA LEU A 135 6.89 2.65 -5.18
C LEU A 135 6.56 3.98 -5.86
N LYS A 136 7.52 4.52 -6.56
CA LYS A 136 7.32 5.86 -7.20
C LYS A 136 6.25 5.84 -8.30
N GLU A 137 6.26 4.87 -9.17
CA GLU A 137 5.25 4.83 -10.27
C GLU A 137 3.83 4.66 -9.72
N THR A 138 3.66 3.80 -8.76
CA THR A 138 2.29 3.55 -8.20
C THR A 138 1.65 4.83 -7.65
N LEU A 139 2.37 5.60 -6.87
CA LEU A 139 1.75 6.83 -6.28
C LEU A 139 1.35 7.83 -7.37
N THR A 140 2.13 7.93 -8.43
CA THR A 140 1.77 8.89 -9.53
C THR A 140 0.39 8.58 -10.12
N LEU A 141 0.09 7.32 -10.29
CA LEU A 141 -1.25 6.94 -10.84
C LEU A 141 -2.32 7.12 -9.75
N LEU A 142 -1.97 6.81 -8.54
CA LEU A 142 -2.93 6.95 -7.40
C LEU A 142 -3.32 8.41 -7.17
N ASP A 143 -2.51 9.33 -7.63
CA ASP A 143 -2.80 10.80 -7.41
C ASP A 143 -4.27 11.15 -7.72
N GLY A 144 -4.76 10.81 -8.88
CA GLY A 144 -6.19 11.13 -9.21
C GLY A 144 -7.11 10.34 -8.28
N ALA A 145 -6.90 9.05 -8.20
CA ALA A 145 -7.78 8.19 -7.34
C ALA A 145 -7.77 8.63 -5.87
N ALA A 146 -6.62 8.95 -5.34
CA ALA A 146 -6.53 9.38 -3.90
C ALA A 146 -7.31 10.67 -3.67
N ARG A 147 -7.50 11.47 -4.69
CA ARG A 147 -8.28 12.74 -4.49
C ARG A 147 -9.65 12.39 -3.91
N HIS A 148 -10.14 11.20 -4.16
CA HIS A 148 -11.46 10.78 -3.62
C HIS A 148 -11.26 9.68 -2.54
N ASN A 149 -11.97 8.57 -2.62
CA ASN A 149 -11.82 7.51 -1.57
C ASN A 149 -10.72 6.50 -1.91
N VAL A 150 -9.47 6.86 -1.70
CA VAL A 150 -8.36 5.90 -1.99
C VAL A 150 -7.37 5.93 -0.81
N GLN A 151 -6.59 4.89 -0.66
CA GLN A 151 -5.61 4.80 0.47
C GLN A 151 -4.41 3.94 0.04
N VAL A 152 -3.29 4.10 0.69
CA VAL A 152 -2.06 3.33 0.29
C VAL A 152 -1.64 2.26 1.33
N LEU A 153 -2.04 1.02 1.12
CA LEU A 153 -1.58 -0.10 2.01
C LEU A 153 -0.39 -0.72 1.29
N ILE A 154 0.80 -0.64 1.83
CA ILE A 154 1.97 -1.16 1.07
C ILE A 154 2.83 -2.09 1.90
N THR A 155 3.24 -3.18 1.31
CA THR A 155 4.16 -4.10 2.01
C THR A 155 5.55 -3.72 1.50
N ASP A 156 6.59 -4.31 2.00
CA ASP A 156 7.92 -3.92 1.49
C ASP A 156 8.99 -4.97 1.72
N SER A 157 10.10 -4.77 1.10
CA SER A 157 11.26 -5.67 1.24
C SER A 157 12.49 -4.76 1.26
N GLY A 158 12.50 -3.87 2.24
CA GLY A 158 13.59 -2.84 2.39
C GLY A 158 14.96 -3.40 2.04
N GLN A 159 15.90 -2.54 1.71
CA GLN A 159 17.24 -3.04 1.29
C GLN A 159 17.84 -4.01 2.31
N ARG A 160 18.56 -3.53 3.32
CA ARG A 160 19.15 -4.47 4.32
C ARG A 160 18.46 -4.39 5.69
N THR A 161 18.83 -3.40 6.48
CA THR A 161 18.27 -3.21 7.85
C THR A 161 18.04 -1.71 8.11
N GLY A 162 18.84 -0.88 7.49
CA GLY A 162 18.66 0.59 7.61
C GLY A 162 17.92 1.03 6.35
N THR A 163 16.83 0.36 6.08
CA THR A 163 16.02 0.66 4.87
C THR A 163 15.17 1.94 5.05
N GLY A 164 15.31 2.64 6.17
CA GLY A 164 14.51 3.88 6.39
C GLY A 164 14.62 4.82 5.18
N SER A 165 15.70 4.76 4.44
CA SER A 165 15.83 5.63 3.22
C SER A 165 14.84 5.13 2.15
N ALA A 166 14.42 3.89 2.26
CA ALA A 166 13.42 3.34 1.30
C ALA A 166 12.09 4.05 1.56
N LEU A 167 11.82 4.39 2.81
CA LEU A 167 10.54 5.12 3.13
C LEU A 167 10.55 6.50 2.47
N MET A 168 11.67 7.19 2.50
CA MET A 168 11.75 8.53 1.81
C MET A 168 11.50 8.29 0.32
N ALA A 169 11.96 7.15 -0.17
CA ALA A 169 11.74 6.78 -1.60
C ALA A 169 10.24 7.00 -1.92
N MET A 170 9.37 6.56 -1.03
CA MET A 170 7.90 6.76 -1.26
C MET A 170 7.64 8.27 -1.43
N LYS A 171 8.18 9.07 -0.56
CA LYS A 171 7.98 10.55 -0.62
C LYS A 171 8.47 11.13 -1.96
N ASP A 172 9.52 10.56 -2.52
CA ASP A 172 10.04 11.09 -3.82
C ASP A 172 8.99 10.90 -4.92
N ALA A 173 8.03 10.04 -4.71
CA ALA A 173 6.98 9.80 -5.75
C ALA A 173 6.02 11.00 -5.90
N GLY A 174 6.20 12.07 -5.15
CA GLY A 174 5.31 13.26 -5.30
C GLY A 174 4.42 13.45 -4.08
N VAL A 175 4.35 12.48 -3.18
CA VAL A 175 3.48 12.65 -1.98
C VAL A 175 4.23 13.43 -0.90
N ASN A 176 3.77 14.62 -0.58
CA ASN A 176 4.43 15.44 0.46
C ASN A 176 3.59 16.68 0.78
N THR A 177 3.47 17.04 2.03
CA THR A 177 2.69 18.25 2.38
C THR A 177 3.64 19.45 2.42
N TYR A 178 3.26 20.56 1.84
CA TYR A 178 4.18 21.74 1.85
C TYR A 178 4.23 22.36 3.25
N ARG A 179 3.25 23.14 3.62
CA ARG A 179 3.24 23.76 4.98
C ARG A 179 1.82 24.16 5.38
N TRP A 180 1.26 25.16 4.74
CA TRP A 180 -0.12 25.60 5.09
C TRP A 180 -1.17 24.72 4.42
N GLN A 181 -0.82 24.06 3.34
CA GLN A 181 -1.82 23.18 2.65
C GLN A 181 -1.11 22.14 1.78
N GLY A 182 -1.71 20.99 1.65
CA GLY A 182 -1.10 19.92 0.80
C GLY A 182 -1.91 19.80 -0.50
N GLY A 183 -1.27 19.42 -1.58
CA GLY A 183 -2.00 19.29 -2.88
C GLY A 183 -2.52 20.66 -3.33
N GLU A 184 -1.77 21.70 -3.05
CA GLU A 184 -2.21 23.06 -3.45
C GLU A 184 -1.61 23.49 -4.80
N GLN A 185 -0.77 22.67 -5.40
CA GLN A 185 -0.18 23.04 -6.71
C GLN A 185 -1.14 22.72 -7.87
N ARG A 186 -2.30 22.16 -7.57
CA ARG A 186 -3.28 21.83 -8.66
C ARG A 186 -4.41 22.87 -8.67
N PRO A 187 -4.18 24.00 -9.31
CA PRO A 187 -5.22 25.05 -9.38
C PRO A 187 -6.41 24.58 -10.23
N ALA A 188 -6.21 23.61 -11.08
CA ALA A 188 -7.32 23.11 -11.93
C ALA A 188 -7.00 21.71 -12.47
N THR A 189 -5.84 21.55 -13.05
CA THR A 189 -5.45 20.21 -13.59
C THR A 189 -5.08 19.27 -12.45
N THR A 1 -14.06 6.28 19.58
CA THR A 1 -14.12 7.53 18.76
C THR A 1 -13.24 8.62 19.38
N SER A 2 -12.20 9.02 18.71
CA SER A 2 -11.30 10.08 19.25
C SER A 2 -11.56 11.40 18.51
N GLY A 3 -12.78 11.60 18.07
CA GLY A 3 -13.13 12.85 17.34
C GLY A 3 -13.18 12.55 15.84
N ILE A 4 -14.36 12.60 15.26
CA ILE A 4 -14.48 12.32 13.79
C ILE A 4 -14.52 13.64 13.00
N HIS A 5 -14.74 14.76 13.68
CA HIS A 5 -14.77 16.07 12.96
C HIS A 5 -13.39 16.37 12.39
N VAL A 6 -12.36 16.11 13.16
CA VAL A 6 -10.97 16.37 12.69
C VAL A 6 -10.36 15.09 12.09
N LEU A 7 -9.28 15.23 11.37
CA LEU A 7 -8.63 14.03 10.74
C LEU A 7 -7.79 13.30 11.79
N ASP A 8 -8.33 12.26 12.39
CA ASP A 8 -7.57 11.50 13.42
C ASP A 8 -6.97 10.22 12.83
N GLU A 9 -5.66 10.10 12.85
CA GLU A 9 -5.00 8.88 12.30
C GLU A 9 -4.26 8.15 13.43
N LEU A 10 -4.81 8.21 14.62
CA LEU A 10 -4.15 7.53 15.79
C LEU A 10 -4.15 6.01 15.60
N SER A 11 -5.20 5.48 15.04
CA SER A 11 -5.27 3.99 14.84
C SER A 11 -4.12 3.49 13.96
N VAL A 12 -3.84 4.17 12.89
CA VAL A 12 -2.74 3.73 11.99
C VAL A 12 -1.36 4.08 12.57
N ARG A 13 -1.25 5.14 13.34
CA ARG A 13 0.09 5.51 13.91
C ARG A 13 0.59 4.44 14.90
N ALA A 14 -0.24 4.01 15.81
CA ALA A 14 0.18 2.97 16.81
C ALA A 14 0.46 1.64 16.12
N LEU A 15 -0.36 1.32 15.16
CA LEU A 15 -0.20 0.04 14.40
C LEU A 15 1.14 0.03 13.67
N SER A 16 1.54 1.14 13.14
CA SER A 16 2.85 1.22 12.41
C SER A 16 4.00 0.88 13.36
N ARG A 17 3.91 1.28 14.59
CA ARG A 17 5.02 0.99 15.56
C ARG A 17 5.21 -0.52 15.73
N ASP A 18 4.14 -1.24 15.85
CA ASP A 18 4.25 -2.72 16.05
C ASP A 18 4.85 -3.42 14.81
N ILE A 19 4.40 -3.07 13.62
CA ILE A 19 4.96 -3.76 12.39
C ILE A 19 6.46 -3.46 12.28
N MET A 20 6.83 -2.23 12.54
CA MET A 20 8.27 -1.85 12.47
C MET A 20 9.07 -2.65 13.51
N LYS A 21 8.43 -3.07 14.57
CA LYS A 21 9.14 -3.87 15.61
C LYS A 21 9.63 -5.19 14.98
N GLN A 22 8.90 -5.69 14.01
CA GLN A 22 9.33 -6.94 13.31
C GLN A 22 10.24 -6.58 12.12
N ASN A 23 10.27 -5.31 11.76
CA ASN A 23 11.12 -4.86 10.62
C ASN A 23 12.61 -5.03 10.94
N ARG A 24 13.04 -4.74 12.16
CA ARG A 24 14.48 -4.92 12.52
C ARG A 24 14.62 -5.98 13.62
N VAL A 25 13.59 -6.79 13.80
CA VAL A 25 13.64 -7.87 14.84
C VAL A 25 14.84 -8.79 14.60
N THR A 26 15.77 -8.85 15.53
CA THR A 26 16.97 -9.74 15.34
C THR A 26 16.52 -11.17 15.04
N VAL A 27 16.54 -11.54 13.78
CA VAL A 27 16.09 -12.90 13.38
C VAL A 27 17.28 -13.85 13.27
N HIS A 28 17.20 -15.01 13.87
CA HIS A 28 18.33 -15.99 13.79
C HIS A 28 18.11 -16.94 12.60
N PRO A 29 19.14 -17.12 11.79
CA PRO A 29 19.01 -18.04 10.62
C PRO A 29 18.83 -19.48 11.06
N GLU A 30 19.28 -19.81 12.25
CA GLU A 30 19.14 -21.22 12.76
C GLU A 30 17.67 -21.52 13.02
N LYS A 31 16.98 -20.56 13.50
CA LYS A 31 15.53 -20.73 13.85
C LYS A 31 14.85 -19.40 13.63
N SER A 32 14.75 -18.95 12.41
CA SER A 32 14.12 -17.62 12.12
C SER A 32 12.77 -17.46 12.82
N VAL A 33 12.40 -16.24 13.05
CA VAL A 33 11.09 -15.94 13.68
C VAL A 33 10.11 -15.50 12.60
N PRO A 34 8.86 -15.87 12.72
CA PRO A 34 7.87 -15.45 11.71
C PRO A 34 7.72 -13.92 11.74
N ARG A 35 7.78 -13.27 10.60
CA ARG A 35 7.68 -11.77 10.60
C ARG A 35 6.37 -11.29 10.01
N THR A 36 5.68 -12.10 9.25
CA THR A 36 4.35 -11.66 8.73
C THR A 36 3.25 -12.32 9.58
N ALA A 37 3.63 -12.83 10.73
CA ALA A 37 2.66 -13.52 11.60
C ALA A 37 1.75 -12.54 12.33
N GLY A 38 2.25 -11.91 13.37
CA GLY A 38 1.42 -10.97 14.15
C GLY A 38 1.46 -9.54 13.61
N TYR A 39 2.20 -9.23 12.57
CA TYR A 39 2.20 -7.83 12.06
C TYR A 39 1.43 -7.79 10.73
N SER A 40 1.40 -8.91 10.01
CA SER A 40 0.59 -8.97 8.76
C SER A 40 -0.86 -8.97 9.21
N ASP A 41 -1.14 -9.66 10.29
CA ASP A 41 -2.52 -9.68 10.85
C ASP A 41 -2.87 -8.27 11.32
N ALA A 42 -1.90 -7.60 11.91
CA ALA A 42 -2.13 -6.19 12.37
C ALA A 42 -2.54 -5.32 11.18
N VAL A 43 -1.94 -5.58 10.05
CA VAL A 43 -2.24 -4.80 8.82
C VAL A 43 -3.69 -5.07 8.34
N SER A 44 -4.12 -6.29 8.33
CA SER A 44 -5.51 -6.59 7.84
C SER A 44 -6.57 -5.88 8.70
N VAL A 45 -6.37 -5.82 9.99
CA VAL A 45 -7.38 -5.15 10.87
C VAL A 45 -7.53 -3.68 10.47
N LEU A 46 -6.44 -3.00 10.28
CA LEU A 46 -6.50 -1.55 9.92
C LEU A 46 -7.35 -1.31 8.67
N ALA A 47 -7.38 -2.23 7.73
CA ALA A 47 -8.24 -2.02 6.52
C ALA A 47 -9.70 -2.11 6.94
N GLN A 48 -10.02 -3.02 7.84
CA GLN A 48 -11.42 -3.15 8.31
C GLN A 48 -11.90 -1.82 8.87
N ASP A 49 -10.99 -1.04 9.42
CA ASP A 49 -11.37 0.31 9.93
C ASP A 49 -11.78 1.14 8.71
N ARG A 50 -10.86 1.85 8.07
CA ARG A 50 -11.21 2.63 6.86
C ARG A 50 -9.93 3.22 6.25
N PRO A 51 -9.14 3.96 7.05
CA PRO A 51 -7.89 4.54 6.49
C PRO A 51 -6.89 3.41 6.27
N SER A 52 -6.78 2.94 5.06
CA SER A 52 -5.80 1.84 4.78
C SER A 52 -4.41 2.42 4.53
N LEU A 53 -3.55 2.33 5.51
CA LEU A 53 -2.16 2.88 5.34
C LEU A 53 -1.18 2.30 6.37
N ALA A 54 -0.43 1.29 5.99
CA ALA A 54 0.55 0.66 6.95
C ALA A 54 1.86 0.24 6.25
N ILE A 55 2.86 -0.09 7.04
CA ILE A 55 4.18 -0.51 6.47
C ILE A 55 4.58 -1.91 6.94
N VAL A 56 4.94 -2.79 6.03
CA VAL A 56 5.36 -4.17 6.42
C VAL A 56 6.66 -4.56 5.71
N SER A 57 7.42 -5.48 6.27
CA SER A 57 8.70 -5.88 5.63
C SER A 57 8.85 -7.40 5.58
N GLY A 58 9.34 -7.93 4.48
CA GLY A 58 9.49 -9.41 4.35
C GLY A 58 10.96 -9.80 4.58
N GLN A 59 11.29 -11.04 4.33
CA GLN A 59 12.69 -11.52 4.52
C GLN A 59 12.98 -12.69 3.58
N GLY A 60 12.28 -12.76 2.48
CA GLY A 60 12.49 -13.87 1.50
C GLY A 60 11.17 -14.64 1.34
N GLY A 61 11.01 -15.34 0.25
CA GLY A 61 9.75 -16.10 0.03
C GLY A 61 8.59 -15.11 -0.17
N ALA A 62 8.73 -14.23 -1.12
CA ALA A 62 7.64 -13.23 -1.38
C ALA A 62 6.55 -13.84 -2.27
N ALA A 63 6.77 -15.01 -2.80
CA ALA A 63 5.75 -15.65 -3.71
C ALA A 63 4.40 -15.81 -3.00
N GLY A 64 4.39 -16.31 -1.79
CA GLY A 64 3.10 -16.49 -1.08
C GLY A 64 2.67 -15.18 -0.43
N GLN A 65 3.61 -14.33 -0.08
CA GLN A 65 3.24 -13.03 0.57
C GLN A 65 2.50 -12.14 -0.44
N ARG A 66 2.95 -12.14 -1.68
CA ARG A 66 2.27 -11.30 -2.72
C ARG A 66 0.86 -11.84 -2.96
N GLU A 67 0.70 -13.15 -2.97
CA GLU A 67 -0.65 -13.71 -3.19
C GLU A 67 -1.53 -13.38 -1.98
N ARG A 68 -0.93 -13.26 -0.82
CA ARG A 68 -1.72 -12.94 0.41
C ARG A 68 -2.38 -11.56 0.29
N VAL A 69 -1.65 -10.54 -0.13
CA VAL A 69 -2.28 -9.19 -0.24
C VAL A 69 -3.49 -9.26 -1.16
N ALA A 70 -3.47 -10.15 -2.13
CA ALA A 70 -4.64 -10.29 -3.02
C ALA A 70 -5.83 -10.79 -2.18
N GLU A 71 -5.57 -11.49 -1.10
CA GLU A 71 -6.71 -11.96 -0.24
C GLU A 71 -7.43 -10.73 0.32
N LEU A 72 -6.69 -9.66 0.58
CA LEU A 72 -7.35 -8.42 1.09
C LEU A 72 -8.25 -7.87 -0.02
N VAL A 73 -7.83 -8.05 -1.25
CA VAL A 73 -8.65 -7.55 -2.41
C VAL A 73 -10.01 -8.26 -2.39
N MET A 74 -10.05 -9.48 -1.92
CA MET A 74 -11.36 -10.21 -1.84
C MET A 74 -12.27 -9.50 -0.83
N MET A 75 -11.72 -9.04 0.26
CA MET A 75 -12.54 -8.34 1.29
C MET A 75 -13.20 -7.09 0.68
N ALA A 76 -12.66 -6.58 -0.39
CA ALA A 76 -13.26 -5.40 -1.05
C ALA A 76 -14.41 -5.84 -1.96
N ARG A 77 -14.40 -7.09 -2.39
CA ARG A 77 -15.51 -7.59 -3.26
C ARG A 77 -16.82 -7.58 -2.48
N GLU A 78 -16.79 -8.03 -1.25
CA GLU A 78 -18.06 -8.03 -0.43
C GLU A 78 -18.42 -6.60 -0.05
N GLN A 79 -17.45 -5.74 0.07
CA GLN A 79 -17.72 -4.32 0.46
C GLN A 79 -18.29 -3.52 -0.73
N GLY A 80 -18.40 -4.12 -1.89
CA GLY A 80 -18.96 -3.39 -3.07
C GLY A 80 -17.90 -2.47 -3.69
N ARG A 81 -16.63 -2.71 -3.42
CA ARG A 81 -15.57 -1.86 -4.00
C ARG A 81 -14.40 -2.71 -4.51
N GLU A 82 -13.71 -2.24 -5.50
CA GLU A 82 -12.55 -3.01 -6.03
C GLU A 82 -11.26 -2.38 -5.49
N VAL A 83 -10.10 -2.93 -5.82
CA VAL A 83 -8.83 -2.31 -5.30
C VAL A 83 -7.71 -2.35 -6.36
N GLN A 84 -6.73 -1.50 -6.22
CA GLN A 84 -5.55 -1.54 -7.15
C GLN A 84 -4.42 -2.23 -6.41
N ILE A 85 -3.93 -3.33 -6.90
CA ILE A 85 -2.84 -4.06 -6.14
C ILE A 85 -1.62 -4.31 -7.05
N ILE A 86 -0.45 -3.98 -6.55
CA ILE A 86 0.81 -4.21 -7.34
C ILE A 86 1.84 -4.95 -6.49
N ALA A 87 2.31 -6.06 -6.95
CA ALA A 87 3.36 -6.79 -6.18
C ALA A 87 4.70 -6.07 -6.38
N ALA A 88 5.68 -6.37 -5.58
CA ALA A 88 7.01 -5.69 -5.74
C ALA A 88 7.58 -5.91 -7.14
N ASP A 89 8.86 -5.71 -7.30
CA ASP A 89 9.51 -5.91 -8.64
C ASP A 89 9.14 -7.30 -9.22
N ARG A 90 8.72 -8.21 -8.38
CA ARG A 90 8.32 -9.57 -8.86
C ARG A 90 6.96 -9.52 -9.56
N ARG A 91 6.32 -8.37 -9.60
CA ARG A 91 4.99 -8.27 -10.28
C ARG A 91 5.07 -8.79 -11.72
N SER A 92 6.23 -8.74 -12.32
CA SER A 92 6.37 -9.25 -13.73
C SER A 92 6.13 -10.76 -13.77
N GLN A 93 6.74 -11.49 -12.86
CA GLN A 93 6.55 -12.97 -12.83
C GLN A 93 5.10 -13.32 -12.49
N MET A 94 4.57 -12.73 -11.44
CA MET A 94 3.17 -13.03 -11.04
C MET A 94 2.20 -12.69 -12.17
N ASN A 95 2.53 -11.72 -12.98
CA ASN A 95 1.64 -11.34 -14.13
C ASN A 95 1.42 -12.55 -15.03
N MET A 96 2.44 -13.38 -15.15
CA MET A 96 2.32 -14.60 -16.02
C MET A 96 1.15 -15.48 -15.55
N LYS A 97 0.98 -15.59 -14.26
CA LYS A 97 -0.13 -16.42 -13.70
C LYS A 97 -1.00 -15.58 -12.75
N GLN A 98 -1.71 -16.20 -11.84
CA GLN A 98 -2.56 -15.44 -10.87
C GLN A 98 -3.39 -14.34 -11.55
N ASP A 99 -4.25 -14.72 -12.46
CA ASP A 99 -5.12 -13.72 -13.15
C ASP A 99 -6.51 -13.67 -12.48
N GLU A 100 -6.66 -14.34 -11.35
CA GLU A 100 -7.98 -14.37 -10.66
C GLU A 100 -8.07 -13.26 -9.60
N ARG A 101 -7.05 -12.46 -9.42
CA ARG A 101 -7.11 -11.39 -8.39
C ARG A 101 -6.45 -10.08 -8.85
N LEU A 102 -5.97 -10.01 -10.07
CA LEU A 102 -5.32 -8.73 -10.54
C LEU A 102 -4.93 -8.80 -12.03
N SER A 103 -5.77 -9.36 -12.86
CA SER A 103 -5.46 -9.42 -14.32
C SER A 103 -6.08 -8.21 -15.02
N GLY A 104 -5.88 -7.04 -14.48
CA GLY A 104 -6.49 -5.82 -15.08
C GLY A 104 -7.90 -5.64 -14.49
N GLU A 105 -8.11 -6.13 -13.30
CA GLU A 105 -9.45 -6.01 -12.63
C GLU A 105 -9.28 -5.21 -11.34
N LEU A 106 -8.59 -4.10 -11.43
CA LEU A 106 -8.39 -3.26 -10.21
C LEU A 106 -9.44 -2.15 -10.17
N ILE A 107 -9.23 -1.05 -10.86
CA ILE A 107 -10.28 0.00 -10.88
C ILE A 107 -10.33 0.63 -12.28
N THR A 108 -9.57 1.66 -12.50
CA THR A 108 -9.53 2.29 -13.84
C THR A 108 -8.27 1.87 -14.59
N GLY A 109 -7.57 0.88 -14.10
CA GLY A 109 -6.34 0.40 -14.79
C GLY A 109 -6.75 -0.54 -15.91
N ARG A 110 -7.21 0.02 -17.00
CA ARG A 110 -7.64 -0.81 -18.14
C ARG A 110 -7.28 -0.08 -19.42
N ARG A 111 -8.13 0.80 -19.88
CA ARG A 111 -7.81 1.58 -21.07
C ARG A 111 -7.63 3.07 -20.68
N GLN A 112 -8.10 3.47 -19.51
CA GLN A 112 -7.94 4.90 -19.08
C GLN A 112 -6.51 5.40 -19.26
N LEU A 113 -5.54 4.54 -19.02
CA LEU A 113 -4.12 4.97 -19.20
C LEU A 113 -3.83 5.11 -20.71
N LEU A 114 -3.85 4.00 -21.40
CA LEU A 114 -3.57 3.98 -22.86
C LEU A 114 -4.48 4.98 -23.60
N GLU A 115 -5.66 5.21 -23.08
CA GLU A 115 -6.61 6.16 -23.73
C GLU A 115 -6.33 7.62 -23.33
N GLY A 116 -5.37 7.85 -22.46
CA GLY A 116 -5.11 9.27 -22.06
C GLY A 116 -6.29 9.76 -21.23
N MET A 117 -6.70 9.00 -20.25
CA MET A 117 -7.85 9.42 -19.38
C MET A 117 -7.45 9.47 -17.90
N ALA A 118 -8.38 9.77 -17.05
CA ALA A 118 -8.10 9.88 -15.58
C ALA A 118 -8.78 8.72 -14.82
N PHE A 119 -8.47 8.55 -13.56
CA PHE A 119 -9.09 7.43 -12.76
C PHE A 119 -10.08 8.03 -11.76
N THR A 120 -11.31 7.57 -11.78
CA THR A 120 -12.36 8.11 -10.88
C THR A 120 -12.06 7.75 -9.41
N PRO A 121 -12.50 8.60 -8.52
CA PRO A 121 -12.25 8.35 -7.08
C PRO A 121 -13.11 7.18 -6.57
N GLY A 122 -12.45 6.20 -6.03
CA GLY A 122 -13.19 5.00 -5.49
C GLY A 122 -12.25 3.78 -5.32
N SER A 123 -11.00 3.91 -5.67
CA SER A 123 -10.06 2.75 -5.57
C SER A 123 -9.46 2.58 -4.17
N THR A 124 -9.09 1.37 -3.86
CA THR A 124 -8.40 1.07 -2.57
C THR A 124 -7.04 0.50 -2.97
N VAL A 125 -6.05 1.35 -3.09
CA VAL A 125 -4.71 0.90 -3.59
C VAL A 125 -3.78 0.39 -2.50
N ILE A 126 -3.14 -0.72 -2.77
CA ILE A 126 -2.16 -1.31 -1.83
C ILE A 126 -0.94 -1.75 -2.67
N VAL A 127 0.25 -1.27 -2.38
CA VAL A 127 1.43 -1.65 -3.21
C VAL A 127 2.57 -2.29 -2.38
N ASP A 128 2.82 -3.56 -2.60
CA ASP A 128 3.93 -4.27 -1.89
C ASP A 128 5.21 -4.07 -2.69
N GLN A 129 6.26 -3.51 -2.11
CA GLN A 129 7.47 -3.28 -2.97
C GLN A 129 8.81 -3.10 -2.20
N GLY A 130 9.83 -3.82 -2.57
CA GLY A 130 11.15 -3.66 -1.88
C GLY A 130 11.89 -2.51 -2.56
N GLU A 131 11.84 -2.49 -3.87
CA GLU A 131 12.47 -1.41 -4.63
C GLU A 131 11.69 -0.14 -4.38
N LYS A 132 12.34 0.97 -4.46
CA LYS A 132 11.66 2.27 -4.23
C LYS A 132 11.29 2.94 -5.58
N LEU A 133 11.81 2.43 -6.68
CA LEU A 133 11.44 3.01 -8.01
C LEU A 133 9.95 2.73 -8.25
N SER A 134 9.52 1.54 -7.89
CA SER A 134 8.08 1.17 -8.07
C SER A 134 7.17 1.98 -7.14
N LEU A 135 7.60 2.20 -5.93
CA LEU A 135 6.75 2.96 -4.96
C LEU A 135 6.50 4.40 -5.45
N LYS A 136 7.52 5.07 -5.93
CA LYS A 136 7.34 6.49 -6.38
C LYS A 136 6.53 6.60 -7.69
N GLU A 137 6.84 5.81 -8.69
CA GLU A 137 6.07 5.93 -9.98
C GLU A 137 4.62 5.52 -9.77
N THR A 138 4.38 4.44 -9.06
CA THR A 138 2.98 3.98 -8.82
C THR A 138 2.18 5.10 -8.14
N LEU A 139 2.78 5.74 -7.19
CA LEU A 139 2.07 6.86 -6.46
C LEU A 139 1.56 7.89 -7.47
N THR A 140 2.29 8.09 -8.54
CA THR A 140 1.84 9.06 -9.58
C THR A 140 0.51 8.58 -10.19
N LEU A 141 0.41 7.30 -10.43
CA LEU A 141 -0.86 6.73 -10.99
C LEU A 141 -1.99 6.96 -10.00
N LEU A 142 -1.71 6.79 -8.74
CA LEU A 142 -2.74 7.00 -7.67
C LEU A 142 -3.21 8.44 -7.66
N ASP A 143 -2.44 9.35 -8.22
CA ASP A 143 -2.82 10.80 -8.19
C ASP A 143 -4.30 11.02 -8.57
N GLY A 144 -4.72 10.73 -9.78
CA GLY A 144 -6.14 10.98 -10.16
C GLY A 144 -7.08 10.13 -9.29
N ALA A 145 -6.86 8.85 -9.21
CA ALA A 145 -7.76 7.97 -8.40
C ALA A 145 -7.81 8.43 -6.94
N ALA A 146 -6.73 8.96 -6.44
CA ALA A 146 -6.67 9.41 -5.02
C ALA A 146 -7.60 10.58 -4.71
N ARG A 147 -8.01 11.32 -5.72
CA ARG A 147 -8.87 12.53 -5.50
C ARG A 147 -9.93 12.36 -4.38
N HIS A 148 -10.39 11.17 -4.07
CA HIS A 148 -11.40 11.06 -2.96
C HIS A 148 -11.27 9.77 -2.11
N ASN A 149 -11.76 8.65 -2.58
CA ASN A 149 -11.72 7.39 -1.76
C ASN A 149 -10.45 6.54 -1.97
N VAL A 150 -9.31 6.96 -1.48
CA VAL A 150 -8.07 6.16 -1.70
C VAL A 150 -7.30 5.91 -0.41
N GLN A 151 -6.60 4.81 -0.35
CA GLN A 151 -5.76 4.50 0.84
C GLN A 151 -4.49 3.78 0.36
N VAL A 152 -3.39 3.93 1.05
CA VAL A 152 -2.13 3.25 0.60
C VAL A 152 -1.72 2.15 1.59
N LEU A 153 -1.95 0.91 1.23
CA LEU A 153 -1.50 -0.22 2.08
C LEU A 153 -0.26 -0.75 1.41
N ILE A 154 0.89 -0.70 2.04
CA ILE A 154 2.09 -1.21 1.34
C ILE A 154 2.96 -2.06 2.26
N THR A 155 3.64 -2.99 1.69
CA THR A 155 4.58 -3.84 2.44
C THR A 155 5.95 -3.56 1.86
N ASP A 156 6.91 -4.39 2.12
CA ASP A 156 8.25 -4.14 1.54
C ASP A 156 9.00 -5.45 1.44
N SER A 157 10.04 -5.48 0.67
CA SER A 157 10.86 -6.72 0.56
C SER A 157 12.34 -6.40 0.78
N GLY A 158 12.62 -5.30 1.45
CA GLY A 158 14.04 -4.91 1.72
C GLY A 158 14.02 -3.68 2.63
N GLN A 159 13.18 -3.71 3.63
CA GLN A 159 13.07 -2.56 4.57
C GLN A 159 13.98 -2.72 5.80
N ARG A 160 14.71 -3.82 5.89
CA ARG A 160 15.61 -4.02 7.08
C ARG A 160 16.58 -2.85 7.25
N THR A 161 17.14 -2.37 6.17
CA THR A 161 18.08 -1.22 6.24
C THR A 161 17.50 -0.03 5.49
N GLY A 162 17.92 1.18 5.81
CA GLY A 162 17.39 2.37 5.09
C GLY A 162 15.86 2.39 5.13
N THR A 163 15.27 1.94 6.21
CA THR A 163 13.79 1.92 6.29
C THR A 163 13.22 3.34 6.23
N GLY A 164 13.82 4.27 6.93
CA GLY A 164 13.32 5.67 6.90
C GLY A 164 13.44 6.22 5.48
N SER A 165 14.45 5.80 4.76
CA SER A 165 14.65 6.29 3.36
C SER A 165 13.48 5.85 2.45
N ALA A 166 13.00 4.64 2.63
CA ALA A 166 11.88 4.16 1.76
C ALA A 166 10.64 5.05 1.96
N LEU A 167 10.41 5.48 3.17
CA LEU A 167 9.22 6.36 3.45
C LEU A 167 9.35 7.69 2.69
N MET A 168 10.52 8.26 2.66
CA MET A 168 10.74 9.55 1.91
C MET A 168 10.50 9.31 0.41
N ALA A 169 10.85 8.14 -0.06
CA ALA A 169 10.67 7.80 -1.51
C ALA A 169 9.20 8.01 -1.93
N MET A 170 8.28 7.41 -1.24
CA MET A 170 6.83 7.56 -1.61
C MET A 170 6.44 9.05 -1.57
N LYS A 171 6.84 9.75 -0.54
CA LYS A 171 6.50 11.20 -0.42
C LYS A 171 7.06 12.00 -1.60
N ASP A 172 8.19 11.60 -2.13
CA ASP A 172 8.80 12.33 -3.28
C ASP A 172 7.95 12.16 -4.55
N ALA A 173 7.07 11.19 -4.56
CA ALA A 173 6.23 10.95 -5.78
C ALA A 173 5.19 12.05 -6.05
N GLY A 174 5.13 13.12 -5.27
CA GLY A 174 4.15 14.20 -5.57
C GLY A 174 3.49 14.74 -4.30
N VAL A 175 3.58 14.04 -3.20
CA VAL A 175 2.95 14.57 -1.94
C VAL A 175 4.02 15.17 -1.02
N ASN A 176 3.89 16.44 -0.70
CA ASN A 176 4.89 17.11 0.18
C ASN A 176 4.36 18.49 0.60
N THR A 177 4.44 18.83 1.87
CA THR A 177 3.95 20.15 2.33
C THR A 177 5.14 21.12 2.46
N TYR A 178 5.06 22.26 1.84
CA TYR A 178 6.20 23.23 1.91
C TYR A 178 6.22 23.98 3.26
N ARG A 179 5.41 24.99 3.42
CA ARG A 179 5.39 25.75 4.71
C ARG A 179 4.24 26.76 4.72
N TRP A 180 4.27 27.74 3.85
CA TRP A 180 3.18 28.76 3.82
C TRP A 180 2.02 28.28 2.94
N GLN A 181 2.26 27.37 2.04
CA GLN A 181 1.17 26.87 1.15
C GLN A 181 1.03 25.35 1.26
N GLY A 182 -0.15 24.88 1.59
CA GLY A 182 -0.36 23.41 1.73
C GLY A 182 -0.36 22.77 0.34
N GLY A 183 -1.37 22.00 0.04
CA GLY A 183 -1.43 21.35 -1.30
C GLY A 183 -1.70 22.42 -2.37
N GLU A 184 -0.66 22.90 -3.01
CA GLU A 184 -0.85 23.96 -4.05
C GLU A 184 -1.28 23.35 -5.40
N GLN A 185 -1.30 22.04 -5.50
CA GLN A 185 -1.71 21.39 -6.79
C GLN A 185 -3.18 20.96 -6.73
N ARG A 186 -3.70 20.78 -5.55
CA ARG A 186 -5.12 20.35 -5.41
C ARG A 186 -5.97 21.49 -4.82
N PRO A 187 -6.97 21.92 -5.55
CA PRO A 187 -7.85 22.99 -5.03
C PRO A 187 -8.76 22.41 -3.93
N ALA A 188 -8.78 21.10 -3.78
CA ALA A 188 -9.63 20.48 -2.74
C ALA A 188 -9.02 20.71 -1.36
N THR A 189 -8.96 21.95 -0.93
CA THR A 189 -8.38 22.26 0.40
C THR A 189 -8.64 23.73 0.76
N THR A 1 -21.84 5.74 26.68
CA THR A 1 -20.61 5.92 25.86
C THR A 1 -19.36 5.59 26.69
N SER A 2 -18.70 4.49 26.40
CA SER A 2 -17.49 4.12 27.19
C SER A 2 -16.43 5.23 27.11
N GLY A 3 -16.19 5.78 25.95
CA GLY A 3 -15.18 6.88 25.83
C GLY A 3 -14.27 6.68 24.61
N ILE A 4 -14.34 5.53 23.97
CA ILE A 4 -13.48 5.28 22.77
C ILE A 4 -14.20 5.77 21.51
N HIS A 5 -13.57 6.61 20.74
CA HIS A 5 -14.23 7.15 19.50
C HIS A 5 -13.41 6.78 18.26
N VAL A 6 -13.99 6.92 17.09
CA VAL A 6 -13.25 6.57 15.83
C VAL A 6 -11.99 7.45 15.72
N LEU A 7 -10.92 6.90 15.22
CA LEU A 7 -9.66 7.70 15.08
C LEU A 7 -9.47 8.11 13.62
N ASP A 8 -9.33 9.38 13.37
CA ASP A 8 -9.12 9.85 11.96
C ASP A 8 -7.75 9.40 11.48
N GLU A 9 -6.70 9.69 12.22
CA GLU A 9 -5.34 9.26 11.80
C GLU A 9 -4.50 8.76 13.00
N LEU A 10 -5.08 8.71 14.19
CA LEU A 10 -4.31 8.22 15.38
C LEU A 10 -4.08 6.72 15.30
N SER A 11 -5.00 6.01 14.70
CA SER A 11 -4.87 4.52 14.60
C SER A 11 -3.66 4.12 13.75
N VAL A 12 -3.41 4.80 12.67
CA VAL A 12 -2.28 4.43 11.78
C VAL A 12 -0.91 4.71 12.44
N ARG A 13 -0.78 5.78 13.21
CA ARG A 13 0.55 6.08 13.83
C ARG A 13 0.96 4.98 14.81
N ALA A 14 0.05 4.58 15.66
CA ALA A 14 0.35 3.49 16.63
C ALA A 14 0.58 2.19 15.86
N LEU A 15 -0.12 2.03 14.77
CA LEU A 15 0.02 0.79 13.95
C LEU A 15 1.44 0.67 13.40
N SER A 16 2.02 1.78 12.98
CA SER A 16 3.40 1.74 12.43
C SER A 16 4.39 1.24 13.47
N ARG A 17 4.21 1.62 14.71
CA ARG A 17 5.16 1.16 15.78
C ARG A 17 5.13 -0.37 15.94
N ASP A 18 3.97 -0.97 15.97
CA ASP A 18 3.90 -2.46 16.17
C ASP A 18 4.45 -3.23 14.95
N ILE A 19 4.09 -2.85 13.76
CA ILE A 19 4.62 -3.57 12.55
C ILE A 19 6.13 -3.37 12.43
N MET A 20 6.59 -2.18 12.67
CA MET A 20 8.04 -1.89 12.60
C MET A 20 8.77 -2.77 13.61
N LYS A 21 8.13 -3.05 14.72
CA LYS A 21 8.75 -3.93 15.76
C LYS A 21 9.02 -5.32 15.14
N GLN A 22 8.29 -5.70 14.12
CA GLN A 22 8.59 -7.00 13.43
C GLN A 22 9.54 -6.73 12.24
N ASN A 23 9.66 -5.48 11.84
CA ASN A 23 10.57 -5.09 10.72
C ASN A 23 12.03 -5.31 11.12
N ARG A 24 12.40 -4.98 12.34
CA ARG A 24 13.81 -5.20 12.79
C ARG A 24 13.86 -6.24 13.93
N VAL A 25 12.82 -7.03 14.07
CA VAL A 25 12.78 -8.09 15.13
C VAL A 25 14.08 -8.92 15.12
N THR A 26 14.85 -8.86 16.19
CA THR A 26 16.14 -9.62 16.25
C THR A 26 15.94 -11.09 15.87
N VAL A 27 16.07 -11.41 14.60
CA VAL A 27 15.89 -12.81 14.13
C VAL A 27 17.24 -13.39 13.73
N HIS A 28 17.54 -14.58 14.16
CA HIS A 28 18.84 -15.20 13.83
C HIS A 28 18.71 -16.13 12.60
N PRO A 29 19.71 -16.13 11.75
CA PRO A 29 19.67 -17.00 10.54
C PRO A 29 19.77 -18.48 10.95
N GLU A 30 20.34 -18.74 12.10
CA GLU A 30 20.47 -20.14 12.59
C GLU A 30 19.09 -20.72 12.90
N LYS A 31 18.21 -19.88 13.32
CA LYS A 31 16.85 -20.34 13.69
C LYS A 31 15.85 -19.22 13.36
N SER A 32 15.67 -18.94 12.09
CA SER A 32 14.72 -17.85 11.67
C SER A 32 13.37 -18.01 12.37
N VAL A 33 12.70 -16.92 12.63
CA VAL A 33 11.36 -17.00 13.30
C VAL A 33 10.23 -16.85 12.27
N PRO A 34 9.50 -17.92 12.01
CA PRO A 34 8.39 -17.83 11.02
C PRO A 34 7.16 -17.15 11.63
N ARG A 35 6.71 -16.07 11.04
CA ARG A 35 5.49 -15.37 11.55
C ARG A 35 5.04 -14.30 10.55
N THR A 36 4.67 -14.70 9.36
CA THR A 36 4.20 -13.71 8.35
C THR A 36 2.86 -13.13 8.82
N ALA A 37 2.10 -13.92 9.50
CA ALA A 37 0.77 -13.45 9.98
C ALA A 37 0.93 -12.30 10.99
N GLY A 38 2.13 -12.06 11.49
CA GLY A 38 2.32 -10.96 12.48
C GLY A 38 1.88 -9.62 11.88
N TYR A 39 2.31 -9.31 10.68
CA TYR A 39 1.87 -8.03 10.07
C TYR A 39 0.59 -8.24 9.25
N SER A 40 0.09 -9.47 9.20
CA SER A 40 -1.19 -9.72 8.48
C SER A 40 -2.35 -9.20 9.35
N ASP A 41 -2.24 -9.41 10.64
CA ASP A 41 -3.30 -8.93 11.57
C ASP A 41 -3.19 -7.42 11.79
N ALA A 42 -1.98 -6.94 11.97
CA ALA A 42 -1.76 -5.47 12.19
C ALA A 42 -2.21 -4.66 10.97
N VAL A 43 -1.77 -5.05 9.81
CA VAL A 43 -2.13 -4.33 8.56
C VAL A 43 -3.62 -4.49 8.24
N SER A 44 -4.16 -5.67 8.39
CA SER A 44 -5.60 -5.89 8.08
C SER A 44 -6.48 -4.98 8.94
N VAL A 45 -6.05 -4.71 10.15
CA VAL A 45 -6.86 -3.84 11.06
C VAL A 45 -7.01 -2.42 10.50
N LEU A 46 -5.93 -1.83 10.02
CA LEU A 46 -6.04 -0.42 9.49
C LEU A 46 -6.95 -0.32 8.26
N ALA A 47 -6.97 -1.31 7.41
CA ALA A 47 -7.89 -1.22 6.21
C ALA A 47 -9.34 -1.22 6.69
N GLN A 48 -9.63 -2.00 7.71
CA GLN A 48 -11.02 -2.05 8.25
C GLN A 48 -11.36 -0.67 8.80
N ASP A 49 -10.38 0.03 9.31
CA ASP A 49 -10.64 1.41 9.81
C ASP A 49 -11.01 2.27 8.60
N ARG A 50 -10.08 2.95 7.97
CA ARG A 50 -10.40 3.77 6.75
C ARG A 50 -9.11 4.40 6.20
N PRO A 51 -8.36 5.12 7.03
CA PRO A 51 -7.10 5.72 6.52
C PRO A 51 -6.13 4.59 6.23
N SER A 52 -5.91 4.30 4.98
CA SER A 52 -4.99 3.20 4.62
C SER A 52 -3.58 3.74 4.40
N LEU A 53 -2.70 3.55 5.34
CA LEU A 53 -1.31 4.07 5.17
C LEU A 53 -0.40 3.38 6.17
N ALA A 54 0.17 2.27 5.79
CA ALA A 54 1.06 1.53 6.73
C ALA A 54 2.32 1.03 6.04
N ILE A 55 3.25 0.55 6.81
CA ILE A 55 4.53 0.04 6.23
C ILE A 55 4.88 -1.34 6.82
N VAL A 56 5.11 -2.32 5.99
CA VAL A 56 5.46 -3.69 6.50
C VAL A 56 6.72 -4.24 5.83
N SER A 57 7.35 -5.22 6.43
CA SER A 57 8.59 -5.79 5.82
C SER A 57 8.54 -7.32 5.84
N GLY A 58 8.97 -7.95 4.76
CA GLY A 58 8.97 -9.44 4.69
C GLY A 58 10.35 -9.95 5.05
N GLN A 59 10.50 -11.24 5.31
CA GLN A 59 11.85 -11.77 5.66
C GLN A 59 12.29 -12.79 4.58
N GLY A 60 11.40 -13.66 4.19
CA GLY A 60 11.73 -14.66 3.14
C GLY A 60 10.43 -15.31 2.61
N GLY A 61 10.51 -16.01 1.50
CA GLY A 61 9.29 -16.67 0.93
C GLY A 61 8.35 -15.60 0.37
N ALA A 62 8.91 -14.57 -0.20
CA ALA A 62 8.09 -13.45 -0.76
C ALA A 62 7.12 -13.94 -1.85
N ALA A 63 7.38 -15.06 -2.47
CA ALA A 63 6.45 -15.56 -3.54
C ALA A 63 5.04 -15.76 -2.95
N GLY A 64 4.96 -16.38 -1.80
CA GLY A 64 3.63 -16.60 -1.16
C GLY A 64 3.16 -15.29 -0.54
N GLN A 65 4.07 -14.44 -0.13
CA GLN A 65 3.66 -13.14 0.50
C GLN A 65 2.84 -12.32 -0.50
N ARG A 66 3.25 -12.31 -1.75
CA ARG A 66 2.48 -11.53 -2.77
C ARG A 66 1.08 -12.14 -2.93
N GLU A 67 0.99 -13.43 -2.82
CA GLU A 67 -0.34 -14.08 -2.95
C GLU A 67 -1.20 -13.73 -1.72
N ARG A 68 -0.57 -13.50 -0.59
CA ARG A 68 -1.34 -13.15 0.65
C ARG A 68 -2.05 -11.80 0.49
N VAL A 69 -1.34 -10.77 0.06
CA VAL A 69 -2.01 -9.44 -0.08
C VAL A 69 -3.21 -9.55 -1.03
N ALA A 70 -3.13 -10.41 -2.00
CA ALA A 70 -4.28 -10.60 -2.94
C ALA A 70 -5.49 -11.09 -2.14
N GLU A 71 -5.25 -11.76 -1.05
CA GLU A 71 -6.40 -12.21 -0.20
C GLU A 71 -7.06 -10.95 0.37
N LEU A 72 -6.26 -9.97 0.69
CA LEU A 72 -6.79 -8.67 1.19
C LEU A 72 -7.66 -8.05 0.09
N VAL A 73 -7.26 -8.23 -1.15
CA VAL A 73 -8.05 -7.68 -2.28
C VAL A 73 -9.43 -8.38 -2.32
N MET A 74 -9.51 -9.60 -1.84
CA MET A 74 -10.83 -10.34 -1.85
C MET A 74 -11.83 -9.70 -0.85
N MET A 75 -11.41 -9.33 0.35
CA MET A 75 -12.39 -8.70 1.30
C MET A 75 -12.90 -7.38 0.72
N ALA A 76 -12.16 -6.81 -0.19
CA ALA A 76 -12.60 -5.56 -0.86
C ALA A 76 -13.65 -5.89 -1.93
N ARG A 77 -13.65 -7.12 -2.43
CA ARG A 77 -14.67 -7.52 -3.46
C ARG A 77 -16.05 -7.47 -2.83
N GLU A 78 -16.17 -7.92 -1.61
CA GLU A 78 -17.49 -7.91 -0.91
C GLU A 78 -17.91 -6.46 -0.57
N GLN A 79 -16.96 -5.55 -0.48
CA GLN A 79 -17.30 -4.13 -0.14
C GLN A 79 -17.92 -3.39 -1.35
N GLY A 80 -18.08 -4.05 -2.47
CA GLY A 80 -18.69 -3.38 -3.67
C GLY A 80 -17.63 -2.56 -4.42
N ARG A 81 -16.37 -2.73 -4.11
CA ARG A 81 -15.32 -1.94 -4.82
C ARG A 81 -14.10 -2.82 -5.13
N GLU A 82 -13.39 -2.50 -6.19
CA GLU A 82 -12.18 -3.30 -6.57
C GLU A 82 -10.95 -2.67 -5.93
N VAL A 83 -9.78 -3.24 -6.13
CA VAL A 83 -8.55 -2.63 -5.56
C VAL A 83 -7.38 -2.74 -6.53
N GLN A 84 -6.44 -1.84 -6.43
CA GLN A 84 -5.23 -1.90 -7.27
C GLN A 84 -4.14 -2.54 -6.41
N ILE A 85 -3.62 -3.66 -6.79
CA ILE A 85 -2.55 -4.32 -5.96
C ILE A 85 -1.29 -4.53 -6.81
N ILE A 86 -0.18 -4.08 -6.30
CA ILE A 86 1.11 -4.23 -7.04
C ILE A 86 2.11 -5.03 -6.21
N ALA A 87 2.51 -6.19 -6.68
CA ALA A 87 3.53 -6.96 -5.92
C ALA A 87 4.87 -6.22 -6.07
N ALA A 88 5.82 -6.49 -5.22
CA ALA A 88 7.15 -5.79 -5.34
C ALA A 88 7.76 -6.04 -6.72
N ASP A 89 9.04 -5.80 -6.87
CA ASP A 89 9.72 -6.03 -8.20
C ASP A 89 9.37 -7.41 -8.79
N ARG A 90 8.91 -8.33 -7.96
CA ARG A 90 8.55 -9.70 -8.46
C ARG A 90 7.18 -9.70 -9.16
N ARG A 91 6.44 -8.63 -9.05
CA ARG A 91 5.08 -8.56 -9.69
C ARG A 91 5.14 -8.87 -11.18
N SER A 92 6.25 -8.65 -11.82
CA SER A 92 6.33 -8.93 -13.29
C SER A 92 6.01 -10.42 -13.52
N GLN A 93 6.56 -11.27 -12.68
CA GLN A 93 6.27 -12.74 -12.82
C GLN A 93 4.79 -13.00 -12.55
N MET A 94 4.23 -12.34 -11.56
CA MET A 94 2.79 -12.54 -11.23
C MET A 94 1.91 -12.20 -12.44
N ASN A 95 2.27 -11.21 -13.20
CA ASN A 95 1.46 -10.82 -14.40
C ASN A 95 1.39 -12.00 -15.37
N MET A 96 2.47 -12.69 -15.56
CA MET A 96 2.48 -13.84 -16.51
C MET A 96 1.50 -14.93 -16.03
N LYS A 97 1.45 -15.20 -14.75
CA LYS A 97 0.53 -16.26 -14.23
C LYS A 97 -0.52 -15.65 -13.27
N GLN A 98 -1.10 -16.47 -12.42
CA GLN A 98 -2.14 -15.97 -11.45
C GLN A 98 -3.17 -15.06 -12.11
N ASP A 99 -4.22 -15.62 -12.63
CA ASP A 99 -5.29 -14.80 -13.28
C ASP A 99 -6.60 -14.95 -12.50
N GLU A 100 -6.50 -15.26 -11.22
CA GLU A 100 -7.74 -15.45 -10.39
C GLU A 100 -7.94 -14.27 -9.42
N ARG A 101 -6.98 -13.39 -9.29
CA ARG A 101 -7.13 -12.25 -8.34
C ARG A 101 -6.78 -10.91 -8.99
N LEU A 102 -6.17 -10.91 -10.16
CA LEU A 102 -5.78 -9.61 -10.80
C LEU A 102 -5.23 -9.82 -12.22
N SER A 103 -5.97 -10.47 -13.08
CA SER A 103 -5.49 -10.68 -14.48
C SER A 103 -5.29 -9.33 -15.18
N GLY A 104 -5.89 -8.28 -14.65
CA GLY A 104 -5.76 -6.92 -15.27
C GLY A 104 -6.87 -5.99 -14.71
N GLU A 105 -7.94 -6.54 -14.19
CA GLU A 105 -9.04 -5.70 -13.64
C GLU A 105 -8.64 -5.17 -12.26
N LEU A 106 -7.71 -4.24 -12.22
CA LEU A 106 -7.29 -3.66 -10.90
C LEU A 106 -8.21 -2.50 -10.54
N ILE A 107 -7.98 -1.30 -11.03
CA ILE A 107 -8.92 -0.18 -10.72
C ILE A 107 -9.04 0.75 -11.92
N THR A 108 -8.17 1.72 -12.04
CA THR A 108 -8.25 2.65 -13.18
C THR A 108 -7.30 2.19 -14.28
N GLY A 109 -7.35 0.92 -14.61
CA GLY A 109 -6.46 0.37 -15.66
C GLY A 109 -7.27 -0.04 -16.89
N ARG A 110 -7.96 0.90 -17.50
CA ARG A 110 -8.75 0.55 -18.71
C ARG A 110 -8.70 1.74 -19.67
N ARG A 111 -9.21 2.86 -19.24
CA ARG A 111 -9.22 4.06 -20.11
C ARG A 111 -8.25 5.11 -19.56
N GLN A 112 -8.07 5.15 -18.28
CA GLN A 112 -7.17 6.16 -17.66
C GLN A 112 -5.72 5.91 -18.12
N LEU A 113 -5.34 4.68 -18.28
CA LEU A 113 -3.93 4.40 -18.73
C LEU A 113 -3.86 4.30 -20.26
N LEU A 114 -4.96 3.93 -20.89
CA LEU A 114 -4.95 3.77 -22.38
C LEU A 114 -5.65 4.92 -23.12
N GLU A 115 -6.77 5.40 -22.65
CA GLU A 115 -7.51 6.47 -23.39
C GLU A 115 -7.37 7.86 -22.77
N GLY A 116 -6.79 7.99 -21.60
CA GLY A 116 -6.64 9.35 -20.98
C GLY A 116 -7.90 9.73 -20.18
N MET A 117 -9.00 9.05 -20.38
CA MET A 117 -10.25 9.39 -19.63
C MET A 117 -10.05 9.10 -18.14
N ALA A 118 -11.06 9.30 -17.33
CA ALA A 118 -10.90 9.06 -15.86
C ALA A 118 -11.76 7.88 -15.42
N PHE A 119 -11.39 7.25 -14.33
CA PHE A 119 -12.15 6.07 -13.82
C PHE A 119 -12.82 6.42 -12.48
N THR A 120 -13.96 5.84 -12.19
CA THR A 120 -14.70 6.13 -10.91
C THR A 120 -13.73 6.08 -9.71
N PRO A 121 -13.36 7.24 -9.21
CA PRO A 121 -12.41 7.26 -8.08
C PRO A 121 -13.11 6.87 -6.78
N GLY A 122 -12.77 5.72 -6.26
CA GLY A 122 -13.37 5.25 -4.97
C GLY A 122 -12.88 3.82 -4.67
N SER A 123 -11.66 3.52 -5.04
CA SER A 123 -11.09 2.15 -4.83
C SER A 123 -10.20 2.04 -3.59
N THR A 124 -9.64 0.86 -3.40
CA THR A 124 -8.68 0.63 -2.29
C THR A 124 -7.36 0.19 -2.93
N VAL A 125 -6.28 0.81 -2.57
CA VAL A 125 -4.96 0.48 -3.21
C VAL A 125 -3.94 -0.11 -2.21
N ILE A 126 -3.32 -1.20 -2.57
CA ILE A 126 -2.28 -1.83 -1.68
C ILE A 126 -1.02 -2.08 -2.51
N VAL A 127 0.07 -1.42 -2.25
CA VAL A 127 1.30 -1.65 -3.07
C VAL A 127 2.44 -2.28 -2.22
N ASP A 128 2.70 -3.55 -2.40
CA ASP A 128 3.81 -4.25 -1.67
C ASP A 128 5.10 -4.03 -2.46
N GLN A 129 6.16 -3.47 -1.88
CA GLN A 129 7.37 -3.19 -2.72
C GLN A 129 8.70 -3.00 -1.96
N GLY A 130 9.71 -3.76 -2.33
CA GLY A 130 11.04 -3.64 -1.67
C GLY A 130 11.90 -2.62 -2.41
N GLU A 131 11.72 -2.52 -3.70
CA GLU A 131 12.49 -1.53 -4.48
C GLU A 131 11.77 -0.20 -4.36
N LYS A 132 12.09 0.72 -5.21
CA LYS A 132 11.42 2.06 -5.13
C LYS A 132 10.94 2.52 -6.51
N LEU A 133 11.26 1.80 -7.56
CA LEU A 133 10.80 2.20 -8.93
C LEU A 133 9.28 2.03 -9.05
N SER A 134 8.75 0.97 -8.48
CA SER A 134 7.28 0.73 -8.59
C SER A 134 6.50 1.44 -7.49
N LEU A 135 7.16 1.84 -6.43
CA LEU A 135 6.46 2.57 -5.33
C LEU A 135 6.13 4.00 -5.78
N LYS A 136 7.05 4.64 -6.46
CA LYS A 136 6.81 6.04 -6.92
C LYS A 136 5.84 6.10 -8.11
N GLU A 137 5.98 5.22 -9.09
CA GLU A 137 5.06 5.30 -10.28
C GLU A 137 3.60 5.10 -9.85
N THR A 138 3.32 4.14 -9.00
CA THR A 138 1.90 3.91 -8.55
C THR A 138 1.38 5.17 -7.86
N LEU A 139 2.20 5.79 -7.04
CA LEU A 139 1.77 7.02 -6.30
C LEU A 139 1.35 8.10 -7.30
N THR A 140 2.05 8.21 -8.40
CA THR A 140 1.67 9.21 -9.44
C THR A 140 0.25 8.89 -9.95
N LEU A 141 -0.05 7.62 -10.06
CA LEU A 141 -1.41 7.21 -10.52
C LEU A 141 -2.46 7.57 -9.46
N LEU A 142 -2.13 7.43 -8.19
CA LEU A 142 -3.11 7.76 -7.11
C LEU A 142 -3.37 9.26 -7.07
N ASP A 143 -2.47 10.06 -7.61
CA ASP A 143 -2.66 11.56 -7.59
C ASP A 143 -4.09 11.94 -8.01
N GLY A 144 -4.49 11.65 -9.23
CA GLY A 144 -5.89 12.01 -9.65
C GLY A 144 -6.87 11.24 -8.78
N ALA A 145 -6.67 9.95 -8.64
CA ALA A 145 -7.59 9.11 -7.80
C ALA A 145 -7.73 9.71 -6.40
N ALA A 146 -6.70 10.38 -5.94
CA ALA A 146 -6.72 10.97 -4.56
C ALA A 146 -8.01 11.74 -4.25
N ARG A 147 -8.71 12.22 -5.25
CA ARG A 147 -9.98 12.98 -4.99
C ARG A 147 -10.99 12.10 -4.23
N HIS A 148 -11.12 10.85 -4.62
CA HIS A 148 -12.08 9.94 -3.91
C HIS A 148 -11.47 8.52 -3.76
N ASN A 149 -10.71 8.06 -4.72
CA ASN A 149 -10.06 6.71 -4.61
C ASN A 149 -8.82 6.86 -3.76
N VAL A 150 -8.87 6.44 -2.51
CA VAL A 150 -7.67 6.61 -1.64
C VAL A 150 -7.55 5.53 -0.59
N GLN A 151 -6.41 4.91 -0.58
CA GLN A 151 -6.12 3.83 0.39
C GLN A 151 -4.74 3.28 0.04
N VAL A 152 -3.73 3.68 0.75
CA VAL A 152 -2.37 3.14 0.46
C VAL A 152 -1.95 2.17 1.56
N LEU A 153 -1.90 0.93 1.20
CA LEU A 153 -1.47 -0.14 2.13
C LEU A 153 -0.18 -0.63 1.49
N ILE A 154 0.95 -0.49 2.12
CA ILE A 154 2.20 -0.95 1.42
C ILE A 154 3.10 -1.75 2.33
N THR A 155 3.49 -2.89 1.87
CA THR A 155 4.44 -3.72 2.64
C THR A 155 5.80 -3.49 2.02
N ASP A 156 6.76 -4.33 2.28
CA ASP A 156 8.09 -4.13 1.66
C ASP A 156 8.83 -5.45 1.59
N SER A 157 9.86 -5.48 0.83
CA SER A 157 10.68 -6.73 0.72
C SER A 157 12.18 -6.42 0.85
N GLY A 158 12.52 -5.25 1.34
CA GLY A 158 13.96 -4.87 1.51
C GLY A 158 14.03 -3.65 2.44
N GLN A 159 13.25 -3.68 3.49
CA GLN A 159 13.21 -2.52 4.46
C GLN A 159 14.14 -2.74 5.67
N ARG A 160 14.82 -3.86 5.73
CA ARG A 160 15.73 -4.14 6.91
C ARG A 160 16.60 -2.91 7.25
N THR A 161 16.96 -2.13 6.26
CA THR A 161 17.78 -0.89 6.52
C THR A 161 17.15 0.29 5.80
N GLY A 162 17.52 1.48 6.20
CA GLY A 162 16.94 2.71 5.56
C GLY A 162 15.41 2.66 5.66
N THR A 163 14.88 2.06 6.70
CA THR A 163 13.39 1.97 6.82
C THR A 163 12.77 3.37 6.91
N GLY A 164 13.30 4.25 7.72
CA GLY A 164 12.73 5.63 7.80
C GLY A 164 12.92 6.31 6.44
N SER A 165 14.05 6.08 5.83
CA SER A 165 14.33 6.68 4.50
C SER A 165 13.31 6.16 3.48
N ALA A 166 12.90 4.94 3.62
CA ALA A 166 11.90 4.35 2.66
C ALA A 166 10.60 5.16 2.66
N LEU A 167 10.20 5.63 3.82
CA LEU A 167 8.95 6.44 3.92
C LEU A 167 9.11 7.75 3.12
N MET A 168 10.26 8.38 3.21
CA MET A 168 10.46 9.65 2.44
C MET A 168 10.43 9.33 0.95
N ALA A 169 10.90 8.17 0.59
CA ALA A 169 10.92 7.77 -0.85
C ALA A 169 9.52 7.90 -1.47
N MET A 170 8.52 7.27 -0.89
CA MET A 170 7.14 7.36 -1.46
C MET A 170 6.67 8.82 -1.52
N LYS A 171 6.92 9.57 -0.48
CA LYS A 171 6.48 11.01 -0.44
C LYS A 171 7.16 11.85 -1.53
N ASP A 172 8.37 11.51 -1.91
CA ASP A 172 9.08 12.28 -2.97
C ASP A 172 8.50 11.99 -4.35
N ALA A 173 7.70 10.96 -4.47
CA ALA A 173 7.11 10.58 -5.79
C ALA A 173 6.00 11.57 -6.24
N GLY A 174 5.78 12.66 -5.53
CA GLY A 174 4.74 13.64 -5.97
C GLY A 174 3.97 14.20 -4.76
N VAL A 175 4.04 13.55 -3.63
CA VAL A 175 3.29 14.05 -2.43
C VAL A 175 4.17 14.99 -1.61
N ASN A 176 3.81 16.24 -1.54
CA ASN A 176 4.61 17.23 -0.77
C ASN A 176 3.82 18.53 -0.57
N THR A 177 3.72 18.99 0.65
CA THR A 177 2.97 20.25 0.92
C THR A 177 3.86 21.45 0.59
N TYR A 178 3.38 22.36 -0.21
CA TYR A 178 4.21 23.55 -0.58
C TYR A 178 4.18 24.62 0.53
N ARG A 179 3.26 25.56 0.49
CA ARG A 179 3.22 26.61 1.55
C ARG A 179 1.84 27.27 1.62
N TRP A 180 1.56 28.22 0.77
CA TRP A 180 0.23 28.91 0.80
C TRP A 180 -0.87 28.01 0.21
N GLN A 181 -0.51 27.05 -0.62
CA GLN A 181 -1.55 26.15 -1.22
C GLN A 181 -1.13 24.68 -1.09
N GLY A 182 -2.06 23.78 -1.14
CA GLY A 182 -1.73 22.33 -1.01
C GLY A 182 -2.93 21.58 -0.44
N GLY A 183 -2.69 20.52 0.29
CA GLY A 183 -3.82 19.75 0.89
C GLY A 183 -4.03 20.18 2.35
N GLU A 184 -3.66 21.40 2.68
CA GLU A 184 -3.82 21.86 4.10
C GLU A 184 -5.14 22.64 4.26
N GLN A 185 -5.65 23.21 3.19
CA GLN A 185 -6.93 23.96 3.29
C GLN A 185 -8.14 23.06 3.00
N ARG A 186 -7.90 21.82 2.61
CA ARG A 186 -9.05 20.91 2.31
C ARG A 186 -9.08 19.75 3.32
N PRO A 187 -9.46 20.07 4.53
CA PRO A 187 -9.50 19.04 5.62
C PRO A 187 -10.61 18.00 5.35
N ALA A 188 -11.62 18.37 4.58
CA ALA A 188 -12.74 17.40 4.28
C ALA A 188 -13.81 18.10 3.43
N THR A 189 -13.43 18.73 2.34
CA THR A 189 -14.44 19.43 1.49
C THR A 189 -14.37 18.94 0.04
N THR A 1 -16.85 22.45 16.38
CA THR A 1 -16.68 21.01 16.00
C THR A 1 -16.90 20.85 14.49
N SER A 2 -18.02 21.35 13.99
CA SER A 2 -18.30 21.24 12.53
C SER A 2 -17.19 21.95 11.74
N GLY A 3 -16.68 23.02 12.26
CA GLY A 3 -15.59 23.76 11.55
C GLY A 3 -14.34 22.89 11.44
N ILE A 4 -14.05 22.14 12.48
CA ILE A 4 -12.84 21.25 12.44
C ILE A 4 -13.21 19.84 11.97
N HIS A 5 -12.45 19.30 11.07
CA HIS A 5 -12.74 17.92 10.56
C HIS A 5 -12.15 16.87 11.49
N VAL A 6 -12.57 15.64 11.34
CA VAL A 6 -12.05 14.54 12.21
C VAL A 6 -11.10 13.66 11.42
N LEU A 7 -9.90 13.47 11.91
CA LEU A 7 -8.91 12.63 11.19
C LEU A 7 -8.87 11.23 11.79
N ASP A 8 -9.00 10.23 10.96
CA ASP A 8 -8.96 8.83 11.47
C ASP A 8 -7.53 8.27 11.37
N GLU A 9 -6.57 9.12 11.11
CA GLU A 9 -5.16 8.64 10.98
C GLU A 9 -4.56 8.23 12.34
N LEU A 10 -5.23 8.52 13.42
CA LEU A 10 -4.69 8.15 14.77
C LEU A 10 -4.53 6.61 14.86
N SER A 11 -5.47 5.88 14.32
CA SER A 11 -5.36 4.38 14.36
C SER A 11 -4.15 3.92 13.55
N VAL A 12 -3.94 4.51 12.40
CA VAL A 12 -2.78 4.15 11.54
C VAL A 12 -1.46 4.57 12.20
N ARG A 13 -1.44 5.67 12.92
CA ARG A 13 -0.18 6.12 13.57
C ARG A 13 0.34 5.09 14.57
N ALA A 14 -0.51 4.60 15.43
CA ALA A 14 -0.07 3.59 16.44
C ALA A 14 0.26 2.26 15.77
N LEU A 15 -0.51 1.89 14.78
CA LEU A 15 -0.26 0.59 14.07
C LEU A 15 1.11 0.61 13.40
N SER A 16 1.50 1.73 12.83
CA SER A 16 2.81 1.81 12.13
C SER A 16 3.98 1.60 13.10
N ARG A 17 3.88 2.14 14.28
CA ARG A 17 5.01 1.97 15.26
C ARG A 17 5.20 0.49 15.58
N ASP A 18 4.13 -0.24 15.75
CA ASP A 18 4.23 -1.69 16.09
C ASP A 18 4.86 -2.49 14.94
N ILE A 19 4.48 -2.22 13.72
CA ILE A 19 5.07 -3.01 12.57
C ILE A 19 6.57 -2.74 12.51
N MET A 20 6.98 -1.52 12.75
CA MET A 20 8.44 -1.19 12.74
C MET A 20 9.15 -1.92 13.89
N LYS A 21 8.47 -2.20 14.96
CA LYS A 21 9.11 -2.93 16.11
C LYS A 21 9.58 -4.31 15.64
N GLN A 22 8.90 -4.88 14.67
CA GLN A 22 9.34 -6.20 14.13
C GLN A 22 10.26 -5.96 12.91
N ASN A 23 10.28 -4.75 12.40
CA ASN A 23 11.15 -4.42 11.25
C ASN A 23 12.63 -4.52 11.68
N ARG A 24 12.96 -4.13 12.89
CA ARG A 24 14.37 -4.24 13.37
C ARG A 24 14.44 -5.23 14.57
N VAL A 25 13.44 -6.06 14.73
CA VAL A 25 13.44 -7.05 15.85
C VAL A 25 14.63 -8.01 15.70
N THR A 26 15.52 -8.02 16.65
CA THR A 26 16.72 -8.93 16.58
C THR A 26 16.27 -10.38 16.36
N VAL A 27 16.43 -10.88 15.17
CA VAL A 27 16.02 -12.29 14.85
C VAL A 27 17.27 -13.18 14.72
N HIS A 28 17.27 -14.32 15.34
CA HIS A 28 18.44 -15.24 15.24
C HIS A 28 18.26 -16.23 14.08
N PRO A 29 19.32 -16.50 13.34
CA PRO A 29 19.22 -17.45 12.21
C PRO A 29 18.98 -18.88 12.72
N GLU A 30 19.35 -19.16 13.95
CA GLU A 30 19.15 -20.53 14.51
C GLU A 30 17.67 -20.87 14.47
N LYS A 31 16.86 -19.93 14.84
CA LYS A 31 15.38 -20.14 14.80
C LYS A 31 14.74 -18.79 14.55
N SER A 32 14.93 -18.26 13.36
CA SER A 32 14.35 -16.92 13.02
C SER A 32 12.84 -16.87 13.30
N VAL A 33 12.45 -16.03 14.21
CA VAL A 33 10.99 -15.89 14.55
C VAL A 33 10.23 -15.41 13.31
N PRO A 34 8.97 -15.79 13.19
CA PRO A 34 8.18 -15.33 12.03
C PRO A 34 8.06 -13.80 12.03
N ARG A 35 8.15 -13.20 10.88
CA ARG A 35 8.09 -11.70 10.83
C ARG A 35 6.76 -11.20 10.27
N THR A 36 5.95 -12.02 9.68
CA THR A 36 4.61 -11.56 9.21
C THR A 36 3.55 -12.06 10.19
N ALA A 37 3.96 -12.57 11.32
CA ALA A 37 3.00 -13.15 12.29
C ALA A 37 1.98 -12.14 12.86
N GLY A 38 2.31 -11.44 13.92
CA GLY A 38 1.33 -10.51 14.55
C GLY A 38 1.40 -9.09 14.00
N TYR A 39 2.25 -8.78 13.04
CA TYR A 39 2.26 -7.38 12.50
C TYR A 39 1.65 -7.39 11.08
N SER A 40 1.73 -8.51 10.39
CA SER A 40 1.09 -8.62 9.06
C SER A 40 -0.40 -8.69 9.32
N ASP A 41 -0.78 -9.42 10.34
CA ASP A 41 -2.23 -9.51 10.71
C ASP A 41 -2.67 -8.11 11.15
N ALA A 42 -1.78 -7.39 11.80
CA ALA A 42 -2.10 -5.99 12.22
C ALA A 42 -2.42 -5.14 10.99
N VAL A 43 -1.70 -5.34 9.93
CA VAL A 43 -1.93 -4.54 8.68
C VAL A 43 -3.31 -4.87 8.06
N SER A 44 -3.65 -6.14 7.96
CA SER A 44 -4.96 -6.52 7.35
C SER A 44 -6.14 -5.91 8.11
N VAL A 45 -6.09 -5.92 9.42
CA VAL A 45 -7.24 -5.35 10.20
C VAL A 45 -7.38 -3.84 9.86
N LEU A 46 -6.28 -3.13 9.88
CA LEU A 46 -6.33 -1.65 9.59
C LEU A 46 -7.10 -1.35 8.30
N ALA A 47 -7.05 -2.22 7.33
CA ALA A 47 -7.80 -1.97 6.06
C ALA A 47 -9.29 -2.13 6.31
N GLN A 48 -9.66 -3.08 7.16
CA GLN A 48 -11.12 -3.25 7.47
C GLN A 48 -11.65 -1.96 8.10
N ASP A 49 -10.80 -1.22 8.78
CA ASP A 49 -11.23 0.06 9.38
C ASP A 49 -11.60 1.02 8.24
N ARG A 50 -10.65 1.72 7.64
CA ARG A 50 -11.00 2.64 6.52
C ARG A 50 -9.73 3.25 5.87
N PRO A 51 -8.84 3.82 6.67
CA PRO A 51 -7.64 4.43 6.08
C PRO A 51 -6.54 3.38 5.90
N SER A 52 -6.24 3.02 4.67
CA SER A 52 -5.19 1.99 4.44
C SER A 52 -3.81 2.64 4.26
N LEU A 53 -3.01 2.64 5.30
CA LEU A 53 -1.65 3.24 5.19
C LEU A 53 -0.70 2.65 6.23
N ALA A 54 -0.02 1.59 5.89
CA ALA A 54 0.89 0.92 6.86
C ALA A 54 2.20 0.50 6.18
N ILE A 55 3.19 0.16 6.96
CA ILE A 55 4.51 -0.26 6.38
C ILE A 55 4.90 -1.68 6.85
N VAL A 56 5.16 -2.59 5.93
CA VAL A 56 5.54 -3.98 6.33
C VAL A 56 6.84 -4.41 5.64
N SER A 57 7.59 -5.31 6.24
CA SER A 57 8.89 -5.75 5.61
C SER A 57 9.02 -7.28 5.60
N GLY A 58 9.54 -7.83 4.51
CA GLY A 58 9.69 -9.31 4.39
C GLY A 58 11.00 -9.64 3.66
N GLN A 59 11.67 -10.69 4.05
CA GLN A 59 12.95 -11.06 3.35
C GLN A 59 13.08 -12.58 3.26
N GLY A 60 12.10 -13.22 2.68
CA GLY A 60 12.15 -14.71 2.54
C GLY A 60 10.71 -15.25 2.52
N GLY A 61 10.46 -16.23 1.69
CA GLY A 61 9.08 -16.80 1.61
C GLY A 61 8.13 -15.74 1.07
N ALA A 62 8.63 -14.86 0.23
CA ALA A 62 7.77 -13.77 -0.32
C ALA A 62 6.79 -14.28 -1.38
N ALA A 63 6.96 -15.47 -1.87
CA ALA A 63 6.02 -15.98 -2.90
C ALA A 63 4.60 -16.15 -2.33
N GLY A 64 4.49 -16.70 -1.15
CA GLY A 64 3.15 -16.90 -0.53
C GLY A 64 2.62 -15.57 0.00
N GLN A 65 3.49 -14.69 0.42
CA GLN A 65 3.05 -13.37 0.97
C GLN A 65 2.42 -12.51 -0.12
N ARG A 66 2.98 -12.50 -1.30
CA ARG A 66 2.41 -11.67 -2.40
C ARG A 66 1.00 -12.15 -2.74
N GLU A 67 0.80 -13.44 -2.82
CA GLU A 67 -0.56 -13.96 -3.15
C GLU A 67 -1.51 -13.76 -1.96
N ARG A 68 -0.99 -13.77 -0.75
CA ARG A 68 -1.85 -13.59 0.46
C ARG A 68 -2.54 -12.24 0.43
N VAL A 69 -1.82 -11.18 0.13
CA VAL A 69 -2.48 -9.85 0.07
C VAL A 69 -3.53 -9.88 -1.04
N ALA A 70 -3.28 -10.65 -2.07
CA ALA A 70 -4.29 -10.77 -3.17
C ALA A 70 -5.61 -11.28 -2.57
N GLU A 71 -5.54 -12.13 -1.57
CA GLU A 71 -6.79 -12.63 -0.93
C GLU A 71 -7.54 -11.45 -0.32
N LEU A 72 -6.82 -10.43 0.11
CA LEU A 72 -7.49 -9.21 0.68
C LEU A 72 -8.37 -8.59 -0.42
N VAL A 73 -7.89 -8.62 -1.63
CA VAL A 73 -8.65 -8.04 -2.80
C VAL A 73 -9.99 -8.78 -2.94
N MET A 74 -10.04 -10.03 -2.56
CA MET A 74 -11.32 -10.79 -2.62
C MET A 74 -12.30 -10.19 -1.61
N MET A 75 -11.81 -9.82 -0.46
CA MET A 75 -12.68 -9.22 0.58
C MET A 75 -13.29 -7.89 0.04
N ALA A 76 -12.63 -7.28 -0.92
CA ALA A 76 -13.18 -6.05 -1.54
C ALA A 76 -14.21 -6.41 -2.61
N ARG A 77 -14.14 -7.63 -3.11
CA ARG A 77 -15.10 -8.09 -4.15
C ARG A 77 -16.51 -8.21 -3.55
N GLU A 78 -16.64 -8.72 -2.35
CA GLU A 78 -17.99 -8.84 -1.72
C GLU A 78 -18.52 -7.47 -1.31
N GLN A 79 -17.65 -6.58 -0.90
CA GLN A 79 -18.08 -5.20 -0.48
C GLN A 79 -18.37 -4.31 -1.70
N GLY A 80 -18.35 -4.85 -2.90
CA GLY A 80 -18.64 -4.03 -4.12
C GLY A 80 -17.52 -3.00 -4.32
N ARG A 81 -16.35 -3.27 -3.80
CA ARG A 81 -15.23 -2.29 -3.95
C ARG A 81 -14.01 -2.96 -4.59
N GLU A 82 -13.48 -2.36 -5.61
CA GLU A 82 -12.29 -2.94 -6.28
C GLU A 82 -11.04 -2.33 -5.66
N VAL A 83 -9.91 -2.96 -5.84
CA VAL A 83 -8.66 -2.40 -5.24
C VAL A 83 -7.45 -2.67 -6.15
N GLN A 84 -6.42 -1.87 -6.01
CA GLN A 84 -5.20 -2.05 -6.84
C GLN A 84 -4.10 -2.72 -6.02
N ILE A 85 -3.56 -3.82 -6.46
CA ILE A 85 -2.47 -4.47 -5.65
C ILE A 85 -1.27 -4.75 -6.56
N ILE A 86 -0.10 -4.39 -6.11
CA ILE A 86 1.12 -4.62 -6.94
C ILE A 86 2.15 -5.41 -6.14
N ALA A 87 2.56 -6.55 -6.62
CA ALA A 87 3.62 -7.30 -5.89
C ALA A 87 4.96 -6.67 -6.24
N ALA A 88 5.98 -6.93 -5.47
CA ALA A 88 7.34 -6.35 -5.78
C ALA A 88 7.79 -6.77 -7.18
N ASP A 89 9.07 -6.72 -7.47
CA ASP A 89 9.57 -7.14 -8.82
C ASP A 89 9.01 -8.53 -9.20
N ARG A 90 8.50 -9.28 -8.25
CA ARG A 90 7.92 -10.62 -8.55
C ARG A 90 6.59 -10.47 -9.30
N ARG A 91 6.01 -9.30 -9.31
CA ARG A 91 4.70 -9.09 -9.99
C ARG A 91 4.80 -9.47 -11.47
N SER A 92 5.95 -9.31 -12.07
CA SER A 92 6.10 -9.67 -13.53
C SER A 92 5.69 -11.13 -13.73
N GLN A 93 6.11 -12.01 -12.87
CA GLN A 93 5.72 -13.44 -12.98
C GLN A 93 4.20 -13.56 -12.75
N MET A 94 3.68 -12.78 -11.84
CA MET A 94 2.21 -12.83 -11.57
C MET A 94 1.42 -12.48 -12.83
N ASN A 95 1.90 -11.57 -13.64
CA ASN A 95 1.17 -11.17 -14.89
C ASN A 95 0.98 -12.39 -15.79
N MET A 96 1.97 -13.24 -15.84
CA MET A 96 1.84 -14.47 -16.69
C MET A 96 0.65 -15.30 -16.16
N LYS A 97 0.48 -15.35 -14.87
CA LYS A 97 -0.67 -16.11 -14.27
C LYS A 97 -1.57 -15.15 -13.48
N GLN A 98 -2.17 -15.61 -12.39
CA GLN A 98 -3.05 -14.73 -11.57
C GLN A 98 -4.05 -13.96 -12.44
N ASP A 99 -5.08 -14.61 -12.86
CA ASP A 99 -6.14 -13.95 -13.68
C ASP A 99 -7.48 -13.98 -12.92
N GLU A 100 -7.45 -14.35 -11.65
CA GLU A 100 -8.70 -14.42 -10.85
C GLU A 100 -9.14 -13.02 -10.39
N ARG A 101 -8.34 -12.01 -10.66
CA ARG A 101 -8.75 -10.61 -10.26
C ARG A 101 -7.78 -9.52 -10.75
N LEU A 102 -6.91 -9.79 -11.73
CA LEU A 102 -5.98 -8.70 -12.18
C LEU A 102 -6.05 -8.46 -13.71
N SER A 103 -6.94 -9.12 -14.41
CA SER A 103 -7.03 -8.90 -15.91
C SER A 103 -7.68 -7.56 -16.28
N GLY A 104 -7.46 -6.51 -15.51
CA GLY A 104 -8.09 -5.20 -15.85
C GLY A 104 -9.18 -4.87 -14.84
N GLU A 105 -9.29 -5.62 -13.76
CA GLU A 105 -10.35 -5.32 -12.75
C GLU A 105 -9.84 -4.31 -11.71
N LEU A 106 -8.71 -3.68 -11.97
CA LEU A 106 -8.14 -2.68 -10.98
C LEU A 106 -9.22 -1.62 -10.65
N ILE A 107 -9.37 -0.60 -11.46
CA ILE A 107 -10.47 0.40 -11.26
C ILE A 107 -10.46 1.39 -12.42
N THR A 108 -9.47 2.23 -12.49
CA THR A 108 -9.39 3.21 -13.63
C THR A 108 -8.35 2.78 -14.67
N GLY A 109 -7.84 1.57 -14.58
CA GLY A 109 -6.85 1.10 -15.57
C GLY A 109 -7.62 0.68 -16.80
N ARG A 110 -8.23 1.63 -17.46
CA ARG A 110 -9.05 1.30 -18.66
C ARG A 110 -8.86 2.40 -19.69
N ARG A 111 -9.39 3.57 -19.43
CA ARG A 111 -9.23 4.69 -20.38
C ARG A 111 -8.42 5.84 -19.76
N GLN A 112 -8.32 5.89 -18.46
CA GLN A 112 -7.51 6.96 -17.83
C GLN A 112 -6.04 6.79 -18.26
N LEU A 113 -5.60 5.57 -18.32
CA LEU A 113 -4.18 5.30 -18.70
C LEU A 113 -4.05 5.07 -20.21
N LEU A 114 -5.14 4.78 -20.88
CA LEU A 114 -5.06 4.48 -22.34
C LEU A 114 -5.58 5.66 -23.19
N GLU A 115 -6.71 6.21 -22.85
CA GLU A 115 -7.28 7.31 -23.70
C GLU A 115 -7.24 8.68 -23.02
N GLY A 116 -6.83 8.78 -21.77
CA GLY A 116 -6.83 10.13 -21.11
C GLY A 116 -8.27 10.44 -20.70
N MET A 117 -8.90 9.49 -20.07
CA MET A 117 -10.30 9.68 -19.60
C MET A 117 -10.33 9.74 -18.06
N ALA A 118 -11.49 9.89 -17.47
CA ALA A 118 -11.56 9.96 -15.98
C ALA A 118 -12.31 8.75 -15.39
N PHE A 119 -11.96 8.33 -14.20
CA PHE A 119 -12.66 7.15 -13.56
C PHE A 119 -13.08 7.47 -12.11
N THR A 120 -14.17 6.85 -11.69
CA THR A 120 -14.70 7.07 -10.32
C THR A 120 -13.63 6.75 -9.28
N PRO A 121 -13.08 7.78 -8.65
CA PRO A 121 -12.04 7.53 -7.66
C PRO A 121 -12.65 6.98 -6.39
N GLY A 122 -12.33 5.76 -6.07
CA GLY A 122 -12.87 5.13 -4.84
C GLY A 122 -12.21 3.76 -4.64
N SER A 123 -10.98 3.61 -5.07
CA SER A 123 -10.28 2.29 -4.93
C SER A 123 -9.45 2.21 -3.65
N THR A 124 -8.93 1.05 -3.39
CA THR A 124 -8.02 0.87 -2.22
C THR A 124 -6.69 0.40 -2.81
N VAL A 125 -5.76 1.31 -2.94
CA VAL A 125 -4.47 0.95 -3.61
C VAL A 125 -3.41 0.52 -2.61
N ILE A 126 -2.73 -0.55 -2.91
CA ILE A 126 -1.64 -1.05 -2.05
C ILE A 126 -0.43 -1.29 -2.95
N VAL A 127 0.75 -1.14 -2.46
CA VAL A 127 1.94 -1.39 -3.34
C VAL A 127 3.07 -2.09 -2.55
N ASP A 128 3.15 -3.39 -2.70
CA ASP A 128 4.21 -4.18 -2.00
C ASP A 128 5.46 -4.11 -2.86
N GLN A 129 6.47 -3.39 -2.40
CA GLN A 129 7.67 -3.20 -3.26
C GLN A 129 9.04 -3.40 -2.58
N GLY A 130 9.77 -4.41 -3.01
CA GLY A 130 11.15 -4.61 -2.49
C GLY A 130 12.05 -3.55 -3.13
N GLU A 131 11.73 -3.18 -4.34
CA GLU A 131 12.48 -2.14 -5.06
C GLU A 131 11.74 -0.82 -4.90
N LYS A 132 12.31 0.22 -5.40
CA LYS A 132 11.67 1.55 -5.27
C LYS A 132 11.25 2.09 -6.65
N LEU A 133 11.61 1.42 -7.73
CA LEU A 133 11.23 1.92 -9.08
C LEU A 133 9.70 1.82 -9.30
N SER A 134 9.09 0.78 -8.83
CA SER A 134 7.62 0.62 -9.00
C SER A 134 6.84 1.19 -7.81
N LEU A 135 7.50 1.44 -6.71
CA LEU A 135 6.77 2.03 -5.56
C LEU A 135 6.41 3.47 -5.90
N LYS A 136 7.36 4.22 -6.38
CA LYS A 136 7.11 5.64 -6.77
C LYS A 136 6.15 5.75 -7.95
N GLU A 137 6.30 4.91 -8.96
CA GLU A 137 5.38 5.00 -10.15
C GLU A 137 3.92 4.85 -9.73
N THR A 138 3.62 3.86 -8.92
CA THR A 138 2.20 3.66 -8.46
C THR A 138 1.74 4.88 -7.68
N LEU A 139 2.57 5.35 -6.77
CA LEU A 139 2.18 6.53 -5.93
C LEU A 139 1.79 7.70 -6.84
N THR A 140 2.36 7.76 -8.02
CA THR A 140 1.99 8.84 -8.99
C THR A 140 0.50 8.64 -9.37
N LEU A 141 0.02 7.41 -9.32
CA LEU A 141 -1.42 7.11 -9.65
C LEU A 141 -2.30 7.43 -8.41
N LEU A 142 -1.78 7.21 -7.23
CA LEU A 142 -2.57 7.49 -5.97
C LEU A 142 -2.99 8.95 -5.93
N ASP A 143 -2.19 9.81 -6.48
CA ASP A 143 -2.47 11.28 -6.47
C ASP A 143 -3.95 11.57 -6.83
N GLY A 144 -4.37 11.26 -8.04
CA GLY A 144 -5.79 11.55 -8.43
C GLY A 144 -6.78 10.71 -7.59
N ALA A 145 -6.58 9.43 -7.51
CA ALA A 145 -7.55 8.55 -6.76
C ALA A 145 -7.61 8.87 -5.26
N ALA A 146 -6.51 9.16 -4.62
CA ALA A 146 -6.53 9.45 -3.15
C ALA A 146 -7.44 10.62 -2.80
N ARG A 147 -7.66 11.53 -3.72
CA ARG A 147 -8.58 12.68 -3.43
C ARG A 147 -9.94 12.15 -2.97
N HIS A 148 -10.33 10.98 -3.44
CA HIS A 148 -11.64 10.42 -3.03
C HIS A 148 -11.42 9.23 -2.03
N ASN A 149 -12.02 8.08 -2.28
CA ASN A 149 -11.85 6.92 -1.35
C ASN A 149 -10.60 6.08 -1.66
N VAL A 150 -9.43 6.63 -1.46
CA VAL A 150 -8.19 5.85 -1.72
C VAL A 150 -7.21 6.01 -0.57
N GLN A 151 -6.23 5.13 -0.51
CA GLN A 151 -5.25 5.16 0.59
C GLN A 151 -4.03 4.32 0.19
N VAL A 152 -2.92 4.44 0.88
CA VAL A 152 -1.73 3.63 0.49
C VAL A 152 -1.40 2.53 1.54
N LEU A 153 -1.70 1.31 1.21
CA LEU A 153 -1.35 0.15 2.08
C LEU A 153 -0.14 -0.50 1.42
N ILE A 154 1.01 -0.50 2.05
CA ILE A 154 2.18 -1.12 1.34
C ILE A 154 3.03 -2.00 2.23
N THR A 155 3.86 -2.77 1.59
CA THR A 155 4.82 -3.63 2.31
C THR A 155 6.19 -3.34 1.72
N ASP A 156 7.18 -4.14 2.02
CA ASP A 156 8.53 -3.87 1.46
C ASP A 156 9.37 -5.14 1.49
N SER A 157 10.49 -5.11 0.83
CA SER A 157 11.40 -6.30 0.86
C SER A 157 12.87 -5.83 0.93
N GLY A 158 13.09 -4.59 1.31
CA GLY A 158 14.46 -4.03 1.42
C GLY A 158 14.44 -2.86 2.43
N GLN A 159 13.59 -2.96 3.43
CA GLN A 159 13.46 -1.87 4.45
C GLN A 159 14.29 -2.18 5.70
N ARG A 160 14.99 -3.30 5.77
CA ARG A 160 15.80 -3.61 7.00
C ARG A 160 16.70 -2.42 7.37
N THR A 161 17.34 -1.84 6.40
CA THR A 161 18.21 -0.65 6.68
C THR A 161 17.64 0.51 5.86
N GLY A 162 17.97 1.74 6.21
CA GLY A 162 17.42 2.90 5.45
C GLY A 162 15.89 2.85 5.50
N THR A 163 15.33 2.30 6.55
CA THR A 163 13.84 2.20 6.66
C THR A 163 13.20 3.59 6.63
N GLY A 164 13.74 4.53 7.37
CA GLY A 164 13.18 5.92 7.36
C GLY A 164 13.31 6.48 5.96
N SER A 165 14.38 6.15 5.29
CA SER A 165 14.58 6.67 3.90
C SER A 165 13.51 6.12 2.97
N ALA A 166 13.07 4.90 3.16
CA ALA A 166 12.02 4.31 2.26
C ALA A 166 10.75 5.16 2.30
N LEU A 167 10.40 5.66 3.46
CA LEU A 167 9.19 6.52 3.57
C LEU A 167 9.39 7.78 2.72
N MET A 168 10.59 8.31 2.73
CA MET A 168 10.90 9.49 1.89
C MET A 168 10.78 9.11 0.41
N ALA A 169 11.04 7.87 0.10
CA ALA A 169 10.96 7.41 -1.33
C ALA A 169 9.59 7.80 -1.90
N MET A 170 8.53 7.43 -1.24
CA MET A 170 7.15 7.80 -1.74
C MET A 170 7.04 9.32 -1.85
N LYS A 171 7.52 10.04 -0.87
CA LYS A 171 7.44 11.54 -0.92
C LYS A 171 8.13 12.12 -2.16
N ASP A 172 9.15 11.48 -2.65
CA ASP A 172 9.87 11.99 -3.86
C ASP A 172 8.97 11.87 -5.10
N ALA A 173 8.14 10.86 -5.11
CA ALA A 173 7.22 10.66 -6.28
C ALA A 173 6.11 11.73 -6.32
N GLY A 174 6.05 12.61 -5.35
CA GLY A 174 5.01 13.69 -5.38
C GLY A 174 3.93 13.41 -4.35
N VAL A 175 4.25 12.70 -3.31
CA VAL A 175 3.22 12.42 -2.26
C VAL A 175 3.48 13.31 -1.04
N ASN A 176 2.60 14.26 -0.80
CA ASN A 176 2.77 15.15 0.39
C ASN A 176 1.53 16.01 0.59
N THR A 177 1.05 16.08 1.80
CA THR A 177 -0.12 16.93 2.09
C THR A 177 0.32 18.02 3.07
N TYR A 178 0.16 19.27 2.72
CA TYR A 178 0.60 20.36 3.64
C TYR A 178 -0.36 20.45 4.83
N ARG A 179 -1.48 21.09 4.65
CA ARG A 179 -2.47 21.18 5.75
C ARG A 179 -3.87 20.89 5.20
N TRP A 180 -4.49 21.85 4.56
CA TRP A 180 -5.85 21.64 3.98
C TRP A 180 -5.74 21.31 2.49
N GLN A 181 -4.66 21.70 1.86
CA GLN A 181 -4.47 21.42 0.41
C GLN A 181 -3.00 21.22 0.10
N GLY A 182 -2.66 20.14 -0.56
CA GLY A 182 -1.25 19.88 -0.89
C GLY A 182 -1.03 20.00 -2.40
N GLY A 183 -1.73 20.90 -3.03
CA GLY A 183 -1.58 21.07 -4.51
C GLY A 183 -2.36 19.97 -5.24
N GLU A 184 -3.25 19.29 -4.56
CA GLU A 184 -4.02 18.19 -5.22
C GLU A 184 -4.96 18.78 -6.30
N GLN A 185 -5.33 20.04 -6.17
CA GLN A 185 -6.23 20.68 -7.19
C GLN A 185 -5.43 21.29 -8.35
N ARG A 186 -4.12 21.28 -8.27
CA ARG A 186 -3.28 21.87 -9.37
C ARG A 186 -1.81 21.47 -9.20
N PRO A 187 -1.55 20.18 -9.12
CA PRO A 187 -0.17 19.71 -8.95
C PRO A 187 0.52 19.54 -10.32
N ALA A 188 -0.22 19.70 -11.39
CA ALA A 188 0.37 19.56 -12.74
C ALA A 188 0.83 20.91 -13.30
N THR A 189 0.41 21.99 -12.67
CA THR A 189 0.82 23.34 -13.17
C THR A 189 1.28 24.20 -11.98
N THR A 1 -8.66 22.65 21.96
CA THR A 1 -8.85 21.21 22.30
C THR A 1 -9.02 20.37 21.03
N SER A 2 -8.34 20.75 19.98
CA SER A 2 -8.44 19.99 18.70
C SER A 2 -7.04 19.76 18.11
N GLY A 3 -6.90 18.77 17.27
CA GLY A 3 -5.56 18.48 16.67
C GLY A 3 -4.88 17.35 17.45
N ILE A 4 -5.28 17.14 18.68
CA ILE A 4 -4.65 16.06 19.49
C ILE A 4 -5.61 14.87 19.64
N HIS A 5 -6.89 15.09 19.47
CA HIS A 5 -7.87 13.97 19.59
C HIS A 5 -8.53 13.69 18.25
N VAL A 6 -7.75 13.51 17.23
CA VAL A 6 -8.30 13.23 15.87
C VAL A 6 -8.03 11.76 15.49
N LEU A 7 -9.03 11.08 14.98
CA LEU A 7 -8.84 9.65 14.61
C LEU A 7 -8.58 9.49 13.09
N ASP A 8 -8.45 10.58 12.36
CA ASP A 8 -8.21 10.48 10.90
C ASP A 8 -6.90 9.74 10.61
N GLU A 9 -5.84 10.07 11.32
CA GLU A 9 -4.54 9.37 11.07
C GLU A 9 -3.90 8.86 12.37
N LEU A 10 -4.50 9.14 13.51
CA LEU A 10 -3.91 8.66 14.80
C LEU A 10 -3.87 7.13 14.84
N SER A 11 -4.91 6.50 14.37
CA SER A 11 -4.95 5.00 14.38
C SER A 11 -3.79 4.44 13.55
N VAL A 12 -3.55 5.01 12.41
CA VAL A 12 -2.43 4.53 11.54
C VAL A 12 -1.08 4.77 12.23
N ARG A 13 -0.93 5.85 12.96
CA ARG A 13 0.38 6.14 13.64
C ARG A 13 0.71 5.05 14.66
N ALA A 14 -0.25 4.67 15.46
CA ALA A 14 0.00 3.59 16.47
C ALA A 14 0.26 2.28 15.75
N LEU A 15 -0.41 2.09 14.64
CA LEU A 15 -0.23 0.84 13.85
C LEU A 15 1.21 0.73 13.35
N SER A 16 1.80 1.82 12.95
CA SER A 16 3.21 1.79 12.46
C SER A 16 4.14 1.30 13.56
N ARG A 17 3.88 1.66 14.79
CA ARG A 17 4.79 1.22 15.90
C ARG A 17 4.77 -0.31 16.07
N ASP A 18 3.61 -0.92 16.03
CA ASP A 18 3.53 -2.42 16.22
C ASP A 18 4.18 -3.18 15.05
N ILE A 19 3.88 -2.79 13.84
CA ILE A 19 4.47 -3.48 12.65
C ILE A 19 6.00 -3.28 12.62
N MET A 20 6.43 -2.09 12.90
CA MET A 20 7.90 -1.79 12.92
C MET A 20 8.58 -2.64 13.99
N LYS A 21 7.89 -2.93 15.07
CA LYS A 21 8.48 -3.77 16.15
C LYS A 21 8.88 -5.13 15.57
N GLN A 22 8.13 -5.61 14.61
CA GLN A 22 8.48 -6.89 13.94
C GLN A 22 9.37 -6.62 12.72
N ASN A 23 9.43 -5.38 12.28
CA ASN A 23 10.28 -5.03 11.11
C ASN A 23 11.76 -5.22 11.47
N ARG A 24 12.16 -4.88 12.68
CA ARG A 24 13.59 -5.09 13.07
C ARG A 24 13.68 -6.09 14.24
N VAL A 25 12.65 -6.88 14.46
CA VAL A 25 12.69 -7.89 15.56
C VAL A 25 13.97 -8.73 15.45
N THR A 26 14.83 -8.65 16.43
CA THR A 26 16.12 -9.40 16.38
C THR A 26 15.89 -10.89 16.08
N VAL A 27 16.06 -11.27 14.84
CA VAL A 27 15.85 -12.69 14.43
C VAL A 27 17.19 -13.35 14.10
N HIS A 28 17.42 -14.53 14.60
CA HIS A 28 18.71 -15.22 14.34
C HIS A 28 18.63 -16.13 13.09
N PRO A 29 19.68 -16.14 12.29
CA PRO A 29 19.68 -17.00 11.07
C PRO A 29 19.68 -18.48 11.46
N GLU A 30 20.22 -18.79 12.61
CA GLU A 30 20.25 -20.22 13.07
C GLU A 30 18.84 -20.73 13.23
N LYS A 31 17.95 -19.87 13.62
CA LYS A 31 16.53 -20.26 13.85
C LYS A 31 15.64 -19.04 13.59
N SER A 32 15.65 -18.54 12.38
CA SER A 32 14.81 -17.34 12.05
C SER A 32 13.34 -17.61 12.36
N VAL A 33 12.76 -16.86 13.25
CA VAL A 33 11.31 -17.05 13.60
C VAL A 33 10.41 -16.58 12.45
N PRO A 34 9.76 -17.51 11.78
CA PRO A 34 8.88 -17.12 10.66
C PRO A 34 7.60 -16.46 11.19
N ARG A 35 7.16 -15.42 10.54
CA ARG A 35 5.91 -14.71 10.99
C ARG A 35 5.44 -13.71 9.92
N THR A 36 5.15 -14.19 8.74
CA THR A 36 4.66 -13.27 7.67
C THR A 36 3.31 -12.70 8.11
N ALA A 37 2.54 -13.50 8.79
CA ALA A 37 1.19 -13.06 9.24
C ALA A 37 1.30 -11.95 10.28
N GLY A 38 2.50 -11.64 10.75
CA GLY A 38 2.64 -10.58 11.79
C GLY A 38 2.18 -9.24 11.19
N TYR A 39 2.56 -8.92 9.97
CA TYR A 39 2.11 -7.62 9.38
C TYR A 39 0.80 -7.87 8.59
N SER A 40 0.36 -9.10 8.52
CA SER A 40 -0.91 -9.40 7.80
C SER A 40 -2.08 -9.02 8.70
N ASP A 41 -1.95 -9.28 9.98
CA ASP A 41 -3.03 -8.94 10.93
C ASP A 41 -3.03 -7.45 11.24
N ALA A 42 -1.86 -6.90 11.47
CA ALA A 42 -1.78 -5.42 11.79
C ALA A 42 -2.31 -4.59 10.63
N VAL A 43 -1.83 -4.86 9.44
CA VAL A 43 -2.27 -4.09 8.24
C VAL A 43 -3.72 -4.43 7.84
N SER A 44 -4.10 -5.68 7.90
CA SER A 44 -5.50 -6.05 7.49
C SER A 44 -6.54 -5.32 8.33
N VAL A 45 -6.33 -5.22 9.61
CA VAL A 45 -7.32 -4.52 10.50
C VAL A 45 -7.41 -3.03 10.12
N LEU A 46 -6.29 -2.40 9.92
CA LEU A 46 -6.28 -0.93 9.60
C LEU A 46 -7.12 -0.62 8.36
N ALA A 47 -7.13 -1.49 7.37
CA ALA A 47 -7.97 -1.21 6.16
C ALA A 47 -9.43 -1.26 6.56
N GLN A 48 -9.77 -2.15 7.47
CA GLN A 48 -11.18 -2.24 7.92
C GLN A 48 -11.55 -0.94 8.65
N ASP A 49 -10.60 -0.29 9.29
CA ASP A 49 -10.91 1.01 9.96
C ASP A 49 -11.32 2.01 8.87
N ARG A 50 -10.41 2.75 8.28
CA ARG A 50 -10.79 3.69 7.19
C ARG A 50 -9.51 4.35 6.60
N PRO A 51 -8.75 5.06 7.41
CA PRO A 51 -7.51 5.69 6.89
C PRO A 51 -6.49 4.59 6.63
N SER A 52 -6.14 4.36 5.39
CA SER A 52 -5.18 3.27 5.09
C SER A 52 -3.83 3.81 4.65
N LEU A 53 -2.81 3.52 5.42
CA LEU A 53 -1.44 4.00 5.09
C LEU A 53 -0.45 3.37 6.07
N ALA A 54 0.19 2.29 5.69
CA ALA A 54 1.13 1.61 6.63
C ALA A 54 2.42 1.15 5.95
N ILE A 55 3.37 0.68 6.73
CA ILE A 55 4.65 0.16 6.15
C ILE A 55 4.89 -1.27 6.63
N VAL A 56 5.31 -2.14 5.73
CA VAL A 56 5.56 -3.56 6.12
C VAL A 56 6.80 -4.07 5.39
N SER A 57 7.49 -5.04 5.95
CA SER A 57 8.73 -5.57 5.30
C SER A 57 8.80 -7.10 5.44
N GLY A 58 9.41 -7.77 4.49
CA GLY A 58 9.50 -9.26 4.56
C GLY A 58 10.85 -9.66 5.13
N GLN A 59 10.95 -10.86 5.64
CA GLN A 59 12.24 -11.32 6.23
C GLN A 59 12.42 -12.84 6.05
N GLY A 60 11.76 -13.40 5.08
CA GLY A 60 11.87 -14.87 4.84
C GLY A 60 11.36 -15.18 3.43
N GLY A 61 10.32 -15.96 3.32
CA GLY A 61 9.77 -16.27 1.96
C GLY A 61 8.99 -15.06 1.45
N ALA A 62 9.23 -14.64 0.24
CA ALA A 62 8.49 -13.46 -0.31
C ALA A 62 7.40 -13.89 -1.29
N ALA A 63 7.43 -15.13 -1.76
CA ALA A 63 6.37 -15.57 -2.72
C ALA A 63 5.03 -15.73 -2.01
N GLY A 64 5.02 -16.33 -0.84
CA GLY A 64 3.73 -16.49 -0.09
C GLY A 64 3.27 -15.13 0.40
N GLN A 65 4.20 -14.23 0.64
CA GLN A 65 3.82 -12.87 1.13
C GLN A 65 3.00 -12.14 0.07
N ARG A 66 3.36 -12.27 -1.19
CA ARG A 66 2.60 -11.59 -2.27
C ARG A 66 1.18 -12.15 -2.35
N GLU A 67 1.01 -13.44 -2.22
CA GLU A 67 -0.38 -14.02 -2.26
C GLU A 67 -1.16 -13.63 -1.00
N ARG A 68 -0.49 -13.43 0.10
CA ARG A 68 -1.19 -13.05 1.36
C ARG A 68 -1.91 -11.71 1.19
N VAL A 69 -1.19 -10.69 0.77
CA VAL A 69 -1.84 -9.35 0.57
C VAL A 69 -2.99 -9.52 -0.43
N ALA A 70 -2.85 -10.45 -1.34
CA ALA A 70 -3.94 -10.72 -2.33
C ALA A 70 -5.18 -11.22 -1.58
N GLU A 71 -5.01 -11.84 -0.43
CA GLU A 71 -6.20 -12.32 0.33
C GLU A 71 -7.04 -11.11 0.74
N LEU A 72 -6.39 -10.02 1.04
CA LEU A 72 -7.15 -8.77 1.42
C LEU A 72 -7.97 -8.32 0.22
N VAL A 73 -7.48 -8.56 -0.98
CA VAL A 73 -8.23 -8.15 -2.21
C VAL A 73 -9.60 -8.82 -2.19
N MET A 74 -9.66 -10.05 -1.75
CA MET A 74 -10.96 -10.77 -1.69
C MET A 74 -11.89 -10.05 -0.70
N MET A 75 -11.34 -9.51 0.37
CA MET A 75 -12.18 -8.77 1.36
C MET A 75 -12.96 -7.65 0.65
N ALA A 76 -12.43 -7.19 -0.45
CA ALA A 76 -13.13 -6.14 -1.25
C ALA A 76 -14.17 -6.78 -2.18
N ARG A 77 -14.01 -8.04 -2.51
CA ARG A 77 -15.00 -8.71 -3.41
C ARG A 77 -16.38 -8.70 -2.74
N GLU A 78 -16.43 -9.05 -1.48
CA GLU A 78 -17.72 -9.04 -0.74
C GLU A 78 -18.17 -7.60 -0.56
N GLN A 79 -17.24 -6.70 -0.42
CA GLN A 79 -17.60 -5.25 -0.26
C GLN A 79 -18.05 -4.64 -1.59
N GLY A 80 -18.05 -5.40 -2.66
CA GLY A 80 -18.49 -4.83 -3.96
C GLY A 80 -17.53 -3.72 -4.40
N ARG A 81 -16.27 -3.85 -4.05
CA ARG A 81 -15.29 -2.80 -4.43
C ARG A 81 -14.04 -3.42 -5.07
N GLU A 82 -13.73 -3.03 -6.27
CA GLU A 82 -12.50 -3.58 -6.94
C GLU A 82 -11.27 -2.96 -6.26
N VAL A 83 -10.11 -3.53 -6.43
CA VAL A 83 -8.90 -2.97 -5.76
C VAL A 83 -7.68 -2.97 -6.70
N GLN A 84 -6.65 -2.28 -6.29
CA GLN A 84 -5.40 -2.19 -7.10
C GLN A 84 -4.25 -2.75 -6.27
N ILE A 85 -3.64 -3.82 -6.68
CA ILE A 85 -2.50 -4.37 -5.86
C ILE A 85 -1.31 -4.65 -6.78
N ILE A 86 -0.12 -4.33 -6.34
CA ILE A 86 1.08 -4.59 -7.18
C ILE A 86 2.14 -5.30 -6.36
N ALA A 87 2.61 -6.42 -6.82
CA ALA A 87 3.68 -7.12 -6.07
C ALA A 87 4.99 -6.39 -6.36
N ALA A 88 6.00 -6.64 -5.59
CA ALA A 88 7.31 -5.95 -5.82
C ALA A 88 7.82 -6.27 -7.24
N ASP A 89 9.09 -6.06 -7.48
CA ASP A 89 9.67 -6.35 -8.84
C ASP A 89 9.23 -7.73 -9.38
N ARG A 90 8.82 -8.62 -8.51
CA ARG A 90 8.39 -9.99 -8.96
C ARG A 90 7.00 -9.98 -9.62
N ARG A 91 6.29 -8.87 -9.61
CA ARG A 91 4.91 -8.85 -10.22
C ARG A 91 4.98 -9.26 -11.71
N SER A 92 6.10 -9.07 -12.35
CA SER A 92 6.22 -9.46 -13.79
C SER A 92 5.95 -10.95 -13.94
N GLN A 93 6.48 -11.74 -13.03
CA GLN A 93 6.23 -13.21 -13.08
C GLN A 93 4.74 -13.45 -12.89
N MET A 94 4.15 -12.71 -11.99
CA MET A 94 2.67 -12.84 -11.75
C MET A 94 1.89 -12.55 -13.03
N ASN A 95 2.37 -11.68 -13.88
CA ASN A 95 1.61 -11.37 -15.14
C ASN A 95 1.42 -12.66 -15.94
N MET A 96 2.42 -13.51 -15.98
CA MET A 96 2.27 -14.81 -16.72
C MET A 96 1.13 -15.63 -16.09
N LYS A 97 1.03 -15.63 -14.78
CA LYS A 97 -0.06 -16.40 -14.11
C LYS A 97 -0.92 -15.46 -13.24
N GLN A 98 -1.34 -15.89 -12.07
CA GLN A 98 -2.15 -14.99 -11.16
C GLN A 98 -3.32 -14.32 -11.90
N ASP A 99 -4.46 -14.97 -11.96
CA ASP A 99 -5.65 -14.34 -12.63
C ASP A 99 -6.90 -14.57 -11.78
N GLU A 100 -6.73 -14.70 -10.48
CA GLU A 100 -7.90 -14.93 -9.59
C GLU A 100 -8.20 -13.71 -8.73
N ARG A 101 -7.35 -12.71 -8.74
CA ARG A 101 -7.60 -11.51 -7.88
C ARG A 101 -7.40 -10.20 -8.64
N LEU A 102 -6.84 -10.23 -9.84
CA LEU A 102 -6.64 -8.93 -10.57
C LEU A 102 -6.23 -9.12 -12.04
N SER A 103 -7.06 -9.72 -12.85
CA SER A 103 -6.71 -9.91 -14.29
C SER A 103 -7.18 -8.70 -15.12
N GLY A 104 -6.89 -7.50 -14.68
CA GLY A 104 -7.29 -6.28 -15.46
C GLY A 104 -8.57 -5.64 -14.90
N GLU A 105 -9.12 -6.14 -13.81
CA GLU A 105 -10.36 -5.52 -13.24
C GLU A 105 -9.98 -4.45 -12.20
N LEU A 106 -9.00 -3.63 -12.49
CA LEU A 106 -8.59 -2.58 -11.50
C LEU A 106 -9.81 -1.68 -11.21
N ILE A 107 -10.09 -0.71 -12.06
CA ILE A 107 -11.34 0.09 -11.90
C ILE A 107 -11.46 1.02 -13.11
N THR A 108 -10.66 2.03 -13.17
CA THR A 108 -10.69 2.96 -14.32
C THR A 108 -9.50 2.65 -15.24
N GLY A 109 -9.00 1.44 -15.20
CA GLY A 109 -7.81 1.07 -16.03
C GLY A 109 -8.14 1.01 -17.53
N ARG A 110 -7.90 2.09 -18.23
CA ARG A 110 -8.15 2.11 -19.70
C ARG A 110 -7.06 2.97 -20.34
N ARG A 111 -7.39 4.13 -20.86
CA ARG A 111 -6.34 4.99 -21.43
C ARG A 111 -6.05 6.12 -20.45
N GLN A 112 -7.06 6.56 -19.72
CA GLN A 112 -6.87 7.67 -18.72
C GLN A 112 -5.64 7.43 -17.83
N LEU A 113 -5.20 6.19 -17.69
CA LEU A 113 -4.02 5.91 -16.82
C LEU A 113 -2.84 6.84 -17.14
N LEU A 114 -2.36 6.82 -18.36
CA LEU A 114 -1.22 7.72 -18.74
C LEU A 114 -1.67 8.88 -19.65
N GLU A 115 -2.96 9.02 -19.90
CA GLU A 115 -3.42 10.10 -20.84
C GLU A 115 -3.60 11.46 -20.16
N GLY A 116 -3.46 11.54 -18.86
CA GLY A 116 -3.62 12.85 -18.18
C GLY A 116 -5.04 13.01 -17.64
N MET A 117 -5.96 12.16 -18.01
CA MET A 117 -7.36 12.26 -17.50
C MET A 117 -7.37 11.94 -16.01
N ALA A 118 -8.51 11.92 -15.39
CA ALA A 118 -8.57 11.60 -13.94
C ALA A 118 -9.27 10.25 -13.73
N PHE A 119 -9.23 9.75 -12.54
CA PHE A 119 -9.86 8.43 -12.23
C PHE A 119 -11.06 8.65 -11.32
N THR A 120 -12.04 7.78 -11.38
CA THR A 120 -13.23 7.93 -10.52
C THR A 120 -12.87 7.37 -9.13
N PRO A 121 -12.96 8.19 -8.12
CA PRO A 121 -12.59 7.72 -6.78
C PRO A 121 -13.49 6.58 -6.32
N GLY A 122 -12.89 5.61 -5.71
CA GLY A 122 -13.64 4.42 -5.23
C GLY A 122 -12.73 3.17 -5.24
N SER A 123 -11.55 3.27 -5.80
CA SER A 123 -10.64 2.09 -5.87
C SER A 123 -9.82 1.92 -4.61
N THR A 124 -9.31 0.73 -4.40
CA THR A 124 -8.42 0.47 -3.23
C THR A 124 -6.99 0.36 -3.78
N VAL A 125 -5.98 0.47 -2.96
CA VAL A 125 -4.59 0.38 -3.52
C VAL A 125 -3.60 -0.18 -2.46
N ILE A 126 -2.94 -1.26 -2.76
CA ILE A 126 -1.95 -1.84 -1.80
C ILE A 126 -0.71 -2.24 -2.63
N VAL A 127 0.39 -1.56 -2.45
CA VAL A 127 1.59 -1.84 -3.30
C VAL A 127 2.78 -2.42 -2.50
N ASP A 128 3.00 -3.71 -2.63
CA ASP A 128 4.14 -4.39 -1.93
C ASP A 128 5.40 -4.21 -2.78
N GLN A 129 6.49 -3.66 -2.25
CA GLN A 129 7.67 -3.43 -3.15
C GLN A 129 9.04 -3.28 -2.44
N GLY A 130 10.03 -4.05 -2.83
CA GLY A 130 11.39 -3.93 -2.22
C GLY A 130 12.14 -2.83 -2.97
N GLU A 131 12.02 -2.83 -4.27
CA GLU A 131 12.64 -1.78 -5.08
C GLU A 131 11.85 -0.51 -4.82
N LYS A 132 12.51 0.58 -4.76
CA LYS A 132 11.81 1.86 -4.44
C LYS A 132 11.51 2.66 -5.73
N LEU A 133 12.10 2.28 -6.83
CA LEU A 133 11.80 2.97 -8.11
C LEU A 133 10.32 2.70 -8.45
N SER A 134 9.85 1.53 -8.09
CA SER A 134 8.42 1.16 -8.36
C SER A 134 7.49 1.75 -7.31
N LEU A 135 7.98 2.06 -6.14
CA LEU A 135 7.11 2.65 -5.08
C LEU A 135 6.62 4.04 -5.51
N LYS A 136 7.52 4.86 -5.97
CA LYS A 136 7.15 6.25 -6.40
C LYS A 136 6.32 6.23 -7.69
N GLU A 137 6.65 5.39 -8.63
CA GLU A 137 5.88 5.36 -9.92
C GLU A 137 4.40 5.05 -9.65
N THR A 138 4.12 4.01 -8.91
CA THR A 138 2.69 3.67 -8.62
C THR A 138 2.01 4.86 -7.93
N LEU A 139 2.71 5.48 -7.03
CA LEU A 139 2.13 6.63 -6.28
C LEU A 139 1.71 7.78 -7.22
N THR A 140 2.46 8.06 -8.26
CA THR A 140 2.07 9.17 -9.18
C THR A 140 0.74 8.87 -9.89
N LEU A 141 0.51 7.62 -10.21
CA LEU A 141 -0.80 7.24 -10.85
C LEU A 141 -1.90 7.37 -9.79
N LEU A 142 -1.57 6.98 -8.59
CA LEU A 142 -2.53 7.04 -7.44
C LEU A 142 -2.96 8.47 -7.14
N ASP A 143 -2.13 9.44 -7.44
CA ASP A 143 -2.46 10.88 -7.13
C ASP A 143 -3.89 11.28 -7.56
N GLY A 144 -4.20 11.25 -8.84
CA GLY A 144 -5.58 11.66 -9.27
C GLY A 144 -6.62 10.75 -8.64
N ALA A 145 -6.46 9.46 -8.76
CA ALA A 145 -7.46 8.50 -8.17
C ALA A 145 -7.53 8.70 -6.66
N ALA A 146 -6.45 9.09 -6.05
CA ALA A 146 -6.41 9.30 -4.58
C ALA A 146 -7.34 10.42 -4.12
N ARG A 147 -7.72 11.29 -5.01
CA ARG A 147 -8.58 12.47 -4.65
C ARG A 147 -9.67 12.18 -3.59
N HIS A 148 -10.15 10.97 -3.45
CA HIS A 148 -11.22 10.74 -2.40
C HIS A 148 -11.18 9.34 -1.75
N ASN A 149 -11.71 8.33 -2.40
CA ASN A 149 -11.78 6.96 -1.78
C ASN A 149 -10.51 6.12 -1.99
N VAL A 150 -9.38 6.56 -1.53
CA VAL A 150 -8.12 5.77 -1.77
C VAL A 150 -7.47 5.28 -0.48
N GLN A 151 -7.10 4.03 -0.46
CA GLN A 151 -6.42 3.43 0.72
C GLN A 151 -5.07 2.87 0.27
N VAL A 152 -3.99 3.20 0.94
CA VAL A 152 -2.66 2.67 0.52
C VAL A 152 -2.04 1.74 1.59
N LEU A 153 -1.84 0.50 1.22
CA LEU A 153 -1.15 -0.47 2.10
C LEU A 153 0.15 -0.79 1.37
N ILE A 154 1.29 -0.52 1.94
CA ILE A 154 2.54 -0.86 1.19
C ILE A 154 3.49 -1.66 2.06
N THR A 155 4.04 -2.69 1.50
CA THR A 155 5.00 -3.53 2.25
C THR A 155 6.35 -3.35 1.59
N ASP A 156 7.26 -4.23 1.84
CA ASP A 156 8.58 -4.11 1.22
C ASP A 156 9.27 -5.46 1.20
N SER A 157 10.30 -5.58 0.44
CA SER A 157 11.06 -6.87 0.41
C SER A 157 12.57 -6.59 0.57
N GLY A 158 12.89 -5.46 1.14
CA GLY A 158 14.33 -5.11 1.37
C GLY A 158 14.38 -3.89 2.30
N GLN A 159 13.46 -3.80 3.24
CA GLN A 159 13.42 -2.62 4.17
C GLN A 159 14.14 -2.92 5.49
N ARG A 160 14.68 -4.11 5.67
CA ARG A 160 15.40 -4.45 6.94
C ARG A 160 16.40 -3.34 7.34
N THR A 161 16.86 -2.56 6.39
CA THR A 161 17.79 -1.45 6.70
C THR A 161 17.20 -0.14 6.16
N GLY A 162 17.68 0.99 6.62
CA GLY A 162 17.13 2.30 6.12
C GLY A 162 15.61 2.30 6.22
N THR A 163 15.07 1.71 7.26
CA THR A 163 13.59 1.64 7.41
C THR A 163 12.97 3.05 7.44
N GLY A 164 13.56 3.95 8.18
CA GLY A 164 13.02 5.35 8.22
C GLY A 164 13.20 5.97 6.85
N SER A 165 14.31 5.69 6.21
CA SER A 165 14.57 6.26 4.85
C SER A 165 13.48 5.77 3.88
N ALA A 166 12.99 4.57 4.08
CA ALA A 166 11.93 4.03 3.17
C ALA A 166 10.70 4.94 3.21
N LEU A 167 10.38 5.47 4.36
CA LEU A 167 9.20 6.39 4.46
C LEU A 167 9.44 7.62 3.60
N MET A 168 10.65 8.12 3.61
CA MET A 168 10.98 9.30 2.74
C MET A 168 10.78 8.91 1.28
N ALA A 169 11.01 7.65 0.97
CA ALA A 169 10.83 7.16 -0.44
C ALA A 169 9.44 7.56 -0.95
N MET A 170 8.41 7.21 -0.24
CA MET A 170 7.02 7.55 -0.69
C MET A 170 6.89 9.07 -0.87
N LYS A 171 7.42 9.81 0.06
CA LYS A 171 7.36 11.31 -0.01
C LYS A 171 8.07 11.82 -1.28
N ASP A 172 9.10 11.14 -1.73
CA ASP A 172 9.82 11.59 -2.96
C ASP A 172 8.89 11.48 -4.17
N ALA A 173 7.91 10.61 -4.10
CA ALA A 173 6.96 10.45 -5.25
C ALA A 173 5.98 11.63 -5.36
N GLY A 174 6.07 12.61 -4.48
CA GLY A 174 5.14 13.78 -4.57
C GLY A 174 4.13 13.77 -3.41
N VAL A 175 3.97 12.67 -2.72
CA VAL A 175 2.98 12.63 -1.59
C VAL A 175 3.41 13.59 -0.47
N ASN A 176 2.64 14.63 -0.23
CA ASN A 176 2.98 15.60 0.85
C ASN A 176 1.76 16.46 1.18
N THR A 177 1.51 16.69 2.46
CA THR A 177 0.34 17.53 2.86
C THR A 177 0.82 18.96 3.15
N TYR A 178 0.02 19.95 2.82
CA TYR A 178 0.42 21.37 3.07
C TYR A 178 0.30 21.71 4.57
N ARG A 179 -0.89 21.98 5.03
CA ARG A 179 -1.08 22.30 6.48
C ARG A 179 -2.40 21.70 6.97
N TRP A 180 -3.51 22.35 6.69
CA TRP A 180 -4.83 21.81 7.12
C TRP A 180 -5.43 20.92 6.03
N GLN A 181 -4.99 21.06 4.79
CA GLN A 181 -5.54 20.21 3.70
C GLN A 181 -4.44 19.38 3.04
N GLY A 182 -4.83 18.31 2.42
CA GLY A 182 -3.85 17.42 1.75
C GLY A 182 -3.31 18.09 0.49
N GLY A 183 -3.36 17.41 -0.63
CA GLY A 183 -2.84 17.99 -1.90
C GLY A 183 -3.97 18.62 -2.71
N GLU A 184 -4.84 19.36 -2.07
CA GLU A 184 -5.97 20.01 -2.81
C GLU A 184 -5.61 21.46 -3.16
N GLN A 185 -4.63 22.02 -2.51
CA GLN A 185 -4.23 23.43 -2.81
C GLN A 185 -3.13 23.47 -3.88
N ARG A 186 -2.63 22.33 -4.31
CA ARG A 186 -1.55 22.31 -5.32
C ARG A 186 -1.98 21.59 -6.60
N PRO A 187 -2.66 22.31 -7.46
CA PRO A 187 -3.10 21.72 -8.75
C PRO A 187 -1.89 21.54 -9.69
N ALA A 188 -0.77 22.15 -9.36
CA ALA A 188 0.44 22.02 -10.22
C ALA A 188 1.46 21.12 -9.52
N THR A 189 1.16 19.85 -9.41
CA THR A 189 2.11 18.91 -8.74
C THR A 189 2.59 17.85 -9.73
N THR A 1 -16.72 20.48 27.18
CA THR A 1 -16.01 21.09 26.02
C THR A 1 -17.02 21.71 25.05
N SER A 2 -16.55 22.49 24.11
CA SER A 2 -17.46 23.12 23.12
C SER A 2 -18.02 22.07 22.15
N GLY A 3 -17.43 20.90 22.10
CA GLY A 3 -17.93 19.83 21.19
C GLY A 3 -17.13 19.80 19.88
N ILE A 4 -15.90 20.26 19.90
CA ILE A 4 -15.07 20.25 18.65
C ILE A 4 -14.45 18.87 18.43
N HIS A 5 -14.05 18.58 17.22
CA HIS A 5 -13.43 17.24 16.93
C HIS A 5 -12.27 17.38 15.94
N VAL A 6 -11.20 16.68 16.18
CA VAL A 6 -10.01 16.74 15.25
C VAL A 6 -9.86 15.39 14.54
N LEU A 7 -9.70 15.39 13.24
CA LEU A 7 -9.54 14.10 12.50
C LEU A 7 -8.05 13.82 12.25
N ASP A 8 -7.55 12.71 12.75
CA ASP A 8 -6.11 12.36 12.55
C ASP A 8 -5.95 10.85 12.40
N GLU A 9 -4.87 10.41 11.80
CA GLU A 9 -4.66 8.93 11.63
C GLU A 9 -3.99 8.37 12.88
N LEU A 10 -4.60 8.55 14.02
CA LEU A 10 -4.02 8.02 15.29
C LEU A 10 -3.95 6.49 15.25
N SER A 11 -4.93 5.85 14.66
CA SER A 11 -4.91 4.36 14.59
C SER A 11 -3.71 3.88 13.79
N VAL A 12 -3.41 4.54 12.71
CA VAL A 12 -2.26 4.12 11.86
C VAL A 12 -0.91 4.40 12.57
N ARG A 13 -0.81 5.47 13.33
CA ARG A 13 0.49 5.78 14.03
C ARG A 13 0.88 4.60 14.93
N ALA A 14 -0.06 4.04 15.66
CA ALA A 14 0.26 2.87 16.53
C ALA A 14 0.70 1.69 15.64
N LEU A 15 0.15 1.63 14.46
CA LEU A 15 0.48 0.53 13.50
C LEU A 15 1.97 0.53 13.15
N SER A 16 2.54 1.69 12.93
CA SER A 16 3.99 1.76 12.57
C SER A 16 4.87 1.27 13.72
N ARG A 17 4.53 1.60 14.94
CA ARG A 17 5.39 1.19 16.10
C ARG A 17 5.44 -0.34 16.28
N ASP A 18 4.33 -1.04 16.18
CA ASP A 18 4.34 -2.52 16.38
C ASP A 18 4.92 -3.26 15.16
N ILE A 19 4.51 -2.89 13.98
CA ILE A 19 5.01 -3.60 12.77
C ILE A 19 6.53 -3.41 12.63
N MET A 20 7.01 -2.23 12.88
CA MET A 20 8.48 -1.95 12.77
C MET A 20 9.24 -2.84 13.76
N LYS A 21 8.63 -3.14 14.89
CA LYS A 21 9.32 -4.03 15.88
C LYS A 21 9.52 -5.42 15.26
N GLN A 22 8.74 -5.75 14.26
CA GLN A 22 8.94 -7.06 13.56
C GLN A 22 9.86 -6.84 12.34
N ASN A 23 9.95 -5.60 11.90
CA ASN A 23 10.84 -5.26 10.77
C ASN A 23 12.30 -5.44 11.21
N ARG A 24 12.58 -5.22 12.48
CA ARG A 24 13.98 -5.39 13.01
C ARG A 24 14.01 -6.55 14.02
N VAL A 25 13.01 -7.41 13.99
CA VAL A 25 12.96 -8.57 14.94
C VAL A 25 14.30 -9.35 14.91
N THR A 26 15.02 -9.31 16.01
CA THR A 26 16.36 -10.01 16.10
C THR A 26 16.27 -11.46 15.59
N VAL A 27 16.57 -11.67 14.33
CA VAL A 27 16.51 -13.05 13.73
C VAL A 27 17.93 -13.51 13.36
N HIS A 28 18.27 -14.74 13.72
CA HIS A 28 19.63 -15.27 13.38
C HIS A 28 19.57 -16.10 12.08
N PRO A 29 20.59 -16.01 11.27
CA PRO A 29 20.61 -16.77 9.99
C PRO A 29 20.65 -18.27 10.27
N GLU A 30 21.15 -18.66 11.41
CA GLU A 30 21.21 -20.11 11.74
C GLU A 30 19.80 -20.68 11.76
N LYS A 31 18.87 -19.93 12.30
CA LYS A 31 17.45 -20.38 12.35
C LYS A 31 16.54 -19.18 12.06
N SER A 32 16.59 -18.65 10.86
CA SER A 32 15.72 -17.48 10.52
C SER A 32 14.27 -17.76 10.91
N VAL A 33 13.87 -17.26 12.04
CA VAL A 33 12.47 -17.47 12.54
C VAL A 33 11.45 -16.84 11.58
N PRO A 34 10.68 -17.66 10.88
CA PRO A 34 9.70 -17.11 9.92
C PRO A 34 8.44 -16.65 10.67
N ARG A 35 7.91 -15.50 10.32
CA ARG A 35 6.66 -15.02 10.99
C ARG A 35 5.89 -14.08 10.07
N THR A 36 5.30 -14.60 9.03
CA THR A 36 4.51 -13.73 8.12
C THR A 36 3.31 -13.20 8.90
N ALA A 37 2.71 -14.04 9.72
CA ALA A 37 1.51 -13.63 10.51
C ALA A 37 1.75 -12.30 11.24
N GLY A 38 2.99 -11.97 11.51
CA GLY A 38 3.31 -10.70 12.24
C GLY A 38 2.63 -9.49 11.59
N TYR A 39 2.94 -9.18 10.35
CA TYR A 39 2.31 -7.99 9.69
C TYR A 39 0.99 -8.36 9.00
N SER A 40 0.61 -9.61 9.01
CA SER A 40 -0.68 -10.00 8.38
C SER A 40 -1.82 -9.49 9.28
N ASP A 41 -1.62 -9.61 10.57
CA ASP A 41 -2.64 -9.11 11.54
C ASP A 41 -2.59 -7.58 11.66
N ALA A 42 -1.41 -7.03 11.79
CA ALA A 42 -1.30 -5.55 11.93
C ALA A 42 -1.86 -4.83 10.69
N VAL A 43 -1.46 -5.26 9.54
CA VAL A 43 -1.91 -4.60 8.27
C VAL A 43 -3.42 -4.83 7.98
N SER A 44 -3.92 -6.03 8.10
CA SER A 44 -5.37 -6.28 7.80
C SER A 44 -6.26 -5.51 8.78
N VAL A 45 -5.82 -5.36 10.00
CA VAL A 45 -6.63 -4.65 11.04
C VAL A 45 -6.82 -3.16 10.69
N LEU A 46 -5.82 -2.52 10.11
CA LEU A 46 -5.97 -1.06 9.78
C LEU A 46 -6.97 -0.85 8.62
N ALA A 47 -7.03 -1.76 7.67
CA ALA A 47 -8.00 -1.57 6.54
C ALA A 47 -9.43 -1.66 7.07
N GLN A 48 -9.67 -2.48 8.07
CA GLN A 48 -11.05 -2.57 8.64
C GLN A 48 -11.38 -1.23 9.29
N ASP A 49 -10.39 -0.56 9.85
CA ASP A 49 -10.65 0.78 10.45
C ASP A 49 -11.05 1.72 9.29
N ARG A 50 -10.13 2.48 8.73
CA ARG A 50 -10.50 3.37 7.58
C ARG A 50 -9.21 3.96 6.95
N PRO A 51 -8.46 4.72 7.72
CA PRO A 51 -7.21 5.32 7.18
C PRO A 51 -6.26 4.19 6.81
N SER A 52 -5.98 4.06 5.54
CA SER A 52 -5.09 2.97 5.07
C SER A 52 -3.65 3.45 4.90
N LEU A 53 -2.80 3.11 5.82
CA LEU A 53 -1.37 3.50 5.71
C LEU A 53 -0.51 2.49 6.46
N ALA A 54 -0.09 1.42 5.84
CA ALA A 54 0.71 0.41 6.59
C ALA A 54 2.13 0.22 6.05
N ILE A 55 3.00 -0.26 6.90
CA ILE A 55 4.43 -0.48 6.52
C ILE A 55 4.75 -1.96 6.79
N VAL A 56 5.28 -2.68 5.82
CA VAL A 56 5.59 -4.13 6.08
C VAL A 56 6.90 -4.54 5.41
N SER A 57 7.56 -5.56 5.94
CA SER A 57 8.86 -6.00 5.33
C SER A 57 8.90 -7.54 5.26
N GLY A 58 9.46 -8.09 4.21
CA GLY A 58 9.51 -9.57 4.06
C GLY A 58 10.87 -10.14 4.47
N GLN A 59 10.86 -11.13 5.33
CA GLN A 59 12.14 -11.76 5.76
C GLN A 59 12.23 -13.20 5.21
N GLY A 60 11.10 -13.80 4.91
CA GLY A 60 11.12 -15.19 4.36
C GLY A 60 9.75 -15.50 3.75
N GLY A 61 9.69 -16.50 2.90
CA GLY A 61 8.38 -16.87 2.27
C GLY A 61 7.85 -15.67 1.48
N ALA A 62 8.69 -15.04 0.70
CA ALA A 62 8.25 -13.85 -0.09
C ALA A 62 7.13 -14.23 -1.09
N ALA A 63 7.19 -15.42 -1.65
CA ALA A 63 6.14 -15.82 -2.64
C ALA A 63 4.75 -15.87 -1.99
N GLY A 64 4.63 -16.46 -0.81
CA GLY A 64 3.32 -16.51 -0.13
C GLY A 64 2.93 -15.12 0.35
N GLN A 65 3.90 -14.29 0.63
CA GLN A 65 3.58 -12.91 1.10
C GLN A 65 2.74 -12.17 0.05
N ARG A 66 3.07 -12.32 -1.21
CA ARG A 66 2.29 -11.61 -2.28
C ARG A 66 0.87 -12.18 -2.38
N GLU A 67 0.71 -13.47 -2.24
CA GLU A 67 -0.64 -14.09 -2.36
C GLU A 67 -1.54 -13.74 -1.14
N ARG A 68 -0.96 -13.57 0.02
CA ARG A 68 -1.78 -13.25 1.23
C ARG A 68 -2.44 -11.87 1.08
N VAL A 69 -1.67 -10.84 0.79
CA VAL A 69 -2.25 -9.47 0.61
C VAL A 69 -3.35 -9.55 -0.46
N ALA A 70 -3.20 -10.43 -1.40
CA ALA A 70 -4.25 -10.59 -2.45
C ALA A 70 -5.56 -10.99 -1.78
N GLU A 71 -5.48 -11.67 -0.66
CA GLU A 71 -6.73 -12.05 0.06
C GLU A 71 -7.42 -10.77 0.53
N LEU A 72 -6.63 -9.79 0.89
CA LEU A 72 -7.22 -8.48 1.32
C LEU A 72 -8.01 -7.89 0.17
N VAL A 73 -7.54 -8.08 -1.03
CA VAL A 73 -8.25 -7.54 -2.24
C VAL A 73 -9.68 -8.13 -2.28
N MET A 74 -9.85 -9.32 -1.76
CA MET A 74 -11.21 -9.93 -1.74
C MET A 74 -12.12 -9.13 -0.78
N MET A 75 -11.58 -8.70 0.34
CA MET A 75 -12.39 -7.88 1.32
C MET A 75 -12.99 -6.66 0.62
N ALA A 76 -12.33 -6.19 -0.41
CA ALA A 76 -12.85 -5.01 -1.17
C ALA A 76 -13.94 -5.43 -2.16
N ARG A 77 -13.96 -6.68 -2.56
CA ARG A 77 -14.99 -7.15 -3.52
C ARG A 77 -16.37 -7.08 -2.85
N GLU A 78 -16.45 -7.50 -1.62
CA GLU A 78 -17.75 -7.46 -0.89
C GLU A 78 -18.13 -6.01 -0.61
N GLN A 79 -17.16 -5.15 -0.45
CA GLN A 79 -17.45 -3.72 -0.17
C GLN A 79 -17.97 -2.98 -1.43
N GLY A 80 -18.07 -3.65 -2.56
CA GLY A 80 -18.60 -2.98 -3.79
C GLY A 80 -17.50 -2.14 -4.46
N ARG A 81 -16.25 -2.39 -4.14
CA ARG A 81 -15.15 -1.60 -4.75
C ARG A 81 -13.99 -2.51 -5.19
N GLU A 82 -13.27 -2.11 -6.22
CA GLU A 82 -12.12 -2.92 -6.70
C GLU A 82 -10.85 -2.36 -6.06
N VAL A 83 -9.69 -2.90 -6.37
CA VAL A 83 -8.44 -2.36 -5.76
C VAL A 83 -7.25 -2.51 -6.73
N GLN A 84 -6.15 -1.91 -6.39
CA GLN A 84 -4.92 -2.00 -7.22
C GLN A 84 -3.84 -2.63 -6.33
N ILE A 85 -3.17 -3.66 -6.77
CA ILE A 85 -2.13 -4.26 -5.89
C ILE A 85 -0.86 -4.53 -6.72
N ILE A 86 0.29 -4.31 -6.15
CA ILE A 86 1.55 -4.55 -6.90
C ILE A 86 2.52 -5.34 -6.04
N ALA A 87 2.98 -6.44 -6.53
CA ALA A 87 4.00 -7.20 -5.75
C ALA A 87 5.34 -6.52 -5.98
N ALA A 88 6.31 -6.85 -5.18
CA ALA A 88 7.67 -6.26 -5.37
C ALA A 88 8.17 -6.67 -6.77
N ASP A 89 9.46 -6.63 -7.01
CA ASP A 89 9.98 -7.04 -8.36
C ASP A 89 9.39 -8.42 -8.78
N ARG A 90 8.93 -9.19 -7.84
CA ARG A 90 8.34 -10.53 -8.17
C ARG A 90 6.97 -10.40 -8.85
N ARG A 91 6.40 -9.21 -8.89
CA ARG A 91 5.07 -9.05 -9.54
C ARG A 91 5.14 -9.47 -11.02
N SER A 92 6.31 -9.44 -11.61
CA SER A 92 6.44 -9.85 -13.05
C SER A 92 5.97 -11.29 -13.22
N GLN A 93 6.37 -12.15 -12.32
CA GLN A 93 5.94 -13.58 -12.40
C GLN A 93 4.42 -13.65 -12.28
N MET A 94 3.85 -12.92 -11.35
CA MET A 94 2.37 -12.95 -11.16
C MET A 94 1.64 -12.53 -12.44
N ASN A 95 2.17 -11.61 -13.19
CA ASN A 95 1.47 -11.14 -14.43
C ASN A 95 1.24 -12.29 -15.41
N MET A 96 2.20 -13.16 -15.56
CA MET A 96 2.04 -14.31 -16.51
C MET A 96 0.86 -15.20 -16.08
N LYS A 97 0.66 -15.36 -14.80
CA LYS A 97 -0.45 -16.23 -14.30
C LYS A 97 -1.33 -15.42 -13.32
N GLN A 98 -1.89 -16.06 -12.32
CA GLN A 98 -2.74 -15.34 -11.32
C GLN A 98 -3.84 -14.49 -11.99
N ASP A 99 -4.83 -15.14 -12.54
CA ASP A 99 -5.98 -14.43 -13.18
C ASP A 99 -7.25 -14.66 -12.35
N GLU A 100 -7.09 -15.07 -11.11
CA GLU A 100 -8.29 -15.34 -10.26
C GLU A 100 -8.71 -14.08 -9.48
N ARG A 101 -7.90 -13.05 -9.46
CA ARG A 101 -8.29 -11.82 -8.69
C ARG A 101 -7.88 -10.51 -9.39
N LEU A 102 -7.23 -10.57 -10.54
CA LEU A 102 -6.85 -9.29 -11.24
C LEU A 102 -6.21 -9.57 -12.60
N SER A 103 -6.93 -10.17 -13.52
CA SER A 103 -6.34 -10.45 -14.87
C SER A 103 -6.07 -9.13 -15.62
N GLY A 104 -6.73 -8.07 -15.21
CA GLY A 104 -6.52 -6.76 -15.89
C GLY A 104 -7.78 -5.91 -15.72
N GLU A 105 -8.22 -5.70 -14.50
CA GLU A 105 -9.44 -4.88 -14.26
C GLU A 105 -9.45 -4.32 -12.84
N LEU A 106 -8.94 -3.12 -12.69
CA LEU A 106 -8.91 -2.48 -11.34
C LEU A 106 -10.08 -1.50 -11.23
N ILE A 107 -9.95 -0.28 -11.76
CA ILE A 107 -11.11 0.65 -11.75
C ILE A 107 -11.01 1.59 -12.96
N THR A 108 -10.05 2.49 -12.96
CA THR A 108 -9.91 3.45 -14.12
C THR A 108 -8.82 3.00 -15.10
N GLY A 109 -8.39 1.77 -15.04
CA GLY A 109 -7.34 1.31 -15.99
C GLY A 109 -8.04 0.91 -17.30
N ARG A 110 -8.73 1.83 -17.94
CA ARG A 110 -9.43 1.49 -19.21
C ARG A 110 -9.32 2.67 -20.17
N ARG A 111 -9.75 3.82 -19.73
CA ARG A 111 -9.70 5.00 -20.63
C ARG A 111 -8.56 5.94 -20.27
N GLN A 112 -8.26 6.08 -19.00
CA GLN A 112 -7.14 6.99 -18.60
C GLN A 112 -5.83 6.51 -19.21
N LEU A 113 -5.63 5.22 -19.18
CA LEU A 113 -4.36 4.63 -19.69
C LEU A 113 -4.25 4.75 -21.21
N LEU A 114 -5.33 4.50 -21.91
CA LEU A 114 -5.28 4.53 -23.41
C LEU A 114 -5.94 5.76 -24.02
N GLU A 115 -7.09 6.16 -23.54
CA GLU A 115 -7.78 7.33 -24.19
C GLU A 115 -7.53 8.65 -23.47
N GLY A 116 -6.95 8.65 -22.29
CA GLY A 116 -6.70 9.95 -21.59
C GLY A 116 -7.91 10.37 -20.73
N MET A 117 -9.08 9.84 -21.03
CA MET A 117 -10.30 10.25 -20.26
C MET A 117 -10.19 9.76 -18.81
N ALA A 118 -11.15 10.10 -17.99
CA ALA A 118 -11.09 9.70 -16.55
C ALA A 118 -12.19 8.68 -16.23
N PHE A 119 -11.95 7.85 -15.25
CA PHE A 119 -12.97 6.83 -14.84
C PHE A 119 -13.47 7.16 -13.43
N THR A 120 -14.70 6.83 -13.15
CA THR A 120 -15.31 7.12 -11.81
C THR A 120 -14.31 6.79 -10.67
N PRO A 121 -13.76 7.83 -10.08
CA PRO A 121 -12.76 7.61 -9.02
C PRO A 121 -13.38 6.93 -7.80
N GLY A 122 -12.95 5.73 -7.55
CA GLY A 122 -13.44 4.96 -6.37
C GLY A 122 -12.56 3.72 -6.22
N SER A 123 -11.29 3.87 -6.53
CA SER A 123 -10.35 2.71 -6.46
C SER A 123 -9.61 2.62 -5.13
N THR A 124 -8.97 1.51 -4.91
CA THR A 124 -8.15 1.32 -3.67
C THR A 124 -6.71 1.07 -4.10
N VAL A 125 -5.73 1.26 -3.26
CA VAL A 125 -4.32 1.02 -3.72
C VAL A 125 -3.43 0.42 -2.63
N ILE A 126 -2.72 -0.63 -2.96
CA ILE A 126 -1.75 -1.25 -2.01
C ILE A 126 -0.50 -1.57 -2.86
N VAL A 127 0.64 -1.02 -2.52
CA VAL A 127 1.84 -1.31 -3.36
C VAL A 127 2.95 -2.00 -2.54
N ASP A 128 3.03 -3.31 -2.68
CA ASP A 128 4.09 -4.09 -1.96
C ASP A 128 5.35 -4.01 -2.81
N GLN A 129 6.26 -3.12 -2.45
CA GLN A 129 7.46 -2.93 -3.32
C GLN A 129 8.84 -3.09 -2.62
N GLY A 130 9.66 -3.97 -3.14
CA GLY A 130 11.03 -4.18 -2.58
C GLY A 130 11.88 -3.00 -3.02
N GLU A 131 11.91 -2.78 -4.30
CA GLU A 131 12.66 -1.64 -4.86
C GLU A 131 11.94 -0.37 -4.46
N LYS A 132 12.20 0.70 -5.12
CA LYS A 132 11.52 1.98 -4.77
C LYS A 132 11.00 2.70 -6.02
N LEU A 133 11.38 2.24 -7.20
CA LEU A 133 10.87 2.87 -8.45
C LEU A 133 9.35 2.64 -8.52
N SER A 134 8.88 1.56 -7.94
CA SER A 134 7.42 1.28 -7.98
C SER A 134 6.70 2.03 -6.87
N LEU A 135 7.40 2.45 -5.85
CA LEU A 135 6.72 3.21 -4.77
C LEU A 135 6.23 4.56 -5.31
N LYS A 136 7.08 5.28 -6.00
CA LYS A 136 6.67 6.61 -6.57
C LYS A 136 5.72 6.46 -7.77
N GLU A 137 5.98 5.49 -8.61
CA GLU A 137 5.12 5.30 -9.83
C GLU A 137 3.67 4.99 -9.46
N THR A 138 3.46 4.07 -8.54
CA THR A 138 2.05 3.73 -8.15
C THR A 138 1.39 4.98 -7.58
N LEU A 139 2.10 5.70 -6.76
CA LEU A 139 1.57 6.96 -6.16
C LEU A 139 1.08 7.92 -7.24
N THR A 140 1.76 7.98 -8.36
CA THR A 140 1.35 8.91 -9.45
C THR A 140 -0.03 8.56 -10.02
N LEU A 141 -0.29 7.29 -10.26
CA LEU A 141 -1.63 6.89 -10.80
C LEU A 141 -2.70 7.19 -9.76
N LEU A 142 -2.40 6.90 -8.52
CA LEU A 142 -3.35 7.16 -7.41
C LEU A 142 -3.64 8.66 -7.27
N ASP A 143 -2.70 9.50 -7.65
CA ASP A 143 -2.87 10.99 -7.50
C ASP A 143 -4.25 11.49 -7.97
N GLY A 144 -4.56 11.40 -9.25
CA GLY A 144 -5.87 11.91 -9.73
C GLY A 144 -7.00 11.04 -9.18
N ALA A 145 -6.89 9.74 -9.32
CA ALA A 145 -7.96 8.82 -8.84
C ALA A 145 -8.21 8.99 -7.34
N ALA A 146 -7.20 9.36 -6.60
CA ALA A 146 -7.33 9.51 -5.12
C ALA A 146 -8.43 10.49 -4.74
N ARG A 147 -8.77 11.42 -5.61
CA ARG A 147 -9.80 12.45 -5.29
C ARG A 147 -11.02 11.84 -4.55
N HIS A 148 -11.30 10.57 -4.75
CA HIS A 148 -12.48 9.94 -4.08
C HIS A 148 -12.06 8.94 -2.95
N ASN A 149 -12.41 7.67 -3.06
CA ASN A 149 -12.10 6.67 -1.96
C ASN A 149 -10.73 5.98 -2.11
N VAL A 150 -9.66 6.51 -1.55
CA VAL A 150 -8.33 5.81 -1.72
C VAL A 150 -7.71 5.40 -0.39
N GLN A 151 -7.20 4.21 -0.38
CA GLN A 151 -6.51 3.68 0.81
C GLN A 151 -5.12 3.21 0.39
N VAL A 152 -4.07 3.55 1.11
CA VAL A 152 -2.71 3.08 0.69
C VAL A 152 -2.09 2.10 1.72
N LEU A 153 -1.78 0.94 1.25
CA LEU A 153 -1.14 -0.12 2.08
C LEU A 153 0.14 -0.49 1.33
N ILE A 154 1.28 -0.38 1.95
CA ILE A 154 2.54 -0.72 1.21
C ILE A 154 3.43 -1.61 2.06
N THR A 155 3.92 -2.65 1.46
CA THR A 155 4.85 -3.54 2.20
C THR A 155 6.24 -3.28 1.64
N ASP A 156 7.17 -4.15 1.89
CA ASP A 156 8.53 -3.91 1.35
C ASP A 156 9.33 -5.19 1.27
N SER A 157 10.44 -5.12 0.61
CA SER A 157 11.35 -6.30 0.49
C SER A 157 12.80 -5.84 0.72
N GLY A 158 12.99 -4.65 1.23
CA GLY A 158 14.36 -4.11 1.49
C GLY A 158 14.28 -3.11 2.65
N GLN A 159 13.32 -3.27 3.53
CA GLN A 159 13.16 -2.31 4.67
C GLN A 159 13.76 -2.86 5.98
N ARG A 160 14.35 -4.03 5.96
CA ARG A 160 14.91 -4.61 7.23
C ARG A 160 15.99 -3.71 7.85
N THR A 161 16.76 -3.01 7.06
CA THR A 161 17.83 -2.14 7.64
C THR A 161 17.40 -0.66 7.60
N GLY A 162 17.11 -0.15 6.44
CA GLY A 162 16.70 1.29 6.33
C GLY A 162 15.17 1.36 6.21
N THR A 163 14.48 1.54 7.30
CA THR A 163 12.99 1.63 7.23
C THR A 163 12.54 3.09 7.17
N GLY A 164 13.24 3.96 7.87
CA GLY A 164 12.87 5.41 7.87
C GLY A 164 12.95 5.95 6.44
N SER A 165 13.88 5.46 5.66
CA SER A 165 14.03 5.95 4.26
C SER A 165 12.80 5.61 3.43
N ALA A 166 12.18 4.48 3.68
CA ALA A 166 10.97 4.11 2.89
C ALA A 166 9.86 5.15 3.09
N LEU A 167 9.74 5.67 4.27
CA LEU A 167 8.70 6.70 4.55
C LEU A 167 8.98 7.94 3.69
N MET A 168 10.23 8.32 3.55
CA MET A 168 10.61 9.50 2.71
C MET A 168 10.36 9.19 1.22
N ALA A 169 10.42 7.94 0.86
CA ALA A 169 10.19 7.56 -0.57
C ALA A 169 8.79 8.01 -1.02
N MET A 170 7.77 7.58 -0.31
CA MET A 170 6.38 7.97 -0.69
C MET A 170 6.22 9.49 -0.70
N LYS A 171 6.66 10.14 0.33
CA LYS A 171 6.52 11.63 0.44
C LYS A 171 7.24 12.34 -0.72
N ASP A 172 8.31 11.79 -1.19
CA ASP A 172 9.07 12.45 -2.30
C ASP A 172 8.22 12.45 -3.59
N ALA A 173 7.30 11.51 -3.70
CA ALA A 173 6.43 11.47 -4.93
C ALA A 173 5.43 12.65 -4.94
N GLY A 174 5.43 13.50 -3.94
CA GLY A 174 4.50 14.67 -3.93
C GLY A 174 3.51 14.56 -2.76
N VAL A 175 3.38 13.42 -2.13
CA VAL A 175 2.41 13.30 -0.99
C VAL A 175 2.82 14.26 0.14
N ASN A 176 2.14 15.37 0.25
CA ASN A 176 2.45 16.36 1.33
C ASN A 176 1.23 17.27 1.57
N THR A 177 0.62 17.18 2.71
CA THR A 177 -0.56 18.06 2.98
C THR A 177 -0.12 19.26 3.80
N TYR A 178 0.25 20.34 3.16
CA TYR A 178 0.68 21.54 3.92
C TYR A 178 -0.53 22.44 4.22
N ARG A 179 -0.86 23.36 3.33
CA ARG A 179 -2.03 24.25 3.59
C ARG A 179 -2.39 25.06 2.34
N TRP A 180 -1.43 25.69 1.71
CA TRP A 180 -1.73 26.48 0.47
C TRP A 180 -1.29 25.69 -0.78
N GLN A 181 -0.35 24.79 -0.63
CA GLN A 181 0.09 23.97 -1.80
C GLN A 181 0.32 22.53 -1.36
N GLY A 182 0.27 21.60 -2.28
CA GLY A 182 0.48 20.17 -1.93
C GLY A 182 -0.21 19.29 -2.98
N GLY A 183 -1.24 18.59 -2.60
CA GLY A 183 -1.95 17.70 -3.58
C GLY A 183 -3.01 18.51 -4.35
N GLU A 184 -3.25 19.75 -3.97
CA GLU A 184 -4.27 20.56 -4.69
C GLU A 184 -3.59 21.47 -5.74
N GLN A 185 -2.27 21.56 -5.74
CA GLN A 185 -1.58 22.43 -6.76
C GLN A 185 -1.18 21.62 -7.98
N ARG A 186 -1.30 20.30 -7.93
CA ARG A 186 -0.92 19.47 -9.09
C ARG A 186 -2.18 18.96 -9.82
N PRO A 187 -2.64 19.74 -10.78
CA PRO A 187 -3.85 19.36 -11.55
C PRO A 187 -3.59 18.16 -12.46
N ALA A 188 -2.35 17.86 -12.74
CA ALA A 188 -2.03 16.72 -13.63
C ALA A 188 -0.54 16.38 -13.54
N THR A 189 -0.24 15.22 -13.02
CA THR A 189 1.19 14.81 -12.90
C THR A 189 1.44 13.51 -13.67
N THR A 1 -14.04 26.36 20.96
CA THR A 1 -12.65 26.46 20.43
C THR A 1 -11.73 25.45 21.13
N SER A 2 -12.26 24.30 21.47
CA SER A 2 -11.41 23.26 22.15
C SER A 2 -10.27 22.82 21.22
N GLY A 3 -10.57 22.59 19.97
CA GLY A 3 -9.53 22.15 19.01
C GLY A 3 -9.71 20.66 18.71
N ILE A 4 -10.81 20.30 18.12
CA ILE A 4 -11.07 18.87 17.79
C ILE A 4 -10.97 18.64 16.27
N HIS A 5 -10.23 19.48 15.59
CA HIS A 5 -10.09 19.34 14.11
C HIS A 5 -8.89 18.44 13.76
N VAL A 6 -8.63 17.43 14.54
CA VAL A 6 -7.49 16.53 14.25
C VAL A 6 -7.82 15.64 13.04
N LEU A 7 -6.82 15.27 12.28
CA LEU A 7 -7.07 14.40 11.09
C LEU A 7 -7.50 12.99 11.53
N ASP A 8 -8.09 12.24 10.64
CA ASP A 8 -8.55 10.86 11.00
C ASP A 8 -7.44 9.82 10.81
N GLU A 9 -6.21 10.24 10.62
CA GLU A 9 -5.11 9.26 10.43
C GLU A 9 -4.51 8.85 11.80
N LEU A 10 -5.21 9.11 12.88
CA LEU A 10 -4.69 8.74 14.23
C LEU A 10 -4.50 7.23 14.30
N SER A 11 -5.45 6.49 13.78
CA SER A 11 -5.35 5.01 13.79
C SER A 11 -4.16 4.53 12.93
N VAL A 12 -3.98 5.12 11.77
CA VAL A 12 -2.86 4.69 10.88
C VAL A 12 -1.51 5.03 11.53
N ARG A 13 -1.41 6.14 12.22
CA ARG A 13 -0.10 6.51 12.85
C ARG A 13 0.31 5.44 13.88
N ALA A 14 -0.62 5.02 14.70
CA ALA A 14 -0.33 3.97 15.72
C ALA A 14 -0.14 2.61 15.06
N LEU A 15 -0.92 2.36 14.03
CA LEU A 15 -0.83 1.06 13.31
C LEU A 15 0.57 0.88 12.71
N SER A 16 1.14 1.94 12.20
CA SER A 16 2.50 1.86 11.61
C SER A 16 3.52 1.49 12.69
N ARG A 17 3.37 2.04 13.87
CA ARG A 17 4.34 1.73 14.97
C ARG A 17 4.33 0.24 15.35
N ASP A 18 3.18 -0.38 15.43
CA ASP A 18 3.11 -1.84 15.79
C ASP A 18 3.79 -2.72 14.73
N ILE A 19 3.58 -2.43 13.48
CA ILE A 19 4.21 -3.28 12.41
C ILE A 19 5.73 -3.11 12.42
N MET A 20 6.22 -1.91 12.61
CA MET A 20 7.70 -1.67 12.62
C MET A 20 8.36 -2.52 13.70
N LYS A 21 7.68 -2.74 14.80
CA LYS A 21 8.27 -3.58 15.88
C LYS A 21 8.46 -5.02 15.37
N GLN A 22 7.58 -5.47 14.50
CA GLN A 22 7.75 -6.84 13.91
C GLN A 22 8.55 -6.74 12.60
N ASN A 23 8.86 -5.54 12.17
CA ASN A 23 9.64 -5.36 10.91
C ASN A 23 11.13 -5.38 11.24
N ARG A 24 11.49 -4.99 12.45
CA ARG A 24 12.92 -5.02 12.86
C ARG A 24 13.09 -6.05 14.01
N VAL A 25 12.14 -6.95 14.15
CA VAL A 25 12.22 -8.00 15.21
C VAL A 25 13.58 -8.74 15.12
N THR A 26 14.47 -8.50 16.06
CA THR A 26 15.82 -9.16 16.03
C THR A 26 15.69 -10.67 15.84
N VAL A 27 15.92 -11.14 14.64
CA VAL A 27 15.79 -12.60 14.35
C VAL A 27 17.17 -13.20 14.01
N HIS A 28 17.50 -14.31 14.60
CA HIS A 28 18.81 -14.97 14.30
C HIS A 28 18.66 -15.98 13.16
N PRO A 29 19.63 -16.03 12.27
CA PRO A 29 19.54 -16.99 11.13
C PRO A 29 19.66 -18.44 11.61
N GLU A 30 20.34 -18.66 12.71
CA GLU A 30 20.48 -20.06 13.25
C GLU A 30 19.11 -20.62 13.61
N LYS A 31 18.22 -19.76 13.98
CA LYS A 31 16.86 -20.19 14.40
C LYS A 31 15.89 -19.03 14.17
N SER A 32 15.80 -18.58 12.95
CA SER A 32 14.90 -17.43 12.64
C SER A 32 13.45 -17.75 12.99
N VAL A 33 12.85 -16.95 13.85
CA VAL A 33 11.43 -17.19 14.24
C VAL A 33 10.48 -16.78 13.09
N PRO A 34 9.69 -17.70 12.60
CA PRO A 34 8.75 -17.35 11.51
C PRO A 34 7.58 -16.53 12.07
N ARG A 35 7.26 -15.44 11.43
CA ARG A 35 6.11 -14.60 11.89
C ARG A 35 5.63 -13.69 10.74
N THR A 36 5.28 -14.24 9.61
CA THR A 36 4.81 -13.37 8.50
C THR A 36 3.47 -12.75 8.91
N ALA A 37 2.69 -13.50 9.65
CA ALA A 37 1.34 -13.01 10.05
C ALA A 37 1.42 -11.88 11.10
N GLY A 38 2.60 -11.51 11.54
CA GLY A 38 2.70 -10.42 12.54
C GLY A 38 2.18 -9.12 11.92
N TYR A 39 2.55 -8.83 10.70
CA TYR A 39 2.05 -7.60 10.04
C TYR A 39 0.84 -7.94 9.13
N SER A 40 0.50 -9.20 8.99
CA SER A 40 -0.71 -9.54 8.19
C SER A 40 -1.93 -9.17 9.02
N ASP A 41 -1.86 -9.46 10.29
CA ASP A 41 -2.97 -9.14 11.22
C ASP A 41 -3.01 -7.62 11.47
N ALA A 42 -1.87 -7.01 11.62
CA ALA A 42 -1.84 -5.52 11.87
C ALA A 42 -2.43 -4.77 10.66
N VAL A 43 -2.07 -5.19 9.49
CA VAL A 43 -2.58 -4.53 8.23
C VAL A 43 -4.08 -4.78 8.03
N SER A 44 -4.53 -5.98 8.25
CA SER A 44 -5.97 -6.31 8.04
C SER A 44 -6.87 -5.41 8.91
N VAL A 45 -6.50 -5.19 10.14
CA VAL A 45 -7.33 -4.32 11.04
C VAL A 45 -7.42 -2.88 10.50
N LEU A 46 -6.32 -2.32 10.05
CA LEU A 46 -6.36 -0.91 9.54
C LEU A 46 -7.27 -0.77 8.32
N ALA A 47 -7.34 -1.77 7.45
CA ALA A 47 -8.24 -1.65 6.26
C ALA A 47 -9.69 -1.67 6.73
N GLN A 48 -9.98 -2.42 7.78
CA GLN A 48 -11.38 -2.46 8.29
C GLN A 48 -11.78 -1.06 8.75
N ASP A 49 -10.82 -0.28 9.19
CA ASP A 49 -11.12 1.13 9.60
C ASP A 49 -11.57 1.88 8.34
N ARG A 50 -10.66 2.46 7.58
CA ARG A 50 -11.09 3.17 6.32
C ARG A 50 -9.84 3.60 5.50
N PRO A 51 -9.01 4.43 6.08
CA PRO A 51 -7.81 4.89 5.33
C PRO A 51 -6.79 3.75 5.25
N SER A 52 -6.59 3.20 4.08
CA SER A 52 -5.63 2.07 3.95
C SER A 52 -4.20 2.57 3.79
N LEU A 53 -3.46 2.58 4.86
CA LEU A 53 -2.03 3.01 4.81
C LEU A 53 -1.29 2.17 5.83
N ALA A 54 -0.14 1.65 5.49
CA ALA A 54 0.60 0.78 6.44
C ALA A 54 1.99 0.47 5.88
N ILE A 55 2.87 -0.02 6.72
CA ILE A 55 4.24 -0.38 6.24
C ILE A 55 4.60 -1.76 6.79
N VAL A 56 4.83 -2.73 5.94
CA VAL A 56 5.18 -4.10 6.47
C VAL A 56 6.49 -4.59 5.83
N SER A 57 7.24 -5.41 6.54
CA SER A 57 8.52 -5.93 5.99
C SER A 57 8.58 -7.45 6.19
N GLY A 58 9.08 -8.17 5.21
CA GLY A 58 9.16 -9.67 5.33
C GLY A 58 10.56 -10.10 5.76
N GLN A 59 10.69 -11.29 6.28
CA GLN A 59 12.03 -11.80 6.71
C GLN A 59 12.46 -12.98 5.82
N GLY A 60 11.53 -13.61 5.15
CA GLY A 60 11.89 -14.76 4.26
C GLY A 60 10.63 -15.21 3.50
N GLY A 61 10.79 -16.05 2.51
CA GLY A 61 9.61 -16.55 1.73
C GLY A 61 8.85 -15.35 1.13
N ALA A 62 9.30 -14.86 0.00
CA ALA A 62 8.62 -13.68 -0.63
C ALA A 62 7.57 -14.14 -1.66
N ALA A 63 7.64 -15.36 -2.13
CA ALA A 63 6.65 -15.83 -3.14
C ALA A 63 5.26 -15.89 -2.50
N GLY A 64 5.18 -16.42 -1.30
CA GLY A 64 3.89 -16.49 -0.59
C GLY A 64 3.47 -15.10 -0.15
N GLN A 65 4.42 -14.23 0.09
CA GLN A 65 4.08 -12.85 0.54
C GLN A 65 3.24 -12.12 -0.52
N ARG A 66 3.59 -12.28 -1.79
CA ARG A 66 2.79 -11.60 -2.86
C ARG A 66 1.34 -12.08 -2.83
N GLU A 67 1.12 -13.36 -2.66
CA GLU A 67 -0.30 -13.84 -2.62
C GLU A 67 -1.01 -13.43 -1.32
N ARG A 68 -0.28 -13.27 -0.23
CA ARG A 68 -0.95 -12.88 1.05
C ARG A 68 -1.64 -11.52 0.93
N VAL A 69 -0.95 -10.50 0.46
CA VAL A 69 -1.63 -9.16 0.33
C VAL A 69 -2.79 -9.31 -0.66
N ALA A 70 -2.63 -10.17 -1.64
CA ALA A 70 -3.73 -10.41 -2.63
C ALA A 70 -4.94 -10.99 -1.90
N GLU A 71 -4.72 -11.67 -0.80
CA GLU A 71 -5.88 -12.22 -0.03
C GLU A 71 -6.68 -11.04 0.52
N LEU A 72 -6.00 -9.97 0.85
CA LEU A 72 -6.71 -8.75 1.36
C LEU A 72 -7.63 -8.24 0.25
N VAL A 73 -7.19 -8.35 -0.98
CA VAL A 73 -8.04 -7.90 -2.13
C VAL A 73 -9.35 -8.71 -2.15
N MET A 74 -9.33 -9.92 -1.64
CA MET A 74 -10.59 -10.74 -1.60
C MET A 74 -11.58 -10.06 -0.65
N MET A 75 -11.09 -9.53 0.44
CA MET A 75 -11.98 -8.82 1.40
C MET A 75 -12.62 -7.61 0.69
N ALA A 76 -11.97 -7.13 -0.35
CA ALA A 76 -12.53 -5.99 -1.14
C ALA A 76 -13.54 -6.51 -2.18
N ARG A 77 -13.40 -7.75 -2.57
CA ARG A 77 -14.35 -8.34 -3.56
C ARG A 77 -15.73 -8.51 -2.91
N GLU A 78 -15.78 -8.94 -1.67
CA GLU A 78 -17.10 -9.11 -0.98
C GLU A 78 -17.73 -7.74 -0.77
N GLN A 79 -16.91 -6.73 -0.58
CA GLN A 79 -17.45 -5.35 -0.37
C GLN A 79 -17.81 -4.69 -1.72
N GLY A 80 -17.79 -5.43 -2.81
CA GLY A 80 -18.14 -4.81 -4.13
C GLY A 80 -17.10 -3.75 -4.48
N ARG A 81 -15.86 -3.97 -4.14
CA ARG A 81 -14.81 -2.95 -4.46
C ARG A 81 -13.52 -3.60 -4.97
N GLU A 82 -13.09 -3.21 -6.14
CA GLU A 82 -11.81 -3.74 -6.70
C GLU A 82 -10.64 -2.91 -6.16
N VAL A 83 -9.43 -3.36 -6.31
CA VAL A 83 -8.27 -2.55 -5.79
C VAL A 83 -7.11 -2.54 -6.76
N GLN A 84 -6.25 -1.55 -6.64
CA GLN A 84 -5.03 -1.49 -7.49
C GLN A 84 -3.91 -2.07 -6.65
N ILE A 85 -3.39 -3.21 -6.99
CA ILE A 85 -2.33 -3.80 -6.14
C ILE A 85 -1.09 -4.14 -6.97
N ILE A 86 0.04 -3.74 -6.48
CA ILE A 86 1.33 -4.00 -7.19
C ILE A 86 2.05 -5.17 -6.51
N ALA A 87 3.09 -5.65 -7.12
CA ALA A 87 3.89 -6.74 -6.52
C ALA A 87 5.32 -6.25 -6.42
N ALA A 88 6.09 -6.81 -5.53
CA ALA A 88 7.51 -6.37 -5.39
C ALA A 88 8.26 -6.54 -6.73
N ASP A 89 9.56 -6.56 -6.70
CA ASP A 89 10.35 -6.72 -7.97
C ASP A 89 9.91 -7.98 -8.77
N ARG A 90 9.12 -8.85 -8.18
CA ARG A 90 8.69 -10.09 -8.91
C ARG A 90 7.36 -9.89 -9.67
N ARG A 91 6.83 -8.69 -9.72
CA ARG A 91 5.53 -8.49 -10.44
C ARG A 91 5.62 -8.90 -11.92
N SER A 92 6.75 -8.71 -12.56
CA SER A 92 6.85 -9.07 -14.02
C SER A 92 6.50 -10.55 -14.28
N GLN A 93 7.15 -11.48 -13.60
CA GLN A 93 6.83 -12.92 -13.83
C GLN A 93 5.40 -13.21 -13.35
N MET A 94 5.01 -12.61 -12.26
CA MET A 94 3.63 -12.80 -11.72
C MET A 94 2.61 -12.38 -12.77
N ASN A 95 2.94 -11.41 -13.56
CA ASN A 95 2.00 -10.93 -14.62
C ASN A 95 1.70 -12.05 -15.60
N MET A 96 2.69 -12.86 -15.92
CA MET A 96 2.44 -13.99 -16.88
C MET A 96 1.33 -14.90 -16.33
N LYS A 97 1.33 -15.16 -15.05
CA LYS A 97 0.26 -16.01 -14.45
C LYS A 97 -0.51 -15.19 -13.39
N GLN A 98 -1.08 -15.82 -12.39
CA GLN A 98 -1.84 -15.07 -11.34
C GLN A 98 -2.85 -14.10 -11.95
N ASP A 99 -4.01 -14.61 -12.33
CA ASP A 99 -5.05 -13.74 -12.94
C ASP A 99 -6.35 -13.83 -12.12
N GLU A 100 -6.22 -14.12 -10.84
CA GLU A 100 -7.43 -14.24 -9.98
C GLU A 100 -7.47 -13.12 -8.93
N ARG A 101 -6.35 -12.51 -8.67
CA ARG A 101 -6.31 -11.43 -7.64
C ARG A 101 -6.09 -10.05 -8.28
N LEU A 102 -5.69 -9.99 -9.53
CA LEU A 102 -5.45 -8.64 -10.17
C LEU A 102 -5.20 -8.78 -11.67
N SER A 103 -6.13 -9.28 -12.43
CA SER A 103 -5.92 -9.43 -13.90
C SER A 103 -6.36 -8.16 -14.63
N GLY A 104 -5.95 -7.01 -14.17
CA GLY A 104 -6.35 -5.74 -14.83
C GLY A 104 -7.72 -5.29 -14.34
N GLU A 105 -8.10 -5.68 -13.14
CA GLU A 105 -9.42 -5.27 -12.59
C GLU A 105 -9.21 -4.32 -11.44
N LEU A 106 -8.46 -3.26 -11.64
CA LEU A 106 -8.22 -2.31 -10.51
C LEU A 106 -9.47 -1.42 -10.40
N ILE A 107 -9.59 -0.40 -11.23
CA ILE A 107 -10.84 0.42 -11.25
C ILE A 107 -10.75 1.57 -12.23
N THR A 108 -9.63 2.25 -12.27
CA THR A 108 -9.49 3.38 -13.21
C THR A 108 -8.64 2.95 -14.41
N GLY A 109 -8.34 1.68 -14.55
CA GLY A 109 -7.51 1.21 -15.70
C GLY A 109 -8.44 0.86 -16.85
N ARG A 110 -9.12 1.84 -17.38
CA ARG A 110 -10.03 1.57 -18.53
C ARG A 110 -9.99 2.76 -19.47
N ARG A 111 -10.50 3.87 -19.03
CA ARG A 111 -10.47 5.08 -19.86
C ARG A 111 -9.50 6.10 -19.28
N GLN A 112 -9.34 6.10 -17.98
CA GLN A 112 -8.40 7.06 -17.32
C GLN A 112 -6.96 6.86 -17.81
N LEU A 113 -6.51 5.63 -17.87
CA LEU A 113 -5.10 5.38 -18.31
C LEU A 113 -5.03 5.16 -19.83
N LEU A 114 -6.16 4.85 -20.44
CA LEU A 114 -6.16 4.61 -21.92
C LEU A 114 -6.75 5.79 -22.69
N GLU A 115 -7.89 6.31 -22.28
CA GLU A 115 -8.53 7.40 -23.07
C GLU A 115 -8.34 8.81 -22.48
N GLY A 116 -7.79 8.97 -21.30
CA GLY A 116 -7.62 10.36 -20.74
C GLY A 116 -8.88 10.77 -19.94
N MET A 117 -9.97 10.06 -20.07
CA MET A 117 -11.22 10.43 -19.32
C MET A 117 -11.01 10.18 -17.83
N ALA A 118 -12.03 10.39 -17.04
CA ALA A 118 -11.90 10.18 -15.56
C ALA A 118 -12.77 9.00 -15.08
N PHE A 119 -12.33 8.31 -14.06
CA PHE A 119 -13.14 7.17 -13.54
C PHE A 119 -13.61 7.50 -12.13
N THR A 120 -14.75 6.99 -11.73
CA THR A 120 -15.26 7.27 -10.35
C THR A 120 -14.24 6.74 -9.32
N PRO A 121 -13.59 7.64 -8.61
CA PRO A 121 -12.60 7.20 -7.62
C PRO A 121 -13.31 6.57 -6.42
N GLY A 122 -13.13 5.30 -6.24
CA GLY A 122 -13.77 4.59 -5.10
C GLY A 122 -13.06 3.26 -4.85
N SER A 123 -11.85 3.11 -5.32
CA SER A 123 -11.11 1.83 -5.12
C SER A 123 -10.23 1.90 -3.88
N THR A 124 -9.62 0.80 -3.57
CA THR A 124 -8.65 0.77 -2.44
C THR A 124 -7.31 0.42 -3.08
N VAL A 125 -6.29 1.19 -2.83
CA VAL A 125 -5.00 0.90 -3.51
C VAL A 125 -3.91 0.45 -2.54
N ILE A 126 -3.29 -0.64 -2.88
CA ILE A 126 -2.18 -1.18 -2.07
C ILE A 126 -0.98 -1.37 -3.02
N VAL A 127 0.21 -1.53 -2.53
CA VAL A 127 1.37 -1.74 -3.42
C VAL A 127 2.41 -2.58 -2.69
N ASP A 128 2.62 -3.79 -3.13
CA ASP A 128 3.61 -4.66 -2.47
C ASP A 128 4.97 -4.35 -3.05
N GLN A 129 5.76 -3.66 -2.28
CA GLN A 129 7.09 -3.19 -2.73
C GLN A 129 8.25 -4.09 -2.24
N GLY A 130 9.43 -3.77 -2.71
CA GLY A 130 10.69 -4.49 -2.34
C GLY A 130 11.79 -3.66 -3.00
N GLU A 131 11.65 -3.50 -4.28
CA GLU A 131 12.57 -2.64 -5.06
C GLU A 131 12.18 -1.20 -4.74
N LYS A 132 12.48 -0.28 -5.59
CA LYS A 132 12.10 1.15 -5.33
C LYS A 132 11.29 1.72 -6.53
N LEU A 133 11.39 1.09 -7.67
CA LEU A 133 10.64 1.56 -8.88
C LEU A 133 9.13 1.30 -8.71
N SER A 134 8.79 0.26 -8.00
CA SER A 134 7.34 -0.07 -7.79
C SER A 134 6.66 0.98 -6.91
N LEU A 135 7.33 1.45 -5.89
CA LEU A 135 6.71 2.47 -4.98
C LEU A 135 6.43 3.78 -5.73
N LYS A 136 7.39 4.26 -6.49
CA LYS A 136 7.20 5.56 -7.21
C LYS A 136 6.14 5.49 -8.32
N GLU A 137 6.11 4.44 -9.12
CA GLU A 137 5.08 4.40 -10.22
C GLU A 137 3.66 4.30 -9.63
N THR A 138 3.49 3.50 -8.61
CA THR A 138 2.14 3.38 -7.98
C THR A 138 1.73 4.74 -7.41
N LEU A 139 2.66 5.40 -6.78
CA LEU A 139 2.37 6.72 -6.15
C LEU A 139 1.93 7.76 -7.19
N THR A 140 2.52 7.75 -8.35
CA THR A 140 2.14 8.75 -9.40
C THR A 140 0.70 8.57 -9.89
N LEU A 141 0.19 7.35 -9.90
CA LEU A 141 -1.24 7.14 -10.34
C LEU A 141 -2.19 7.44 -9.18
N LEU A 142 -1.81 7.05 -7.99
CA LEU A 142 -2.66 7.29 -6.78
C LEU A 142 -2.85 8.77 -6.50
N ASP A 143 -1.92 9.59 -6.92
CA ASP A 143 -2.04 11.07 -6.64
C ASP A 143 -3.44 11.61 -7.00
N GLY A 144 -3.91 11.34 -8.19
CA GLY A 144 -5.26 11.84 -8.58
C GLY A 144 -6.36 11.08 -7.84
N ALA A 145 -6.31 9.78 -7.85
CA ALA A 145 -7.37 8.94 -7.18
C ALA A 145 -7.36 9.10 -5.66
N ALA A 146 -6.22 9.18 -5.04
CA ALA A 146 -6.15 9.28 -3.55
C ALA A 146 -6.86 10.53 -3.04
N ARG A 147 -6.82 11.63 -3.78
CA ARG A 147 -7.56 12.85 -3.30
C ARG A 147 -9.04 12.47 -3.09
N HIS A 148 -9.50 11.51 -3.85
CA HIS A 148 -10.91 11.03 -3.71
C HIS A 148 -10.95 9.81 -2.75
N ASN A 149 -11.66 8.76 -3.07
CA ASN A 149 -11.74 7.58 -2.16
C ASN A 149 -10.64 6.54 -2.43
N VAL A 150 -9.41 6.87 -2.12
CA VAL A 150 -8.31 5.90 -2.33
C VAL A 150 -7.30 6.00 -1.18
N GLN A 151 -6.39 5.06 -1.08
CA GLN A 151 -5.41 5.08 0.04
C GLN A 151 -4.17 4.24 -0.31
N VAL A 152 -3.09 4.43 0.41
CA VAL A 152 -1.83 3.66 0.11
C VAL A 152 -1.52 2.63 1.20
N LEU A 153 -1.84 1.39 0.97
CA LEU A 153 -1.47 0.31 1.93
C LEU A 153 -0.25 -0.35 1.31
N ILE A 154 0.89 -0.33 1.95
CA ILE A 154 2.09 -0.92 1.27
C ILE A 154 2.80 -1.96 2.15
N THR A 155 3.51 -2.86 1.52
CA THR A 155 4.28 -3.89 2.25
C THR A 155 5.72 -3.86 1.72
N ASP A 156 6.60 -4.72 2.18
CA ASP A 156 8.00 -4.70 1.67
C ASP A 156 8.68 -6.06 1.82
N SER A 157 9.77 -6.24 1.11
CA SER A 157 10.53 -7.53 1.19
C SER A 157 12.04 -7.23 1.17
N GLY A 158 12.43 -6.01 1.47
CA GLY A 158 13.87 -5.66 1.46
C GLY A 158 14.11 -4.32 2.19
N GLN A 159 13.24 -3.96 3.11
CA GLN A 159 13.40 -2.67 3.85
C GLN A 159 14.11 -2.87 5.20
N ARG A 160 14.49 -4.10 5.54
CA ARG A 160 15.17 -4.37 6.87
C ARG A 160 16.23 -3.29 7.18
N THR A 161 17.00 -2.90 6.20
CA THR A 161 18.04 -1.86 6.42
C THR A 161 17.57 -0.55 5.78
N GLY A 162 18.16 0.58 6.13
CA GLY A 162 17.75 1.88 5.53
C GLY A 162 16.22 2.05 5.59
N THR A 163 15.60 1.60 6.66
CA THR A 163 14.12 1.72 6.78
C THR A 163 13.66 3.17 6.69
N GLY A 164 14.34 4.07 7.34
CA GLY A 164 13.94 5.51 7.30
C GLY A 164 14.07 6.05 5.87
N SER A 165 15.10 5.64 5.16
CA SER A 165 15.30 6.13 3.77
C SER A 165 14.18 5.66 2.84
N ALA A 166 13.64 4.49 3.08
CA ALA A 166 12.54 3.98 2.19
C ALA A 166 11.31 4.87 2.30
N LEU A 167 11.01 5.36 3.49
CA LEU A 167 9.83 6.26 3.65
C LEU A 167 10.02 7.52 2.81
N MET A 168 11.21 8.07 2.81
CA MET A 168 11.50 9.28 1.98
C MET A 168 11.32 8.92 0.51
N ALA A 169 11.65 7.70 0.16
CA ALA A 169 11.51 7.24 -1.26
C ALA A 169 10.08 7.48 -1.76
N MET A 170 9.08 7.03 -1.03
CA MET A 170 7.67 7.24 -1.48
C MET A 170 7.38 8.74 -1.67
N LYS A 171 7.80 9.56 -0.73
CA LYS A 171 7.56 11.03 -0.83
C LYS A 171 8.31 11.63 -2.03
N ASP A 172 9.43 11.06 -2.40
CA ASP A 172 10.23 11.57 -3.56
C ASP A 172 9.52 11.32 -4.88
N ALA A 173 8.49 10.50 -4.87
CA ALA A 173 7.77 10.18 -6.14
C ALA A 173 6.79 11.29 -6.57
N GLY A 174 6.83 12.44 -5.94
CA GLY A 174 5.89 13.55 -6.35
C GLY A 174 5.06 14.01 -5.15
N VAL A 175 5.01 13.24 -4.08
CA VAL A 175 4.20 13.67 -2.90
C VAL A 175 5.02 14.62 -2.01
N ASN A 176 4.58 15.84 -1.88
CA ASN A 176 5.30 16.82 -1.01
C ASN A 176 4.45 18.07 -0.84
N THR A 177 4.23 18.47 0.38
CA THR A 177 3.43 19.70 0.63
C THR A 177 4.39 20.87 0.85
N TYR A 178 4.14 21.98 0.20
CA TYR A 178 5.07 23.13 0.37
C TYR A 178 4.87 23.76 1.76
N ARG A 179 3.86 24.57 1.94
CA ARG A 179 3.61 25.19 3.27
C ARG A 179 2.11 25.22 3.58
N TRP A 180 1.39 26.18 3.07
CA TRP A 180 -0.07 26.26 3.34
C TRP A 180 -0.87 25.49 2.28
N GLN A 181 -0.29 25.28 1.12
CA GLN A 181 -1.00 24.54 0.04
C GLN A 181 -0.01 23.78 -0.85
N GLY A 182 -0.17 22.48 -0.94
CA GLY A 182 0.77 21.67 -1.79
C GLY A 182 0.29 21.66 -3.24
N GLY A 183 0.22 20.50 -3.83
CA GLY A 183 -0.25 20.40 -5.25
C GLY A 183 -1.71 19.94 -5.26
N GLU A 184 -2.47 20.33 -4.29
CA GLU A 184 -3.90 19.90 -4.21
C GLU A 184 -4.83 20.92 -4.92
N GLN A 185 -4.34 22.09 -5.23
CA GLN A 185 -5.20 23.12 -5.88
C GLN A 185 -5.30 22.92 -7.41
N ARG A 186 -4.61 21.94 -7.95
CA ARG A 186 -4.69 21.73 -9.44
C ARG A 186 -5.47 20.44 -9.76
N PRO A 187 -6.78 20.52 -9.64
CA PRO A 187 -7.62 19.33 -9.95
C PRO A 187 -7.58 19.05 -11.46
N ALA A 188 -7.35 20.07 -12.26
CA ALA A 188 -7.29 19.88 -13.75
C ALA A 188 -6.92 21.21 -14.44
N THR A 189 -6.08 22.00 -13.80
CA THR A 189 -5.67 23.30 -14.41
C THR A 189 -4.29 23.72 -13.90
N THR A 1 -23.46 1.77 11.14
CA THR A 1 -24.69 2.22 10.44
C THR A 1 -25.02 3.68 10.80
N SER A 2 -24.29 4.61 10.23
CA SER A 2 -24.53 6.07 10.52
C SER A 2 -24.54 6.34 12.03
N GLY A 3 -23.93 5.49 12.81
CA GLY A 3 -23.92 5.72 14.30
C GLY A 3 -22.61 6.37 14.72
N ILE A 4 -21.50 5.87 14.23
CA ILE A 4 -20.19 6.45 14.62
C ILE A 4 -19.56 7.21 13.44
N HIS A 5 -19.14 8.43 13.66
CA HIS A 5 -18.52 9.23 12.56
C HIS A 5 -17.17 9.80 13.01
N VAL A 6 -16.25 8.94 13.37
CA VAL A 6 -14.90 9.41 13.83
C VAL A 6 -13.84 9.01 12.79
N LEU A 7 -12.73 9.72 12.73
CA LEU A 7 -11.67 9.35 11.74
C LEU A 7 -10.82 8.22 12.29
N ASP A 8 -10.49 7.26 11.47
CA ASP A 8 -9.67 6.11 11.93
C ASP A 8 -8.18 6.31 11.61
N GLU A 9 -7.81 7.50 11.17
CA GLU A 9 -6.36 7.76 10.84
C GLU A 9 -5.51 7.54 12.10
N LEU A 10 -6.03 7.86 13.25
CA LEU A 10 -5.27 7.68 14.52
C LEU A 10 -4.99 6.20 14.77
N SER A 11 -5.89 5.33 14.37
CA SER A 11 -5.66 3.86 14.58
C SER A 11 -4.41 3.42 13.85
N VAL A 12 -4.17 3.98 12.70
CA VAL A 12 -2.98 3.62 11.89
C VAL A 12 -1.68 4.02 12.59
N ARG A 13 -1.67 5.11 13.33
CA ARG A 13 -0.41 5.55 14.02
C ARG A 13 0.13 4.44 14.95
N ALA A 14 -0.72 3.87 15.77
CA ALA A 14 -0.28 2.77 16.69
C ALA A 14 0.12 1.56 15.86
N LEU A 15 -0.56 1.35 14.77
CA LEU A 15 -0.27 0.17 13.90
C LEU A 15 1.15 0.22 13.33
N SER A 16 1.62 1.38 12.95
CA SER A 16 3.01 1.48 12.39
C SER A 16 4.04 1.14 13.46
N ARG A 17 3.80 1.54 14.69
CA ARG A 17 4.78 1.25 15.76
C ARG A 17 4.90 -0.26 16.04
N ASP A 18 3.80 -0.97 16.11
CA ASP A 18 3.86 -2.45 16.39
C ASP A 18 4.49 -3.21 15.20
N ILE A 19 4.10 -2.87 14.01
CA ILE A 19 4.65 -3.57 12.81
C ILE A 19 6.17 -3.37 12.76
N MET A 20 6.61 -2.17 13.02
CA MET A 20 8.07 -1.88 12.99
C MET A 20 8.80 -2.71 14.06
N LYS A 21 8.13 -3.05 15.14
CA LYS A 21 8.82 -3.90 16.18
C LYS A 21 9.21 -5.24 15.57
N GLN A 22 8.47 -5.71 14.59
CA GLN A 22 8.88 -6.97 13.91
C GLN A 22 9.82 -6.65 12.73
N ASN A 23 9.83 -5.40 12.30
CA ASN A 23 10.69 -4.97 11.17
C ASN A 23 12.18 -5.06 11.55
N ARG A 24 12.52 -4.73 12.77
CA ARG A 24 13.95 -4.82 13.23
C ARG A 24 14.06 -5.87 14.37
N VAL A 25 13.08 -6.73 14.47
CA VAL A 25 13.10 -7.80 15.53
C VAL A 25 14.46 -8.52 15.57
N THR A 26 15.17 -8.43 16.68
CA THR A 26 16.52 -9.09 16.78
C THR A 26 16.41 -10.57 16.39
N VAL A 27 16.65 -10.87 15.14
CA VAL A 27 16.55 -12.28 14.66
C VAL A 27 17.94 -12.85 14.33
N HIS A 28 18.22 -14.04 14.80
CA HIS A 28 19.56 -14.66 14.54
C HIS A 28 19.50 -15.48 13.23
N PRO A 29 20.50 -15.35 12.39
CA PRO A 29 20.52 -16.11 11.11
C PRO A 29 20.66 -17.61 11.39
N GLU A 30 21.33 -17.97 12.46
CA GLU A 30 21.48 -19.42 12.80
C GLU A 30 20.12 -20.06 13.00
N LYS A 31 19.16 -19.28 13.40
CA LYS A 31 17.79 -19.80 13.65
C LYS A 31 16.79 -18.66 13.45
N SER A 32 16.81 -18.05 12.29
CA SER A 32 15.88 -16.90 12.01
C SER A 32 14.43 -17.29 12.27
N VAL A 33 13.80 -16.62 13.21
CA VAL A 33 12.37 -16.92 13.55
C VAL A 33 11.44 -16.52 12.40
N PRO A 34 10.83 -17.50 11.75
CA PRO A 34 9.92 -17.20 10.62
C PRO A 34 8.60 -16.65 11.18
N ARG A 35 8.05 -15.63 10.55
CA ARG A 35 6.77 -15.04 11.08
C ARG A 35 6.03 -14.20 10.03
N THR A 36 5.46 -14.81 9.02
CA THR A 36 4.69 -14.01 8.02
C THR A 36 3.44 -13.46 8.72
N ALA A 37 2.86 -14.27 9.58
CA ALA A 37 1.61 -13.85 10.29
C ALA A 37 1.83 -12.54 11.06
N GLY A 38 3.06 -12.24 11.41
CA GLY A 38 3.35 -10.98 12.19
C GLY A 38 2.65 -9.77 11.56
N TYR A 39 2.91 -9.48 10.31
CA TYR A 39 2.25 -8.32 9.66
C TYR A 39 0.90 -8.74 9.04
N SER A 40 0.55 -10.00 9.11
CA SER A 40 -0.77 -10.43 8.57
C SER A 40 -1.87 -9.90 9.47
N ASP A 41 -1.66 -9.99 10.75
CA ASP A 41 -2.67 -9.50 11.73
C ASP A 41 -2.65 -7.97 11.82
N ALA A 42 -1.48 -7.38 11.88
CA ALA A 42 -1.40 -5.88 11.97
C ALA A 42 -1.93 -5.20 10.71
N VAL A 43 -1.50 -5.64 9.57
CA VAL A 43 -1.93 -5.02 8.28
C VAL A 43 -3.42 -5.27 8.02
N SER A 44 -3.89 -6.48 8.21
CA SER A 44 -5.32 -6.77 7.94
C SER A 44 -6.25 -5.93 8.84
N VAL A 45 -5.87 -5.73 10.08
CA VAL A 45 -6.75 -4.95 11.01
C VAL A 45 -6.92 -3.48 10.58
N LEU A 46 -5.95 -2.86 9.92
CA LEU A 46 -6.16 -1.43 9.51
C LEU A 46 -7.08 -1.35 8.29
N ALA A 47 -7.04 -2.33 7.42
CA ALA A 47 -7.95 -2.30 6.23
C ALA A 47 -9.39 -2.45 6.71
N GLN A 48 -9.60 -3.27 7.71
CA GLN A 48 -10.98 -3.47 8.26
C GLN A 48 -11.50 -2.12 8.73
N ASP A 49 -10.63 -1.30 9.29
CA ASP A 49 -11.05 0.06 9.72
C ASP A 49 -11.45 0.83 8.46
N ARG A 50 -10.53 1.51 7.81
CA ARG A 50 -10.88 2.26 6.55
C ARG A 50 -9.61 2.87 5.92
N PRO A 51 -8.92 3.73 6.65
CA PRO A 51 -7.70 4.35 6.08
C PRO A 51 -6.61 3.31 5.83
N SER A 52 -6.42 2.92 4.58
CA SER A 52 -5.36 1.94 4.26
C SER A 52 -4.03 2.69 4.14
N LEU A 53 -3.22 2.65 5.16
CA LEU A 53 -1.92 3.38 5.11
C LEU A 53 -0.98 2.90 6.19
N ALA A 54 -0.14 1.94 5.86
CA ALA A 54 0.80 1.41 6.88
C ALA A 54 2.10 0.92 6.23
N ILE A 55 3.12 0.78 7.02
CA ILE A 55 4.43 0.30 6.48
C ILE A 55 4.77 -1.07 7.07
N VAL A 56 5.08 -2.03 6.24
CA VAL A 56 5.42 -3.39 6.74
C VAL A 56 6.71 -3.87 6.07
N SER A 57 7.41 -4.80 6.66
CA SER A 57 8.66 -5.30 6.04
C SER A 57 8.66 -6.82 5.98
N GLY A 58 9.11 -7.39 4.89
CA GLY A 58 9.10 -8.88 4.76
C GLY A 58 10.46 -9.46 5.15
N GLN A 59 10.45 -10.52 5.91
CA GLN A 59 11.73 -11.17 6.33
C GLN A 59 11.91 -12.50 5.58
N GLY A 60 10.88 -13.01 4.96
CA GLY A 60 10.97 -14.29 4.22
C GLY A 60 9.62 -14.61 3.59
N GLY A 61 9.57 -15.61 2.75
CA GLY A 61 8.27 -15.98 2.10
C GLY A 61 7.76 -14.81 1.25
N ALA A 62 8.62 -14.20 0.47
CA ALA A 62 8.18 -13.05 -0.39
C ALA A 62 7.14 -13.52 -1.41
N ALA A 63 7.31 -14.71 -1.95
CA ALA A 63 6.33 -15.21 -2.96
C ALA A 63 4.94 -15.38 -2.33
N GLY A 64 4.87 -15.94 -1.15
CA GLY A 64 3.55 -16.12 -0.49
C GLY A 64 3.05 -14.77 0.02
N GLN A 65 3.96 -13.87 0.35
CA GLN A 65 3.53 -12.54 0.87
C GLN A 65 2.74 -11.80 -0.22
N ARG A 66 3.19 -11.86 -1.46
CA ARG A 66 2.46 -11.17 -2.56
C ARG A 66 1.05 -11.76 -2.70
N GLU A 67 0.94 -13.07 -2.67
CA GLU A 67 -0.40 -13.72 -2.79
C GLU A 67 -1.28 -13.32 -1.59
N ARG A 68 -0.65 -13.06 -0.46
CA ARG A 68 -1.45 -12.68 0.76
C ARG A 68 -2.11 -11.31 0.58
N VAL A 69 -1.39 -10.29 0.18
CA VAL A 69 -2.03 -8.94 0.04
C VAL A 69 -3.24 -9.02 -0.89
N ALA A 70 -3.21 -9.89 -1.86
CA ALA A 70 -4.41 -10.05 -2.74
C ALA A 70 -5.57 -10.57 -1.88
N GLU A 71 -5.26 -11.27 -0.81
CA GLU A 71 -6.34 -11.77 0.09
C GLU A 71 -7.11 -10.56 0.63
N LEU A 72 -6.42 -9.46 0.87
CA LEU A 72 -7.12 -8.21 1.34
C LEU A 72 -8.08 -7.77 0.24
N VAL A 73 -7.67 -7.91 -0.99
CA VAL A 73 -8.54 -7.51 -2.14
C VAL A 73 -9.82 -8.36 -2.14
N MET A 74 -9.77 -9.57 -1.62
CA MET A 74 -11.00 -10.41 -1.57
C MET A 74 -12.01 -9.77 -0.63
N MET A 75 -11.53 -9.23 0.48
CA MET A 75 -12.43 -8.54 1.45
C MET A 75 -13.15 -7.38 0.74
N ALA A 76 -12.55 -6.86 -0.30
CA ALA A 76 -13.18 -5.75 -1.06
C ALA A 76 -14.19 -6.31 -2.07
N ARG A 77 -14.04 -7.56 -2.46
CA ARG A 77 -15.01 -8.16 -3.43
C ARG A 77 -16.41 -8.27 -2.82
N GLU A 78 -16.50 -8.80 -1.61
CA GLU A 78 -17.84 -8.95 -0.95
C GLU A 78 -18.41 -7.59 -0.57
N GLN A 79 -17.56 -6.63 -0.30
CA GLN A 79 -18.07 -5.27 0.08
C GLN A 79 -18.51 -4.48 -1.17
N GLY A 80 -18.50 -5.10 -2.34
CA GLY A 80 -18.92 -4.37 -3.57
C GLY A 80 -17.96 -3.21 -3.83
N ARG A 81 -16.70 -3.38 -3.52
CA ARG A 81 -15.72 -2.28 -3.73
C ARG A 81 -14.49 -2.80 -4.47
N GLU A 82 -14.11 -2.17 -5.56
CA GLU A 82 -12.91 -2.63 -6.32
C GLU A 82 -11.65 -2.08 -5.66
N VAL A 83 -10.51 -2.68 -5.89
CA VAL A 83 -9.28 -2.16 -5.24
C VAL A 83 -8.04 -2.29 -6.13
N GLN A 84 -7.12 -1.40 -5.92
CA GLN A 84 -5.85 -1.40 -6.71
C GLN A 84 -4.72 -1.99 -5.86
N ILE A 85 -4.06 -3.02 -6.30
CA ILE A 85 -2.93 -3.59 -5.48
C ILE A 85 -1.81 -4.01 -6.42
N ILE A 86 -0.58 -3.87 -5.98
CA ILE A 86 0.55 -4.28 -6.85
C ILE A 86 1.54 -5.11 -6.06
N ALA A 87 1.91 -6.25 -6.54
CA ALA A 87 2.93 -7.04 -5.83
C ALA A 87 4.28 -6.41 -6.15
N ALA A 88 5.32 -6.79 -5.45
CA ALA A 88 6.67 -6.21 -5.73
C ALA A 88 7.05 -6.45 -7.21
N ASP A 89 8.30 -6.32 -7.54
CA ASP A 89 8.75 -6.53 -8.97
C ASP A 89 8.19 -7.84 -9.56
N ARG A 90 7.83 -8.78 -8.71
CA ARG A 90 7.31 -10.09 -9.21
C ARG A 90 5.88 -9.98 -9.78
N ARG A 91 5.24 -8.83 -9.66
CA ARG A 91 3.85 -8.71 -10.19
C ARG A 91 3.83 -8.96 -11.72
N SER A 92 4.93 -8.78 -12.40
CA SER A 92 4.93 -9.00 -13.89
C SER A 92 4.61 -10.46 -14.20
N GLN A 93 5.23 -11.38 -13.51
CA GLN A 93 4.95 -12.83 -13.77
C GLN A 93 3.51 -13.12 -13.39
N MET A 94 3.08 -12.57 -12.29
CA MET A 94 1.69 -12.79 -11.82
C MET A 94 0.68 -12.29 -12.86
N ASN A 95 1.00 -11.25 -13.59
CA ASN A 95 0.04 -10.71 -14.62
C ASN A 95 -0.27 -11.77 -15.67
N MET A 96 0.72 -12.55 -16.04
CA MET A 96 0.47 -13.60 -17.07
C MET A 96 -0.60 -14.57 -16.58
N LYS A 97 -0.62 -14.85 -15.31
CA LYS A 97 -1.63 -15.80 -14.74
C LYS A 97 -2.23 -15.21 -13.45
N GLN A 98 -2.48 -16.02 -12.44
CA GLN A 98 -3.03 -15.49 -11.15
C GLN A 98 -4.21 -14.53 -11.34
N ASP A 99 -5.41 -15.04 -11.36
CA ASP A 99 -6.62 -14.17 -11.51
C ASP A 99 -7.18 -13.83 -10.13
N GLU A 100 -6.88 -14.66 -9.14
CA GLU A 100 -7.35 -14.38 -7.75
C GLU A 100 -6.60 -13.18 -7.20
N ARG A 101 -5.38 -13.00 -7.65
CA ARG A 101 -4.55 -11.88 -7.15
C ARG A 101 -4.86 -10.57 -7.90
N LEU A 102 -5.89 -10.56 -8.72
CA LEU A 102 -6.27 -9.31 -9.47
C LEU A 102 -5.07 -8.76 -10.25
N SER A 103 -4.17 -9.61 -10.64
CA SER A 103 -2.95 -9.15 -11.40
C SER A 103 -3.29 -8.63 -12.81
N GLY A 104 -4.25 -7.74 -12.94
CA GLY A 104 -4.63 -7.19 -14.27
C GLY A 104 -6.03 -6.60 -14.20
N GLU A 105 -6.34 -5.88 -13.13
CA GLU A 105 -7.68 -5.26 -12.96
C GLU A 105 -7.75 -4.51 -11.64
N LEU A 106 -7.38 -3.25 -11.66
CA LEU A 106 -7.42 -2.45 -10.40
C LEU A 106 -8.70 -1.60 -10.39
N ILE A 107 -8.71 -0.48 -11.08
CA ILE A 107 -9.97 0.31 -11.20
C ILE A 107 -9.88 1.24 -12.41
N THR A 108 -8.78 1.92 -12.57
CA THR A 108 -8.64 2.85 -13.72
C THR A 108 -7.76 2.25 -14.82
N GLY A 109 -7.49 0.96 -14.78
CA GLY A 109 -6.61 0.34 -15.82
C GLY A 109 -7.41 0.09 -17.10
N ARG A 110 -8.01 1.11 -17.68
CA ARG A 110 -8.80 0.92 -18.91
C ARG A 110 -8.61 2.12 -19.82
N ARG A 111 -9.02 3.26 -19.35
CA ARG A 111 -8.87 4.48 -20.18
C ARG A 111 -7.80 5.41 -19.62
N GLN A 112 -7.61 5.42 -18.33
CA GLN A 112 -6.56 6.30 -17.74
C GLN A 112 -5.17 5.91 -18.21
N LEU A 113 -4.91 4.62 -18.34
CA LEU A 113 -3.54 4.19 -18.77
C LEU A 113 -3.44 4.06 -20.29
N LEU A 114 -4.54 3.80 -20.96
CA LEU A 114 -4.47 3.61 -22.44
C LEU A 114 -5.02 4.80 -23.25
N GLU A 115 -6.16 5.35 -22.86
CA GLU A 115 -6.73 6.47 -23.68
C GLU A 115 -6.51 7.86 -23.07
N GLY A 116 -6.01 7.95 -21.86
CA GLY A 116 -5.77 9.30 -21.25
C GLY A 116 -6.98 9.79 -20.46
N MET A 117 -8.16 9.28 -20.74
CA MET A 117 -9.37 9.76 -20.02
C MET A 117 -9.25 9.42 -18.54
N ALA A 118 -10.23 9.74 -17.74
CA ALA A 118 -10.12 9.47 -16.27
C ALA A 118 -11.14 8.42 -15.82
N PHE A 119 -10.82 7.73 -14.76
CA PHE A 119 -11.74 6.68 -14.24
C PHE A 119 -12.25 7.09 -12.85
N THR A 120 -13.44 6.68 -12.51
CA THR A 120 -14.05 7.03 -11.18
C THR A 120 -13.02 6.85 -10.06
N PRO A 121 -12.45 7.94 -9.60
CA PRO A 121 -11.44 7.85 -8.54
C PRO A 121 -12.11 7.42 -7.25
N GLY A 122 -11.79 6.24 -6.78
CA GLY A 122 -12.38 5.75 -5.52
C GLY A 122 -11.95 4.32 -5.25
N SER A 123 -10.71 4.01 -5.56
CA SER A 123 -10.20 2.63 -5.37
C SER A 123 -9.55 2.46 -3.98
N THR A 124 -9.17 1.25 -3.68
CA THR A 124 -8.46 0.96 -2.39
C THR A 124 -7.04 0.57 -2.78
N VAL A 125 -6.12 1.49 -2.80
CA VAL A 125 -4.75 1.15 -3.28
C VAL A 125 -3.87 0.57 -2.18
N ILE A 126 -3.24 -0.52 -2.49
CA ILE A 126 -2.34 -1.22 -1.55
C ILE A 126 -1.10 -1.65 -2.35
N VAL A 127 -0.01 -0.91 -2.33
CA VAL A 127 1.15 -1.30 -3.18
C VAL A 127 2.31 -1.95 -2.38
N ASP A 128 2.47 -3.25 -2.53
CA ASP A 128 3.58 -3.99 -1.84
C ASP A 128 4.83 -3.95 -2.72
N GLN A 129 5.83 -3.19 -2.33
CA GLN A 129 7.05 -3.09 -3.19
C GLN A 129 8.39 -3.39 -2.48
N GLY A 130 9.06 -4.43 -2.89
CA GLY A 130 10.40 -4.71 -2.32
C GLY A 130 11.36 -3.66 -2.90
N GLU A 131 11.17 -3.39 -4.18
CA GLU A 131 11.95 -2.38 -4.90
C GLU A 131 11.27 -1.03 -4.70
N LYS A 132 12.03 -0.01 -4.65
CA LYS A 132 11.44 1.35 -4.44
C LYS A 132 11.28 2.09 -5.77
N LEU A 133 11.86 1.57 -6.83
CA LEU A 133 11.71 2.22 -8.16
C LEU A 133 10.24 2.15 -8.61
N SER A 134 9.60 1.04 -8.34
CA SER A 134 8.16 0.88 -8.73
C SER A 134 7.23 1.45 -7.66
N LEU A 135 7.72 1.67 -6.46
CA LEU A 135 6.84 2.25 -5.40
C LEU A 135 6.57 3.73 -5.69
N LYS A 136 7.60 4.47 -6.00
CA LYS A 136 7.43 5.94 -6.28
C LYS A 136 6.70 6.20 -7.59
N GLU A 137 7.06 5.53 -8.66
CA GLU A 137 6.37 5.80 -9.97
C GLU A 137 4.88 5.43 -9.86
N THR A 138 4.59 4.32 -9.23
CA THR A 138 3.16 3.89 -9.09
C THR A 138 2.30 4.97 -8.41
N LEU A 139 2.79 5.56 -7.34
CA LEU A 139 1.96 6.60 -6.65
C LEU A 139 1.67 7.77 -7.60
N THR A 140 2.52 8.02 -8.55
CA THR A 140 2.27 9.13 -9.53
C THR A 140 0.98 8.85 -10.29
N LEU A 141 0.76 7.62 -10.68
CA LEU A 141 -0.52 7.26 -11.38
C LEU A 141 -1.67 7.44 -10.39
N LEU A 142 -1.43 7.04 -9.17
CA LEU A 142 -2.47 7.16 -8.10
C LEU A 142 -2.81 8.61 -7.79
N ASP A 143 -1.93 9.53 -8.10
CA ASP A 143 -2.19 10.98 -7.77
C ASP A 143 -3.59 11.46 -8.20
N GLY A 144 -3.89 11.47 -9.47
CA GLY A 144 -5.22 11.98 -9.92
C GLY A 144 -6.35 11.08 -9.39
N ALA A 145 -6.23 9.78 -9.57
CA ALA A 145 -7.30 8.86 -9.10
C ALA A 145 -7.47 8.91 -7.58
N ALA A 146 -6.40 9.06 -6.84
CA ALA A 146 -6.50 9.09 -5.35
C ALA A 146 -7.29 10.29 -4.83
N ARG A 147 -7.35 11.35 -5.57
CA ARG A 147 -8.07 12.59 -5.11
C ARG A 147 -9.40 12.29 -4.39
N HIS A 148 -10.05 11.20 -4.70
CA HIS A 148 -11.37 10.91 -4.03
C HIS A 148 -11.28 9.74 -2.99
N ASN A 149 -11.83 8.57 -3.27
CA ASN A 149 -11.81 7.46 -2.27
C ASN A 149 -10.57 6.56 -2.41
N VAL A 150 -9.45 6.95 -1.87
CA VAL A 150 -8.23 6.10 -2.00
C VAL A 150 -7.37 6.14 -0.74
N GLN A 151 -6.45 5.21 -0.63
CA GLN A 151 -5.54 5.12 0.53
C GLN A 151 -4.29 4.34 0.11
N VAL A 152 -3.21 4.46 0.85
CA VAL A 152 -1.96 3.72 0.46
C VAL A 152 -1.59 2.66 1.50
N LEU A 153 -1.78 1.42 1.17
CA LEU A 153 -1.38 0.30 2.06
C LEU A 153 -0.13 -0.28 1.40
N ILE A 154 1.00 -0.28 2.05
CA ILE A 154 2.21 -0.81 1.36
C ILE A 154 3.08 -1.64 2.30
N THR A 155 3.80 -2.56 1.76
CA THR A 155 4.72 -3.36 2.61
C THR A 155 5.99 -3.64 1.84
N ASP A 156 7.10 -3.12 2.27
CA ASP A 156 8.37 -3.30 1.52
C ASP A 156 8.95 -4.69 1.72
N SER A 157 10.02 -4.93 1.02
CA SER A 157 10.74 -6.24 1.12
C SER A 157 12.25 -5.98 1.33
N GLY A 158 12.70 -4.75 1.17
CA GLY A 158 14.13 -4.42 1.37
C GLY A 158 14.20 -3.32 2.45
N GLN A 159 13.30 -3.40 3.40
CA GLN A 159 13.24 -2.37 4.48
C GLN A 159 13.96 -2.83 5.76
N ARG A 160 14.54 -4.02 5.76
CA ARG A 160 15.25 -4.51 7.01
C ARG A 160 16.22 -3.43 7.53
N THR A 161 16.75 -2.65 6.63
CA THR A 161 17.66 -1.53 7.03
C THR A 161 17.17 -0.26 6.34
N GLY A 162 17.64 0.91 6.74
CA GLY A 162 17.18 2.16 6.06
C GLY A 162 15.64 2.25 6.09
N THR A 163 15.04 1.75 7.15
CA THR A 163 13.55 1.77 7.24
C THR A 163 12.98 3.20 7.21
N GLY A 164 13.54 4.10 7.97
CA GLY A 164 13.04 5.51 7.97
C GLY A 164 13.21 6.10 6.58
N SER A 165 14.27 5.73 5.90
CA SER A 165 14.52 6.27 4.53
C SER A 165 13.43 5.82 3.56
N ALA A 166 12.96 4.60 3.71
CA ALA A 166 11.90 4.09 2.78
C ALA A 166 10.68 5.00 2.83
N LEU A 167 10.36 5.51 4.00
CA LEU A 167 9.19 6.44 4.13
C LEU A 167 9.43 7.71 3.30
N MET A 168 10.64 8.22 3.31
CA MET A 168 10.95 9.45 2.50
C MET A 168 10.75 9.12 1.01
N ALA A 169 10.94 7.87 0.64
CA ALA A 169 10.75 7.46 -0.79
C ALA A 169 9.33 7.83 -1.24
N MET A 170 8.34 7.42 -0.49
CA MET A 170 6.92 7.76 -0.86
C MET A 170 6.77 9.27 -0.99
N LYS A 171 7.28 10.00 -0.03
CA LYS A 171 7.19 11.49 -0.06
C LYS A 171 7.81 12.06 -1.34
N ASP A 172 8.84 11.41 -1.86
CA ASP A 172 9.52 11.92 -3.09
C ASP A 172 8.60 11.81 -4.32
N ALA A 173 7.66 10.90 -4.30
CA ALA A 173 6.76 10.72 -5.50
C ALA A 173 5.78 11.90 -5.69
N GLY A 174 5.82 12.91 -4.85
CA GLY A 174 4.88 14.07 -5.03
C GLY A 174 4.01 14.26 -3.79
N VAL A 175 3.96 13.28 -2.91
CA VAL A 175 3.13 13.42 -1.68
C VAL A 175 3.94 14.11 -0.57
N ASN A 176 3.60 15.34 -0.24
CA ASN A 176 4.34 16.07 0.84
C ASN A 176 3.61 17.38 1.16
N THR A 177 3.55 17.73 2.43
CA THR A 177 2.87 19.01 2.81
C THR A 177 3.92 20.12 2.94
N TYR A 178 3.65 21.28 2.40
CA TYR A 178 4.64 22.39 2.48
C TYR A 178 4.66 22.99 3.90
N ARG A 179 3.72 23.85 4.20
CA ARG A 179 3.68 24.46 5.56
C ARG A 179 2.28 24.36 6.19
N TRP A 180 1.36 25.21 5.81
CA TRP A 180 -0.01 25.16 6.41
C TRP A 180 -0.95 24.29 5.57
N GLN A 181 -0.65 24.09 4.31
CA GLN A 181 -1.54 23.25 3.46
C GLN A 181 -0.72 22.31 2.58
N GLY A 182 -1.25 21.15 2.27
CA GLY A 182 -0.52 20.18 1.42
C GLY A 182 -1.42 19.71 0.28
N GLY A 183 -1.06 20.02 -0.95
CA GLY A 183 -1.89 19.59 -2.11
C GLY A 183 -3.14 20.47 -2.22
N GLU A 184 -3.21 21.55 -1.49
CA GLU A 184 -4.41 22.43 -1.55
C GLU A 184 -4.20 23.60 -2.53
N GLN A 185 -2.98 23.81 -2.98
CA GLN A 185 -2.73 24.92 -3.94
C GLN A 185 -3.07 24.48 -5.37
N ARG A 186 -3.37 23.22 -5.58
CA ARG A 186 -3.70 22.74 -6.95
C ARG A 186 -5.21 22.51 -7.10
N PRO A 187 -5.90 23.47 -7.70
CA PRO A 187 -7.36 23.35 -7.90
C PRO A 187 -7.70 22.26 -8.93
N ALA A 188 -6.74 21.88 -9.74
CA ALA A 188 -7.00 20.83 -10.76
C ALA A 188 -5.69 20.39 -11.41
N THR A 189 -5.47 19.10 -11.49
CA THR A 189 -4.22 18.58 -12.11
C THR A 189 -4.54 17.33 -12.93
N THR A 1 -10.21 -2.34 19.20
CA THR A 1 -11.06 -1.38 18.45
C THR A 1 -11.31 -0.12 19.30
N SER A 2 -11.89 -0.29 20.46
CA SER A 2 -12.18 0.88 21.35
C SER A 2 -12.97 1.95 20.57
N GLY A 3 -13.16 3.10 21.16
CA GLY A 3 -13.92 4.18 20.45
C GLY A 3 -13.01 5.37 20.22
N ILE A 4 -12.24 5.36 19.16
CA ILE A 4 -11.33 6.51 18.88
C ILE A 4 -12.12 7.72 18.38
N HIS A 5 -11.82 8.88 18.89
CA HIS A 5 -12.55 10.11 18.47
C HIS A 5 -12.23 10.45 17.01
N VAL A 6 -10.98 10.30 16.60
CA VAL A 6 -10.61 10.64 15.19
C VAL A 6 -10.43 9.36 14.37
N LEU A 7 -11.15 9.24 13.28
CA LEU A 7 -11.03 8.04 12.40
C LEU A 7 -10.23 8.32 11.13
N ASP A 8 -9.71 9.53 10.98
CA ASP A 8 -8.92 9.84 9.73
C ASP A 8 -7.67 8.96 9.64
N GLU A 9 -6.71 9.16 10.50
CA GLU A 9 -5.47 8.31 10.43
C GLU A 9 -4.89 8.07 11.84
N LEU A 10 -5.65 8.35 12.88
CA LEU A 10 -5.12 8.12 14.27
C LEU A 10 -4.85 6.62 14.46
N SER A 11 -5.73 5.78 13.99
CA SER A 11 -5.53 4.31 14.12
C SER A 11 -4.25 3.89 13.39
N VAL A 12 -4.03 4.43 12.22
CA VAL A 12 -2.81 4.05 11.44
C VAL A 12 -1.53 4.53 12.15
N ARG A 13 -1.57 5.67 12.80
CA ARG A 13 -0.34 6.18 13.50
C ARG A 13 0.11 5.21 14.61
N ALA A 14 -0.82 4.78 15.43
CA ALA A 14 -0.47 3.82 16.53
C ALA A 14 -0.11 2.46 15.92
N LEU A 15 -0.79 2.12 14.86
CA LEU A 15 -0.56 0.80 14.18
C LEU A 15 0.87 0.71 13.63
N SER A 16 1.41 1.78 13.10
CA SER A 16 2.79 1.73 12.54
C SER A 16 3.85 1.55 13.64
N ARG A 17 3.64 2.14 14.79
CA ARG A 17 4.66 2.00 15.88
C ARG A 17 4.81 0.53 16.33
N ASP A 18 3.71 -0.17 16.52
CA ASP A 18 3.79 -1.60 16.96
C ASP A 18 4.39 -2.48 15.86
N ILE A 19 4.02 -2.25 14.63
CA ILE A 19 4.55 -3.08 13.50
C ILE A 19 6.08 -2.91 13.40
N MET A 20 6.57 -1.70 13.53
CA MET A 20 8.04 -1.46 13.43
C MET A 20 8.77 -2.23 14.54
N LYS A 21 8.14 -2.40 15.68
CA LYS A 21 8.81 -3.17 16.79
C LYS A 21 9.10 -4.60 16.34
N GLN A 22 8.27 -5.15 15.47
CA GLN A 22 8.54 -6.52 14.94
C GLN A 22 9.42 -6.40 13.68
N ASN A 23 9.49 -5.21 13.10
CA ASN A 23 10.33 -4.99 11.88
C ASN A 23 11.81 -5.17 12.24
N ARG A 24 12.21 -4.79 13.44
CA ARG A 24 13.65 -4.97 13.87
C ARG A 24 13.71 -6.00 15.03
N VAL A 25 12.66 -6.78 15.19
CA VAL A 25 12.60 -7.83 16.27
C VAL A 25 13.95 -8.57 16.44
N THR A 26 14.22 -8.99 17.65
CA THR A 26 15.49 -9.74 17.93
C THR A 26 15.26 -11.23 17.65
N VAL A 27 15.26 -11.62 16.40
CA VAL A 27 15.00 -13.05 16.05
C VAL A 27 16.31 -13.82 15.89
N HIS A 28 16.42 -14.95 16.54
CA HIS A 28 17.65 -15.79 16.43
C HIS A 28 17.38 -16.92 15.43
N PRO A 29 18.39 -17.29 14.67
CA PRO A 29 18.20 -18.37 13.64
C PRO A 29 17.97 -19.73 14.31
N GLU A 30 18.32 -19.89 15.55
CA GLU A 30 18.11 -21.21 16.26
C GLU A 30 16.63 -21.56 16.26
N LYS A 31 15.81 -20.57 16.34
CA LYS A 31 14.34 -20.78 16.34
C LYS A 31 13.70 -19.47 15.90
N SER A 32 13.95 -19.07 14.68
CA SER A 32 13.37 -17.78 14.19
C SER A 32 11.84 -17.83 14.21
N VAL A 33 11.24 -16.82 14.76
CA VAL A 33 9.74 -16.75 14.82
C VAL A 33 9.22 -16.30 13.45
N PRO A 34 8.05 -16.76 13.06
CA PRO A 34 7.51 -16.37 11.74
C PRO A 34 7.34 -14.85 11.65
N ARG A 35 7.70 -14.28 10.52
CA ARG A 35 7.63 -12.80 10.35
C ARG A 35 6.40 -12.33 9.59
N THR A 36 5.59 -13.21 9.07
CA THR A 36 4.35 -12.77 8.36
C THR A 36 3.16 -12.86 9.32
N ALA A 37 3.43 -12.93 10.59
CA ALA A 37 2.35 -13.00 11.59
C ALA A 37 2.25 -11.68 12.32
N GLY A 38 3.36 -11.01 12.50
CA GLY A 38 3.35 -9.71 13.20
C GLY A 38 2.66 -8.66 12.33
N TYR A 39 2.89 -8.65 11.03
CA TYR A 39 2.27 -7.60 10.17
C TYR A 39 1.01 -8.13 9.47
N SER A 40 0.74 -9.42 9.50
CA SER A 40 -0.52 -9.91 8.87
C SER A 40 -1.68 -9.54 9.78
N ASP A 41 -1.46 -9.63 11.07
CA ASP A 41 -2.51 -9.27 12.06
C ASP A 41 -2.68 -7.75 12.16
N ALA A 42 -1.59 -7.04 12.31
CA ALA A 42 -1.69 -5.54 12.45
C ALA A 42 -2.23 -4.89 11.17
N VAL A 43 -1.68 -5.25 10.04
CA VAL A 43 -2.11 -4.63 8.75
C VAL A 43 -3.56 -5.00 8.37
N SER A 44 -3.96 -6.25 8.51
CA SER A 44 -5.36 -6.62 8.14
C SER A 44 -6.39 -5.86 8.98
N VAL A 45 -6.15 -5.74 10.27
CA VAL A 45 -7.13 -5.01 11.15
C VAL A 45 -7.27 -3.55 10.71
N LEU A 46 -6.25 -2.98 10.13
CA LEU A 46 -6.33 -1.55 9.68
C LEU A 46 -7.23 -1.39 8.44
N ALA A 47 -7.27 -2.37 7.58
CA ALA A 47 -8.14 -2.25 6.36
C ALA A 47 -9.61 -2.31 6.77
N GLN A 48 -9.91 -3.11 7.77
CA GLN A 48 -11.32 -3.19 8.25
C GLN A 48 -11.73 -1.81 8.77
N ASP A 49 -10.78 -1.06 9.29
CA ASP A 49 -11.10 0.32 9.78
C ASP A 49 -11.54 1.14 8.56
N ARG A 50 -10.63 1.77 7.84
CA ARG A 50 -11.04 2.57 6.64
C ARG A 50 -9.77 3.03 5.89
N PRO A 51 -8.93 3.82 6.55
CA PRO A 51 -7.70 4.31 5.88
C PRO A 51 -6.71 3.17 5.69
N SER A 52 -6.49 2.76 4.46
CA SER A 52 -5.52 1.65 4.21
C SER A 52 -4.11 2.21 4.02
N LEU A 53 -3.28 2.18 5.03
CA LEU A 53 -1.90 2.71 4.86
C LEU A 53 -0.96 2.27 5.98
N ALA A 54 -0.20 1.23 5.77
CA ALA A 54 0.74 0.75 6.82
C ALA A 54 2.07 0.29 6.22
N ILE A 55 3.01 -0.07 7.06
CA ILE A 55 4.34 -0.53 6.57
C ILE A 55 4.60 -1.98 7.02
N VAL A 56 4.99 -2.84 6.11
CA VAL A 56 5.27 -4.26 6.49
C VAL A 56 6.66 -4.66 6.01
N SER A 57 7.44 -5.34 6.83
CA SER A 57 8.82 -5.74 6.40
C SER A 57 8.99 -7.26 6.47
N GLY A 58 9.40 -7.86 5.38
CA GLY A 58 9.59 -9.34 5.35
C GLY A 58 11.09 -9.69 5.44
N GLN A 59 11.41 -10.95 5.35
CA GLN A 59 12.84 -11.38 5.42
C GLN A 59 13.16 -12.31 4.24
N GLY A 60 12.25 -13.21 3.93
CA GLY A 60 12.48 -14.15 2.79
C GLY A 60 11.14 -14.71 2.33
N GLY A 61 11.11 -15.35 1.18
CA GLY A 61 9.83 -15.92 0.66
C GLY A 61 8.90 -14.78 0.23
N ALA A 62 9.30 -14.04 -0.76
CA ALA A 62 8.44 -12.91 -1.25
C ALA A 62 7.34 -13.44 -2.17
N ALA A 63 7.51 -14.61 -2.73
CA ALA A 63 6.47 -15.16 -3.65
C ALA A 63 5.14 -15.39 -2.92
N GLY A 64 5.18 -15.94 -1.73
CA GLY A 64 3.92 -16.18 -0.98
C GLY A 64 3.30 -14.84 -0.60
N GLN A 65 4.11 -13.83 -0.40
CA GLN A 65 3.57 -12.49 -0.03
C GLN A 65 2.75 -11.93 -1.19
N ARG A 66 3.10 -12.28 -2.40
CA ARG A 66 2.35 -11.76 -3.58
C ARG A 66 0.91 -12.27 -3.55
N GLU A 67 0.71 -13.52 -3.24
CA GLU A 67 -0.69 -14.07 -3.17
C GLU A 67 -1.39 -13.58 -1.90
N ARG A 68 -0.67 -13.40 -0.82
CA ARG A 68 -1.31 -12.93 0.46
C ARG A 68 -1.93 -11.54 0.30
N VAL A 69 -1.17 -10.56 -0.16
CA VAL A 69 -1.76 -9.19 -0.32
C VAL A 69 -2.97 -9.27 -1.26
N ALA A 70 -2.91 -10.16 -2.22
CA ALA A 70 -4.05 -10.33 -3.14
C ALA A 70 -5.24 -10.90 -2.37
N GLU A 71 -4.99 -11.63 -1.29
CA GLU A 71 -6.12 -12.18 -0.47
C GLU A 71 -6.95 -11.03 0.05
N LEU A 72 -6.31 -9.96 0.42
CA LEU A 72 -7.03 -8.76 0.91
C LEU A 72 -7.91 -8.21 -0.21
N VAL A 73 -7.43 -8.27 -1.42
CA VAL A 73 -8.24 -7.76 -2.57
C VAL A 73 -9.55 -8.54 -2.67
N MET A 74 -9.56 -9.77 -2.21
CA MET A 74 -10.82 -10.58 -2.25
C MET A 74 -11.85 -9.97 -1.29
N MET A 75 -11.40 -9.56 -0.11
CA MET A 75 -12.36 -8.93 0.86
C MET A 75 -12.95 -7.64 0.26
N ALA A 76 -12.28 -7.08 -0.71
CA ALA A 76 -12.80 -5.87 -1.42
C ALA A 76 -13.80 -6.28 -2.50
N ARG A 77 -13.70 -7.50 -2.97
CA ARG A 77 -14.66 -7.99 -4.01
C ARG A 77 -16.06 -8.11 -3.41
N GLU A 78 -16.16 -8.60 -2.19
CA GLU A 78 -17.50 -8.73 -1.53
C GLU A 78 -18.03 -7.34 -1.17
N GLN A 79 -17.14 -6.43 -0.85
CA GLN A 79 -17.57 -5.05 -0.47
C GLN A 79 -17.97 -4.22 -1.69
N GLY A 80 -17.96 -4.79 -2.88
CA GLY A 80 -18.37 -4.02 -4.09
C GLY A 80 -17.31 -2.95 -4.42
N ARG A 81 -16.12 -3.08 -3.88
CA ARG A 81 -15.06 -2.08 -4.16
C ARG A 81 -13.81 -2.77 -4.70
N GLU A 82 -13.37 -2.41 -5.87
CA GLU A 82 -12.14 -3.04 -6.44
C GLU A 82 -10.89 -2.33 -5.91
N VAL A 83 -9.74 -2.90 -6.13
CA VAL A 83 -8.49 -2.26 -5.62
C VAL A 83 -7.32 -2.46 -6.60
N GLN A 84 -6.41 -1.52 -6.66
CA GLN A 84 -5.20 -1.68 -7.55
C GLN A 84 -4.07 -2.15 -6.67
N ILE A 85 -3.49 -3.28 -6.96
CA ILE A 85 -2.37 -3.80 -6.09
C ILE A 85 -1.12 -4.03 -6.94
N ILE A 86 0.00 -3.51 -6.50
CA ILE A 86 1.26 -3.69 -7.28
C ILE A 86 2.29 -4.47 -6.46
N ALA A 87 2.61 -5.66 -6.88
CA ALA A 87 3.62 -6.46 -6.13
C ALA A 87 4.99 -5.76 -6.22
N ALA A 88 5.98 -6.35 -5.62
CA ALA A 88 7.35 -5.75 -5.67
C ALA A 88 7.80 -5.71 -7.13
N ASP A 89 9.09 -5.58 -7.36
CA ASP A 89 9.57 -5.55 -8.77
C ASP A 89 9.18 -6.85 -9.52
N ARG A 90 8.77 -7.88 -8.79
CA ARG A 90 8.39 -9.19 -9.44
C ARG A 90 6.98 -9.14 -10.04
N ARG A 91 6.25 -8.06 -9.88
CA ARG A 91 4.86 -8.01 -10.43
C ARG A 91 4.85 -8.28 -11.93
N SER A 92 5.88 -7.91 -12.63
CA SER A 92 5.90 -8.14 -14.12
C SER A 92 5.77 -9.64 -14.41
N GLN A 93 6.50 -10.46 -13.69
CA GLN A 93 6.41 -11.93 -13.89
C GLN A 93 5.00 -12.39 -13.50
N MET A 94 4.45 -11.78 -12.49
CA MET A 94 3.07 -12.14 -12.04
C MET A 94 2.06 -11.82 -13.14
N ASN A 95 2.34 -10.81 -13.94
CA ASN A 95 1.39 -10.43 -15.04
C ASN A 95 1.25 -11.59 -16.02
N MET A 96 2.33 -12.28 -16.27
CA MET A 96 2.29 -13.44 -17.23
C MET A 96 1.26 -14.47 -16.73
N LYS A 97 1.18 -14.69 -15.45
CA LYS A 97 0.19 -15.67 -14.90
C LYS A 97 -0.68 -14.97 -13.84
N GLN A 98 -1.21 -15.69 -12.87
CA GLN A 98 -2.07 -15.05 -11.82
C GLN A 98 -3.15 -14.14 -12.43
N ASP A 99 -4.30 -14.67 -12.73
CA ASP A 99 -5.40 -13.84 -13.34
C ASP A 99 -6.70 -14.01 -12.54
N GLU A 100 -6.62 -14.62 -11.38
CA GLU A 100 -7.83 -14.83 -10.53
C GLU A 100 -7.91 -13.75 -9.45
N ARG A 101 -6.83 -13.03 -9.23
CA ARG A 101 -6.81 -11.99 -8.18
C ARG A 101 -6.79 -10.58 -8.77
N LEU A 102 -6.52 -10.44 -10.06
CA LEU A 102 -6.46 -9.06 -10.66
C LEU A 102 -6.23 -9.14 -12.18
N SER A 103 -7.09 -9.83 -12.89
CA SER A 103 -6.92 -9.93 -14.37
C SER A 103 -6.97 -8.52 -15.01
N GLY A 104 -7.60 -7.59 -14.34
CA GLY A 104 -7.70 -6.20 -14.88
C GLY A 104 -8.99 -5.57 -14.34
N GLU A 105 -9.13 -5.54 -13.04
CA GLU A 105 -10.36 -4.95 -12.44
C GLU A 105 -9.98 -3.99 -11.31
N LEU A 106 -9.07 -3.10 -11.54
CA LEU A 106 -8.68 -2.14 -10.44
C LEU A 106 -9.81 -1.13 -10.28
N ILE A 107 -9.88 -0.11 -11.11
CA ILE A 107 -11.04 0.84 -11.05
C ILE A 107 -10.91 1.89 -12.12
N THR A 108 -9.74 2.44 -12.29
CA THR A 108 -9.56 3.48 -13.33
C THR A 108 -8.85 2.88 -14.56
N GLY A 109 -8.67 1.59 -14.63
CA GLY A 109 -7.98 0.98 -15.79
C GLY A 109 -8.98 0.73 -16.92
N ARG A 110 -9.61 1.77 -17.39
CA ARG A 110 -10.59 1.60 -18.49
C ARG A 110 -10.55 2.82 -19.40
N ARG A 111 -10.54 3.97 -18.79
CA ARG A 111 -10.55 5.22 -19.59
C ARG A 111 -9.32 6.10 -19.30
N GLN A 112 -8.98 6.31 -18.06
CA GLN A 112 -7.80 7.17 -17.75
C GLN A 112 -6.51 6.60 -18.33
N LEU A 113 -6.27 5.35 -18.07
CA LEU A 113 -5.01 4.72 -18.54
C LEU A 113 -5.03 4.51 -20.07
N LEU A 114 -6.17 4.17 -20.63
CA LEU A 114 -6.22 3.89 -22.10
C LEU A 114 -6.86 4.99 -22.95
N GLU A 115 -7.90 5.65 -22.48
CA GLU A 115 -8.57 6.68 -23.36
C GLU A 115 -8.34 8.13 -22.92
N GLY A 116 -7.75 8.37 -21.78
CA GLY A 116 -7.52 9.78 -21.35
C GLY A 116 -8.70 10.30 -20.49
N MET A 117 -9.86 9.69 -20.61
CA MET A 117 -11.04 10.17 -19.80
C MET A 117 -10.78 9.91 -18.32
N ALA A 118 -11.70 10.29 -17.46
CA ALA A 118 -11.48 10.09 -15.99
C ALA A 118 -12.46 9.09 -15.38
N PHE A 119 -12.02 8.38 -14.38
CA PHE A 119 -12.89 7.38 -13.70
C PHE A 119 -13.15 7.79 -12.26
N THR A 120 -14.29 7.44 -11.74
CA THR A 120 -14.66 7.79 -10.33
C THR A 120 -13.56 7.34 -9.37
N PRO A 121 -12.81 8.28 -8.84
CA PRO A 121 -11.73 7.92 -7.90
C PRO A 121 -12.35 7.43 -6.59
N GLY A 122 -12.15 6.19 -6.28
CA GLY A 122 -12.70 5.62 -5.01
C GLY A 122 -12.17 4.20 -4.81
N SER A 123 -11.01 3.91 -5.34
CA SER A 123 -10.43 2.55 -5.20
C SER A 123 -9.48 2.49 -4.00
N THR A 124 -8.96 1.33 -3.75
CA THR A 124 -7.98 1.18 -2.64
C THR A 124 -6.72 0.56 -3.23
N VAL A 125 -5.57 1.17 -3.05
CA VAL A 125 -4.34 0.57 -3.64
C VAL A 125 -3.43 0.00 -2.57
N ILE A 126 -3.00 -1.21 -2.75
CA ILE A 126 -2.06 -1.81 -1.78
C ILE A 126 -0.86 -2.28 -2.60
N VAL A 127 0.27 -1.67 -2.41
CA VAL A 127 1.45 -2.02 -3.24
C VAL A 127 2.55 -2.69 -2.40
N ASP A 128 2.84 -3.95 -2.69
CA ASP A 128 3.92 -4.65 -1.96
C ASP A 128 5.22 -4.27 -2.64
N GLN A 129 5.97 -3.43 -2.02
CA GLN A 129 7.24 -2.92 -2.60
C GLN A 129 8.44 -3.76 -2.15
N GLY A 130 9.59 -3.48 -2.70
CA GLY A 130 10.84 -4.19 -2.31
C GLY A 130 11.98 -3.39 -2.94
N GLU A 131 12.12 -3.54 -4.23
CA GLU A 131 13.15 -2.77 -4.98
C GLU A 131 12.96 -1.27 -4.69
N LYS A 132 12.24 -0.53 -5.52
CA LYS A 132 11.98 0.94 -5.23
C LYS A 132 11.14 1.56 -6.35
N LEU A 133 11.34 1.11 -7.56
CA LEU A 133 10.55 1.68 -8.69
C LEU A 133 9.10 1.25 -8.60
N SER A 134 8.80 0.20 -7.88
CA SER A 134 7.38 -0.23 -7.75
C SER A 134 6.58 0.84 -7.02
N LEU A 135 7.17 1.39 -6.00
CA LEU A 135 6.49 2.44 -5.20
C LEU A 135 6.25 3.72 -6.02
N LYS A 136 7.24 4.14 -6.76
CA LYS A 136 7.10 5.40 -7.55
C LYS A 136 6.05 5.28 -8.67
N GLU A 137 6.06 4.19 -9.41
CA GLU A 137 5.08 4.03 -10.53
C GLU A 137 3.63 4.06 -10.00
N THR A 138 3.33 3.24 -9.02
CA THR A 138 1.94 3.22 -8.46
C THR A 138 1.55 4.60 -7.95
N LEU A 139 2.44 5.25 -7.29
CA LEU A 139 2.15 6.59 -6.70
C LEU A 139 1.71 7.58 -7.78
N THR A 140 2.32 7.53 -8.93
CA THR A 140 1.94 8.46 -10.04
C THR A 140 0.47 8.24 -10.44
N LEU A 141 0.03 7.00 -10.42
CA LEU A 141 -1.40 6.72 -10.75
C LEU A 141 -2.30 7.30 -9.65
N LEU A 142 -1.88 7.18 -8.42
CA LEU A 142 -2.67 7.71 -7.27
C LEU A 142 -2.77 9.23 -7.31
N ASP A 143 -1.86 9.88 -8.00
CA ASP A 143 -1.86 11.37 -8.05
C ASP A 143 -3.27 11.95 -8.29
N GLY A 144 -3.87 11.66 -9.42
CA GLY A 144 -5.23 12.19 -9.70
C GLY A 144 -6.34 11.32 -9.08
N ALA A 145 -6.27 10.03 -9.29
CA ALA A 145 -7.35 9.11 -8.78
C ALA A 145 -7.38 8.97 -7.24
N ALA A 146 -6.25 8.86 -6.59
CA ALA A 146 -6.25 8.66 -5.11
C ALA A 146 -6.80 9.88 -4.37
N ARG A 147 -6.73 11.05 -4.96
CA ARG A 147 -7.25 12.29 -4.28
C ARG A 147 -8.60 12.05 -3.59
N HIS A 148 -9.39 11.13 -4.08
CA HIS A 148 -10.71 10.86 -3.46
C HIS A 148 -10.61 9.73 -2.40
N ASN A 149 -11.55 8.81 -2.37
CA ASN A 149 -11.54 7.71 -1.35
C ASN A 149 -10.44 6.68 -1.61
N VAL A 150 -9.21 7.02 -1.37
CA VAL A 150 -8.10 6.05 -1.60
C VAL A 150 -7.09 6.08 -0.45
N GLN A 151 -6.26 5.09 -0.38
CA GLN A 151 -5.22 5.01 0.69
C GLN A 151 -4.13 4.02 0.24
N VAL A 152 -2.96 4.04 0.84
CA VAL A 152 -1.84 3.14 0.37
C VAL A 152 -1.43 2.06 1.42
N LEU A 153 -1.71 0.82 1.13
CA LEU A 153 -1.27 -0.31 2.01
C LEU A 153 -0.05 -0.96 1.33
N ILE A 154 1.11 -0.89 1.95
CA ILE A 154 2.32 -1.46 1.26
C ILE A 154 3.17 -2.34 2.19
N THR A 155 4.00 -3.16 1.61
CA THR A 155 4.90 -4.04 2.40
C THR A 155 6.32 -3.90 1.84
N ASP A 156 7.24 -4.72 2.28
CA ASP A 156 8.65 -4.60 1.78
C ASP A 156 9.36 -5.95 1.82
N SER A 157 10.39 -6.13 1.03
CA SER A 157 11.14 -7.43 1.04
C SER A 157 12.64 -7.19 0.89
N GLY A 158 13.12 -6.00 1.20
CA GLY A 158 14.58 -5.71 1.07
C GLY A 158 14.97 -4.58 2.04
N GLN A 159 14.15 -3.56 2.14
CA GLN A 159 14.44 -2.42 3.06
C GLN A 159 14.09 -2.79 4.52
N ARG A 160 13.60 -3.99 4.76
CA ARG A 160 13.20 -4.43 6.16
C ARG A 160 14.15 -3.90 7.26
N THR A 161 15.40 -3.68 6.95
CA THR A 161 16.34 -3.17 8.00
C THR A 161 16.58 -1.67 7.83
N GLY A 162 16.41 -1.17 6.64
CA GLY A 162 16.60 0.29 6.39
C GLY A 162 15.35 0.82 5.70
N THR A 163 14.20 0.63 6.30
CA THR A 163 12.94 1.10 5.67
C THR A 163 12.77 2.61 5.80
N GLY A 164 13.53 3.26 6.65
CA GLY A 164 13.40 4.74 6.81
C GLY A 164 13.65 5.44 5.46
N SER A 165 14.68 5.04 4.77
CA SER A 165 14.96 5.66 3.44
C SER A 165 13.84 5.29 2.46
N ALA A 166 13.14 4.21 2.72
CA ALA A 166 12.01 3.81 1.83
C ALA A 166 10.85 4.80 1.97
N LEU A 167 10.63 5.30 3.17
CA LEU A 167 9.52 6.29 3.36
C LEU A 167 9.79 7.54 2.53
N MET A 168 11.02 8.00 2.51
CA MET A 168 11.36 9.17 1.65
C MET A 168 11.16 8.78 0.19
N ALA A 169 11.45 7.53 -0.12
CA ALA A 169 11.27 7.03 -1.52
C ALA A 169 9.86 7.35 -2.01
N MET A 170 8.84 7.01 -1.25
CA MET A 170 7.44 7.32 -1.68
C MET A 170 7.26 8.83 -1.93
N LYS A 171 7.74 9.64 -1.02
CA LYS A 171 7.60 11.12 -1.19
C LYS A 171 8.30 11.61 -2.46
N ASP A 172 9.37 10.96 -2.85
CA ASP A 172 10.10 11.38 -4.09
C ASP A 172 9.22 11.13 -5.32
N ALA A 173 8.24 10.27 -5.21
CA ALA A 173 7.36 9.97 -6.38
C ALA A 173 6.38 11.11 -6.71
N GLY A 174 6.44 12.22 -6.00
CA GLY A 174 5.51 13.35 -6.32
C GLY A 174 4.67 13.75 -5.10
N VAL A 175 4.64 12.94 -4.06
CA VAL A 175 3.83 13.30 -2.86
C VAL A 175 4.57 14.35 -2.03
N ASN A 176 4.07 15.56 -2.01
CA ASN A 176 4.73 16.65 -1.22
C ASN A 176 3.84 17.89 -1.19
N THR A 177 3.90 18.64 -0.11
CA THR A 177 3.06 19.87 -0.03
C THR A 177 3.89 21.06 -0.52
N TYR A 178 3.44 21.73 -1.54
CA TYR A 178 4.22 22.89 -2.09
C TYR A 178 3.82 24.20 -1.39
N ARG A 179 2.70 24.78 -1.77
CA ARG A 179 2.27 26.05 -1.14
C ARG A 179 0.75 26.01 -0.87
N TRP A 180 -0.06 26.22 -1.87
CA TRP A 180 -1.54 26.19 -1.67
C TRP A 180 -2.08 24.76 -1.80
N GLN A 181 -1.32 23.86 -2.39
CA GLN A 181 -1.78 22.45 -2.53
C GLN A 181 -0.87 21.50 -1.74
N GLY A 182 -1.43 20.50 -1.11
CA GLY A 182 -0.59 19.55 -0.31
C GLY A 182 -1.33 19.14 0.97
N GLY A 183 -2.56 18.72 0.85
CA GLY A 183 -3.33 18.29 2.06
C GLY A 183 -3.79 19.51 2.86
N GLU A 184 -3.71 20.69 2.30
CA GLU A 184 -4.17 21.90 3.05
C GLU A 184 -5.62 22.26 2.69
N GLN A 185 -6.19 21.59 1.71
CA GLN A 185 -7.60 21.87 1.32
C GLN A 185 -8.57 20.94 2.05
N ARG A 186 -8.07 19.99 2.80
CA ARG A 186 -8.96 19.05 3.54
C ARG A 186 -8.19 18.33 4.65
N PRO A 187 -7.48 19.09 5.47
CA PRO A 187 -6.69 18.47 6.57
C PRO A 187 -7.60 17.96 7.69
N ALA A 188 -8.85 18.37 7.71
CA ALA A 188 -9.77 17.90 8.79
C ALA A 188 -10.90 17.05 8.20
N THR A 189 -11.21 17.22 6.94
CA THR A 189 -12.30 16.41 6.32
C THR A 189 -11.77 15.65 5.10
N THR A 1 -5.45 28.48 15.77
CA THR A 1 -5.97 27.12 15.42
C THR A 1 -5.48 26.10 16.45
N SER A 2 -6.38 25.35 17.03
CA SER A 2 -5.97 24.32 18.04
C SER A 2 -5.06 23.28 17.41
N GLY A 3 -5.32 22.90 16.19
CA GLY A 3 -4.46 21.89 15.51
C GLY A 3 -5.27 21.16 14.43
N ILE A 4 -5.60 21.85 13.37
CA ILE A 4 -6.40 21.21 12.27
C ILE A 4 -5.49 20.82 11.09
N HIS A 5 -4.19 20.87 11.27
CA HIS A 5 -3.28 20.51 10.14
C HIS A 5 -2.92 19.01 10.17
N VAL A 6 -3.36 18.30 11.17
CA VAL A 6 -3.04 16.83 11.24
C VAL A 6 -4.30 16.01 10.93
N LEU A 7 -4.19 15.06 10.03
CA LEU A 7 -5.38 14.22 9.68
C LEU A 7 -5.69 13.27 10.82
N ASP A 8 -6.95 12.96 11.04
CA ASP A 8 -7.31 12.04 12.16
C ASP A 8 -7.06 10.58 11.77
N GLU A 9 -5.88 10.09 12.05
CA GLU A 9 -5.54 8.66 11.72
C GLU A 9 -4.95 7.96 12.94
N LEU A 10 -5.67 7.97 14.03
CA LEU A 10 -5.17 7.32 15.27
C LEU A 10 -5.00 5.82 15.07
N SER A 11 -5.91 5.18 14.38
CA SER A 11 -5.80 3.70 14.17
C SER A 11 -4.50 3.35 13.42
N VAL A 12 -4.19 4.07 12.37
CA VAL A 12 -2.93 3.77 11.60
C VAL A 12 -1.69 4.24 12.39
N ARG A 13 -1.79 5.24 13.21
CA ARG A 13 -0.60 5.73 13.99
C ARG A 13 -0.10 4.65 14.98
N ALA A 14 -0.98 4.14 15.80
CA ALA A 14 -0.55 3.08 16.77
C ALA A 14 -0.10 1.84 16.01
N LEU A 15 -0.73 1.59 14.90
CA LEU A 15 -0.38 0.41 14.07
C LEU A 15 1.07 0.49 13.60
N SER A 16 1.54 1.67 13.24
CA SER A 16 2.95 1.80 12.75
C SER A 16 3.97 1.47 13.84
N ARG A 17 3.76 1.94 15.05
CA ARG A 17 4.75 1.68 16.13
C ARG A 17 4.85 0.18 16.47
N ASP A 18 3.74 -0.50 16.60
CA ASP A 18 3.77 -1.97 16.93
C ASP A 18 4.41 -2.78 15.80
N ILE A 19 4.04 -2.51 14.57
CA ILE A 19 4.63 -3.27 13.42
C ILE A 19 6.14 -3.01 13.31
N MET A 20 6.57 -1.79 13.50
CA MET A 20 8.03 -1.48 13.39
C MET A 20 8.82 -2.28 14.44
N LYS A 21 8.24 -2.49 15.60
CA LYS A 21 8.94 -3.28 16.67
C LYS A 21 9.21 -4.70 16.17
N GLN A 22 8.36 -5.22 15.32
CA GLN A 22 8.63 -6.58 14.73
C GLN A 22 9.50 -6.41 13.47
N ASN A 23 9.55 -5.20 12.95
CA ASN A 23 10.38 -4.90 11.75
C ASN A 23 11.86 -4.99 12.08
N ARG A 24 12.25 -4.66 13.30
CA ARG A 24 13.67 -4.75 13.70
C ARG A 24 13.85 -5.84 14.77
N VAL A 25 12.87 -6.72 14.89
CA VAL A 25 12.96 -7.85 15.89
C VAL A 25 14.28 -8.61 15.69
N THR A 26 15.21 -8.45 16.61
CA THR A 26 16.54 -9.14 16.48
C THR A 26 16.37 -10.64 16.17
N VAL A 27 16.49 -11.00 14.92
CA VAL A 27 16.34 -12.43 14.51
C VAL A 27 17.71 -13.00 14.14
N HIS A 28 18.03 -14.16 14.64
CA HIS A 28 19.35 -14.78 14.29
C HIS A 28 19.17 -15.73 13.10
N PRO A 29 20.15 -15.76 12.21
CA PRO A 29 20.06 -16.65 11.03
C PRO A 29 20.11 -18.12 11.46
N GLU A 30 20.64 -18.38 12.64
CA GLU A 30 20.71 -19.79 13.13
C GLU A 30 19.32 -20.38 13.24
N LYS A 31 18.40 -19.60 13.70
CA LYS A 31 17.00 -20.08 13.82
C LYS A 31 16.06 -18.90 13.53
N SER A 32 16.05 -18.45 12.30
CA SER A 32 15.17 -17.28 11.94
C SER A 32 13.73 -17.56 12.36
N VAL A 33 13.24 -16.87 13.34
CA VAL A 33 11.84 -17.09 13.80
C VAL A 33 10.85 -16.76 12.68
N PRO A 34 10.19 -17.76 12.14
CA PRO A 34 9.24 -17.51 11.05
C PRO A 34 7.99 -16.81 11.58
N ARG A 35 7.55 -15.77 10.92
CA ARG A 35 6.34 -15.05 11.41
C ARG A 35 5.79 -14.08 10.35
N THR A 36 5.34 -14.60 9.23
CA THR A 36 4.78 -13.70 8.17
C THR A 36 3.50 -13.05 8.71
N ALA A 37 2.77 -13.77 9.52
CA ALA A 37 1.49 -13.24 10.07
C ALA A 37 1.73 -12.00 10.96
N GLY A 38 2.96 -11.69 11.30
CA GLY A 38 3.22 -10.52 12.18
C GLY A 38 2.67 -9.23 11.55
N TYR A 39 3.01 -8.92 10.32
CA TYR A 39 2.47 -7.67 9.69
C TYR A 39 1.20 -7.98 8.90
N SER A 40 0.79 -9.23 8.85
CA SER A 40 -0.46 -9.57 8.13
C SER A 40 -1.64 -9.31 9.06
N ASP A 41 -1.46 -9.51 10.34
CA ASP A 41 -2.56 -9.25 11.32
C ASP A 41 -2.67 -7.75 11.59
N ALA A 42 -1.55 -7.09 11.79
CA ALA A 42 -1.58 -5.62 12.09
C ALA A 42 -2.13 -4.83 10.89
N VAL A 43 -1.72 -5.18 9.72
CA VAL A 43 -2.16 -4.44 8.51
C VAL A 43 -3.57 -4.86 8.05
N SER A 44 -3.86 -6.13 8.03
CA SER A 44 -5.22 -6.57 7.57
C SER A 44 -6.31 -5.99 8.47
N VAL A 45 -6.09 -5.98 9.76
CA VAL A 45 -7.11 -5.40 10.68
C VAL A 45 -7.26 -3.89 10.41
N LEU A 46 -6.20 -3.27 9.96
CA LEU A 46 -6.27 -1.80 9.65
C LEU A 46 -7.18 -1.57 8.41
N ALA A 47 -7.21 -2.50 7.49
CA ALA A 47 -8.10 -2.35 6.30
C ALA A 47 -9.54 -2.43 6.74
N GLN A 48 -9.82 -3.28 7.70
CA GLN A 48 -11.21 -3.41 8.22
C GLN A 48 -11.69 -2.05 8.70
N ASP A 49 -10.78 -1.21 9.15
CA ASP A 49 -11.19 0.16 9.58
C ASP A 49 -11.64 0.90 8.31
N ARG A 50 -10.75 1.56 7.59
CA ARG A 50 -11.18 2.26 6.33
C ARG A 50 -9.95 2.80 5.58
N PRO A 51 -9.15 3.66 6.21
CA PRO A 51 -7.96 4.19 5.51
C PRO A 51 -6.90 3.09 5.36
N SER A 52 -6.51 2.77 4.16
CA SER A 52 -5.48 1.72 3.97
C SER A 52 -4.09 2.36 3.83
N LEU A 53 -3.30 2.37 4.89
CA LEU A 53 -1.94 2.96 4.80
C LEU A 53 -1.06 2.50 5.97
N ALA A 54 -0.24 1.51 5.74
CA ALA A 54 0.64 0.98 6.83
C ALA A 54 2.02 0.63 6.30
N ILE A 55 2.91 0.21 7.17
CA ILE A 55 4.30 -0.16 6.76
C ILE A 55 4.56 -1.64 7.04
N VAL A 56 4.95 -2.39 6.04
CA VAL A 56 5.23 -3.84 6.25
C VAL A 56 6.55 -4.24 5.59
N SER A 57 7.32 -5.07 6.25
CA SER A 57 8.62 -5.52 5.66
C SER A 57 8.74 -7.04 5.78
N GLY A 58 9.31 -7.68 4.79
CA GLY A 58 9.43 -9.16 4.84
C GLY A 58 10.83 -9.54 5.34
N GLN A 59 11.00 -10.77 5.75
CA GLN A 59 12.34 -11.22 6.24
C GLN A 59 12.82 -12.39 5.39
N GLY A 60 11.93 -13.31 5.09
CA GLY A 60 12.31 -14.48 4.25
C GLY A 60 11.03 -15.15 3.73
N GLY A 61 10.27 -14.45 2.93
CA GLY A 61 9.01 -15.03 2.37
C GLY A 61 8.26 -13.95 1.60
N ALA A 62 8.57 -13.77 0.35
CA ALA A 62 7.88 -12.72 -0.46
C ALA A 62 6.90 -13.36 -1.44
N ALA A 63 7.16 -14.57 -1.87
CA ALA A 63 6.24 -15.23 -2.85
C ALA A 63 4.89 -15.54 -2.19
N GLY A 64 4.88 -16.05 -0.98
CA GLY A 64 3.59 -16.37 -0.31
C GLY A 64 2.94 -15.10 0.23
N GLN A 65 3.73 -14.13 0.63
CA GLN A 65 3.14 -12.87 1.17
C GLN A 65 2.54 -12.06 0.02
N ARG A 66 3.10 -12.17 -1.15
CA ARG A 66 2.59 -11.42 -2.34
C ARG A 66 1.16 -11.89 -2.67
N GLU A 67 0.92 -13.17 -2.64
CA GLU A 67 -0.44 -13.70 -2.94
C GLU A 67 -1.37 -13.57 -1.71
N ARG A 68 -0.82 -13.62 -0.52
CA ARG A 68 -1.67 -13.49 0.70
C ARG A 68 -2.36 -12.11 0.74
N VAL A 69 -1.63 -11.04 0.51
CA VAL A 69 -2.28 -9.70 0.51
C VAL A 69 -3.35 -9.68 -0.58
N ALA A 70 -3.13 -10.42 -1.65
CA ALA A 70 -4.16 -10.48 -2.73
C ALA A 70 -5.46 -11.06 -2.14
N GLU A 71 -5.35 -11.90 -1.12
CA GLU A 71 -6.59 -12.45 -0.49
C GLU A 71 -7.37 -11.27 0.12
N LEU A 72 -6.65 -10.27 0.58
CA LEU A 72 -7.31 -9.06 1.15
C LEU A 72 -8.13 -8.38 0.04
N VAL A 73 -7.66 -8.47 -1.18
CA VAL A 73 -8.42 -7.86 -2.32
C VAL A 73 -9.80 -8.50 -2.41
N MET A 74 -9.91 -9.75 -1.99
CA MET A 74 -11.25 -10.42 -2.00
C MET A 74 -12.15 -9.73 -0.97
N MET A 75 -11.56 -9.31 0.15
CA MET A 75 -12.38 -8.60 1.19
C MET A 75 -13.05 -7.37 0.57
N ALA A 76 -12.45 -6.81 -0.46
CA ALA A 76 -13.06 -5.65 -1.15
C ALA A 76 -14.09 -6.13 -2.18
N ARG A 77 -13.97 -7.37 -2.62
CA ARG A 77 -14.93 -7.92 -3.61
C ARG A 77 -16.33 -7.98 -2.98
N GLU A 78 -16.40 -8.46 -1.76
CA GLU A 78 -17.71 -8.54 -1.06
C GLU A 78 -18.18 -7.13 -0.69
N GLN A 79 -17.24 -6.25 -0.43
CA GLN A 79 -17.59 -4.84 -0.07
C GLN A 79 -18.02 -4.04 -1.31
N GLY A 80 -17.99 -4.64 -2.48
CA GLY A 80 -18.40 -3.90 -3.71
C GLY A 80 -17.35 -2.85 -4.07
N ARG A 81 -16.12 -3.05 -3.67
CA ARG A 81 -15.04 -2.06 -3.97
C ARG A 81 -13.80 -2.76 -4.50
N GLU A 82 -13.36 -2.44 -5.70
CA GLU A 82 -12.13 -3.08 -6.24
C GLU A 82 -10.90 -2.41 -5.64
N VAL A 83 -9.74 -2.94 -5.89
CA VAL A 83 -8.51 -2.32 -5.32
C VAL A 83 -7.33 -2.44 -6.30
N GLN A 84 -6.40 -1.53 -6.23
CA GLN A 84 -5.20 -1.57 -7.10
C GLN A 84 -4.06 -2.21 -6.31
N ILE A 85 -3.51 -3.31 -6.76
CA ILE A 85 -2.39 -3.93 -5.98
C ILE A 85 -1.21 -4.26 -6.91
N ILE A 86 -0.01 -3.94 -6.47
CA ILE A 86 1.20 -4.22 -7.31
C ILE A 86 2.23 -4.99 -6.51
N ALA A 87 2.63 -6.12 -6.98
CA ALA A 87 3.68 -6.87 -6.25
C ALA A 87 5.03 -6.25 -6.57
N ALA A 88 6.03 -6.52 -5.80
CA ALA A 88 7.39 -5.95 -6.05
C ALA A 88 7.86 -6.37 -7.45
N ASP A 89 9.15 -6.30 -7.73
CA ASP A 89 9.68 -6.73 -9.07
C ASP A 89 9.12 -8.12 -9.50
N ARG A 90 8.61 -8.88 -8.55
CA ARG A 90 8.05 -10.23 -8.89
C ARG A 90 6.66 -10.11 -9.54
N ARG A 91 6.10 -8.91 -9.59
CA ARG A 91 4.74 -8.77 -10.20
C ARG A 91 4.71 -9.28 -11.63
N SER A 92 5.83 -9.30 -12.31
CA SER A 92 5.83 -9.78 -13.73
C SER A 92 5.30 -11.22 -13.80
N GLN A 93 5.77 -12.08 -12.92
CA GLN A 93 5.26 -13.50 -12.92
C GLN A 93 3.77 -13.48 -12.59
N MET A 94 3.37 -12.65 -11.66
CA MET A 94 1.93 -12.58 -11.27
C MET A 94 1.06 -12.25 -12.49
N ASN A 95 1.52 -11.37 -13.34
CA ASN A 95 0.71 -11.00 -14.56
C ASN A 95 0.41 -12.25 -15.38
N MET A 96 1.33 -13.17 -15.42
CA MET A 96 1.11 -14.44 -16.19
C MET A 96 -0.13 -15.17 -15.64
N LYS A 97 -0.32 -15.13 -14.35
CA LYS A 97 -1.48 -15.84 -13.72
C LYS A 97 -2.18 -14.91 -12.69
N GLN A 98 -2.70 -15.46 -11.61
CA GLN A 98 -3.39 -14.62 -10.58
C GLN A 98 -4.44 -13.70 -11.23
N ASP A 99 -5.18 -14.21 -12.17
CA ASP A 99 -6.25 -13.39 -12.83
C ASP A 99 -7.57 -13.50 -12.05
N GLU A 100 -7.54 -14.08 -10.87
CA GLU A 100 -8.80 -14.24 -10.08
C GLU A 100 -9.14 -12.95 -9.30
N ARG A 101 -8.30 -11.95 -9.34
CA ARG A 101 -8.62 -10.71 -8.56
C ARG A 101 -7.86 -9.47 -9.07
N LEU A 102 -7.27 -9.50 -10.24
CA LEU A 102 -6.52 -8.29 -10.73
C LEU A 102 -6.13 -8.42 -12.20
N SER A 103 -6.99 -8.97 -13.02
CA SER A 103 -6.65 -9.12 -14.48
C SER A 103 -7.06 -7.87 -15.24
N GLY A 104 -6.66 -6.71 -14.79
CA GLY A 104 -7.05 -5.44 -15.50
C GLY A 104 -8.37 -4.92 -14.94
N GLU A 105 -8.68 -5.27 -13.72
CA GLU A 105 -9.96 -4.79 -13.09
C GLU A 105 -9.64 -4.10 -11.76
N LEU A 106 -8.81 -3.08 -11.81
CA LEU A 106 -8.45 -2.36 -10.53
C LEU A 106 -9.34 -1.12 -10.42
N ILE A 107 -8.99 -0.03 -11.07
CA ILE A 107 -9.87 1.19 -11.09
C ILE A 107 -9.18 2.33 -11.84
N THR A 108 -7.88 2.43 -11.69
CA THR A 108 -7.11 3.49 -12.39
C THR A 108 -6.34 2.92 -13.58
N GLY A 109 -6.61 1.69 -13.96
CA GLY A 109 -5.87 1.08 -15.11
C GLY A 109 -6.77 0.07 -15.82
N ARG A 110 -7.45 0.51 -16.84
CA ARG A 110 -8.34 -0.39 -17.62
C ARG A 110 -8.18 -0.04 -19.09
N ARG A 111 -8.84 0.99 -19.52
CA ARG A 111 -8.72 1.43 -20.93
C ARG A 111 -8.53 2.96 -20.97
N GLN A 112 -8.79 3.67 -19.90
CA GLN A 112 -8.63 5.15 -19.90
C GLN A 112 -7.18 5.56 -20.19
N LEU A 113 -6.21 4.76 -19.80
CA LEU A 113 -4.78 5.12 -20.11
C LEU A 113 -4.62 5.10 -21.64
N LEU A 114 -4.91 3.96 -22.20
CA LEU A 114 -4.84 3.78 -23.69
C LEU A 114 -5.86 4.70 -24.38
N GLU A 115 -7.01 4.86 -23.79
CA GLU A 115 -8.09 5.70 -24.40
C GLU A 115 -7.94 7.19 -24.05
N GLY A 116 -7.03 7.55 -23.17
CA GLY A 116 -6.91 8.99 -22.82
C GLY A 116 -8.17 9.45 -22.08
N MET A 117 -8.60 8.70 -21.10
CA MET A 117 -9.83 9.08 -20.32
C MET A 117 -9.49 9.22 -18.83
N ALA A 118 -10.50 9.41 -18.02
CA ALA A 118 -10.25 9.60 -16.56
C ALA A 118 -10.60 8.31 -15.81
N PHE A 119 -10.18 8.22 -14.57
CA PHE A 119 -10.37 6.95 -13.79
C PHE A 119 -11.37 7.12 -12.66
N THR A 120 -12.01 6.05 -12.29
CA THR A 120 -13.02 6.10 -11.20
C THR A 120 -12.30 6.33 -9.87
N PRO A 121 -12.49 7.49 -9.27
CA PRO A 121 -11.79 7.79 -8.01
C PRO A 121 -12.54 7.19 -6.81
N GLY A 122 -11.93 6.25 -6.13
CA GLY A 122 -12.59 5.65 -4.92
C GLY A 122 -12.13 4.21 -4.66
N SER A 123 -10.92 3.85 -5.04
CA SER A 123 -10.41 2.47 -4.81
C SER A 123 -9.55 2.38 -3.55
N THR A 124 -9.03 1.21 -3.30
CA THR A 124 -8.08 1.02 -2.17
C THR A 124 -6.76 0.58 -2.81
N VAL A 125 -5.74 1.39 -2.76
CA VAL A 125 -4.47 1.02 -3.46
C VAL A 125 -3.37 0.61 -2.48
N ILE A 126 -2.67 -0.44 -2.83
CA ILE A 126 -1.56 -0.95 -2.00
C ILE A 126 -0.36 -1.23 -2.94
N VAL A 127 0.84 -1.37 -2.45
CA VAL A 127 1.97 -1.65 -3.38
C VAL A 127 3.18 -2.27 -2.64
N ASP A 128 3.40 -3.54 -2.82
CA ASP A 128 4.55 -4.25 -2.18
C ASP A 128 5.78 -4.00 -3.06
N GLN A 129 6.83 -3.43 -2.53
CA GLN A 129 7.99 -3.12 -3.42
C GLN A 129 9.39 -3.27 -2.79
N GLY A 130 10.15 -4.22 -3.24
CA GLY A 130 11.56 -4.36 -2.74
C GLY A 130 12.36 -3.22 -3.41
N GLU A 131 11.99 -2.91 -4.62
CA GLU A 131 12.62 -1.81 -5.37
C GLU A 131 11.85 -0.54 -5.07
N LYS A 132 12.51 0.55 -5.06
CA LYS A 132 11.82 1.84 -4.77
C LYS A 132 11.54 2.58 -6.08
N LEU A 133 12.10 2.13 -7.18
CA LEU A 133 11.81 2.78 -8.50
C LEU A 133 10.33 2.60 -8.82
N SER A 134 9.79 1.47 -8.43
CA SER A 134 8.34 1.21 -8.69
C SER A 134 7.48 1.76 -7.55
N LEU A 135 8.07 2.04 -6.41
CA LEU A 135 7.26 2.61 -5.30
C LEU A 135 6.82 4.02 -5.69
N LYS A 136 7.74 4.81 -6.20
CA LYS A 136 7.41 6.21 -6.62
C LYS A 136 6.52 6.21 -7.87
N GLU A 137 6.79 5.35 -8.81
CA GLU A 137 5.97 5.32 -10.08
C GLU A 137 4.50 5.02 -9.78
N THR A 138 4.23 4.00 -9.02
CA THR A 138 2.80 3.65 -8.70
C THR A 138 2.12 4.85 -8.06
N LEU A 139 2.80 5.56 -7.19
CA LEU A 139 2.18 6.75 -6.51
C LEU A 139 1.63 7.73 -7.56
N THR A 140 2.34 7.91 -8.64
CA THR A 140 1.87 8.82 -9.73
C THR A 140 0.54 8.30 -10.31
N LEU A 141 0.42 7.00 -10.46
CA LEU A 141 -0.84 6.42 -11.02
C LEU A 141 -2.02 6.68 -10.05
N LEU A 142 -1.79 6.56 -8.78
CA LEU A 142 -2.86 6.80 -7.75
C LEU A 142 -3.37 8.24 -7.83
N ASP A 143 -2.59 9.14 -8.38
CA ASP A 143 -3.00 10.59 -8.43
C ASP A 143 -4.45 10.80 -8.86
N GLY A 144 -4.81 10.48 -10.08
CA GLY A 144 -6.24 10.73 -10.52
C GLY A 144 -7.21 9.91 -9.66
N ALA A 145 -6.98 8.63 -9.53
CA ALA A 145 -7.90 7.77 -8.73
C ALA A 145 -7.99 8.24 -7.27
N ALA A 146 -6.92 8.79 -6.74
CA ALA A 146 -6.93 9.26 -5.32
C ALA A 146 -7.90 10.42 -5.10
N ARG A 147 -8.24 11.14 -6.14
CA ARG A 147 -9.15 12.33 -6.00
C ARG A 147 -10.32 12.09 -5.01
N HIS A 148 -10.74 10.86 -4.83
CA HIS A 148 -11.86 10.60 -3.86
C HIS A 148 -11.42 9.65 -2.70
N ASN A 149 -11.91 8.43 -2.65
CA ASN A 149 -11.55 7.50 -1.51
C ASN A 149 -10.31 6.64 -1.80
N VAL A 150 -9.13 7.07 -1.41
CA VAL A 150 -7.91 6.23 -1.68
C VAL A 150 -6.93 6.28 -0.51
N GLN A 151 -5.99 5.38 -0.52
CA GLN A 151 -4.99 5.31 0.58
C GLN A 151 -3.82 4.43 0.13
N VAL A 152 -2.68 4.50 0.80
CA VAL A 152 -1.52 3.67 0.38
C VAL A 152 -1.15 2.62 1.44
N LEU A 153 -1.45 1.39 1.15
CA LEU A 153 -1.06 0.27 2.05
C LEU A 153 0.11 -0.40 1.35
N ILE A 154 1.28 -0.45 1.94
CA ILE A 154 2.41 -1.09 1.18
C ILE A 154 3.31 -1.94 2.06
N THR A 155 4.05 -2.80 1.43
CA THR A 155 5.01 -3.66 2.16
C THR A 155 6.40 -3.40 1.60
N ASP A 156 7.37 -4.19 1.95
CA ASP A 156 8.75 -3.97 1.44
C ASP A 156 9.48 -5.30 1.33
N SER A 157 10.47 -5.37 0.48
CA SER A 157 11.25 -6.65 0.37
C SER A 157 12.75 -6.36 0.19
N GLY A 158 13.18 -5.18 0.57
CA GLY A 158 14.62 -4.83 0.44
C GLY A 158 15.01 -3.81 1.51
N GLN A 159 14.20 -2.79 1.68
CA GLN A 159 14.48 -1.74 2.70
C GLN A 159 14.08 -2.20 4.12
N ARG A 160 13.60 -3.42 4.27
CA ARG A 160 13.14 -3.94 5.61
C ARG A 160 14.00 -3.43 6.79
N THR A 161 15.26 -3.17 6.57
CA THR A 161 16.12 -2.66 7.69
C THR A 161 16.11 -1.13 7.66
N GLY A 162 15.62 -0.52 8.70
CA GLY A 162 15.55 0.97 8.75
C GLY A 162 14.59 1.42 7.64
N THR A 163 13.32 1.16 7.81
CA THR A 163 12.33 1.53 6.75
C THR A 163 11.95 3.01 6.82
N GLY A 164 12.45 3.75 7.78
CA GLY A 164 12.08 5.20 7.86
C GLY A 164 12.50 5.88 6.55
N SER A 165 13.60 5.45 5.99
CA SER A 165 14.07 6.05 4.71
C SER A 165 13.10 5.71 3.57
N ALA A 166 12.49 4.54 3.64
CA ALA A 166 11.53 4.15 2.58
C ALA A 166 10.32 5.08 2.60
N LEU A 167 9.93 5.52 3.77
CA LEU A 167 8.77 6.45 3.89
C LEU A 167 9.06 7.78 3.16
N MET A 168 10.24 8.31 3.31
CA MET A 168 10.59 9.58 2.60
C MET A 168 10.60 9.31 1.09
N ALA A 169 11.08 8.15 0.72
CA ALA A 169 11.15 7.77 -0.73
C ALA A 169 9.78 8.00 -1.40
N MET A 170 8.73 7.48 -0.83
CA MET A 170 7.36 7.67 -1.43
C MET A 170 7.05 9.17 -1.53
N LYS A 171 7.42 9.92 -0.53
CA LYS A 171 7.17 11.40 -0.55
C LYS A 171 7.91 12.05 -1.72
N ASP A 172 9.05 11.52 -2.07
CA ASP A 172 9.85 12.10 -3.19
C ASP A 172 9.15 11.85 -4.53
N ALA A 173 8.20 10.94 -4.56
CA ALA A 173 7.49 10.64 -5.85
C ALA A 173 6.45 11.71 -6.21
N GLY A 174 6.40 12.83 -5.51
CA GLY A 174 5.39 13.87 -5.87
C GLY A 174 5.03 14.77 -4.68
N VAL A 175 5.34 14.36 -3.47
CA VAL A 175 5.00 15.23 -2.30
C VAL A 175 6.15 16.21 -2.06
N ASN A 176 6.01 17.42 -2.55
CA ASN A 176 7.08 18.45 -2.37
C ASN A 176 6.47 19.85 -2.46
N THR A 177 6.76 20.69 -1.50
CA THR A 177 6.21 22.07 -1.55
C THR A 177 7.32 23.02 -1.99
N TYR A 178 7.09 23.74 -3.05
CA TYR A 178 8.15 24.67 -3.55
C TYR A 178 8.26 25.91 -2.65
N ARG A 179 7.39 26.88 -2.80
CA ARG A 179 7.46 28.10 -1.95
C ARG A 179 6.28 29.04 -2.25
N TRP A 180 6.14 29.46 -3.48
CA TRP A 180 5.01 30.38 -3.86
C TRP A 180 3.76 29.59 -4.26
N GLN A 181 3.91 28.35 -4.64
CA GLN A 181 2.72 27.54 -5.05
C GLN A 181 2.70 26.20 -4.34
N GLY A 182 1.53 25.68 -4.06
CA GLY A 182 1.42 24.37 -3.38
C GLY A 182 0.92 23.32 -4.37
N GLY A 183 1.67 22.26 -4.56
CA GLY A 183 1.25 21.20 -5.52
C GLY A 183 1.07 21.80 -6.92
N GLU A 184 2.14 22.28 -7.51
CA GLU A 184 2.03 22.89 -8.88
C GLU A 184 2.00 21.80 -9.97
N GLN A 185 2.18 20.55 -9.60
CA GLN A 185 2.17 19.45 -10.61
C GLN A 185 0.76 18.91 -10.83
N ARG A 186 -0.21 19.42 -10.12
CA ARG A 186 -1.60 18.92 -10.28
C ARG A 186 -2.63 20.01 -9.93
N PRO A 187 -2.50 21.19 -10.53
CA PRO A 187 -3.47 22.27 -10.24
C PRO A 187 -4.70 22.15 -11.14
N ALA A 188 -4.53 21.81 -12.40
CA ALA A 188 -5.70 21.68 -13.31
C ALA A 188 -5.28 20.94 -14.59
N THR A 189 -4.33 20.06 -14.50
CA THR A 189 -3.87 19.29 -15.69
C THR A 189 -3.31 17.93 -15.27
N THR A 1 -18.13 10.13 15.84
CA THR A 1 -19.35 10.96 16.04
C THR A 1 -18.98 12.43 16.23
N SER A 2 -17.80 12.69 16.72
CA SER A 2 -17.37 14.11 16.95
C SER A 2 -17.38 14.88 15.62
N GLY A 3 -16.87 14.28 14.57
CA GLY A 3 -16.86 14.96 13.25
C GLY A 3 -16.80 13.91 12.15
N ILE A 4 -17.63 14.03 11.14
CA ILE A 4 -17.64 13.03 10.04
C ILE A 4 -16.94 13.58 8.79
N HIS A 5 -16.89 14.89 8.63
CA HIS A 5 -16.21 15.46 7.42
C HIS A 5 -14.72 15.71 7.70
N VAL A 6 -14.18 15.20 8.78
CA VAL A 6 -12.74 15.41 9.10
C VAL A 6 -11.95 14.11 8.96
N LEU A 7 -10.82 14.16 8.27
CA LEU A 7 -10.00 12.92 8.09
C LEU A 7 -9.23 12.62 9.39
N ASP A 8 -9.04 11.35 9.69
CA ASP A 8 -8.30 10.99 10.94
C ASP A 8 -7.42 9.76 10.70
N GLU A 9 -6.12 9.93 10.86
CA GLU A 9 -5.18 8.78 10.66
C GLU A 9 -4.56 8.37 12.00
N LEU A 10 -5.30 8.57 13.07
CA LEU A 10 -4.77 8.21 14.42
C LEU A 10 -4.52 6.69 14.52
N SER A 11 -5.41 5.89 14.00
CA SER A 11 -5.22 4.40 14.07
C SER A 11 -3.99 3.99 13.27
N VAL A 12 -3.77 4.61 12.15
CA VAL A 12 -2.59 4.25 11.30
C VAL A 12 -1.28 4.58 12.03
N ARG A 13 -1.24 5.64 12.79
CA ARG A 13 0.02 6.03 13.50
C ARG A 13 0.43 4.94 14.51
N ALA A 14 -0.49 4.54 15.36
CA ALA A 14 -0.18 3.47 16.36
C ALA A 14 0.11 2.15 15.65
N LEU A 15 -0.57 1.92 14.55
CA LEU A 15 -0.38 0.66 13.78
C LEU A 15 1.05 0.55 13.26
N SER A 16 1.63 1.63 12.81
CA SER A 16 3.03 1.57 12.27
C SER A 16 4.01 1.14 13.36
N ARG A 17 3.83 1.57 14.58
CA ARG A 17 4.80 1.18 15.66
C ARG A 17 4.79 -0.34 15.93
N ASP A 18 3.63 -0.95 16.01
CA ASP A 18 3.59 -2.42 16.30
C ASP A 18 4.23 -3.25 15.17
N ILE A 19 3.93 -2.91 13.95
CA ILE A 19 4.50 -3.67 12.79
C ILE A 19 6.02 -3.47 12.74
N MET A 20 6.48 -2.26 12.99
CA MET A 20 7.95 -1.98 12.95
C MET A 20 8.69 -2.79 14.04
N LYS A 21 8.05 -3.03 15.16
CA LYS A 21 8.72 -3.82 16.24
C LYS A 21 9.08 -5.22 15.73
N GLN A 22 8.28 -5.75 14.83
CA GLN A 22 8.62 -7.09 14.24
C GLN A 22 9.46 -6.87 12.97
N ASN A 23 9.49 -5.67 12.45
CA ASN A 23 10.30 -5.37 11.24
C ASN A 23 11.78 -5.51 11.58
N ARG A 24 12.18 -5.09 12.76
CA ARG A 24 13.61 -5.22 13.19
C ARG A 24 13.72 -6.21 14.38
N VAL A 25 12.72 -7.06 14.56
CA VAL A 25 12.75 -8.07 15.69
C VAL A 25 14.17 -8.61 15.92
N THR A 26 14.52 -8.91 17.14
CA THR A 26 15.90 -9.40 17.43
C THR A 26 16.07 -10.83 16.92
N VAL A 27 16.15 -11.00 15.62
CA VAL A 27 16.26 -12.36 15.02
C VAL A 27 17.64 -12.63 14.40
N HIS A 28 18.20 -13.78 14.69
CA HIS A 28 19.53 -14.17 14.12
C HIS A 28 19.32 -14.97 12.82
N PRO A 29 20.21 -14.83 11.85
CA PRO A 29 20.08 -15.58 10.58
C PRO A 29 20.16 -17.09 10.86
N GLU A 30 20.87 -17.46 11.89
CA GLU A 30 21.01 -18.91 12.26
C GLU A 30 19.65 -19.60 12.29
N LYS A 31 18.64 -18.84 12.54
CA LYS A 31 17.27 -19.40 12.62
C LYS A 31 16.29 -18.29 12.26
N SER A 32 16.30 -17.86 11.03
CA SER A 32 15.36 -16.77 10.58
C SER A 32 13.92 -17.10 10.99
N VAL A 33 13.40 -16.37 11.92
CA VAL A 33 12.01 -16.64 12.41
C VAL A 33 10.98 -16.08 11.41
N PRO A 34 10.26 -16.96 10.72
CA PRO A 34 9.24 -16.51 9.75
C PRO A 34 8.08 -15.81 10.49
N ARG A 35 7.58 -14.71 9.98
CA ARG A 35 6.48 -14.00 10.71
C ARG A 35 5.49 -13.28 9.78
N THR A 36 4.52 -13.98 9.25
CA THR A 36 3.47 -13.31 8.41
C THR A 36 2.21 -13.09 9.27
N ALA A 37 2.40 -12.99 10.55
CA ALA A 37 1.27 -12.75 11.49
C ALA A 37 1.37 -11.34 12.04
N GLY A 38 2.57 -10.85 12.19
CA GLY A 38 2.76 -9.48 12.74
C GLY A 38 2.02 -8.46 11.87
N TYR A 39 2.22 -8.49 10.57
CA TYR A 39 1.52 -7.49 9.70
C TYR A 39 0.26 -8.08 9.04
N SER A 40 0.05 -9.38 9.08
CA SER A 40 -1.19 -9.92 8.46
C SER A 40 -2.40 -9.42 9.25
N ASP A 41 -2.34 -9.53 10.55
CA ASP A 41 -3.47 -9.05 11.41
C ASP A 41 -3.44 -7.52 11.53
N ALA A 42 -2.28 -6.96 11.79
CA ALA A 42 -2.18 -5.48 11.95
C ALA A 42 -2.69 -4.75 10.71
N VAL A 43 -2.24 -5.14 9.55
CA VAL A 43 -2.64 -4.47 8.28
C VAL A 43 -4.12 -4.76 7.93
N SER A 44 -4.57 -5.98 8.08
CA SER A 44 -5.99 -6.31 7.71
C SER A 44 -6.98 -5.42 8.48
N VAL A 45 -6.73 -5.17 9.73
CA VAL A 45 -7.66 -4.31 10.54
C VAL A 45 -7.64 -2.87 9.98
N LEU A 46 -6.47 -2.37 9.70
CA LEU A 46 -6.35 -0.97 9.19
C LEU A 46 -7.12 -0.76 7.87
N ALA A 47 -7.20 -1.75 7.00
CA ALA A 47 -7.98 -1.52 5.74
C ALA A 47 -9.45 -1.45 6.10
N GLN A 48 -9.86 -2.25 7.07
CA GLN A 48 -11.28 -2.22 7.51
C GLN A 48 -11.60 -0.83 8.06
N ASP A 49 -10.62 -0.15 8.61
CA ASP A 49 -10.87 1.25 9.09
C ASP A 49 -11.21 2.10 7.87
N ARG A 50 -10.25 2.71 7.21
CA ARG A 50 -10.55 3.51 5.98
C ARG A 50 -9.23 4.09 5.42
N PRO A 51 -8.52 4.88 6.23
CA PRO A 51 -7.23 5.45 5.74
C PRO A 51 -6.21 4.34 5.60
N SER A 52 -6.02 3.85 4.40
CA SER A 52 -5.04 2.75 4.20
C SER A 52 -3.65 3.33 3.97
N LEU A 53 -2.82 3.33 4.98
CA LEU A 53 -1.43 3.88 4.82
C LEU A 53 -0.51 3.27 5.86
N ALA A 54 0.10 2.15 5.55
CA ALA A 54 1.01 1.51 6.56
C ALA A 54 2.23 0.87 5.90
N ILE A 55 3.22 0.56 6.70
CA ILE A 55 4.46 -0.07 6.15
C ILE A 55 4.60 -1.50 6.69
N VAL A 56 4.79 -2.46 5.82
CA VAL A 56 4.92 -3.87 6.27
C VAL A 56 6.24 -4.45 5.76
N SER A 57 6.89 -5.26 6.56
CA SER A 57 8.19 -5.85 6.12
C SER A 57 8.18 -7.37 6.27
N GLY A 58 8.60 -8.08 5.25
CA GLY A 58 8.64 -9.57 5.30
C GLY A 58 10.06 -10.03 5.64
N GLN A 59 10.22 -11.30 5.92
CA GLN A 59 11.56 -11.84 6.25
C GLN A 59 11.72 -13.24 5.63
N GLY A 60 11.09 -13.46 4.51
CA GLY A 60 11.15 -14.79 3.84
C GLY A 60 9.76 -15.14 3.34
N GLY A 61 9.63 -16.16 2.52
CA GLY A 61 8.28 -16.52 1.99
C GLY A 61 7.74 -15.37 1.15
N ALA A 62 8.60 -14.70 0.45
CA ALA A 62 8.16 -13.54 -0.40
C ALA A 62 7.15 -14.00 -1.44
N ALA A 63 7.36 -15.15 -2.03
CA ALA A 63 6.41 -15.65 -3.07
C ALA A 63 5.02 -15.85 -2.46
N GLY A 64 4.95 -16.46 -1.30
CA GLY A 64 3.63 -16.67 -0.65
C GLY A 64 3.05 -15.33 -0.21
N GLN A 65 3.88 -14.40 0.17
CA GLN A 65 3.38 -13.07 0.62
C GLN A 65 2.57 -12.39 -0.49
N ARG A 66 3.01 -12.51 -1.72
CA ARG A 66 2.28 -11.87 -2.85
C ARG A 66 0.88 -12.50 -3.00
N GLU A 67 0.78 -13.79 -2.84
CA GLU A 67 -0.55 -14.45 -2.97
C GLU A 67 -1.44 -14.07 -1.77
N ARG A 68 -0.84 -13.83 -0.63
CA ARG A 68 -1.64 -13.46 0.59
C ARG A 68 -2.34 -12.11 0.41
N VAL A 69 -1.64 -11.09 -0.06
CA VAL A 69 -2.33 -9.76 -0.23
C VAL A 69 -3.48 -9.92 -1.21
N ALA A 70 -3.34 -10.79 -2.17
CA ALA A 70 -4.47 -11.02 -3.13
C ALA A 70 -5.67 -11.56 -2.34
N GLU A 71 -5.43 -12.27 -1.26
CA GLU A 71 -6.56 -12.78 -0.44
C GLU A 71 -7.28 -11.59 0.21
N LEU A 72 -6.53 -10.59 0.61
CA LEU A 72 -7.14 -9.37 1.20
C LEU A 72 -8.02 -8.70 0.15
N VAL A 73 -7.59 -8.73 -1.09
CA VAL A 73 -8.38 -8.11 -2.19
C VAL A 73 -9.76 -8.78 -2.26
N MET A 74 -9.87 -10.02 -1.82
CA MET A 74 -11.20 -10.71 -1.81
C MET A 74 -12.08 -10.02 -0.78
N MET A 75 -11.50 -9.60 0.32
CA MET A 75 -12.28 -8.90 1.39
C MET A 75 -12.94 -7.64 0.83
N ALA A 76 -12.34 -7.04 -0.15
CA ALA A 76 -12.93 -5.83 -0.79
C ALA A 76 -13.98 -6.24 -1.82
N ARG A 77 -13.92 -7.47 -2.30
CA ARG A 77 -14.93 -7.95 -3.29
C ARG A 77 -16.31 -7.94 -2.64
N GLU A 78 -16.40 -8.42 -1.42
CA GLU A 78 -17.72 -8.43 -0.70
C GLU A 78 -18.11 -7.01 -0.27
N GLN A 79 -17.15 -6.13 -0.10
CA GLN A 79 -17.47 -4.72 0.32
C GLN A 79 -18.01 -3.90 -0.87
N GLY A 80 -18.16 -4.50 -2.04
CA GLY A 80 -18.71 -3.76 -3.20
C GLY A 80 -17.64 -2.89 -3.87
N ARG A 81 -16.39 -3.07 -3.56
CA ARG A 81 -15.33 -2.24 -4.21
C ARG A 81 -14.11 -3.08 -4.59
N GLU A 82 -13.50 -2.76 -5.70
CA GLU A 82 -12.29 -3.50 -6.14
C GLU A 82 -11.04 -2.83 -5.55
N VAL A 83 -9.89 -3.41 -5.76
CA VAL A 83 -8.65 -2.79 -5.23
C VAL A 83 -7.52 -2.89 -6.27
N GLN A 84 -6.49 -2.10 -6.11
CA GLN A 84 -5.34 -2.15 -7.05
C GLN A 84 -4.21 -2.89 -6.35
N ILE A 85 -3.81 -4.04 -6.84
CA ILE A 85 -2.73 -4.80 -6.12
C ILE A 85 -1.48 -5.01 -7.00
N ILE A 86 -0.37 -4.50 -6.53
CA ILE A 86 0.94 -4.61 -7.24
C ILE A 86 1.82 -5.61 -6.50
N ALA A 87 2.96 -5.95 -7.04
CA ALA A 87 3.89 -6.87 -6.35
C ALA A 87 5.27 -6.22 -6.35
N ALA A 88 6.12 -6.60 -5.42
CA ALA A 88 7.51 -6.01 -5.37
C ALA A 88 8.23 -6.29 -6.69
N ASP A 89 9.53 -6.24 -6.71
CA ASP A 89 10.30 -6.51 -7.98
C ASP A 89 9.81 -7.78 -8.71
N ARG A 90 9.07 -8.65 -8.06
CA ARG A 90 8.59 -9.90 -8.72
C ARG A 90 7.27 -9.70 -9.47
N ARG A 91 6.76 -8.50 -9.54
CA ARG A 91 5.48 -8.25 -10.24
C ARG A 91 5.55 -8.70 -11.71
N SER A 92 6.67 -8.49 -12.34
CA SER A 92 6.79 -8.87 -13.80
C SER A 92 6.47 -10.36 -14.00
N GLN A 93 7.02 -11.22 -13.19
CA GLN A 93 6.74 -12.68 -13.33
C GLN A 93 5.26 -12.93 -13.01
N MET A 94 4.74 -12.22 -12.03
CA MET A 94 3.31 -12.39 -11.64
C MET A 94 2.39 -12.10 -12.82
N ASN A 95 2.77 -11.17 -13.66
CA ASN A 95 1.93 -10.80 -14.84
C ASN A 95 1.80 -12.02 -15.75
N MET A 96 2.85 -12.77 -15.92
CA MET A 96 2.79 -13.98 -16.80
C MET A 96 1.77 -14.98 -16.22
N LYS A 97 1.77 -15.16 -14.92
CA LYS A 97 0.77 -16.09 -14.29
C LYS A 97 -0.24 -15.26 -13.47
N GLN A 98 -0.79 -15.82 -12.40
CA GLN A 98 -1.76 -15.04 -11.54
C GLN A 98 -2.84 -14.34 -12.38
N ASP A 99 -3.93 -15.02 -12.62
CA ASP A 99 -5.05 -14.40 -13.40
C ASP A 99 -6.39 -14.64 -12.70
N GLU A 100 -6.37 -14.91 -11.41
CA GLU A 100 -7.65 -15.17 -10.67
C GLU A 100 -7.98 -14.02 -9.70
N ARG A 101 -7.19 -12.98 -9.69
CA ARG A 101 -7.48 -11.85 -8.73
C ARG A 101 -7.30 -10.47 -9.39
N LEU A 102 -6.52 -10.37 -10.43
CA LEU A 102 -6.31 -9.04 -11.10
C LEU A 102 -5.83 -9.22 -12.54
N SER A 103 -6.69 -9.70 -13.40
CA SER A 103 -6.32 -9.93 -14.83
C SER A 103 -6.63 -8.68 -15.67
N GLY A 104 -6.18 -7.52 -15.24
CA GLY A 104 -6.45 -6.27 -16.03
C GLY A 104 -7.58 -5.46 -15.41
N GLU A 105 -7.94 -5.72 -14.18
CA GLU A 105 -9.04 -4.93 -13.52
C GLU A 105 -8.53 -4.35 -12.21
N LEU A 106 -7.49 -3.54 -12.27
CA LEU A 106 -6.93 -2.95 -11.01
C LEU A 106 -7.96 -2.04 -10.34
N ILE A 107 -8.07 -0.80 -10.76
CA ILE A 107 -9.11 0.09 -10.17
C ILE A 107 -9.48 1.20 -11.17
N THR A 108 -8.70 2.25 -11.20
CA THR A 108 -8.98 3.39 -12.13
C THR A 108 -8.12 3.29 -13.38
N GLY A 109 -7.48 2.17 -13.60
CA GLY A 109 -6.64 2.00 -14.81
C GLY A 109 -7.46 1.27 -15.87
N ARG A 110 -8.32 1.97 -16.56
CA ARG A 110 -9.15 1.34 -17.62
C ARG A 110 -9.34 2.35 -18.72
N ARG A 111 -10.07 3.39 -18.43
CA ARG A 111 -10.31 4.45 -19.42
C ARG A 111 -9.33 5.60 -19.18
N GLN A 112 -8.86 5.77 -17.98
CA GLN A 112 -7.91 6.89 -17.70
C GLN A 112 -6.56 6.62 -18.40
N LEU A 113 -6.07 5.42 -18.32
CA LEU A 113 -4.74 5.08 -18.94
C LEU A 113 -4.85 5.08 -20.48
N LEU A 114 -5.94 4.60 -20.99
CA LEU A 114 -6.12 4.50 -22.47
C LEU A 114 -7.03 5.58 -23.04
N GLU A 115 -8.09 5.93 -22.37
CA GLU A 115 -9.01 6.96 -22.94
C GLU A 115 -8.84 8.35 -22.29
N GLY A 116 -8.08 8.47 -21.22
CA GLY A 116 -7.92 9.81 -20.57
C GLY A 116 -9.08 10.11 -19.59
N MET A 117 -10.12 9.29 -19.59
CA MET A 117 -11.29 9.58 -18.70
C MET A 117 -10.94 9.41 -17.21
N ALA A 118 -11.91 9.64 -16.37
CA ALA A 118 -11.68 9.55 -14.89
C ALA A 118 -12.44 8.36 -14.31
N PHE A 119 -11.97 7.82 -13.21
CA PHE A 119 -12.63 6.62 -12.59
C PHE A 119 -13.26 6.96 -11.22
N THR A 120 -14.25 6.19 -10.85
CA THR A 120 -15.01 6.40 -9.58
C THR A 120 -14.11 6.68 -8.38
N PRO A 121 -14.45 7.70 -7.62
CA PRO A 121 -13.63 8.02 -6.43
C PRO A 121 -14.11 7.18 -5.24
N GLY A 122 -13.30 6.28 -4.79
CA GLY A 122 -13.68 5.44 -3.60
C GLY A 122 -13.08 4.03 -3.67
N SER A 123 -11.98 3.86 -4.35
CA SER A 123 -11.35 2.51 -4.45
C SER A 123 -10.31 2.31 -3.36
N THR A 124 -9.78 1.12 -3.27
CA THR A 124 -8.71 0.84 -2.27
C THR A 124 -7.45 0.50 -3.04
N VAL A 125 -6.36 1.15 -2.75
CA VAL A 125 -5.10 0.88 -3.51
C VAL A 125 -3.99 0.35 -2.58
N ILE A 126 -3.37 -0.73 -2.97
CA ILE A 126 -2.27 -1.31 -2.14
C ILE A 126 -1.08 -1.69 -3.06
N VAL A 127 0.09 -1.18 -2.79
CA VAL A 127 1.26 -1.52 -3.65
C VAL A 127 2.31 -2.35 -2.86
N ASP A 128 2.53 -3.59 -3.24
CA ASP A 128 3.54 -4.42 -2.51
C ASP A 128 4.92 -4.12 -3.08
N GLN A 129 5.71 -3.44 -2.32
CA GLN A 129 7.06 -3.01 -2.77
C GLN A 129 8.20 -3.93 -2.25
N GLY A 130 9.39 -3.65 -2.70
CA GLY A 130 10.62 -4.40 -2.29
C GLY A 130 11.76 -3.62 -2.94
N GLU A 131 11.64 -3.49 -4.23
CA GLU A 131 12.58 -2.67 -5.02
C GLU A 131 12.21 -1.23 -4.67
N LYS A 132 12.49 -0.30 -5.51
CA LYS A 132 12.12 1.11 -5.19
C LYS A 132 11.43 1.78 -6.39
N LEU A 133 11.56 1.22 -7.57
CA LEU A 133 10.88 1.80 -8.75
C LEU A 133 9.38 1.50 -8.66
N SER A 134 9.01 0.46 -7.96
CA SER A 134 7.55 0.12 -7.81
C SER A 134 6.83 1.21 -7.03
N LEU A 135 7.42 1.67 -5.96
CA LEU A 135 6.77 2.72 -5.11
C LEU A 135 6.61 4.04 -5.87
N LYS A 136 7.65 4.48 -6.55
CA LYS A 136 7.56 5.79 -7.27
C LYS A 136 6.58 5.75 -8.45
N GLU A 137 6.60 4.69 -9.24
CA GLU A 137 5.67 4.61 -10.42
C GLU A 137 4.21 4.60 -9.95
N THR A 138 3.89 3.73 -9.03
CA THR A 138 2.48 3.65 -8.53
C THR A 138 2.04 4.98 -7.93
N LEU A 139 2.90 5.59 -7.16
CA LEU A 139 2.53 6.88 -6.48
C LEU A 139 2.17 7.97 -7.51
N THR A 140 2.89 8.08 -8.60
CA THR A 140 2.54 9.12 -9.61
C THR A 140 1.15 8.83 -10.20
N LEU A 141 0.81 7.57 -10.33
CA LEU A 141 -0.54 7.20 -10.89
C LEU A 141 -1.64 7.61 -9.89
N LEU A 142 -1.37 7.39 -8.63
CA LEU A 142 -2.37 7.73 -7.57
C LEU A 142 -2.50 9.24 -7.39
N ASP A 143 -1.52 10.00 -7.80
CA ASP A 143 -1.57 11.49 -7.61
C ASP A 143 -2.92 12.08 -8.07
N GLY A 144 -3.29 11.93 -9.32
CA GLY A 144 -4.60 12.48 -9.79
C GLY A 144 -5.74 11.77 -9.04
N ALA A 145 -5.73 10.47 -9.05
CA ALA A 145 -6.81 9.70 -8.36
C ALA A 145 -6.92 10.13 -6.91
N ALA A 146 -5.82 10.54 -6.32
CA ALA A 146 -5.83 10.98 -4.88
C ALA A 146 -6.99 11.94 -4.63
N ARG A 147 -7.28 12.79 -5.58
CA ARG A 147 -8.42 13.73 -5.42
C ARG A 147 -9.72 12.91 -5.42
N HIS A 148 -9.81 11.94 -6.30
CA HIS A 148 -11.02 11.09 -6.36
C HIS A 148 -10.83 9.80 -5.51
N ASN A 149 -10.41 8.70 -6.12
CA ASN A 149 -10.20 7.43 -5.34
C ASN A 149 -8.81 7.44 -4.69
N VAL A 150 -8.67 6.89 -3.50
CA VAL A 150 -7.29 6.86 -2.89
C VAL A 150 -7.20 6.03 -1.61
N GLN A 151 -6.05 5.41 -1.42
CA GLN A 151 -5.76 4.56 -0.22
C GLN A 151 -4.42 3.87 -0.47
N VAL A 152 -3.39 4.14 0.29
CA VAL A 152 -2.07 3.46 0.01
C VAL A 152 -1.67 2.43 1.09
N LEU A 153 -1.80 1.18 0.76
CA LEU A 153 -1.34 0.09 1.68
C LEU A 153 -0.12 -0.51 1.02
N ILE A 154 1.03 -0.41 1.64
CA ILE A 154 2.26 -0.96 0.97
C ILE A 154 3.02 -1.91 1.88
N THR A 155 3.77 -2.79 1.29
CA THR A 155 4.59 -3.75 2.08
C THR A 155 6.03 -3.71 1.58
N ASP A 156 6.88 -4.59 2.07
CA ASP A 156 8.30 -4.59 1.63
C ASP A 156 8.87 -6.00 1.66
N SER A 157 9.89 -6.24 0.88
CA SER A 157 10.53 -7.60 0.87
C SER A 157 12.04 -7.50 0.66
N GLY A 158 12.62 -6.36 0.98
CA GLY A 158 14.09 -6.19 0.80
C GLY A 158 14.57 -4.99 1.62
N GLN A 159 13.82 -3.91 1.60
CA GLN A 159 14.21 -2.70 2.38
C GLN A 159 13.81 -2.84 3.86
N ARG A 160 13.20 -3.95 4.24
CA ARG A 160 12.77 -4.15 5.66
C ARG A 160 13.81 -3.63 6.67
N THR A 161 15.08 -3.83 6.41
CA THR A 161 16.11 -3.30 7.35
C THR A 161 16.01 -1.76 7.38
N GLY A 162 16.75 -1.07 6.55
CA GLY A 162 16.67 0.42 6.52
C GLY A 162 15.31 0.82 5.93
N THR A 163 14.27 0.76 6.72
CA THR A 163 12.91 1.11 6.20
C THR A 163 12.64 2.61 6.32
N GLY A 164 13.37 3.31 7.14
CA GLY A 164 13.13 4.79 7.30
C GLY A 164 13.30 5.49 5.96
N SER A 165 14.27 5.06 5.17
CA SER A 165 14.48 5.71 3.84
C SER A 165 13.31 5.34 2.92
N ALA A 166 12.66 4.24 3.16
CA ALA A 166 11.51 3.82 2.31
C ALA A 166 10.33 4.78 2.53
N LEU A 167 10.14 5.24 3.74
CA LEU A 167 9.01 6.20 4.01
C LEU A 167 9.24 7.48 3.21
N MET A 168 10.46 7.95 3.20
CA MET A 168 10.81 9.15 2.40
C MET A 168 10.62 8.82 0.91
N ALA A 169 10.85 7.57 0.55
CA ALA A 169 10.69 7.13 -0.87
C ALA A 169 9.29 7.55 -1.38
N MET A 170 8.25 7.24 -0.64
CA MET A 170 6.87 7.62 -1.09
C MET A 170 6.77 9.13 -1.28
N LYS A 171 7.29 9.89 -0.34
CA LYS A 171 7.21 11.39 -0.44
C LYS A 171 7.97 11.91 -1.68
N ASP A 172 9.02 11.24 -2.06
CA ASP A 172 9.83 11.70 -3.24
C ASP A 172 9.08 11.46 -4.55
N ALA A 173 8.04 10.64 -4.53
CA ALA A 173 7.30 10.35 -5.79
C ALA A 173 6.38 11.49 -6.22
N GLY A 174 6.43 12.64 -5.57
CA GLY A 174 5.54 13.77 -5.99
C GLY A 174 5.13 14.64 -4.79
N VAL A 175 5.36 14.19 -3.59
CA VAL A 175 4.97 15.00 -2.39
C VAL A 175 6.09 16.00 -2.02
N ASN A 176 5.91 17.25 -2.35
CA ASN A 176 6.95 18.27 -2.01
C ASN A 176 6.30 19.65 -1.83
N THR A 177 6.33 20.16 -0.63
CA THR A 177 5.72 21.49 -0.37
C THR A 177 6.74 22.61 -0.66
N TYR A 178 6.35 23.55 -1.47
CA TYR A 178 7.26 24.68 -1.81
C TYR A 178 7.07 25.80 -0.76
N ARG A 179 6.13 26.69 -0.96
CA ARG A 179 5.88 27.77 0.03
C ARG A 179 4.42 28.24 -0.06
N TRP A 180 4.07 28.90 -1.13
CA TRP A 180 2.67 29.35 -1.31
C TRP A 180 1.78 28.20 -1.78
N GLN A 181 2.38 27.17 -2.34
CA GLN A 181 1.59 25.99 -2.81
C GLN A 181 2.31 24.70 -2.43
N GLY A 182 1.68 23.87 -1.65
CA GLY A 182 2.33 22.58 -1.23
C GLY A 182 1.26 21.52 -0.98
N GLY A 183 0.21 21.87 -0.30
CA GLY A 183 -0.88 20.89 -0.02
C GLY A 183 -1.84 20.84 -1.21
N GLU A 184 -1.37 20.38 -2.35
CA GLU A 184 -2.26 20.31 -3.55
C GLU A 184 -2.87 18.92 -3.70
N GLN A 185 -2.22 17.91 -3.16
CA GLN A 185 -2.77 16.53 -3.28
C GLN A 185 -4.09 16.44 -2.52
N ARG A 186 -4.18 17.10 -1.39
CA ARG A 186 -5.44 17.07 -0.59
C ARG A 186 -6.14 18.45 -0.63
N PRO A 187 -7.35 18.48 -1.14
CA PRO A 187 -8.09 19.76 -1.20
C PRO A 187 -8.66 20.12 0.17
N ALA A 188 -8.46 19.30 1.17
CA ALA A 188 -9.02 19.60 2.52
C ALA A 188 -8.45 20.93 3.04
N THR A 189 -7.21 21.22 2.76
CA THR A 189 -6.60 22.49 3.24
C THR A 189 -7.24 23.69 2.51
N THR A 1 -12.24 28.20 17.65
CA THR A 1 -11.32 27.09 17.25
C THR A 1 -9.90 27.62 17.09
N SER A 2 -9.20 27.75 18.19
CA SER A 2 -7.80 28.27 18.14
C SER A 2 -6.93 27.34 17.29
N GLY A 3 -7.20 26.06 17.31
CA GLY A 3 -6.40 25.10 16.50
C GLY A 3 -5.85 23.98 17.39
N ILE A 4 -6.69 23.07 17.81
CA ILE A 4 -6.21 21.96 18.69
C ILE A 4 -6.92 20.64 18.31
N HIS A 5 -6.84 20.25 17.07
CA HIS A 5 -7.50 18.99 16.64
C HIS A 5 -6.68 18.33 15.54
N VAL A 6 -6.51 17.03 15.61
CA VAL A 6 -5.74 16.32 14.56
C VAL A 6 -6.67 15.44 13.74
N LEU A 7 -6.61 15.53 12.44
CA LEU A 7 -7.46 14.69 11.58
C LEU A 7 -6.61 13.62 10.86
N ASP A 8 -5.31 13.63 11.07
CA ASP A 8 -4.43 12.61 10.41
C ASP A 8 -4.83 11.20 10.86
N GLU A 9 -4.68 10.23 10.00
CA GLU A 9 -5.06 8.82 10.35
C GLU A 9 -4.49 8.39 11.71
N LEU A 10 -5.27 8.56 12.75
CA LEU A 10 -4.80 8.18 14.12
C LEU A 10 -4.63 6.66 14.25
N SER A 11 -5.54 5.90 13.68
CA SER A 11 -5.44 4.41 13.77
C SER A 11 -4.20 3.92 13.02
N VAL A 12 -3.94 4.47 11.85
CA VAL A 12 -2.75 4.04 11.06
C VAL A 12 -1.45 4.45 11.76
N ARG A 13 -1.45 5.57 12.44
CA ARG A 13 -0.20 6.03 13.12
C ARG A 13 0.32 5.00 14.13
N ALA A 14 -0.55 4.51 14.97
CA ALA A 14 -0.14 3.49 15.99
C ALA A 14 0.19 2.18 15.29
N LEU A 15 -0.48 1.91 14.22
CA LEU A 15 -0.26 0.65 13.46
C LEU A 15 1.19 0.58 12.93
N SER A 16 1.71 1.67 12.44
CA SER A 16 3.10 1.67 11.88
C SER A 16 4.17 1.56 12.97
N ARG A 17 3.95 2.13 14.13
CA ARG A 17 4.99 2.07 15.21
C ARG A 17 5.27 0.63 15.68
N ASP A 18 4.24 -0.11 16.00
CA ASP A 18 4.47 -1.52 16.50
C ASP A 18 4.97 -2.45 15.40
N ILE A 19 4.41 -2.38 14.21
CA ILE A 19 4.85 -3.28 13.10
C ILE A 19 6.34 -3.01 12.78
N MET A 20 6.73 -1.77 12.69
CA MET A 20 8.16 -1.42 12.37
C MET A 20 9.10 -1.97 13.45
N LYS A 21 8.63 -2.03 14.67
CA LYS A 21 9.50 -2.54 15.79
C LYS A 21 9.90 -4.00 15.55
N GLN A 22 9.13 -4.72 14.79
CA GLN A 22 9.51 -6.13 14.46
C GLN A 22 10.13 -6.17 13.06
N ASN A 23 9.84 -5.18 12.26
CA ASN A 23 10.44 -5.12 10.91
C ASN A 23 11.86 -4.52 11.01
N ARG A 24 12.24 -4.05 12.18
CA ARG A 24 13.61 -3.50 12.36
C ARG A 24 14.49 -4.61 12.91
N VAL A 25 14.12 -5.20 14.04
CA VAL A 25 14.97 -6.28 14.71
C VAL A 25 15.84 -7.07 13.74
N THR A 26 17.13 -7.10 14.00
CA THR A 26 18.09 -7.82 13.12
C THR A 26 17.72 -9.30 13.08
N VAL A 27 16.99 -9.68 12.07
CA VAL A 27 16.56 -11.09 11.90
C VAL A 27 17.79 -11.96 11.66
N HIS A 28 17.84 -13.10 12.29
CA HIS A 28 19.01 -14.02 12.14
C HIS A 28 18.70 -15.11 11.09
N PRO A 29 19.61 -15.30 10.15
CA PRO A 29 19.37 -16.33 9.09
C PRO A 29 19.41 -17.74 9.68
N GLU A 30 20.03 -17.91 10.83
CA GLU A 30 20.09 -19.27 11.46
C GLU A 30 18.70 -19.66 11.94
N LYS A 31 17.95 -18.70 12.34
CA LYS A 31 16.59 -18.96 12.87
C LYS A 31 15.68 -17.83 12.44
N SER A 32 15.38 -17.78 11.17
CA SER A 32 14.51 -16.67 10.64
C SER A 32 13.24 -16.54 11.48
N VAL A 33 12.82 -15.32 11.69
CA VAL A 33 11.59 -15.07 12.49
C VAL A 33 10.40 -14.85 11.56
N PRO A 34 9.24 -15.31 11.94
CA PRO A 34 8.05 -15.12 11.08
C PRO A 34 7.77 -13.61 10.97
N ARG A 35 7.46 -13.14 9.78
CA ARG A 35 7.24 -11.66 9.61
C ARG A 35 5.88 -11.33 9.03
N THR A 36 5.18 -12.29 8.46
CA THR A 36 3.82 -12.02 7.94
C THR A 36 2.79 -12.57 8.93
N ALA A 37 3.22 -13.06 10.08
CA ALA A 37 2.26 -13.66 11.04
C ALA A 37 1.50 -12.58 11.83
N GLY A 38 2.11 -12.03 12.84
CA GLY A 38 1.42 -11.01 13.67
C GLY A 38 1.31 -9.68 12.92
N TYR A 39 1.89 -9.57 11.73
CA TYR A 39 1.79 -8.27 10.98
C TYR A 39 0.84 -8.43 9.78
N SER A 40 0.31 -9.61 9.59
CA SER A 40 -0.75 -9.81 8.55
C SER A 40 -2.06 -9.44 9.25
N ASP A 41 -2.15 -9.71 10.54
CA ASP A 41 -3.35 -9.33 11.31
C ASP A 41 -3.32 -7.80 11.51
N ALA A 42 -2.14 -7.26 11.72
CA ALA A 42 -2.01 -5.78 11.91
C ALA A 42 -2.46 -5.04 10.64
N VAL A 43 -1.99 -5.49 9.52
CA VAL A 43 -2.32 -4.86 8.20
C VAL A 43 -3.81 -5.04 7.82
N SER A 44 -4.37 -6.20 8.06
CA SER A 44 -5.81 -6.45 7.70
C SER A 44 -6.77 -5.65 8.60
N VAL A 45 -6.43 -5.50 9.86
CA VAL A 45 -7.32 -4.77 10.83
C VAL A 45 -7.45 -3.29 10.47
N LEU A 46 -6.38 -2.64 10.11
CA LEU A 46 -6.46 -1.19 9.75
C LEU A 46 -7.30 -1.00 8.49
N ALA A 47 -7.29 -1.96 7.60
CA ALA A 47 -8.12 -1.84 6.36
C ALA A 47 -9.60 -1.97 6.72
N GLN A 48 -9.93 -2.74 7.74
CA GLN A 48 -11.36 -2.86 8.15
C GLN A 48 -11.83 -1.50 8.65
N ASP A 49 -10.94 -0.74 9.27
CA ASP A 49 -11.33 0.63 9.74
C ASP A 49 -11.74 1.44 8.49
N ARG A 50 -10.81 2.07 7.81
CA ARG A 50 -11.17 2.84 6.57
C ARG A 50 -9.88 3.31 5.87
N PRO A 51 -9.03 4.07 6.55
CA PRO A 51 -7.77 4.52 5.91
C PRO A 51 -6.82 3.34 5.75
N SER A 52 -6.70 2.83 4.56
CA SER A 52 -5.78 1.68 4.35
C SER A 52 -4.35 2.17 4.11
N LEU A 53 -3.56 2.14 5.13
CA LEU A 53 -2.13 2.55 5.04
C LEU A 53 -1.38 1.65 6.03
N ALA A 54 -0.24 1.12 5.67
CA ALA A 54 0.49 0.23 6.64
C ALA A 54 1.90 -0.08 6.12
N ILE A 55 2.75 -0.55 7.00
CA ILE A 55 4.14 -0.87 6.58
C ILE A 55 4.47 -2.35 6.91
N VAL A 56 4.83 -3.13 5.92
CA VAL A 56 5.19 -4.56 6.20
C VAL A 56 6.57 -4.85 5.59
N SER A 57 7.43 -5.55 6.30
CA SER A 57 8.79 -5.83 5.74
C SER A 57 9.16 -7.32 5.87
N GLY A 58 9.77 -7.88 4.85
CA GLY A 58 10.16 -9.33 4.90
C GLY A 58 11.43 -9.55 4.08
N GLN A 59 12.06 -10.69 4.19
CA GLN A 59 13.30 -10.95 3.42
C GLN A 59 13.43 -12.43 3.07
N GLY A 60 12.58 -12.92 2.19
CA GLY A 60 12.66 -14.34 1.81
C GLY A 60 11.26 -14.96 1.82
N GLY A 61 11.02 -15.92 0.97
CA GLY A 61 9.69 -16.57 0.92
C GLY A 61 8.62 -15.53 0.56
N ALA A 62 9.00 -14.57 -0.24
CA ALA A 62 8.02 -13.50 -0.64
C ALA A 62 7.02 -14.03 -1.67
N ALA A 63 7.22 -15.21 -2.20
CA ALA A 63 6.26 -15.76 -3.21
C ALA A 63 4.87 -15.92 -2.61
N GLY A 64 4.78 -16.48 -1.43
CA GLY A 64 3.45 -16.68 -0.80
C GLY A 64 2.98 -15.38 -0.18
N GLN A 65 3.87 -14.52 0.21
CA GLN A 65 3.46 -13.21 0.82
C GLN A 65 2.62 -12.43 -0.18
N ARG A 66 3.03 -12.44 -1.41
CA ARG A 66 2.27 -11.70 -2.47
C ARG A 66 0.87 -12.29 -2.67
N GLU A 67 0.74 -13.59 -2.63
CA GLU A 67 -0.61 -14.21 -2.83
C GLU A 67 -1.49 -13.93 -1.60
N ARG A 68 -0.90 -13.84 -0.43
CA ARG A 68 -1.69 -13.58 0.80
C ARG A 68 -2.35 -12.20 0.79
N VAL A 69 -1.61 -11.13 0.53
CA VAL A 69 -2.27 -9.78 0.54
C VAL A 69 -3.42 -9.77 -0.47
N ALA A 70 -3.26 -10.48 -1.56
CA ALA A 70 -4.36 -10.55 -2.56
C ALA A 70 -5.59 -11.18 -1.90
N GLU A 71 -5.40 -12.01 -0.89
CA GLU A 71 -6.56 -12.62 -0.18
C GLU A 71 -7.38 -11.47 0.43
N LEU A 72 -6.71 -10.42 0.86
CA LEU A 72 -7.42 -9.24 1.41
C LEU A 72 -8.28 -8.62 0.30
N VAL A 73 -7.76 -8.60 -0.91
CA VAL A 73 -8.54 -8.03 -2.05
C VAL A 73 -9.87 -8.79 -2.21
N MET A 74 -9.91 -10.04 -1.78
CA MET A 74 -11.19 -10.82 -1.89
C MET A 74 -12.23 -10.20 -0.98
N MET A 75 -11.83 -9.77 0.20
CA MET A 75 -12.81 -9.11 1.13
C MET A 75 -13.39 -7.86 0.44
N ALA A 76 -12.66 -7.32 -0.51
CA ALA A 76 -13.14 -6.14 -1.28
C ALA A 76 -14.04 -6.61 -2.43
N ARG A 77 -13.88 -7.84 -2.85
CA ARG A 77 -14.72 -8.38 -3.95
C ARG A 77 -16.17 -8.50 -3.50
N GLU A 78 -16.38 -8.98 -2.29
CA GLU A 78 -17.77 -9.10 -1.76
C GLU A 78 -18.34 -7.70 -1.46
N GLN A 79 -17.48 -6.76 -1.15
CA GLN A 79 -17.94 -5.37 -0.85
C GLN A 79 -18.34 -4.61 -2.14
N GLY A 80 -18.24 -5.23 -3.29
CA GLY A 80 -18.65 -4.55 -4.56
C GLY A 80 -17.63 -3.47 -4.94
N ARG A 81 -16.40 -3.59 -4.49
CA ARG A 81 -15.38 -2.56 -4.85
C ARG A 81 -14.10 -3.23 -5.38
N GLU A 82 -13.56 -2.69 -6.43
CA GLU A 82 -12.30 -3.25 -7.01
C GLU A 82 -11.10 -2.53 -6.38
N VAL A 83 -9.93 -3.12 -6.46
CA VAL A 83 -8.71 -2.47 -5.86
C VAL A 83 -7.50 -2.56 -6.79
N GLN A 84 -6.59 -1.64 -6.67
CA GLN A 84 -5.34 -1.67 -7.51
C GLN A 84 -4.21 -2.22 -6.67
N ILE A 85 -3.65 -3.36 -7.03
CA ILE A 85 -2.55 -3.92 -6.19
C ILE A 85 -1.34 -4.29 -7.08
N ILE A 86 -0.15 -3.93 -6.66
CA ILE A 86 1.05 -4.22 -7.50
C ILE A 86 2.11 -4.99 -6.73
N ALA A 87 2.48 -6.13 -7.21
CA ALA A 87 3.56 -6.90 -6.56
C ALA A 87 4.88 -6.14 -6.68
N ALA A 88 5.81 -6.38 -5.79
CA ALA A 88 7.13 -5.66 -5.84
C ALA A 88 7.81 -5.94 -7.18
N ASP A 89 9.12 -5.77 -7.23
CA ASP A 89 9.86 -6.04 -8.52
C ASP A 89 9.42 -7.37 -9.15
N ARG A 90 8.88 -8.27 -8.35
CA ARG A 90 8.41 -9.59 -8.87
C ARG A 90 7.15 -9.41 -9.75
N ARG A 91 6.62 -8.21 -9.84
CA ARG A 91 5.36 -7.99 -10.63
C ARG A 91 5.46 -8.52 -12.06
N SER A 92 6.61 -8.45 -12.69
CA SER A 92 6.71 -8.95 -14.10
C SER A 92 6.32 -10.42 -14.17
N GLN A 93 6.83 -11.21 -13.26
CA GLN A 93 6.49 -12.66 -13.24
C GLN A 93 5.01 -12.85 -12.91
N MET A 94 4.48 -12.07 -12.00
CA MET A 94 3.04 -12.22 -11.63
C MET A 94 2.15 -11.98 -12.84
N ASN A 95 2.54 -11.09 -13.73
CA ASN A 95 1.72 -10.82 -14.94
C ASN A 95 1.64 -12.11 -15.77
N MET A 96 2.71 -12.85 -15.78
CA MET A 96 2.71 -14.15 -16.53
C MET A 96 1.62 -15.06 -15.98
N LYS A 97 1.50 -15.09 -14.67
CA LYS A 97 0.46 -15.94 -14.02
C LYS A 97 -0.53 -15.04 -13.24
N GLN A 98 -1.06 -15.52 -12.15
CA GLN A 98 -2.02 -14.70 -11.33
C GLN A 98 -3.08 -14.01 -12.21
N ASP A 99 -4.17 -14.69 -12.46
CA ASP A 99 -5.24 -14.09 -13.31
C ASP A 99 -6.61 -14.25 -12.62
N GLU A 100 -6.60 -14.41 -11.33
CA GLU A 100 -7.88 -14.59 -10.57
C GLU A 100 -8.10 -13.42 -9.60
N ARG A 101 -7.07 -12.65 -9.32
CA ARG A 101 -7.22 -11.53 -8.35
C ARG A 101 -6.96 -10.14 -8.98
N LEU A 102 -6.51 -10.07 -10.22
CA LEU A 102 -6.24 -8.72 -10.83
C LEU A 102 -5.91 -8.81 -12.33
N SER A 103 -6.75 -9.43 -13.12
CA SER A 103 -6.48 -9.54 -14.59
C SER A 103 -6.48 -8.14 -15.24
N GLY A 104 -7.12 -7.18 -14.61
CA GLY A 104 -7.19 -5.80 -15.19
C GLY A 104 -8.49 -5.16 -14.76
N GLU A 105 -8.79 -5.23 -13.49
CA GLU A 105 -10.06 -4.62 -12.97
C GLU A 105 -9.77 -3.83 -11.70
N LEU A 106 -8.90 -2.86 -11.79
CA LEU A 106 -8.58 -2.02 -10.58
C LEU A 106 -9.72 -1.00 -10.43
N ILE A 107 -9.68 0.07 -11.18
CA ILE A 107 -10.81 1.06 -11.20
C ILE A 107 -10.45 2.22 -12.11
N THR A 108 -9.23 2.65 -12.04
CA THR A 108 -8.78 3.74 -12.94
C THR A 108 -7.92 3.16 -14.07
N GLY A 109 -7.87 1.85 -14.19
CA GLY A 109 -7.05 1.22 -15.26
C GLY A 109 -7.96 0.75 -16.38
N ARG A 110 -8.67 1.66 -17.00
CA ARG A 110 -9.56 1.28 -18.14
C ARG A 110 -9.55 2.39 -19.17
N ARG A 111 -9.78 3.60 -18.73
CA ARG A 111 -9.79 4.74 -19.68
C ARG A 111 -8.77 5.81 -19.27
N GLN A 112 -8.50 5.94 -17.99
CA GLN A 112 -7.52 6.98 -17.55
C GLN A 112 -6.13 6.67 -18.07
N LEU A 113 -5.74 5.41 -18.05
CA LEU A 113 -4.38 5.05 -18.51
C LEU A 113 -4.37 4.81 -20.02
N LEU A 114 -5.47 4.33 -20.54
CA LEU A 114 -5.52 4.01 -22.00
C LEU A 114 -6.26 5.07 -22.84
N GLU A 115 -7.39 5.57 -22.40
CA GLU A 115 -8.12 6.56 -23.27
C GLU A 115 -7.92 8.02 -22.86
N GLY A 116 -7.31 8.29 -21.74
CA GLY A 116 -7.11 9.71 -21.33
C GLY A 116 -8.31 10.21 -20.50
N MET A 117 -9.44 9.56 -20.57
CA MET A 117 -10.63 10.03 -19.80
C MET A 117 -10.38 9.90 -18.30
N ALA A 118 -11.35 10.23 -17.50
CA ALA A 118 -11.16 10.16 -16.02
C ALA A 118 -12.08 9.10 -15.40
N PHE A 119 -11.62 8.43 -14.38
CA PHE A 119 -12.45 7.38 -13.73
C PHE A 119 -12.84 7.78 -12.30
N THR A 120 -13.98 7.35 -11.84
CA THR A 120 -14.44 7.69 -10.46
C THR A 120 -13.33 7.39 -9.45
N PRO A 121 -12.66 8.43 -8.99
CA PRO A 121 -11.56 8.21 -8.03
C PRO A 121 -12.15 7.82 -6.69
N GLY A 122 -11.91 6.60 -6.28
CA GLY A 122 -12.46 6.14 -4.97
C GLY A 122 -12.24 4.63 -4.79
N SER A 123 -11.16 4.10 -5.31
CA SER A 123 -10.90 2.64 -5.19
C SER A 123 -10.06 2.35 -3.95
N THR A 124 -9.76 1.10 -3.71
CA THR A 124 -8.87 0.75 -2.55
C THR A 124 -7.56 0.23 -3.15
N VAL A 125 -6.44 0.85 -2.84
CA VAL A 125 -5.15 0.42 -3.48
C VAL A 125 -4.08 0.02 -2.46
N ILE A 126 -3.41 -1.09 -2.70
CA ILE A 126 -2.30 -1.54 -1.82
C ILE A 126 -1.11 -1.91 -2.73
N VAL A 127 0.02 -1.28 -2.59
CA VAL A 127 1.16 -1.63 -3.49
C VAL A 127 2.23 -2.44 -2.75
N ASP A 128 2.41 -3.67 -3.16
CA ASP A 128 3.43 -4.55 -2.54
C ASP A 128 4.77 -4.22 -3.20
N GLN A 129 5.62 -3.58 -2.44
CA GLN A 129 6.92 -3.11 -2.98
C GLN A 129 8.13 -3.93 -2.49
N GLY A 130 9.28 -3.62 -3.02
CA GLY A 130 10.59 -4.26 -2.64
C GLY A 130 11.64 -3.37 -3.34
N GLU A 131 11.40 -3.20 -4.61
CA GLU A 131 12.21 -2.30 -5.43
C GLU A 131 11.61 -0.92 -5.18
N LYS A 132 12.31 0.10 -5.50
CA LYS A 132 11.81 1.47 -5.23
C LYS A 132 11.21 2.08 -6.51
N LEU A 133 11.43 1.47 -7.63
CA LEU A 133 10.84 1.95 -8.90
C LEU A 133 9.32 1.75 -8.85
N SER A 134 8.88 0.79 -8.09
CA SER A 134 7.41 0.54 -7.98
C SER A 134 6.80 1.32 -6.81
N LEU A 135 7.60 1.87 -5.92
CA LEU A 135 7.01 2.65 -4.79
C LEU A 135 6.60 4.04 -5.27
N LYS A 136 7.45 4.71 -6.00
CA LYS A 136 7.11 6.08 -6.49
C LYS A 136 6.21 6.03 -7.73
N GLU A 137 6.44 5.11 -8.63
CA GLU A 137 5.57 5.04 -9.86
C GLU A 137 4.12 4.74 -9.45
N THR A 138 3.93 3.81 -8.55
CA THR A 138 2.55 3.50 -8.08
C THR A 138 1.99 4.75 -7.41
N LEU A 139 2.80 5.40 -6.64
CA LEU A 139 2.37 6.62 -5.90
C LEU A 139 1.90 7.73 -6.86
N THR A 140 2.46 7.83 -8.04
CA THR A 140 2.00 8.92 -8.97
C THR A 140 0.52 8.70 -9.35
N LEU A 141 0.19 7.52 -9.87
CA LEU A 141 -1.24 7.27 -10.29
C LEU A 141 -2.17 7.37 -9.06
N LEU A 142 -1.73 6.86 -7.94
CA LEU A 142 -2.57 6.90 -6.69
C LEU A 142 -2.81 8.33 -6.19
N ASP A 143 -1.88 9.22 -6.40
CA ASP A 143 -2.04 10.63 -5.91
C ASP A 143 -3.37 11.22 -6.41
N GLY A 144 -3.68 11.03 -7.67
CA GLY A 144 -4.95 11.56 -8.21
C GLY A 144 -6.14 10.83 -7.54
N ALA A 145 -6.08 9.52 -7.51
CA ALA A 145 -7.19 8.73 -6.90
C ALA A 145 -7.30 8.95 -5.37
N ALA A 146 -6.19 9.09 -4.68
CA ALA A 146 -6.23 9.30 -3.19
C ALA A 146 -6.98 10.57 -2.83
N ARG A 147 -6.99 11.53 -3.72
CA ARG A 147 -7.73 12.81 -3.46
C ARG A 147 -9.18 12.48 -3.08
N HIS A 148 -9.67 11.36 -3.54
CA HIS A 148 -11.05 10.93 -3.20
C HIS A 148 -11.00 9.71 -2.25
N ASN A 149 -11.72 8.64 -2.50
CA ASN A 149 -11.70 7.47 -1.58
C ASN A 149 -10.62 6.44 -1.93
N VAL A 150 -9.37 6.77 -1.73
CA VAL A 150 -8.27 5.80 -2.00
C VAL A 150 -7.32 5.80 -0.80
N GLN A 151 -6.57 4.75 -0.65
CA GLN A 151 -5.63 4.64 0.50
C GLN A 151 -4.40 3.81 0.09
N VAL A 152 -3.28 4.02 0.74
CA VAL A 152 -2.04 3.27 0.35
C VAL A 152 -1.64 2.18 1.37
N LEU A 153 -1.83 0.95 1.04
CA LEU A 153 -1.35 -0.16 1.92
C LEU A 153 -0.15 -0.75 1.20
N ILE A 154 1.04 -0.63 1.74
CA ILE A 154 2.23 -1.15 0.99
C ILE A 154 3.05 -2.13 1.83
N THR A 155 3.35 -3.26 1.26
CA THR A 155 4.19 -4.25 1.97
C THR A 155 5.62 -4.05 1.47
N ASP A 156 6.57 -4.79 1.96
CA ASP A 156 7.97 -4.57 1.49
C ASP A 156 8.82 -5.84 1.64
N SER A 157 9.91 -5.88 0.93
CA SER A 157 10.82 -7.04 1.00
C SER A 157 12.29 -6.53 1.01
N GLY A 158 12.49 -5.25 1.25
CA GLY A 158 13.86 -4.68 1.27
C GLY A 158 13.91 -3.53 2.29
N GLN A 159 12.98 -3.49 3.23
CA GLN A 159 12.97 -2.40 4.26
C GLN A 159 13.71 -2.84 5.53
N ARG A 160 14.21 -4.06 5.57
CA ARG A 160 14.93 -4.55 6.79
C ARG A 160 16.08 -3.62 7.18
N THR A 161 16.84 -3.16 6.21
CA THR A 161 17.99 -2.27 6.55
C THR A 161 17.67 -0.81 6.23
N GLY A 162 17.33 -0.49 5.00
CA GLY A 162 17.01 0.93 4.63
C GLY A 162 15.51 1.19 4.80
N THR A 163 15.09 1.53 6.00
CA THR A 163 13.64 1.80 6.22
C THR A 163 13.33 3.31 6.18
N GLY A 164 14.17 4.13 6.76
CA GLY A 164 13.90 5.60 6.75
C GLY A 164 13.96 6.12 5.31
N SER A 165 14.93 5.65 4.56
CA SER A 165 15.04 6.10 3.15
C SER A 165 13.87 5.58 2.31
N ALA A 166 13.25 4.50 2.75
CA ALA A 166 12.09 3.96 1.96
C ALA A 166 10.98 5.01 1.97
N LEU A 167 10.78 5.65 3.09
CA LEU A 167 9.72 6.71 3.16
C LEU A 167 10.08 7.88 2.24
N MET A 168 11.33 8.29 2.23
CA MET A 168 11.75 9.41 1.30
C MET A 168 11.47 8.98 -0.15
N ALA A 169 11.54 7.69 -0.39
CA ALA A 169 11.24 7.16 -1.76
C ALA A 169 9.79 7.50 -2.13
N MET A 170 8.86 7.24 -1.23
CA MET A 170 7.42 7.55 -1.53
C MET A 170 7.25 9.04 -1.86
N LYS A 171 7.74 9.90 -0.99
CA LYS A 171 7.61 11.38 -1.22
C LYS A 171 8.29 11.79 -2.53
N ASP A 172 9.33 11.11 -2.91
CA ASP A 172 10.06 11.45 -4.18
C ASP A 172 9.11 11.30 -5.37
N ALA A 173 8.04 10.55 -5.22
CA ALA A 173 7.08 10.37 -6.36
C ALA A 173 6.25 11.65 -6.61
N GLY A 174 6.44 12.70 -5.84
CA GLY A 174 5.66 13.96 -6.07
C GLY A 174 4.87 14.35 -4.82
N VAL A 175 4.82 13.50 -3.81
CA VAL A 175 4.08 13.86 -2.57
C VAL A 175 5.02 14.65 -1.66
N ASN A 176 4.90 15.96 -1.62
CA ASN A 176 5.79 16.77 -0.74
C ASN A 176 5.31 18.21 -0.70
N THR A 177 5.31 18.83 0.45
CA THR A 177 4.86 20.24 0.53
C THR A 177 6.03 21.15 0.17
N TYR A 178 5.86 21.98 -0.82
CA TYR A 178 6.98 22.87 -1.26
C TYR A 178 7.00 24.16 -0.44
N ARG A 179 6.13 25.08 -0.73
CA ARG A 179 6.11 26.37 0.03
C ARG A 179 4.68 26.91 0.05
N TRP A 180 4.21 27.42 -1.06
CA TRP A 180 2.83 27.96 -1.13
C TRP A 180 1.84 26.82 -1.47
N GLN A 181 2.32 25.74 -2.05
CA GLN A 181 1.41 24.60 -2.40
C GLN A 181 1.78 23.34 -1.62
N GLY A 182 1.06 22.27 -1.85
CA GLY A 182 1.33 21.00 -1.14
C GLY A 182 0.06 20.50 -0.44
N GLY A 183 -1.09 20.77 -1.01
CA GLY A 183 -2.37 20.29 -0.41
C GLY A 183 -2.80 21.20 0.76
N GLU A 184 -2.12 22.31 0.99
CA GLU A 184 -2.52 23.19 2.12
C GLU A 184 -3.41 24.34 1.64
N GLN A 185 -3.46 24.58 0.35
CA GLN A 185 -4.30 25.71 -0.18
C GLN A 185 -5.70 25.20 -0.55
N ARG A 186 -5.92 23.90 -0.58
CA ARG A 186 -7.27 23.38 -0.96
C ARG A 186 -7.41 21.88 -0.63
N PRO A 187 -7.11 21.52 0.60
CA PRO A 187 -7.23 20.09 1.00
C PRO A 187 -8.72 19.70 1.19
N ALA A 188 -9.60 20.68 1.28
CA ALA A 188 -11.05 20.38 1.48
C ALA A 188 -11.81 20.28 0.15
N THR A 189 -11.15 20.48 -0.98
CA THR A 189 -11.86 20.41 -2.30
C THR A 189 -12.02 18.96 -2.78
N THR A 1 -8.78 28.38 18.56
CA THR A 1 -9.07 27.19 19.42
C THR A 1 -10.50 26.70 19.17
N SER A 2 -10.95 26.75 17.94
CA SER A 2 -12.34 26.28 17.63
C SER A 2 -12.40 24.75 17.75
N GLY A 3 -13.53 24.21 18.12
CA GLY A 3 -13.66 22.73 18.27
C GLY A 3 -13.63 22.09 16.88
N ILE A 4 -12.45 21.73 16.42
CA ILE A 4 -12.34 21.09 15.07
C ILE A 4 -12.08 19.59 15.23
N HIS A 5 -12.86 18.77 14.60
CA HIS A 5 -12.66 17.30 14.71
C HIS A 5 -11.43 16.88 13.89
N VAL A 6 -10.59 16.04 14.43
CA VAL A 6 -9.37 15.61 13.70
C VAL A 6 -9.56 14.20 13.13
N LEU A 7 -8.97 13.93 11.99
CA LEU A 7 -9.10 12.57 11.37
C LEU A 7 -8.44 11.53 12.29
N ASP A 8 -9.00 10.34 12.34
CA ASP A 8 -8.41 9.28 13.22
C ASP A 8 -7.10 8.75 12.63
N GLU A 9 -6.05 9.53 12.72
CA GLU A 9 -4.73 9.09 12.19
C GLU A 9 -3.91 8.39 13.29
N LEU A 10 -4.35 8.48 14.53
CA LEU A 10 -3.61 7.83 15.66
C LEU A 10 -3.63 6.31 15.52
N SER A 11 -4.67 5.78 14.92
CA SER A 11 -4.76 4.29 14.76
C SER A 11 -3.60 3.77 13.91
N VAL A 12 -3.29 4.44 12.83
CA VAL A 12 -2.16 3.99 11.97
C VAL A 12 -0.83 4.22 12.71
N ARG A 13 -0.71 5.26 13.50
CA ARG A 13 0.58 5.53 14.22
C ARG A 13 0.94 4.34 15.12
N ALA A 14 0.01 3.85 15.90
CA ALA A 14 0.30 2.68 16.78
C ALA A 14 0.57 1.45 15.92
N LEU A 15 -0.12 1.35 14.81
CA LEU A 15 0.06 0.19 13.90
C LEU A 15 1.50 0.10 13.36
N SER A 16 2.08 1.22 13.04
CA SER A 16 3.48 1.21 12.49
C SER A 16 4.46 0.68 13.54
N ARG A 17 4.23 0.97 14.80
CA ARG A 17 5.19 0.48 15.85
C ARG A 17 5.19 -1.05 15.93
N ASP A 18 4.03 -1.66 15.89
CA ASP A 18 3.93 -3.16 15.98
C ASP A 18 4.52 -3.85 14.74
N ILE A 19 4.20 -3.37 13.57
CA ILE A 19 4.71 -4.02 12.32
C ILE A 19 6.23 -3.88 12.26
N MET A 20 6.73 -2.73 12.58
CA MET A 20 8.21 -2.50 12.57
C MET A 20 8.88 -3.44 13.58
N LYS A 21 8.17 -3.79 14.63
CA LYS A 21 8.76 -4.71 15.66
C LYS A 21 9.08 -6.06 15.00
N GLN A 22 8.34 -6.44 13.98
CA GLN A 22 8.65 -7.72 13.27
C GLN A 22 9.64 -7.43 12.11
N ASN A 23 9.76 -6.18 11.73
CA ASN A 23 10.69 -5.81 10.63
C ASN A 23 12.15 -6.07 11.06
N ARG A 24 12.49 -5.82 12.30
CA ARG A 24 13.88 -6.08 12.80
C ARG A 24 13.87 -7.17 13.90
N VAL A 25 12.81 -7.93 13.99
CA VAL A 25 12.73 -9.01 15.03
C VAL A 25 13.89 -10.00 14.89
N THR A 26 14.68 -10.13 15.92
CA THR A 26 15.85 -11.09 15.88
C THR A 26 15.35 -12.51 15.55
N VAL A 27 15.57 -12.94 14.34
CA VAL A 27 15.12 -14.30 13.92
C VAL A 27 16.36 -15.19 13.64
N HIS A 28 16.34 -16.41 14.11
CA HIS A 28 17.52 -17.31 13.89
C HIS A 28 17.32 -18.14 12.60
N PRO A 29 18.38 -18.30 11.82
CA PRO A 29 18.29 -19.09 10.56
C PRO A 29 18.07 -20.58 10.87
N GLU A 30 18.53 -21.03 12.00
CA GLU A 30 18.36 -22.47 12.38
C GLU A 30 16.87 -22.80 12.51
N LYS A 31 16.12 -21.82 12.91
CA LYS A 31 14.66 -22.00 13.10
C LYS A 31 13.99 -20.64 12.94
N SER A 32 14.16 -20.05 11.80
CA SER A 32 13.59 -18.69 11.55
C SER A 32 12.07 -18.70 11.67
N VAL A 33 11.55 -17.83 12.50
CA VAL A 33 10.07 -17.73 12.68
C VAL A 33 9.45 -17.06 11.45
N PRO A 34 8.26 -17.47 11.08
CA PRO A 34 7.62 -16.85 9.90
C PRO A 34 7.27 -15.39 10.22
N ARG A 35 7.80 -14.47 9.46
CA ARG A 35 7.55 -13.04 9.75
C ARG A 35 6.38 -12.48 8.95
N THR A 36 5.56 -13.30 8.33
CA THR A 36 4.40 -12.77 7.57
C THR A 36 3.17 -12.71 8.47
N ALA A 37 3.38 -12.69 9.77
CA ALA A 37 2.23 -12.59 10.72
C ALA A 37 2.22 -11.20 11.33
N GLY A 38 3.37 -10.59 11.45
CA GLY A 38 3.45 -9.23 12.03
C GLY A 38 2.61 -8.26 11.18
N TYR A 39 2.79 -8.25 9.87
CA TYR A 39 2.01 -7.28 9.05
C TYR A 39 0.78 -7.92 8.38
N SER A 40 0.64 -9.23 8.36
CA SER A 40 -0.60 -9.81 7.74
C SER A 40 -1.78 -9.49 8.64
N ASP A 41 -1.59 -9.63 9.93
CA ASP A 41 -2.67 -9.33 10.90
C ASP A 41 -2.79 -7.82 11.13
N ALA A 42 -1.69 -7.15 11.30
CA ALA A 42 -1.72 -5.67 11.56
C ALA A 42 -2.28 -4.88 10.37
N VAL A 43 -1.80 -5.15 9.19
CA VAL A 43 -2.28 -4.39 7.99
C VAL A 43 -3.75 -4.72 7.66
N SER A 44 -4.13 -5.96 7.74
CA SER A 44 -5.55 -6.33 7.41
C SER A 44 -6.54 -5.63 8.34
N VAL A 45 -6.25 -5.57 9.62
CA VAL A 45 -7.19 -4.93 10.59
C VAL A 45 -7.25 -3.40 10.39
N LEU A 46 -6.19 -2.79 9.92
CA LEU A 46 -6.22 -1.31 9.72
C LEU A 46 -7.08 -0.92 8.51
N ALA A 47 -7.11 -1.73 7.48
CA ALA A 47 -7.96 -1.40 6.30
C ALA A 47 -9.42 -1.48 6.71
N GLN A 48 -9.74 -2.38 7.61
CA GLN A 48 -11.14 -2.50 8.08
C GLN A 48 -11.52 -1.21 8.80
N ASP A 49 -10.57 -0.59 9.47
CA ASP A 49 -10.86 0.70 10.16
C ASP A 49 -11.23 1.73 9.09
N ARG A 50 -10.27 2.44 8.52
CA ARG A 50 -10.58 3.42 7.44
C ARG A 50 -9.29 4.06 6.90
N PRO A 51 -8.49 4.67 7.77
CA PRO A 51 -7.23 5.29 7.27
C PRO A 51 -6.27 4.20 6.81
N SER A 52 -6.10 4.08 5.53
CA SER A 52 -5.18 3.03 5.01
C SER A 52 -3.82 3.62 4.65
N LEU A 53 -2.83 3.30 5.40
CA LEU A 53 -1.46 3.82 5.16
C LEU A 53 -0.53 3.14 6.15
N ALA A 54 0.10 2.07 5.74
CA ALA A 54 0.99 1.33 6.69
C ALA A 54 2.31 0.92 6.05
N ILE A 55 3.23 0.50 6.87
CA ILE A 55 4.55 0.04 6.36
C ILE A 55 4.74 -1.45 6.69
N VAL A 56 5.06 -2.24 5.71
CA VAL A 56 5.26 -3.70 5.94
C VAL A 56 6.64 -4.12 5.45
N SER A 57 7.35 -4.94 6.20
CA SER A 57 8.72 -5.37 5.77
C SER A 57 8.79 -6.90 5.61
N GLY A 58 9.18 -7.35 4.44
CA GLY A 58 9.26 -8.82 4.17
C GLY A 58 10.71 -9.31 4.30
N GLN A 59 10.89 -10.57 4.59
CA GLN A 59 12.27 -11.15 4.71
C GLN A 59 12.18 -12.67 4.68
N GLY A 60 11.96 -13.24 3.51
CA GLY A 60 11.84 -14.71 3.39
C GLY A 60 10.41 -15.07 2.99
N GLY A 61 10.23 -16.10 2.20
CA GLY A 61 8.86 -16.48 1.76
C GLY A 61 8.22 -15.32 0.99
N ALA A 62 9.01 -14.65 0.18
CA ALA A 62 8.46 -13.49 -0.60
C ALA A 62 7.33 -13.93 -1.52
N ALA A 63 7.36 -15.15 -1.97
CA ALA A 63 6.27 -15.62 -2.89
C ALA A 63 4.92 -15.59 -2.17
N GLY A 64 4.87 -16.07 -0.95
CA GLY A 64 3.58 -16.07 -0.20
C GLY A 64 3.23 -14.65 0.23
N GLN A 65 4.22 -13.80 0.42
CA GLN A 65 3.93 -12.40 0.85
C GLN A 65 3.10 -11.67 -0.20
N ARG A 66 3.47 -11.77 -1.45
CA ARG A 66 2.71 -11.06 -2.52
C ARG A 66 1.29 -11.61 -2.64
N GLU A 67 1.11 -12.91 -2.55
CA GLU A 67 -0.28 -13.47 -2.65
C GLU A 67 -1.10 -13.08 -1.41
N ARG A 68 -0.46 -12.92 -0.28
CA ARG A 68 -1.21 -12.55 0.96
C ARG A 68 -1.91 -11.19 0.79
N VAL A 69 -1.19 -10.18 0.36
CA VAL A 69 -1.83 -8.85 0.17
C VAL A 69 -2.99 -9.00 -0.83
N ALA A 70 -2.85 -9.90 -1.76
CA ALA A 70 -3.95 -10.16 -2.74
C ALA A 70 -5.17 -10.69 -1.97
N GLU A 71 -4.96 -11.35 -0.85
CA GLU A 71 -6.10 -11.88 -0.06
C GLU A 71 -6.98 -10.70 0.40
N LEU A 72 -6.35 -9.58 0.69
CA LEU A 72 -7.14 -8.37 1.10
C LEU A 72 -8.03 -7.94 -0.07
N VAL A 73 -7.54 -8.10 -1.28
CA VAL A 73 -8.35 -7.72 -2.48
C VAL A 73 -9.68 -8.50 -2.49
N MET A 74 -9.68 -9.69 -1.95
CA MET A 74 -10.95 -10.48 -1.90
C MET A 74 -11.94 -9.78 -0.97
N MET A 75 -11.44 -9.24 0.13
CA MET A 75 -12.34 -8.52 1.09
C MET A 75 -13.05 -7.36 0.39
N ALA A 76 -12.45 -6.84 -0.66
CA ALA A 76 -13.08 -5.74 -1.42
C ALA A 76 -14.10 -6.30 -2.43
N ARG A 77 -13.93 -7.55 -2.81
CA ARG A 77 -14.88 -8.17 -3.78
C ARG A 77 -16.28 -8.25 -3.19
N GLU A 78 -16.39 -8.68 -1.95
CA GLU A 78 -17.74 -8.77 -1.30
C GLU A 78 -18.27 -7.38 -1.00
N GLN A 79 -17.38 -6.44 -0.76
CA GLN A 79 -17.82 -5.04 -0.46
C GLN A 79 -18.28 -4.30 -1.73
N GLY A 80 -18.31 -4.97 -2.87
CA GLY A 80 -18.77 -4.29 -4.12
C GLY A 80 -17.74 -3.23 -4.56
N ARG A 81 -16.51 -3.37 -4.14
CA ARG A 81 -15.48 -2.37 -4.52
C ARG A 81 -14.25 -3.06 -5.12
N GLU A 82 -13.61 -2.44 -6.08
CA GLU A 82 -12.40 -3.06 -6.70
C GLU A 82 -11.14 -2.45 -6.07
N VAL A 83 -9.98 -3.01 -6.33
CA VAL A 83 -8.73 -2.44 -5.76
C VAL A 83 -7.57 -2.49 -6.77
N GLN A 84 -6.66 -1.56 -6.66
CA GLN A 84 -5.46 -1.57 -7.54
C GLN A 84 -4.32 -2.13 -6.69
N ILE A 85 -3.66 -3.18 -7.10
CA ILE A 85 -2.57 -3.73 -6.24
C ILE A 85 -1.36 -4.11 -7.11
N ILE A 86 -0.17 -3.97 -6.57
CA ILE A 86 1.05 -4.31 -7.36
C ILE A 86 2.01 -5.16 -6.53
N ALA A 87 2.37 -6.31 -7.03
CA ALA A 87 3.35 -7.15 -6.30
C ALA A 87 4.74 -6.53 -6.51
N ALA A 88 5.69 -6.87 -5.68
CA ALA A 88 7.07 -6.30 -5.84
C ALA A 88 7.61 -6.61 -7.26
N ASP A 89 8.89 -6.50 -7.47
CA ASP A 89 9.46 -6.80 -8.83
C ASP A 89 8.98 -8.16 -9.37
N ARG A 90 8.48 -9.02 -8.51
CA ARG A 90 7.97 -10.35 -8.99
C ARG A 90 6.61 -10.21 -9.67
N ARG A 91 6.01 -9.04 -9.65
CA ARG A 91 4.67 -8.87 -10.29
C ARG A 91 4.70 -9.27 -11.76
N SER A 92 5.84 -9.25 -12.40
CA SER A 92 5.90 -9.65 -13.84
C SER A 92 5.43 -11.10 -14.00
N GLN A 93 5.95 -12.00 -13.20
CA GLN A 93 5.52 -13.43 -13.29
C GLN A 93 4.05 -13.51 -12.92
N MET A 94 3.67 -12.86 -11.84
CA MET A 94 2.25 -12.88 -11.38
C MET A 94 1.30 -12.47 -12.51
N ASN A 95 1.71 -11.56 -13.35
CA ASN A 95 0.83 -11.09 -14.46
C ASN A 95 0.49 -12.26 -15.38
N MET A 96 1.43 -13.15 -15.62
CA MET A 96 1.14 -14.32 -16.50
C MET A 96 0.04 -15.16 -15.84
N LYS A 97 0.08 -15.26 -14.53
CA LYS A 97 -0.95 -16.03 -13.78
C LYS A 97 -1.77 -15.04 -12.94
N GLN A 98 -2.19 -15.43 -11.74
CA GLN A 98 -2.96 -14.49 -10.85
C GLN A 98 -4.20 -13.94 -11.57
N ASP A 99 -5.00 -14.79 -12.13
CA ASP A 99 -6.23 -14.33 -12.82
C ASP A 99 -7.43 -14.56 -11.90
N GLU A 100 -7.20 -14.63 -10.61
CA GLU A 100 -8.31 -14.89 -9.65
C GLU A 100 -8.93 -13.58 -9.12
N ARG A 101 -8.33 -12.44 -9.37
CA ARG A 101 -8.93 -11.17 -8.85
C ARG A 101 -8.20 -9.91 -9.37
N LEU A 102 -7.52 -9.99 -10.49
CA LEU A 102 -6.82 -8.77 -11.01
C LEU A 102 -6.27 -8.99 -12.42
N SER A 103 -6.93 -9.77 -13.23
CA SER A 103 -6.43 -10.01 -14.62
C SER A 103 -6.38 -8.68 -15.41
N GLY A 104 -7.14 -7.69 -15.00
CA GLY A 104 -7.13 -6.38 -15.72
C GLY A 104 -8.35 -5.55 -15.30
N GLU A 105 -8.52 -5.35 -14.03
CA GLU A 105 -9.68 -4.54 -13.54
C GLU A 105 -9.34 -3.92 -12.18
N LEU A 106 -8.38 -3.02 -12.15
CA LEU A 106 -8.00 -2.38 -10.85
C LEU A 106 -9.03 -1.32 -10.48
N ILE A 107 -8.96 -0.13 -11.03
CA ILE A 107 -10.01 0.88 -10.74
C ILE A 107 -10.10 1.86 -11.93
N THR A 108 -9.20 2.82 -12.00
CA THR A 108 -9.21 3.80 -13.11
C THR A 108 -8.17 3.43 -14.18
N GLY A 109 -7.59 2.27 -14.10
CA GLY A 109 -6.58 1.88 -15.12
C GLY A 109 -7.27 1.13 -16.26
N ARG A 110 -8.02 1.83 -17.08
CA ARG A 110 -8.71 1.17 -18.21
C ARG A 110 -8.67 2.13 -19.40
N ARG A 111 -9.47 3.16 -19.34
CA ARG A 111 -9.47 4.15 -20.44
C ARG A 111 -8.45 5.25 -20.12
N GLN A 112 -8.18 5.47 -18.86
CA GLN A 112 -7.20 6.51 -18.46
C GLN A 112 -5.80 6.17 -19.00
N LEU A 113 -5.37 4.95 -18.81
CA LEU A 113 -4.00 4.56 -19.28
C LEU A 113 -3.94 4.44 -20.81
N LEU A 114 -4.96 3.87 -21.41
CA LEU A 114 -4.94 3.67 -22.90
C LEU A 114 -5.80 4.70 -23.66
N GLU A 115 -7.00 4.96 -23.21
CA GLU A 115 -7.89 5.92 -23.96
C GLU A 115 -7.65 7.38 -23.54
N GLY A 116 -6.82 7.63 -22.56
CA GLY A 116 -6.60 9.06 -22.16
C GLY A 116 -7.93 9.64 -21.66
N MET A 117 -8.61 8.92 -20.82
CA MET A 117 -9.91 9.41 -20.26
C MET A 117 -9.82 9.46 -18.74
N ALA A 118 -10.89 9.83 -18.07
CA ALA A 118 -10.87 9.87 -16.57
C ALA A 118 -11.78 8.80 -16.02
N PHE A 119 -11.39 8.13 -14.96
CA PHE A 119 -12.25 7.05 -14.39
C PHE A 119 -12.75 7.42 -12.99
N THR A 120 -13.92 6.95 -12.66
CA THR A 120 -14.56 7.24 -11.35
C THR A 120 -13.58 7.01 -10.20
N PRO A 121 -13.31 8.03 -9.42
CA PRO A 121 -12.36 7.86 -8.31
C PRO A 121 -13.01 7.16 -7.13
N GLY A 122 -12.55 5.97 -6.85
CA GLY A 122 -13.08 5.18 -5.70
C GLY A 122 -12.17 3.96 -5.50
N SER A 123 -10.90 4.13 -5.77
CA SER A 123 -9.94 2.99 -5.70
C SER A 123 -9.44 2.64 -4.29
N THR A 124 -9.26 1.36 -4.05
CA THR A 124 -8.66 0.89 -2.78
C THR A 124 -7.34 0.24 -3.20
N VAL A 125 -6.24 0.86 -2.90
CA VAL A 125 -4.93 0.33 -3.40
C VAL A 125 -3.99 -0.21 -2.32
N ILE A 126 -3.32 -1.29 -2.62
CA ILE A 126 -2.31 -1.86 -1.69
C ILE A 126 -1.10 -2.24 -2.56
N VAL A 127 -0.06 -1.45 -2.52
CA VAL A 127 1.10 -1.73 -3.40
C VAL A 127 2.28 -2.36 -2.63
N ASP A 128 2.51 -3.63 -2.84
CA ASP A 128 3.65 -4.36 -2.18
C ASP A 128 4.90 -4.13 -3.04
N GLN A 129 5.84 -3.32 -2.58
CA GLN A 129 7.02 -3.00 -3.44
C GLN A 129 8.41 -3.16 -2.76
N GLY A 130 9.19 -4.09 -3.23
CA GLY A 130 10.56 -4.28 -2.68
C GLY A 130 11.45 -3.14 -3.15
N GLU A 131 11.66 -3.09 -4.43
CA GLU A 131 12.48 -2.02 -5.05
C GLU A 131 11.81 -0.68 -4.77
N LYS A 132 12.17 0.33 -5.48
CA LYS A 132 11.57 1.69 -5.21
C LYS A 132 11.18 2.42 -6.49
N LEU A 133 11.62 1.95 -7.64
CA LEU A 133 11.26 2.64 -8.92
C LEU A 133 9.76 2.56 -9.13
N SER A 134 9.16 1.48 -8.71
CA SER A 134 7.69 1.32 -8.89
C SER A 134 6.93 1.86 -7.67
N LEU A 135 7.60 2.10 -6.56
CA LEU A 135 6.87 2.64 -5.37
C LEU A 135 6.37 4.05 -5.70
N LYS A 136 7.24 4.87 -6.23
CA LYS A 136 6.85 6.27 -6.58
C LYS A 136 5.89 6.29 -7.78
N GLU A 137 6.14 5.47 -8.79
CA GLU A 137 5.24 5.47 -9.99
C GLU A 137 3.78 5.19 -9.60
N THR A 138 3.55 4.20 -8.79
CA THR A 138 2.14 3.87 -8.39
C THR A 138 1.50 5.06 -7.67
N LEU A 139 2.22 5.65 -6.77
CA LEU A 139 1.66 6.80 -5.98
C LEU A 139 1.21 7.93 -6.90
N THR A 140 1.97 8.20 -7.94
CA THR A 140 1.58 9.28 -8.90
C THR A 140 0.24 8.95 -9.57
N LEU A 141 0.02 7.70 -9.91
CA LEU A 141 -1.28 7.30 -10.54
C LEU A 141 -2.43 7.52 -9.56
N LEU A 142 -2.21 7.17 -8.31
CA LEU A 142 -3.26 7.35 -7.26
C LEU A 142 -3.63 8.83 -7.11
N ASP A 143 -2.74 9.71 -7.51
CA ASP A 143 -2.99 11.18 -7.34
C ASP A 143 -4.39 11.61 -7.81
N GLY A 144 -4.72 11.47 -9.08
CA GLY A 144 -6.07 11.92 -9.56
C GLY A 144 -7.17 11.07 -8.90
N ALA A 145 -7.05 9.78 -8.98
CA ALA A 145 -8.08 8.88 -8.39
C ALA A 145 -8.25 9.14 -6.89
N ALA A 146 -7.20 9.58 -6.23
CA ALA A 146 -7.27 9.83 -4.76
C ALA A 146 -8.32 10.88 -4.40
N ARG A 147 -8.66 11.77 -5.31
CA ARG A 147 -9.69 12.82 -5.01
C ARG A 147 -10.89 12.24 -4.23
N HIS A 148 -11.16 10.97 -4.40
CA HIS A 148 -12.30 10.34 -3.66
C HIS A 148 -11.79 9.39 -2.55
N ASN A 149 -12.24 8.14 -2.52
CA ASN A 149 -11.82 7.20 -1.42
C ASN A 149 -10.56 6.39 -1.73
N VAL A 150 -9.41 6.81 -1.27
CA VAL A 150 -8.16 6.01 -1.54
C VAL A 150 -7.58 5.41 -0.27
N GLN A 151 -7.30 4.14 -0.31
CA GLN A 151 -6.69 3.45 0.85
C GLN A 151 -5.34 2.90 0.41
N VAL A 152 -4.28 3.19 1.11
CA VAL A 152 -2.94 2.69 0.67
C VAL A 152 -2.29 1.75 1.69
N LEU A 153 -1.97 0.58 1.23
CA LEU A 153 -1.22 -0.42 2.04
C LEU A 153 0.05 -0.67 1.25
N ILE A 154 1.21 -0.39 1.80
CA ILE A 154 2.44 -0.63 0.99
C ILE A 154 3.49 -1.38 1.81
N THR A 155 3.99 -2.44 1.25
CA THR A 155 5.02 -3.22 1.98
C THR A 155 6.38 -2.87 1.41
N ASP A 156 7.38 -3.63 1.72
CA ASP A 156 8.73 -3.33 1.19
C ASP A 156 9.61 -4.56 1.24
N SER A 157 10.74 -4.48 0.60
CA SER A 157 11.69 -5.62 0.63
C SER A 157 13.13 -5.09 0.73
N GLY A 158 13.28 -3.84 1.14
CA GLY A 158 14.64 -3.25 1.27
C GLY A 158 14.70 -2.40 2.55
N GLN A 159 13.86 -2.70 3.51
CA GLN A 159 13.83 -1.91 4.79
C GLN A 159 14.67 -2.59 5.90
N ARG A 160 15.29 -3.71 5.62
CA ARG A 160 16.08 -4.41 6.68
C ARG A 160 17.10 -3.47 7.35
N THR A 161 17.76 -2.63 6.59
CA THR A 161 18.77 -1.71 7.20
C THR A 161 18.23 -0.28 7.31
N GLY A 162 17.61 0.22 6.27
CA GLY A 162 17.08 1.63 6.33
C GLY A 162 15.56 1.62 6.17
N THR A 163 14.85 1.07 7.12
CA THR A 163 13.36 1.03 7.03
C THR A 163 12.76 2.44 7.06
N GLY A 164 13.25 3.31 7.92
CA GLY A 164 12.72 4.69 8.00
C GLY A 164 12.93 5.40 6.66
N SER A 165 14.07 5.19 6.05
CA SER A 165 14.34 5.85 4.73
C SER A 165 13.31 5.42 3.70
N ALA A 166 12.85 4.19 3.79
CA ALA A 166 11.83 3.69 2.81
C ALA A 166 10.55 4.53 2.90
N LEU A 167 10.18 4.93 4.08
CA LEU A 167 8.94 5.76 4.23
C LEU A 167 9.10 7.07 3.46
N MET A 168 10.26 7.68 3.57
CA MET A 168 10.51 8.96 2.84
C MET A 168 10.49 8.72 1.33
N ALA A 169 10.90 7.55 0.91
CA ALA A 169 10.92 7.24 -0.55
C ALA A 169 9.54 7.45 -1.17
N MET A 170 8.51 6.84 -0.62
CA MET A 170 7.15 7.00 -1.21
C MET A 170 6.71 8.48 -1.17
N LYS A 171 6.96 9.16 -0.08
CA LYS A 171 6.57 10.60 0.02
C LYS A 171 7.32 11.46 -1.00
N ASP A 172 8.52 11.09 -1.34
CA ASP A 172 9.31 11.87 -2.35
C ASP A 172 8.66 11.74 -3.74
N ALA A 173 7.77 10.78 -3.91
CA ALA A 173 7.10 10.59 -5.23
C ALA A 173 6.00 11.65 -5.48
N GLY A 174 5.87 12.64 -4.62
CA GLY A 174 4.83 13.68 -4.87
C GLY A 174 4.33 14.30 -3.55
N VAL A 175 4.58 13.66 -2.44
CA VAL A 175 4.11 14.23 -1.13
C VAL A 175 5.18 15.18 -0.56
N ASN A 176 4.98 16.46 -0.71
CA ASN A 176 5.98 17.45 -0.19
C ASN A 176 5.29 18.80 0.10
N THR A 177 5.27 19.21 1.34
CA THR A 177 4.62 20.51 1.69
C THR A 177 5.36 21.67 1.01
N TYR A 178 4.63 22.60 0.44
CA TYR A 178 5.29 23.75 -0.26
C TYR A 178 5.69 24.85 0.75
N ARG A 179 4.82 25.81 1.01
CA ARG A 179 5.18 26.89 1.99
C ARG A 179 3.91 27.38 2.72
N TRP A 180 3.13 28.24 2.10
CA TRP A 180 1.89 28.75 2.77
C TRP A 180 0.68 27.91 2.39
N GLN A 181 0.74 27.22 1.27
CA GLN A 181 -0.42 26.37 0.85
C GLN A 181 0.05 24.97 0.48
N GLY A 182 -0.69 23.96 0.84
CA GLY A 182 -0.29 22.56 0.50
C GLY A 182 -0.77 21.62 1.61
N GLY A 183 0.11 21.17 2.46
CA GLY A 183 -0.28 20.26 3.56
C GLY A 183 -0.53 21.07 4.84
N GLU A 184 -0.03 22.29 4.91
CA GLU A 184 -0.25 23.13 6.13
C GLU A 184 -1.72 23.57 6.21
N GLN A 185 -2.34 23.79 5.07
CA GLN A 185 -3.77 24.23 5.08
C GLN A 185 -4.70 23.02 5.22
N ARG A 186 -4.19 21.82 5.06
CA ARG A 186 -5.04 20.60 5.19
C ARG A 186 -4.18 19.33 5.09
N PRO A 187 -4.15 18.54 6.15
CA PRO A 187 -3.34 17.30 6.12
C PRO A 187 -3.98 16.30 5.14
N ALA A 188 -5.27 16.38 4.97
CA ALA A 188 -5.98 15.47 4.03
C ALA A 188 -7.40 15.97 3.80
N THR A 189 -8.19 16.03 4.85
CA THR A 189 -9.61 16.52 4.74
C THR A 189 -10.33 15.90 3.51
N THR A 1 -2.47 18.18 4.55
CA THR A 1 -3.68 18.64 3.79
C THR A 1 -4.39 19.76 4.57
N SER A 2 -4.59 20.88 3.94
CA SER A 2 -5.27 22.01 4.63
C SER A 2 -6.77 21.71 4.78
N GLY A 3 -7.39 22.21 5.82
CA GLY A 3 -8.85 21.95 6.03
C GLY A 3 -9.05 20.94 7.17
N ILE A 4 -8.07 20.12 7.45
CA ILE A 4 -8.21 19.13 8.57
C ILE A 4 -7.33 19.54 9.76
N HIS A 5 -7.93 20.03 10.81
CA HIS A 5 -7.15 20.45 12.01
C HIS A 5 -6.74 19.23 12.84
N VAL A 6 -7.60 18.25 12.94
CA VAL A 6 -7.27 17.04 13.74
C VAL A 6 -7.06 15.84 12.81
N LEU A 7 -5.97 15.14 12.97
CA LEU A 7 -5.71 13.96 12.09
C LEU A 7 -6.53 12.76 12.57
N ASP A 8 -7.08 12.02 11.65
CA ASP A 8 -7.90 10.83 12.03
C ASP A 8 -7.13 9.54 11.75
N GLU A 9 -5.84 9.54 12.00
CA GLU A 9 -5.04 8.31 11.74
C GLU A 9 -4.71 7.58 13.06
N LEU A 10 -5.62 7.62 14.01
CA LEU A 10 -5.37 6.92 15.31
C LEU A 10 -5.21 5.42 15.09
N SER A 11 -6.10 4.83 14.33
CA SER A 11 -6.02 3.36 14.07
C SER A 11 -4.72 3.02 13.34
N VAL A 12 -4.37 3.80 12.35
CA VAL A 12 -3.11 3.53 11.59
C VAL A 12 -1.89 3.71 12.49
N ARG A 13 -1.95 4.64 13.41
CA ARG A 13 -0.78 4.89 14.31
C ARG A 13 -0.45 3.66 15.17
N ALA A 14 -1.45 2.98 15.70
CA ALA A 14 -1.17 1.79 16.57
C ALA A 14 -0.37 0.70 15.84
N LEU A 15 -0.83 0.26 14.69
CA LEU A 15 -0.10 -0.82 13.96
C LEU A 15 1.23 -0.29 13.41
N SER A 16 1.29 0.95 13.01
CA SER A 16 2.55 1.51 12.44
C SER A 16 3.72 1.34 13.42
N ARG A 17 3.51 1.59 14.68
CA ARG A 17 4.61 1.45 15.68
C ARG A 17 5.01 -0.03 15.86
N ASP A 18 4.06 -0.92 15.91
CA ASP A 18 4.41 -2.38 16.12
C ASP A 18 5.20 -2.97 14.93
N ILE A 19 4.85 -2.63 13.71
CA ILE A 19 5.60 -3.21 12.54
C ILE A 19 7.04 -2.70 12.52
N MET A 20 7.27 -1.44 12.84
CA MET A 20 8.68 -0.93 12.87
C MET A 20 9.47 -1.65 13.97
N LYS A 21 8.86 -1.90 15.09
CA LYS A 21 9.54 -2.61 16.22
C LYS A 21 9.87 -4.05 15.79
N GLN A 22 9.08 -4.62 14.93
CA GLN A 22 9.37 -5.99 14.42
C GLN A 22 10.23 -5.88 13.15
N ASN A 23 10.36 -4.70 12.62
CA ASN A 23 11.18 -4.51 11.39
C ASN A 23 12.67 -4.71 11.70
N ARG A 24 13.13 -4.25 12.85
CA ARG A 24 14.57 -4.44 13.22
C ARG A 24 14.68 -5.29 14.51
N VAL A 25 13.62 -6.03 14.81
CA VAL A 25 13.59 -6.92 16.03
C VAL A 25 14.93 -7.65 16.20
N THR A 26 15.32 -7.93 17.42
CA THR A 26 16.60 -8.64 17.67
C THR A 26 16.44 -10.13 17.36
N VAL A 27 16.51 -10.51 16.11
CA VAL A 27 16.32 -11.93 15.72
C VAL A 27 17.64 -12.61 15.36
N HIS A 28 17.86 -13.75 15.94
CA HIS A 28 19.10 -14.54 15.64
C HIS A 28 18.78 -15.60 14.58
N PRO A 29 19.73 -15.87 13.71
CA PRO A 29 19.49 -16.88 12.64
C PRO A 29 19.32 -18.28 13.24
N GLU A 30 19.85 -18.50 14.43
CA GLU A 30 19.72 -19.84 15.08
C GLU A 30 18.26 -20.12 15.45
N LYS A 31 17.51 -19.07 15.70
CA LYS A 31 16.09 -19.22 16.09
C LYS A 31 15.36 -17.92 15.76
N SER A 32 15.40 -17.52 14.52
CA SER A 32 14.73 -16.24 14.14
C SER A 32 13.20 -16.38 14.20
N VAL A 33 12.55 -15.37 14.73
CA VAL A 33 11.06 -15.39 14.84
C VAL A 33 10.45 -14.80 13.56
N PRO A 34 9.30 -15.31 13.14
CA PRO A 34 8.69 -14.80 11.91
C PRO A 34 8.14 -13.38 12.10
N ARG A 35 8.40 -12.51 11.16
CA ARG A 35 7.92 -11.10 11.26
C ARG A 35 6.59 -10.94 10.48
N THR A 36 6.66 -10.65 9.20
CA THR A 36 5.42 -10.43 8.32
C THR A 36 4.19 -11.25 8.78
N ALA A 37 4.40 -12.42 9.32
CA ALA A 37 3.25 -13.27 9.80
C ALA A 37 2.30 -12.46 10.71
N GLY A 38 2.71 -12.12 11.91
CA GLY A 38 1.81 -11.37 12.85
C GLY A 38 1.73 -9.88 12.46
N TYR A 39 2.44 -9.46 11.45
CA TYR A 39 2.36 -8.04 11.00
C TYR A 39 1.61 -7.95 9.65
N SER A 40 1.18 -9.08 9.14
CA SER A 40 0.35 -9.12 7.91
C SER A 40 -1.10 -9.10 8.38
N ASP A 41 -1.36 -9.72 9.50
CA ASP A 41 -2.73 -9.69 10.09
C ASP A 41 -2.94 -8.28 10.65
N ALA A 42 -1.91 -7.72 11.23
CA ALA A 42 -2.01 -6.33 11.79
C ALA A 42 -2.41 -5.35 10.69
N VAL A 43 -1.77 -5.41 9.56
CA VAL A 43 -2.10 -4.48 8.44
C VAL A 43 -3.50 -4.77 7.87
N SER A 44 -3.86 -6.01 7.69
CA SER A 44 -5.20 -6.35 7.09
C SER A 44 -6.37 -5.80 7.93
N VAL A 45 -6.31 -5.94 9.23
CA VAL A 45 -7.45 -5.43 10.07
C VAL A 45 -7.59 -3.91 9.89
N LEU A 46 -6.52 -3.18 10.03
CA LEU A 46 -6.58 -1.69 9.90
C LEU A 46 -7.35 -1.26 8.64
N ALA A 47 -7.30 -2.05 7.59
CA ALA A 47 -8.07 -1.69 6.35
C ALA A 47 -9.57 -1.84 6.63
N GLN A 48 -9.94 -2.82 7.42
CA GLN A 48 -11.38 -3.01 7.73
C GLN A 48 -11.90 -1.80 8.51
N ASP A 49 -11.06 -1.18 9.30
CA ASP A 49 -11.50 0.02 10.06
C ASP A 49 -11.91 1.11 9.08
N ARG A 50 -10.97 1.77 8.44
CA ARG A 50 -11.32 2.82 7.43
C ARG A 50 -10.03 3.44 6.86
N PRO A 51 -9.14 3.93 7.72
CA PRO A 51 -7.88 4.54 7.22
C PRO A 51 -6.90 3.43 6.87
N SER A 52 -6.53 3.31 5.62
CA SER A 52 -5.60 2.22 5.23
C SER A 52 -4.18 2.71 4.94
N LEU A 53 -3.28 2.55 5.89
CA LEU A 53 -1.86 2.97 5.68
C LEU A 53 -0.98 2.04 6.51
N ALA A 54 0.14 1.57 6.00
CA ALA A 54 1.00 0.65 6.85
C ALA A 54 2.35 0.32 6.20
N ILE A 55 3.30 -0.12 6.99
CA ILE A 55 4.64 -0.52 6.45
C ILE A 55 4.92 -1.98 6.85
N VAL A 56 5.06 -2.85 5.88
CA VAL A 56 5.30 -4.30 6.20
C VAL A 56 6.60 -4.79 5.56
N SER A 57 7.38 -5.55 6.29
CA SER A 57 8.66 -6.08 5.74
C SER A 57 8.67 -7.62 5.77
N GLY A 58 8.99 -8.25 4.67
CA GLY A 58 8.99 -9.75 4.62
C GLY A 58 10.41 -10.28 4.82
N GLN A 59 10.53 -11.43 5.42
CA GLN A 59 11.87 -12.05 5.65
C GLN A 59 11.77 -13.56 5.55
N GLY A 60 11.76 -14.10 4.36
CA GLY A 60 11.65 -15.57 4.20
C GLY A 60 10.42 -15.93 3.38
N GLY A 61 10.61 -16.41 2.18
CA GLY A 61 9.46 -16.79 1.31
C GLY A 61 8.72 -15.53 0.84
N ALA A 62 9.17 -14.94 -0.23
CA ALA A 62 8.50 -13.70 -0.75
C ALA A 62 7.38 -14.08 -1.73
N ALA A 63 7.42 -15.26 -2.28
CA ALA A 63 6.36 -15.67 -3.26
C ALA A 63 4.97 -15.73 -2.58
N GLY A 64 4.89 -16.30 -1.40
CA GLY A 64 3.57 -16.38 -0.70
C GLY A 64 3.14 -14.99 -0.24
N GLN A 65 4.08 -14.12 0.06
CA GLN A 65 3.72 -12.75 0.54
C GLN A 65 2.96 -11.98 -0.56
N ARG A 66 3.37 -12.14 -1.79
CA ARG A 66 2.68 -11.42 -2.92
C ARG A 66 1.24 -11.95 -3.04
N GLU A 67 1.04 -13.22 -2.85
CA GLU A 67 -0.34 -13.79 -2.94
C GLU A 67 -1.17 -13.33 -1.73
N ARG A 68 -0.54 -13.11 -0.61
CA ARG A 68 -1.26 -12.71 0.65
C ARG A 68 -1.92 -11.33 0.48
N VAL A 69 -1.21 -10.38 -0.06
CA VAL A 69 -1.83 -9.03 -0.25
C VAL A 69 -2.99 -9.17 -1.25
N ALA A 70 -2.84 -10.07 -2.18
CA ALA A 70 -3.93 -10.30 -3.17
C ALA A 70 -5.17 -10.82 -2.45
N GLU A 71 -5.00 -11.56 -1.37
CA GLU A 71 -6.19 -12.07 -0.61
C GLU A 71 -7.04 -10.87 -0.19
N LEU A 72 -6.39 -9.80 0.19
CA LEU A 72 -7.15 -8.57 0.61
C LEU A 72 -7.94 -8.04 -0.59
N VAL A 73 -7.42 -8.24 -1.79
CA VAL A 73 -8.15 -7.74 -3.00
C VAL A 73 -9.53 -8.40 -3.07
N MET A 74 -9.65 -9.63 -2.62
CA MET A 74 -10.99 -10.31 -2.62
C MET A 74 -11.91 -9.58 -1.63
N MET A 75 -11.35 -9.19 -0.52
CA MET A 75 -12.14 -8.43 0.51
C MET A 75 -12.70 -7.14 -0.08
N ALA A 76 -12.11 -6.67 -1.16
CA ALA A 76 -12.62 -5.45 -1.83
C ALA A 76 -13.74 -5.84 -2.81
N ARG A 77 -13.77 -7.08 -3.24
CA ARG A 77 -14.84 -7.54 -4.17
C ARG A 77 -16.20 -7.40 -3.47
N GLU A 78 -16.27 -7.82 -2.22
CA GLU A 78 -17.56 -7.69 -1.47
C GLU A 78 -17.84 -6.23 -1.09
N GLN A 79 -16.80 -5.43 -0.94
CA GLN A 79 -17.01 -3.99 -0.55
C GLN A 79 -17.45 -3.12 -1.76
N GLY A 80 -17.76 -3.73 -2.89
CA GLY A 80 -18.21 -2.93 -4.06
C GLY A 80 -17.07 -2.04 -4.57
N ARG A 81 -15.84 -2.43 -4.35
CA ARG A 81 -14.70 -1.60 -4.83
C ARG A 81 -13.56 -2.47 -5.37
N GLU A 82 -12.88 -2.01 -6.39
CA GLU A 82 -11.73 -2.79 -6.95
C GLU A 82 -10.43 -2.20 -6.38
N VAL A 83 -9.34 -2.92 -6.47
CA VAL A 83 -8.07 -2.35 -5.90
C VAL A 83 -6.90 -2.49 -6.88
N GLN A 84 -5.90 -1.68 -6.68
CA GLN A 84 -4.68 -1.71 -7.50
C GLN A 84 -3.60 -2.41 -6.68
N ILE A 85 -3.26 -3.62 -7.03
CA ILE A 85 -2.23 -4.36 -6.23
C ILE A 85 -1.00 -4.69 -7.08
N ILE A 86 0.16 -4.27 -6.63
CA ILE A 86 1.42 -4.52 -7.40
C ILE A 86 2.43 -5.30 -6.57
N ALA A 87 2.76 -6.50 -6.97
CA ALA A 87 3.78 -7.26 -6.19
C ALA A 87 5.12 -6.55 -6.34
N ALA A 88 6.08 -6.89 -5.53
CA ALA A 88 7.42 -6.24 -5.62
C ALA A 88 8.00 -6.50 -7.01
N ASP A 89 9.28 -6.34 -7.18
CA ASP A 89 9.91 -6.59 -8.52
C ASP A 89 9.49 -7.97 -9.09
N ARG A 90 9.02 -8.86 -8.24
CA ARG A 90 8.61 -10.22 -8.71
C ARG A 90 7.21 -10.17 -9.36
N ARG A 91 6.52 -9.06 -9.28
CA ARG A 91 5.15 -8.96 -9.89
C ARG A 91 5.17 -9.40 -11.35
N SER A 92 6.29 -9.30 -12.02
CA SER A 92 6.34 -9.73 -13.46
C SER A 92 5.92 -11.20 -13.57
N GLN A 93 6.39 -12.03 -12.67
CA GLN A 93 5.99 -13.47 -12.71
C GLN A 93 4.50 -13.58 -12.42
N MET A 94 4.01 -12.76 -11.51
CA MET A 94 2.56 -12.79 -11.17
C MET A 94 1.71 -12.43 -12.40
N ASN A 95 2.22 -11.58 -13.26
CA ASN A 95 1.44 -11.18 -14.47
C ASN A 95 1.16 -12.39 -15.34
N MET A 96 2.11 -13.28 -15.48
CA MET A 96 1.87 -14.49 -16.32
C MET A 96 0.75 -15.33 -15.71
N LYS A 97 0.67 -15.37 -14.40
CA LYS A 97 -0.41 -16.16 -13.73
C LYS A 97 -1.27 -15.25 -12.84
N GLN A 98 -1.79 -15.78 -11.76
CA GLN A 98 -2.63 -14.95 -10.83
C GLN A 98 -3.78 -14.27 -11.58
N ASP A 99 -4.74 -15.02 -12.03
CA ASP A 99 -5.91 -14.42 -12.74
C ASP A 99 -7.18 -14.59 -11.90
N GLU A 100 -7.03 -14.74 -10.60
CA GLU A 100 -8.21 -14.91 -9.71
C GLU A 100 -8.47 -13.63 -8.89
N ARG A 101 -7.70 -12.59 -9.10
CA ARG A 101 -7.91 -11.31 -8.32
C ARG A 101 -7.65 -10.07 -9.20
N LEU A 102 -6.79 -10.15 -10.19
CA LEU A 102 -6.52 -8.95 -11.04
C LEU A 102 -6.11 -9.38 -12.46
N SER A 103 -7.05 -9.87 -13.23
CA SER A 103 -6.73 -10.29 -14.63
C SER A 103 -6.49 -9.05 -15.50
N GLY A 104 -6.96 -7.90 -15.07
CA GLY A 104 -6.76 -6.65 -15.87
C GLY A 104 -7.83 -5.63 -15.49
N GLU A 105 -8.04 -5.44 -14.21
CA GLU A 105 -9.06 -4.45 -13.76
C GLU A 105 -8.66 -3.82 -12.42
N LEU A 106 -8.17 -2.61 -12.44
CA LEU A 106 -7.78 -1.95 -11.15
C LEU A 106 -8.92 -1.03 -10.70
N ILE A 107 -8.99 0.19 -11.19
CA ILE A 107 -10.17 1.07 -10.85
C ILE A 107 -10.32 2.13 -11.91
N THR A 108 -9.35 3.01 -12.00
CA THR A 108 -9.41 4.09 -13.01
C THR A 108 -8.55 3.75 -14.24
N GLY A 109 -8.10 2.52 -14.34
CA GLY A 109 -7.30 2.11 -15.53
C GLY A 109 -8.25 1.53 -16.56
N ARG A 110 -8.98 2.37 -17.25
CA ARG A 110 -9.93 1.88 -18.28
C ARG A 110 -9.95 2.88 -19.43
N ARG A 111 -10.40 4.06 -19.12
CA ARG A 111 -10.46 5.12 -20.16
C ARG A 111 -9.23 6.02 -20.05
N GLN A 112 -8.71 6.18 -18.87
CA GLN A 112 -7.50 7.05 -18.69
C GLN A 112 -6.30 6.43 -19.43
N LEU A 113 -6.13 5.15 -19.29
CA LEU A 113 -4.97 4.47 -19.94
C LEU A 113 -5.12 4.45 -21.46
N LEU A 114 -6.33 4.26 -21.94
CA LEU A 114 -6.56 4.20 -23.43
C LEU A 114 -7.23 5.45 -23.98
N GLU A 115 -8.30 5.89 -23.37
CA GLU A 115 -9.05 7.05 -23.92
C GLU A 115 -8.54 8.40 -23.39
N GLY A 116 -7.69 8.41 -22.38
CA GLY A 116 -7.19 9.71 -21.82
C GLY A 116 -8.20 10.30 -20.82
N MET A 117 -9.40 9.78 -20.76
CA MET A 117 -10.43 10.34 -19.83
C MET A 117 -10.06 10.06 -18.37
N ALA A 118 -10.89 10.50 -17.46
CA ALA A 118 -10.59 10.28 -16.01
C ALA A 118 -11.63 9.33 -15.40
N PHE A 119 -11.27 8.63 -14.36
CA PHE A 119 -12.22 7.68 -13.70
C PHE A 119 -12.58 8.16 -12.30
N THR A 120 -13.76 7.83 -11.85
CA THR A 120 -14.25 8.27 -10.50
C THR A 120 -13.29 7.87 -9.38
N PRO A 121 -13.26 8.66 -8.33
CA PRO A 121 -12.38 8.33 -7.18
C PRO A 121 -12.93 7.11 -6.44
N GLY A 122 -12.19 6.05 -6.46
CA GLY A 122 -12.63 4.79 -5.77
C GLY A 122 -11.50 3.76 -5.90
N SER A 123 -10.28 4.21 -5.78
CA SER A 123 -9.13 3.28 -5.91
C SER A 123 -8.56 2.85 -4.55
N THR A 124 -8.75 1.61 -4.19
CA THR A 124 -8.14 1.09 -2.93
C THR A 124 -6.84 0.44 -3.38
N VAL A 125 -5.71 1.04 -3.11
CA VAL A 125 -4.42 0.48 -3.64
C VAL A 125 -3.54 -0.13 -2.56
N ILE A 126 -3.14 -1.36 -2.74
CA ILE A 126 -2.20 -1.99 -1.78
C ILE A 126 -0.98 -2.44 -2.60
N VAL A 127 0.14 -1.78 -2.41
CA VAL A 127 1.34 -2.09 -3.26
C VAL A 127 2.45 -2.84 -2.49
N ASP A 128 2.70 -4.08 -2.87
CA ASP A 128 3.80 -4.85 -2.23
C ASP A 128 5.09 -4.47 -2.98
N GLN A 129 5.94 -3.76 -2.29
CA GLN A 129 7.19 -3.23 -2.92
C GLN A 129 8.44 -4.11 -2.65
N GLY A 130 9.55 -3.73 -3.26
CA GLY A 130 10.87 -4.43 -3.09
C GLY A 130 11.91 -3.51 -3.76
N GLU A 131 11.56 -3.02 -4.91
CA GLU A 131 12.38 -2.04 -5.63
C GLU A 131 11.77 -0.67 -5.34
N LYS A 132 12.08 0.32 -6.10
CA LYS A 132 11.49 1.67 -5.82
C LYS A 132 10.67 2.19 -7.00
N LEU A 133 10.62 1.42 -8.07
CA LEU A 133 9.80 1.82 -9.25
C LEU A 133 8.32 1.59 -8.94
N SER A 134 8.03 0.66 -8.08
CA SER A 134 6.60 0.35 -7.74
C SER A 134 6.08 1.24 -6.60
N LEU A 135 6.94 1.87 -5.86
CA LEU A 135 6.45 2.73 -4.75
C LEU A 135 6.04 4.11 -5.32
N LYS A 136 6.92 4.74 -6.05
CA LYS A 136 6.59 6.08 -6.62
C LYS A 136 5.56 5.99 -7.76
N GLU A 137 5.69 5.04 -8.67
CA GLU A 137 4.72 4.95 -9.80
C GLU A 137 3.30 4.66 -9.29
N THR A 138 3.15 3.80 -8.32
CA THR A 138 1.78 3.51 -7.79
C THR A 138 1.17 4.80 -7.23
N LEU A 139 1.94 5.48 -6.43
CA LEU A 139 1.46 6.74 -5.81
C LEU A 139 1.05 7.75 -6.90
N THR A 140 1.71 7.70 -8.01
CA THR A 140 1.37 8.62 -9.14
C THR A 140 -0.07 8.36 -9.60
N LEU A 141 -0.47 7.11 -9.70
CA LEU A 141 -1.87 6.79 -10.12
C LEU A 141 -2.86 7.21 -9.01
N LEU A 142 -2.51 6.93 -7.78
CA LEU A 142 -3.39 7.28 -6.63
C LEU A 142 -3.64 8.79 -6.56
N ASP A 143 -2.77 9.57 -7.15
CA ASP A 143 -2.91 11.07 -7.09
C ASP A 143 -4.34 11.53 -7.41
N GLY A 144 -4.90 11.19 -8.55
CA GLY A 144 -6.29 11.65 -8.86
C GLY A 144 -7.28 11.02 -7.88
N ALA A 145 -7.23 9.72 -7.73
CA ALA A 145 -8.19 9.02 -6.81
C ALA A 145 -8.10 9.57 -5.39
N ALA A 146 -6.94 10.04 -4.99
CA ALA A 146 -6.76 10.57 -3.61
C ALA A 146 -7.76 11.71 -3.31
N ARG A 147 -8.27 12.37 -4.31
CA ARG A 147 -9.24 13.49 -4.06
C ARG A 147 -10.38 13.03 -3.12
N HIS A 148 -10.81 11.81 -3.25
CA HIS A 148 -11.90 11.32 -2.36
C HIS A 148 -11.56 9.94 -1.78
N ASN A 149 -11.56 8.91 -2.59
CA ASN A 149 -11.24 7.54 -2.09
C ASN A 149 -9.72 7.32 -2.03
N VAL A 150 -9.29 6.42 -1.17
CA VAL A 150 -7.82 6.08 -1.05
C VAL A 150 -7.63 5.00 0.01
N GLN A 151 -6.58 4.24 -0.12
CA GLN A 151 -6.27 3.15 0.86
C GLN A 151 -4.91 2.56 0.48
N VAL A 152 -3.82 3.01 1.09
CA VAL A 152 -2.47 2.49 0.69
C VAL A 152 -1.85 1.49 1.71
N LEU A 153 -1.82 0.23 1.34
CA LEU A 153 -1.14 -0.80 2.20
C LEU A 153 0.13 -1.19 1.45
N ILE A 154 1.29 -0.88 1.97
CA ILE A 154 2.54 -1.23 1.21
C ILE A 154 3.49 -2.11 2.04
N THR A 155 4.04 -3.12 1.43
CA THR A 155 5.00 -4.01 2.14
C THR A 155 6.38 -3.79 1.49
N ASP A 156 7.36 -4.62 1.80
CA ASP A 156 8.69 -4.45 1.17
C ASP A 156 9.49 -5.76 1.22
N SER A 157 10.55 -5.83 0.47
CA SER A 157 11.42 -7.05 0.48
C SER A 157 12.88 -6.66 0.25
N GLY A 158 13.22 -5.42 0.52
CA GLY A 158 14.64 -4.95 0.32
C GLY A 158 14.98 -3.81 1.29
N GLN A 159 14.00 -3.01 1.67
CA GLN A 159 14.27 -1.89 2.63
C GLN A 159 14.36 -2.41 4.08
N ARG A 160 14.20 -3.69 4.29
CA ARG A 160 14.26 -4.30 5.67
C ARG A 160 15.34 -3.67 6.57
N THR A 161 16.42 -3.20 6.00
CA THR A 161 17.50 -2.58 6.84
C THR A 161 17.45 -1.06 6.75
N GLY A 162 16.99 -0.55 5.65
CA GLY A 162 16.89 0.94 5.49
C GLY A 162 15.44 1.33 5.24
N THR A 163 14.57 1.00 6.16
CA THR A 163 13.12 1.36 5.98
C THR A 163 12.94 2.87 5.95
N GLY A 164 13.69 3.60 6.76
CA GLY A 164 13.53 5.08 6.81
C GLY A 164 13.76 5.68 5.42
N SER A 165 14.75 5.23 4.70
CA SER A 165 15.00 5.78 3.34
C SER A 165 13.81 5.46 2.43
N ALA A 166 13.14 4.37 2.69
CA ALA A 166 11.97 4.00 1.85
C ALA A 166 10.85 5.04 2.03
N LEU A 167 10.71 5.59 3.21
CA LEU A 167 9.65 6.62 3.45
C LEU A 167 9.95 7.83 2.56
N MET A 168 11.19 8.21 2.45
CA MET A 168 11.57 9.35 1.56
C MET A 168 11.27 8.98 0.11
N ALA A 169 11.42 7.72 -0.21
CA ALA A 169 11.16 7.26 -1.61
C ALA A 169 9.71 7.61 -2.02
N MET A 170 8.75 7.21 -1.22
CA MET A 170 7.31 7.51 -1.54
C MET A 170 7.12 9.03 -1.74
N LYS A 171 7.64 9.82 -0.84
CA LYS A 171 7.51 11.30 -0.94
C LYS A 171 8.22 11.84 -2.20
N ASP A 172 9.26 11.18 -2.65
CA ASP A 172 9.99 11.65 -3.87
C ASP A 172 9.08 11.53 -5.10
N ALA A 173 8.03 10.75 -5.01
CA ALA A 173 7.11 10.59 -6.19
C ALA A 173 6.22 11.83 -6.43
N GLY A 174 6.41 12.90 -5.67
CA GLY A 174 5.58 14.12 -5.92
C GLY A 174 5.46 14.98 -4.64
N VAL A 175 5.74 14.43 -3.49
CA VAL A 175 5.65 15.24 -2.24
C VAL A 175 7.06 15.65 -1.76
N ASN A 176 7.39 16.92 -1.89
CA ASN A 176 8.74 17.41 -1.43
C ASN A 176 8.77 18.93 -1.37
N THR A 177 8.97 19.49 -0.21
CA THR A 177 9.02 20.97 -0.09
C THR A 177 10.45 21.44 -0.37
N TYR A 178 10.63 22.31 -1.32
CA TYR A 178 12.01 22.81 -1.63
C TYR A 178 12.46 23.77 -0.52
N ARG A 179 12.31 25.06 -0.69
CA ARG A 179 12.71 26.02 0.38
C ARG A 179 11.57 27.03 0.60
N TRP A 180 11.57 28.14 -0.10
CA TRP A 180 10.49 29.14 0.06
C TRP A 180 9.66 29.27 -1.22
N GLN A 181 10.23 28.92 -2.35
CA GLN A 181 9.49 29.03 -3.63
C GLN A 181 8.92 27.67 -4.03
N GLY A 182 7.75 27.65 -4.60
CA GLY A 182 7.13 26.36 -5.01
C GLY A 182 6.27 25.84 -3.87
N GLY A 183 4.98 25.82 -4.04
CA GLY A 183 4.08 25.31 -2.95
C GLY A 183 3.84 26.42 -1.92
N GLU A 184 4.87 26.86 -1.25
CA GLU A 184 4.69 27.93 -0.22
C GLU A 184 4.60 29.32 -0.85
N GLN A 185 4.73 29.43 -2.15
CA GLN A 185 4.63 30.78 -2.79
C GLN A 185 3.31 31.43 -2.40
N ARG A 186 2.24 30.67 -2.44
CA ARG A 186 0.88 31.18 -2.05
C ARG A 186 -0.19 30.15 -2.40
N PRO A 187 -0.48 29.27 -1.46
CA PRO A 187 -1.53 28.25 -1.71
C PRO A 187 -2.92 28.87 -1.64
N ALA A 188 -3.03 30.11 -1.22
CA ALA A 188 -4.37 30.76 -1.14
C ALA A 188 -4.70 31.47 -2.46
N THR A 189 -5.46 30.83 -3.30
CA THR A 189 -5.83 31.45 -4.62
C THR A 189 -6.83 30.54 -5.35
N THR A 1 -17.79 1.13 22.42
CA THR A 1 -18.43 1.12 21.07
C THR A 1 -19.95 1.02 21.21
N SER A 2 -20.50 1.41 22.33
CA SER A 2 -21.98 1.35 22.51
C SER A 2 -22.66 2.25 21.48
N GLY A 3 -22.13 3.43 21.28
CA GLY A 3 -22.72 4.37 20.30
C GLY A 3 -21.93 4.34 18.98
N ILE A 4 -21.72 5.49 18.40
CA ILE A 4 -20.97 5.56 17.10
C ILE A 4 -19.47 5.79 17.36
N HIS A 5 -18.64 4.94 16.82
CA HIS A 5 -17.16 5.10 17.00
C HIS A 5 -16.53 5.48 15.66
N VAL A 6 -15.82 6.59 15.64
CA VAL A 6 -15.17 7.04 14.38
C VAL A 6 -13.66 6.83 14.46
N LEU A 7 -13.07 6.31 13.40
CA LEU A 7 -11.59 6.07 13.43
C LEU A 7 -10.87 7.19 12.68
N ASP A 8 -9.87 7.78 13.29
CA ASP A 8 -9.12 8.88 12.65
C ASP A 8 -7.72 8.42 12.24
N GLU A 9 -6.95 9.30 11.65
CA GLU A 9 -5.57 8.95 11.22
C GLU A 9 -4.72 8.49 12.41
N LEU A 10 -5.12 8.82 13.62
CA LEU A 10 -4.32 8.39 14.82
C LEU A 10 -4.20 6.87 14.87
N SER A 11 -5.17 6.17 14.34
CA SER A 11 -5.13 4.67 14.35
C SER A 11 -3.89 4.16 13.58
N VAL A 12 -3.64 4.71 12.43
CA VAL A 12 -2.47 4.27 11.62
C VAL A 12 -1.15 4.60 12.34
N ARG A 13 -1.11 5.71 13.04
CA ARG A 13 0.15 6.11 13.74
C ARG A 13 0.63 5.04 14.73
N ALA A 14 -0.23 4.60 15.61
CA ALA A 14 0.15 3.54 16.60
C ALA A 14 0.45 2.23 15.87
N LEU A 15 -0.27 1.98 14.83
CA LEU A 15 -0.08 0.72 14.05
C LEU A 15 1.33 0.62 13.45
N SER A 16 1.88 1.71 12.97
CA SER A 16 3.26 1.65 12.37
C SER A 16 4.35 1.44 13.43
N ARG A 17 4.19 1.98 14.61
CA ARG A 17 5.26 1.83 15.65
C ARG A 17 5.46 0.36 16.09
N ASP A 18 4.39 -0.37 16.33
CA ASP A 18 4.55 -1.79 16.77
C ASP A 18 5.06 -2.70 15.64
N ILE A 19 4.55 -2.52 14.45
CA ILE A 19 4.99 -3.37 13.31
C ILE A 19 6.47 -3.12 13.05
N MET A 20 6.89 -1.89 13.13
CA MET A 20 8.33 -1.56 12.90
C MET A 20 9.20 -2.32 13.90
N LYS A 21 8.71 -2.52 15.11
CA LYS A 21 9.50 -3.31 16.11
C LYS A 21 9.71 -4.74 15.57
N GLN A 22 8.90 -5.15 14.63
CA GLN A 22 9.11 -6.50 14.02
C GLN A 22 10.00 -6.35 12.78
N ASN A 23 10.06 -5.16 12.26
CA ASN A 23 10.89 -4.89 11.06
C ASN A 23 12.37 -5.02 11.46
N ARG A 24 12.72 -4.69 12.68
CA ARG A 24 14.14 -4.83 13.15
C ARG A 24 14.23 -5.85 14.31
N VAL A 25 13.22 -6.69 14.43
CA VAL A 25 13.24 -7.75 15.51
C VAL A 25 14.47 -8.65 15.34
N THR A 26 15.35 -8.66 16.32
CA THR A 26 16.59 -9.50 16.22
C THR A 26 16.22 -10.96 15.91
N VAL A 27 16.40 -11.37 14.68
CA VAL A 27 16.04 -12.77 14.28
C VAL A 27 17.31 -13.60 14.05
N HIS A 28 17.37 -14.79 14.59
CA HIS A 28 18.57 -15.65 14.40
C HIS A 28 18.35 -16.59 13.20
N PRO A 29 19.37 -16.78 12.40
CA PRO A 29 19.24 -17.66 11.20
C PRO A 29 19.00 -19.12 11.61
N GLU A 30 19.43 -19.48 12.78
CA GLU A 30 19.24 -20.88 13.28
C GLU A 30 17.77 -21.20 13.49
N LYS A 31 17.00 -20.21 13.79
CA LYS A 31 15.56 -20.40 14.06
C LYS A 31 14.84 -19.09 13.82
N SER A 32 14.95 -18.57 12.63
CA SER A 32 14.31 -17.26 12.30
C SER A 32 12.82 -17.22 12.72
N VAL A 33 12.53 -16.43 13.72
CA VAL A 33 11.12 -16.29 14.20
C VAL A 33 10.26 -15.69 13.08
N PRO A 34 8.99 -16.03 13.05
CA PRO A 34 8.08 -15.49 12.00
C PRO A 34 7.96 -13.96 12.13
N ARG A 35 7.78 -13.27 11.02
CA ARG A 35 7.68 -11.78 11.07
C ARG A 35 6.44 -11.25 10.34
N THR A 36 5.80 -12.05 9.52
CA THR A 36 4.54 -11.58 8.87
C THR A 36 3.35 -12.25 9.58
N ALA A 37 3.58 -12.73 10.77
CA ALA A 37 2.50 -13.45 11.51
C ALA A 37 1.61 -12.48 12.31
N GLY A 38 2.10 -12.00 13.42
CA GLY A 38 1.28 -11.10 14.26
C GLY A 38 1.21 -9.70 13.66
N TYR A 39 1.91 -9.43 12.58
CA TYR A 39 1.82 -8.08 11.96
C TYR A 39 1.02 -8.15 10.66
N SER A 40 0.80 -9.34 10.14
CA SER A 40 -0.09 -9.49 8.96
C SER A 40 -1.50 -9.18 9.44
N ASP A 41 -1.82 -9.67 10.62
CA ASP A 41 -3.16 -9.37 11.21
C ASP A 41 -3.23 -7.89 11.59
N ALA A 42 -2.13 -7.33 12.06
CA ALA A 42 -2.12 -5.87 12.43
C ALA A 42 -2.53 -5.03 11.22
N VAL A 43 -1.96 -5.34 10.10
CA VAL A 43 -2.26 -4.60 8.84
C VAL A 43 -3.69 -4.85 8.33
N SER A 44 -4.16 -6.07 8.34
CA SER A 44 -5.53 -6.35 7.81
C SER A 44 -6.60 -5.59 8.60
N VAL A 45 -6.46 -5.49 9.89
CA VAL A 45 -7.48 -4.75 10.71
C VAL A 45 -7.50 -3.28 10.28
N LEU A 46 -6.35 -2.68 10.11
CA LEU A 46 -6.30 -1.23 9.73
C LEU A 46 -7.09 -0.95 8.45
N ALA A 47 -7.16 -1.87 7.52
CA ALA A 47 -7.97 -1.61 6.29
C ALA A 47 -9.44 -1.59 6.66
N GLN A 48 -9.83 -2.44 7.58
CA GLN A 48 -11.25 -2.45 8.02
C GLN A 48 -11.56 -1.11 8.70
N ASP A 49 -10.58 -0.48 9.31
CA ASP A 49 -10.82 0.84 9.94
C ASP A 49 -11.18 1.82 8.81
N ARG A 50 -10.23 2.49 8.19
CA ARG A 50 -10.55 3.42 7.06
C ARG A 50 -9.23 4.06 6.55
N PRO A 51 -8.50 4.73 7.41
CA PRO A 51 -7.23 5.35 6.97
C PRO A 51 -6.23 4.24 6.67
N SER A 52 -6.06 3.91 5.42
CA SER A 52 -5.13 2.80 5.07
C SER A 52 -3.75 3.33 4.70
N LEU A 53 -2.80 3.07 5.53
CA LEU A 53 -1.40 3.53 5.29
C LEU A 53 -0.49 2.79 6.26
N ALA A 54 0.01 1.64 5.85
CA ALA A 54 0.88 0.85 6.78
C ALA A 54 2.12 0.30 6.09
N ILE A 55 3.02 -0.22 6.87
CA ILE A 55 4.28 -0.82 6.31
C ILE A 55 4.45 -2.25 6.85
N VAL A 56 4.70 -3.20 6.00
CA VAL A 56 4.87 -4.61 6.48
C VAL A 56 6.21 -5.18 6.00
N SER A 57 7.22 -5.15 6.84
CA SER A 57 8.56 -5.68 6.43
C SER A 57 8.57 -7.21 6.42
N GLY A 58 9.02 -7.80 5.33
CA GLY A 58 9.08 -9.29 5.25
C GLY A 58 10.53 -9.75 5.34
N GLN A 59 10.76 -11.04 5.46
CA GLN A 59 12.15 -11.57 5.55
C GLN A 59 12.13 -13.10 5.44
N GLY A 60 11.22 -13.75 6.11
CA GLY A 60 11.14 -15.23 6.05
C GLY A 60 10.79 -15.69 4.63
N GLY A 61 9.77 -15.11 4.04
CA GLY A 61 9.38 -15.51 2.65
C GLY A 61 8.62 -14.37 1.98
N ALA A 62 8.85 -14.17 0.69
CA ALA A 62 8.13 -13.07 -0.03
C ALA A 62 7.15 -13.66 -1.05
N ALA A 63 7.41 -14.85 -1.54
CA ALA A 63 6.50 -15.45 -2.55
C ALA A 63 5.11 -15.69 -1.95
N GLY A 64 5.04 -16.24 -0.76
CA GLY A 64 3.71 -16.48 -0.12
C GLY A 64 3.13 -15.15 0.34
N GLN A 65 3.97 -14.22 0.68
CA GLN A 65 3.48 -12.88 1.15
C GLN A 65 2.76 -12.17 -0.01
N ARG A 66 3.28 -12.31 -1.20
CA ARG A 66 2.67 -11.63 -2.38
C ARG A 66 1.24 -12.14 -2.63
N GLU A 67 1.04 -13.44 -2.61
CA GLU A 67 -0.34 -13.97 -2.87
C GLU A 67 -1.27 -13.72 -1.67
N ARG A 68 -0.74 -13.73 -0.47
CA ARG A 68 -1.61 -13.49 0.73
C ARG A 68 -2.23 -12.09 0.66
N VAL A 69 -1.45 -11.07 0.38
CA VAL A 69 -2.04 -9.70 0.29
C VAL A 69 -3.14 -9.71 -0.77
N ALA A 70 -3.02 -10.55 -1.76
CA ALA A 70 -4.08 -10.66 -2.79
C ALA A 70 -5.37 -11.14 -2.11
N GLU A 71 -5.26 -11.85 -1.02
CA GLU A 71 -6.49 -12.32 -0.29
C GLU A 71 -7.25 -11.09 0.21
N LEU A 72 -6.54 -10.05 0.57
CA LEU A 72 -7.24 -8.79 1.04
C LEU A 72 -8.07 -8.24 -0.12
N VAL A 73 -7.59 -8.39 -1.32
CA VAL A 73 -8.34 -7.89 -2.52
C VAL A 73 -9.72 -8.56 -2.58
N MET A 74 -9.83 -9.78 -2.10
CA MET A 74 -11.14 -10.47 -2.09
C MET A 74 -12.08 -9.75 -1.11
N MET A 75 -11.52 -9.25 -0.03
CA MET A 75 -12.36 -8.52 0.98
C MET A 75 -13.01 -7.30 0.31
N ALA A 76 -12.37 -6.75 -0.69
CA ALA A 76 -12.93 -5.60 -1.43
C ALA A 76 -13.91 -6.11 -2.51
N ARG A 77 -13.72 -7.35 -2.94
CA ARG A 77 -14.64 -7.93 -3.97
C ARG A 77 -16.05 -8.00 -3.40
N GLU A 78 -16.16 -8.44 -2.18
CA GLU A 78 -17.50 -8.53 -1.52
C GLU A 78 -18.03 -7.12 -1.29
N GLN A 79 -17.13 -6.17 -1.08
CA GLN A 79 -17.56 -4.76 -0.85
C GLN A 79 -17.98 -4.06 -2.15
N GLY A 80 -18.03 -4.77 -3.26
CA GLY A 80 -18.44 -4.13 -4.55
C GLY A 80 -17.40 -3.09 -4.95
N ARG A 81 -16.16 -3.28 -4.58
CA ARG A 81 -15.10 -2.30 -4.94
C ARG A 81 -13.81 -3.02 -5.37
N GLU A 82 -13.36 -2.79 -6.58
CA GLU A 82 -12.11 -3.42 -7.05
C GLU A 82 -10.91 -2.73 -6.38
N VAL A 83 -9.73 -3.27 -6.54
CA VAL A 83 -8.53 -2.63 -5.90
C VAL A 83 -7.31 -2.67 -6.82
N GLN A 84 -6.39 -1.75 -6.63
CA GLN A 84 -5.13 -1.74 -7.44
C GLN A 84 -4.02 -2.33 -6.59
N ILE A 85 -3.44 -3.44 -7.00
CA ILE A 85 -2.35 -4.04 -6.15
C ILE A 85 -1.08 -4.31 -6.99
N ILE A 86 0.08 -3.99 -6.45
CA ILE A 86 1.36 -4.18 -7.22
C ILE A 86 2.37 -5.03 -6.43
N ALA A 87 2.74 -6.17 -6.92
CA ALA A 87 3.77 -6.97 -6.18
C ALA A 87 5.08 -6.22 -6.20
N ALA A 88 5.97 -6.56 -5.31
CA ALA A 88 7.32 -5.91 -5.27
C ALA A 88 8.02 -6.17 -6.62
N ASP A 89 9.31 -6.09 -6.66
CA ASP A 89 10.06 -6.35 -7.96
C ASP A 89 9.53 -7.62 -8.68
N ARG A 90 8.90 -8.51 -7.96
CA ARG A 90 8.37 -9.77 -8.59
C ARG A 90 7.13 -9.49 -9.47
N ARG A 91 6.66 -8.26 -9.52
CA ARG A 91 5.45 -7.93 -10.33
C ARG A 91 5.64 -8.29 -11.82
N SER A 92 6.80 -8.04 -12.39
CA SER A 92 7.01 -8.36 -13.84
C SER A 92 6.71 -9.85 -14.12
N GLN A 93 7.22 -10.71 -13.27
CA GLN A 93 6.94 -12.17 -13.46
C GLN A 93 5.45 -12.43 -13.29
N MET A 94 4.83 -11.72 -12.38
CA MET A 94 3.36 -11.90 -12.16
C MET A 94 2.57 -11.58 -13.43
N ASN A 95 3.04 -10.63 -14.21
CA ASN A 95 2.32 -10.27 -15.47
C ASN A 95 2.26 -11.48 -16.42
N MET A 96 3.32 -12.26 -16.47
CA MET A 96 3.30 -13.46 -17.38
C MET A 96 2.18 -14.41 -16.95
N LYS A 97 2.00 -14.59 -15.66
CA LYS A 97 0.92 -15.50 -15.16
C LYS A 97 -0.03 -14.69 -14.25
N GLN A 98 -0.51 -15.29 -13.17
CA GLN A 98 -1.44 -14.54 -12.24
C GLN A 98 -2.59 -13.89 -13.02
N ASP A 99 -3.66 -14.60 -13.19
CA ASP A 99 -4.84 -14.05 -13.94
C ASP A 99 -6.12 -14.41 -13.21
N GLU A 100 -6.06 -14.45 -11.90
CA GLU A 100 -7.26 -14.84 -11.11
C GLU A 100 -7.59 -13.82 -10.02
N ARG A 101 -6.77 -12.79 -9.85
CA ARG A 101 -7.06 -11.79 -8.78
C ARG A 101 -6.96 -10.35 -9.29
N LEU A 102 -6.40 -10.12 -10.46
CA LEU A 102 -6.29 -8.72 -10.98
C LEU A 102 -5.84 -8.70 -12.44
N SER A 103 -6.70 -9.10 -13.34
CA SER A 103 -6.33 -9.10 -14.78
C SER A 103 -6.74 -7.77 -15.43
N GLY A 104 -6.38 -6.67 -14.83
CA GLY A 104 -6.75 -5.34 -15.39
C GLY A 104 -8.09 -4.90 -14.82
N GLU A 105 -8.34 -5.21 -13.57
CA GLU A 105 -9.62 -4.80 -12.93
C GLU A 105 -9.35 -3.94 -11.70
N LEU A 106 -8.50 -2.96 -11.83
CA LEU A 106 -8.21 -2.08 -10.65
C LEU A 106 -9.40 -1.14 -10.49
N ILE A 107 -9.47 -0.08 -11.27
CA ILE A 107 -10.68 0.81 -11.26
C ILE A 107 -10.51 1.95 -12.25
N THR A 108 -9.34 2.54 -12.29
CA THR A 108 -9.11 3.65 -13.25
C THR A 108 -8.28 3.17 -14.45
N GLY A 109 -8.06 1.88 -14.57
CA GLY A 109 -7.25 1.36 -15.71
C GLY A 109 -8.21 0.86 -16.78
N ARG A 110 -9.03 1.75 -17.29
CA ARG A 110 -10.01 1.35 -18.33
C ARG A 110 -10.12 2.50 -19.32
N ARG A 111 -10.72 3.57 -18.90
CA ARG A 111 -10.81 4.75 -19.78
C ARG A 111 -9.90 5.86 -19.26
N GLN A 112 -9.54 5.80 -18.00
CA GLN A 112 -8.66 6.85 -17.41
C GLN A 112 -7.27 6.85 -18.03
N LEU A 113 -6.66 5.71 -18.17
CA LEU A 113 -5.27 5.66 -18.73
C LEU A 113 -5.31 5.46 -20.24
N LEU A 114 -5.93 4.40 -20.70
CA LEU A 114 -5.98 4.10 -22.17
C LEU A 114 -6.76 5.16 -22.97
N GLU A 115 -7.88 5.63 -22.48
CA GLU A 115 -8.68 6.62 -23.28
C GLU A 115 -8.47 8.06 -22.82
N GLY A 116 -7.71 8.31 -21.79
CA GLY A 116 -7.53 9.73 -21.34
C GLY A 116 -8.89 10.25 -20.86
N MET A 117 -9.55 9.47 -20.04
CA MET A 117 -10.88 9.90 -19.48
C MET A 117 -10.80 9.96 -17.96
N ALA A 118 -11.90 10.20 -17.30
CA ALA A 118 -11.88 10.29 -15.80
C ALA A 118 -12.67 9.10 -15.19
N PHE A 119 -12.10 8.42 -14.23
CA PHE A 119 -12.82 7.27 -13.60
C PHE A 119 -13.15 7.55 -12.14
N THR A 120 -14.31 7.16 -11.70
CA THR A 120 -14.76 7.38 -10.28
C THR A 120 -13.65 7.04 -9.29
N PRO A 121 -12.94 8.05 -8.80
CA PRO A 121 -11.88 7.77 -7.82
C PRO A 121 -12.54 7.28 -6.54
N GLY A 122 -12.29 6.06 -6.21
CA GLY A 122 -12.89 5.48 -4.98
C GLY A 122 -12.46 4.03 -4.82
N SER A 123 -11.28 3.70 -5.26
CA SER A 123 -10.81 2.29 -5.16
C SER A 123 -10.02 2.05 -3.88
N THR A 124 -9.64 0.82 -3.68
CA THR A 124 -8.79 0.46 -2.51
C THR A 124 -7.48 -0.04 -3.11
N VAL A 125 -6.37 0.54 -2.74
CA VAL A 125 -5.08 0.13 -3.37
C VAL A 125 -4.05 -0.37 -2.36
N ILE A 126 -3.37 -1.44 -2.68
CA ILE A 126 -2.30 -1.95 -1.78
C ILE A 126 -1.05 -2.19 -2.65
N VAL A 127 -0.01 -1.41 -2.48
CA VAL A 127 1.20 -1.62 -3.33
C VAL A 127 2.26 -2.43 -2.56
N ASP A 128 2.46 -3.66 -2.95
CA ASP A 128 3.47 -4.52 -2.27
C ASP A 128 4.84 -4.21 -2.85
N GLN A 129 5.65 -3.56 -2.07
CA GLN A 129 6.99 -3.12 -2.53
C GLN A 129 8.13 -4.08 -2.11
N GLY A 130 9.32 -3.79 -2.58
CA GLY A 130 10.55 -4.56 -2.25
C GLY A 130 11.69 -3.68 -2.79
N GLU A 131 11.68 -3.53 -4.09
CA GLU A 131 12.64 -2.63 -4.77
C GLU A 131 12.19 -1.21 -4.40
N LYS A 132 12.29 -0.26 -5.29
CA LYS A 132 11.85 1.14 -4.94
C LYS A 132 11.07 1.78 -6.09
N LEU A 133 11.21 1.27 -7.29
CA LEU A 133 10.46 1.84 -8.45
C LEU A 133 8.97 1.51 -8.34
N SER A 134 8.62 0.49 -7.60
CA SER A 134 7.18 0.12 -7.44
C SER A 134 6.45 1.14 -6.57
N LEU A 135 7.07 1.59 -5.51
CA LEU A 135 6.41 2.57 -4.60
C LEU A 135 6.17 3.90 -5.30
N LYS A 136 7.18 4.47 -5.88
CA LYS A 136 7.03 5.79 -6.57
C LYS A 136 6.13 5.68 -7.81
N GLU A 137 6.36 4.70 -8.65
CA GLU A 137 5.52 4.56 -9.89
C GLU A 137 4.05 4.36 -9.54
N THR A 138 3.76 3.46 -8.64
CA THR A 138 2.34 3.20 -8.26
C THR A 138 1.71 4.50 -7.73
N LEU A 139 2.45 5.21 -6.93
CA LEU A 139 1.93 6.46 -6.32
C LEU A 139 1.57 7.50 -7.40
N THR A 140 2.36 7.63 -8.44
CA THR A 140 2.05 8.63 -9.51
C THR A 140 0.75 8.27 -10.24
N LEU A 141 0.51 7.02 -10.51
CA LEU A 141 -0.77 6.61 -11.20
C LEU A 141 -1.93 6.88 -10.24
N LEU A 142 -1.72 6.56 -8.99
CA LEU A 142 -2.77 6.74 -7.94
C LEU A 142 -3.08 8.22 -7.71
N ASP A 143 -2.20 9.11 -8.06
CA ASP A 143 -2.43 10.57 -7.81
C ASP A 143 -3.84 11.04 -8.26
N GLY A 144 -4.16 10.96 -9.53
CA GLY A 144 -5.51 11.42 -9.98
C GLY A 144 -6.61 10.58 -9.32
N ALA A 145 -6.50 9.29 -9.40
CA ALA A 145 -7.54 8.39 -8.80
C ALA A 145 -7.66 8.58 -7.28
N ALA A 146 -6.59 8.91 -6.64
CA ALA A 146 -6.60 9.08 -5.15
C ALA A 146 -7.33 10.35 -4.71
N ARG A 147 -7.45 11.32 -5.59
CA ARG A 147 -8.13 12.61 -5.23
C ARG A 147 -9.39 12.40 -4.37
N HIS A 148 -10.04 11.26 -4.50
CA HIS A 148 -11.26 11.00 -3.70
C HIS A 148 -11.05 9.85 -2.68
N ASN A 149 -11.77 8.74 -2.78
CA ASN A 149 -11.63 7.64 -1.77
C ASN A 149 -10.56 6.59 -2.12
N VAL A 150 -9.33 6.78 -1.71
CA VAL A 150 -8.28 5.76 -2.02
C VAL A 150 -7.57 5.34 -0.73
N GLN A 151 -7.10 4.13 -0.70
CA GLN A 151 -6.40 3.61 0.51
C GLN A 151 -5.03 3.05 0.12
N VAL A 152 -3.98 3.39 0.82
CA VAL A 152 -2.62 2.84 0.48
C VAL A 152 -2.14 1.83 1.53
N LEU A 153 -2.04 0.59 1.14
CA LEU A 153 -1.53 -0.48 2.02
C LEU A 153 -0.27 -1.01 1.35
N ILE A 154 0.87 -0.93 2.00
CA ILE A 154 2.12 -1.38 1.29
C ILE A 154 2.92 -2.37 2.14
N THR A 155 3.46 -3.37 1.51
CA THR A 155 4.32 -4.34 2.23
C THR A 155 5.76 -4.13 1.75
N ASP A 156 6.68 -4.96 2.17
CA ASP A 156 8.09 -4.78 1.75
C ASP A 156 8.86 -6.10 1.80
N SER A 157 9.96 -6.16 1.11
CA SER A 157 10.81 -7.39 1.13
C SER A 157 12.29 -7.00 1.17
N GLY A 158 12.59 -5.77 1.54
CA GLY A 158 14.02 -5.31 1.62
C GLY A 158 14.12 -4.06 2.48
N GLN A 159 13.20 -3.87 3.40
CA GLN A 159 13.23 -2.66 4.29
C GLN A 159 13.86 -3.01 5.66
N ARG A 160 14.28 -4.24 5.85
CA ARG A 160 14.88 -4.65 7.16
C ARG A 160 15.97 -3.69 7.64
N THR A 161 16.82 -3.23 6.76
CA THR A 161 17.91 -2.30 7.18
C THR A 161 17.51 -0.85 6.98
N GLY A 162 17.29 -0.45 5.75
CA GLY A 162 16.90 0.97 5.48
C GLY A 162 15.37 1.10 5.54
N THR A 163 14.86 1.48 6.68
CA THR A 163 13.37 1.63 6.81
C THR A 163 12.97 3.11 6.66
N GLY A 164 13.74 4.00 7.23
CA GLY A 164 13.41 5.45 7.12
C GLY A 164 13.55 5.91 5.67
N SER A 165 14.53 5.39 4.98
CA SER A 165 14.73 5.79 3.55
C SER A 165 13.55 5.37 2.68
N ALA A 166 12.98 4.22 2.93
CA ALA A 166 11.82 3.75 2.11
C ALA A 166 10.65 4.72 2.22
N LEU A 167 10.42 5.25 3.40
CA LEU A 167 9.30 6.23 3.58
C LEU A 167 9.55 7.47 2.72
N MET A 168 10.77 7.94 2.67
CA MET A 168 11.10 9.14 1.83
C MET A 168 10.86 8.80 0.34
N ALA A 169 11.06 7.57 -0.03
CA ALA A 169 10.85 7.16 -1.47
C ALA A 169 9.42 7.51 -1.90
N MET A 170 8.43 7.09 -1.16
CA MET A 170 7.01 7.40 -1.55
C MET A 170 6.80 8.92 -1.65
N LYS A 171 7.22 9.66 -0.65
CA LYS A 171 7.02 11.15 -0.68
C LYS A 171 7.69 11.78 -1.90
N ASP A 172 8.78 11.21 -2.37
CA ASP A 172 9.47 11.79 -3.56
C ASP A 172 8.59 11.65 -4.81
N ALA A 173 7.65 10.74 -4.81
CA ALA A 173 6.77 10.55 -6.01
C ALA A 173 5.76 11.69 -6.18
N GLY A 174 5.75 12.68 -5.31
CA GLY A 174 4.78 13.81 -5.46
C GLY A 174 3.97 14.00 -4.18
N VAL A 175 3.97 13.05 -3.28
CA VAL A 175 3.19 13.19 -2.01
C VAL A 175 4.00 14.00 -0.98
N ASN A 176 3.64 15.24 -0.77
CA ASN A 176 4.38 16.09 0.22
C ASN A 176 3.67 17.42 0.44
N THR A 177 3.75 17.95 1.63
CA THR A 177 3.10 19.26 1.92
C THR A 177 4.19 20.31 2.08
N TYR A 178 3.99 21.49 1.55
CA TYR A 178 5.04 22.55 1.69
C TYR A 178 4.99 23.16 3.10
N ARG A 179 4.20 24.19 3.32
CA ARG A 179 4.13 24.80 4.69
C ARG A 179 2.70 25.19 5.05
N TRP A 180 2.21 26.27 4.52
CA TRP A 180 0.82 26.73 4.84
C TRP A 180 -0.22 25.82 4.17
N GLN A 181 0.15 25.13 3.12
CA GLN A 181 -0.83 24.23 2.44
C GLN A 181 -0.13 22.98 1.92
N GLY A 182 -0.87 21.90 1.79
CA GLY A 182 -0.27 20.62 1.29
C GLY A 182 -0.44 20.54 -0.24
N GLY A 183 -0.25 21.64 -0.93
CA GLY A 183 -0.40 21.63 -2.42
C GLY A 183 -1.87 21.82 -2.81
N GLU A 184 -2.71 22.25 -1.90
CA GLU A 184 -4.15 22.45 -2.24
C GLU A 184 -4.44 23.91 -2.64
N GLN A 185 -3.46 24.78 -2.60
CA GLN A 185 -3.70 26.20 -2.98
C GLN A 185 -3.54 26.41 -4.50
N ARG A 186 -3.11 25.40 -5.21
CA ARG A 186 -2.94 25.57 -6.69
C ARG A 186 -3.53 24.37 -7.46
N PRO A 187 -4.78 24.04 -7.17
CA PRO A 187 -5.45 22.92 -7.87
C PRO A 187 -5.79 23.32 -9.32
N ALA A 188 -5.80 24.60 -9.61
CA ALA A 188 -6.10 25.06 -11.01
C ALA A 188 -5.79 26.55 -11.13
N THR A 189 -4.79 26.90 -11.90
CA THR A 189 -4.42 28.34 -12.06
C THR A 189 -4.27 28.69 -13.55
N THR A 1 -25.91 10.97 10.54
CA THR A 1 -24.65 11.70 10.30
C THR A 1 -24.62 13.02 11.10
N SER A 2 -24.22 12.97 12.34
CA SER A 2 -24.14 14.22 13.17
C SER A 2 -23.12 15.18 12.56
N GLY A 3 -21.99 14.67 12.15
CA GLY A 3 -20.93 15.54 11.55
C GLY A 3 -19.56 15.09 12.05
N ILE A 4 -19.00 14.09 11.42
CA ILE A 4 -17.65 13.59 11.86
C ILE A 4 -16.61 13.93 10.79
N HIS A 5 -15.50 14.50 11.20
CA HIS A 5 -14.45 14.86 10.22
C HIS A 5 -13.06 14.54 10.79
N VAL A 6 -12.48 13.45 10.35
CA VAL A 6 -11.12 13.07 10.86
C VAL A 6 -10.06 13.27 9.77
N LEU A 7 -9.34 14.36 9.84
CA LEU A 7 -8.28 14.65 8.80
C LEU A 7 -7.08 13.71 8.95
N ASP A 8 -6.64 13.49 10.16
CA ASP A 8 -5.46 12.61 10.38
C ASP A 8 -5.87 11.16 10.65
N GLU A 9 -4.89 10.29 10.72
CA GLU A 9 -5.19 8.84 10.97
C GLU A 9 -4.51 8.37 12.27
N LEU A 10 -5.15 8.59 13.37
CA LEU A 10 -4.58 8.17 14.70
C LEU A 10 -4.45 6.64 14.77
N SER A 11 -5.42 5.92 14.26
CA SER A 11 -5.35 4.42 14.30
C SER A 11 -4.13 3.91 13.53
N VAL A 12 -3.90 4.46 12.37
CA VAL A 12 -2.75 4.02 11.54
C VAL A 12 -1.40 4.39 12.21
N ARG A 13 -1.34 5.51 12.88
CA ARG A 13 -0.05 5.91 13.54
C ARG A 13 0.42 4.87 14.57
N ALA A 14 -0.46 4.45 15.45
CA ALA A 14 -0.07 3.43 16.48
C ALA A 14 0.24 2.10 15.78
N LEU A 15 -0.48 1.83 14.75
CA LEU A 15 -0.29 0.56 13.98
C LEU A 15 1.13 0.46 13.44
N SER A 16 1.66 1.56 12.97
CA SER A 16 3.06 1.55 12.44
C SER A 16 4.06 1.20 13.53
N ARG A 17 3.91 1.76 14.71
CA ARG A 17 4.91 1.49 15.80
C ARG A 17 5.01 -0.02 16.12
N ASP A 18 3.91 -0.70 16.27
CA ASP A 18 3.95 -2.17 16.59
C ASP A 18 4.57 -2.97 15.43
N ILE A 19 4.21 -2.63 14.22
CA ILE A 19 4.72 -3.36 13.03
C ILE A 19 6.25 -3.21 12.94
N MET A 20 6.75 -2.03 13.21
CA MET A 20 8.23 -1.79 13.14
C MET A 20 8.98 -2.65 14.17
N LYS A 21 8.40 -2.87 15.33
CA LYS A 21 9.08 -3.73 16.37
C LYS A 21 9.34 -5.14 15.82
N GLN A 22 8.52 -5.59 14.90
CA GLN A 22 8.76 -6.93 14.28
C GLN A 22 9.64 -6.73 13.02
N ASN A 23 9.65 -5.51 12.50
CA ASN A 23 10.49 -5.21 11.32
C ASN A 23 11.96 -5.36 11.70
N ARG A 24 12.29 -5.10 12.94
CA ARG A 24 13.70 -5.25 13.42
C ARG A 24 13.75 -6.38 14.48
N VAL A 25 12.73 -7.23 14.49
CA VAL A 25 12.66 -8.41 15.44
C VAL A 25 14.01 -9.11 15.61
N THR A 26 14.25 -9.68 16.76
CA THR A 26 15.52 -10.42 17.01
C THR A 26 15.36 -11.87 16.55
N VAL A 27 15.34 -12.11 15.26
CA VAL A 27 15.15 -13.50 14.74
C VAL A 27 16.48 -14.23 14.51
N HIS A 28 16.59 -15.43 15.01
CA HIS A 28 17.85 -16.21 14.81
C HIS A 28 17.68 -17.16 13.60
N PRO A 29 18.75 -17.36 12.86
CA PRO A 29 18.70 -18.27 11.69
C PRO A 29 18.52 -19.72 12.15
N GLU A 30 18.88 -20.01 13.38
CA GLU A 30 18.74 -21.40 13.92
C GLU A 30 17.30 -21.88 13.79
N LYS A 31 16.39 -21.00 14.08
CA LYS A 31 14.93 -21.33 13.97
C LYS A 31 14.22 -20.03 13.64
N SER A 32 14.46 -19.50 12.46
CA SER A 32 13.83 -18.20 12.09
C SER A 32 12.31 -18.22 12.27
N VAL A 33 11.84 -17.35 13.11
CA VAL A 33 10.36 -17.24 13.33
C VAL A 33 9.73 -16.62 12.08
N PRO A 34 8.52 -17.00 11.77
CA PRO A 34 7.87 -16.45 10.57
C PRO A 34 7.76 -14.92 10.66
N ARG A 35 8.09 -14.25 9.58
CA ARG A 35 8.07 -12.76 9.59
C ARG A 35 6.85 -12.20 8.86
N THR A 36 6.06 -13.03 8.22
CA THR A 36 4.86 -12.50 7.53
C THR A 36 3.62 -12.72 8.41
N ALA A 37 3.83 -12.93 9.68
CA ALA A 37 2.69 -13.14 10.61
C ALA A 37 2.54 -11.90 11.47
N GLY A 38 3.64 -11.28 11.81
CA GLY A 38 3.59 -10.07 12.64
C GLY A 38 2.92 -8.95 11.84
N TYR A 39 3.21 -8.81 10.56
CA TYR A 39 2.58 -7.72 9.77
C TYR A 39 1.30 -8.22 9.06
N SER A 40 1.06 -9.52 9.06
CA SER A 40 -0.20 -10.02 8.42
C SER A 40 -1.40 -9.65 9.30
N ASP A 41 -1.25 -9.86 10.58
CA ASP A 41 -2.36 -9.52 11.52
C ASP A 41 -2.50 -8.01 11.68
N ALA A 42 -1.39 -7.32 11.86
CA ALA A 42 -1.44 -5.82 12.04
C ALA A 42 -2.02 -5.13 10.79
N VAL A 43 -1.53 -5.46 9.64
CA VAL A 43 -2.02 -4.81 8.39
C VAL A 43 -3.46 -5.20 8.03
N SER A 44 -3.81 -6.44 8.13
CA SER A 44 -5.21 -6.87 7.77
C SER A 44 -6.25 -6.20 8.67
N VAL A 45 -5.96 -6.06 9.95
CA VAL A 45 -6.95 -5.44 10.89
C VAL A 45 -7.15 -3.95 10.59
N LEU A 46 -6.15 -3.29 10.05
CA LEU A 46 -6.29 -1.83 9.74
C LEU A 46 -7.17 -1.61 8.50
N ALA A 47 -7.15 -2.51 7.57
CA ALA A 47 -8.01 -2.35 6.35
C ALA A 47 -9.47 -2.52 6.74
N GLN A 48 -9.75 -3.39 7.69
CA GLN A 48 -11.16 -3.57 8.13
C GLN A 48 -11.67 -2.26 8.73
N ASP A 49 -10.78 -1.47 9.30
CA ASP A 49 -11.20 -0.15 9.85
C ASP A 49 -11.66 0.71 8.67
N ARG A 50 -10.77 1.42 8.01
CA ARG A 50 -11.19 2.23 6.82
C ARG A 50 -9.97 2.81 6.07
N PRO A 51 -9.07 3.51 6.76
CA PRO A 51 -7.91 4.08 6.06
C PRO A 51 -6.86 3.00 5.78
N SER A 52 -6.65 2.68 4.53
CA SER A 52 -5.62 1.66 4.17
C SER A 52 -4.26 2.35 4.02
N LEU A 53 -3.41 2.29 5.02
CA LEU A 53 -2.07 2.94 4.92
C LEU A 53 -1.12 2.40 5.98
N ALA A 54 -0.36 1.38 5.64
CA ALA A 54 0.58 0.77 6.63
C ALA A 54 1.93 0.41 6.00
N ILE A 55 2.89 0.04 6.82
CA ILE A 55 4.23 -0.35 6.29
C ILE A 55 4.56 -1.78 6.75
N VAL A 56 5.16 -2.57 5.90
CA VAL A 56 5.51 -3.98 6.28
C VAL A 56 6.88 -4.35 5.71
N SER A 57 7.62 -5.20 6.38
CA SER A 57 8.97 -5.60 5.84
C SER A 57 9.08 -7.12 5.79
N GLY A 58 9.56 -7.65 4.68
CA GLY A 58 9.68 -9.13 4.52
C GLY A 58 11.16 -9.54 4.40
N GLN A 59 11.58 -10.49 5.19
CA GLN A 59 13.01 -10.95 5.10
C GLN A 59 13.05 -12.48 5.00
N GLY A 60 12.08 -13.06 4.35
CA GLY A 60 12.04 -14.54 4.21
C GLY A 60 11.38 -14.91 2.86
N GLY A 61 10.52 -15.90 2.87
CA GLY A 61 9.84 -16.30 1.60
C GLY A 61 8.89 -15.17 1.18
N ALA A 62 9.09 -14.63 0.00
CA ALA A 62 8.22 -13.51 -0.46
C ALA A 62 7.12 -14.01 -1.42
N ALA A 63 7.19 -15.25 -1.86
CA ALA A 63 6.14 -15.77 -2.81
C ALA A 63 4.76 -15.79 -2.15
N GLY A 64 4.67 -16.25 -0.93
CA GLY A 64 3.35 -16.28 -0.24
C GLY A 64 2.87 -14.86 -0.01
N GLN A 65 3.79 -13.93 0.12
CA GLN A 65 3.40 -12.50 0.35
C GLN A 65 2.68 -11.94 -0.88
N ARG A 66 3.11 -12.30 -2.06
CA ARG A 66 2.45 -11.79 -3.30
C ARG A 66 0.96 -12.20 -3.32
N GLU A 67 0.70 -13.46 -3.10
CA GLU A 67 -0.73 -13.93 -3.11
C GLU A 67 -1.48 -13.38 -1.88
N ARG A 68 -0.79 -13.15 -0.81
CA ARG A 68 -1.44 -12.66 0.43
C ARG A 68 -2.12 -11.30 0.23
N VAL A 69 -1.41 -10.29 -0.23
CA VAL A 69 -2.05 -8.95 -0.42
C VAL A 69 -3.23 -9.08 -1.39
N ALA A 70 -3.11 -9.94 -2.37
CA ALA A 70 -4.24 -10.14 -3.32
C ALA A 70 -5.45 -10.71 -2.56
N GLU A 71 -5.22 -11.42 -1.48
CA GLU A 71 -6.36 -11.98 -0.69
C GLU A 71 -7.17 -10.81 -0.10
N LEU A 72 -6.50 -9.76 0.26
CA LEU A 72 -7.21 -8.57 0.83
C LEU A 72 -8.13 -7.99 -0.24
N VAL A 73 -7.69 -8.04 -1.48
CA VAL A 73 -8.52 -7.50 -2.60
C VAL A 73 -9.87 -8.22 -2.65
N MET A 74 -9.91 -9.44 -2.17
CA MET A 74 -11.21 -10.18 -2.14
C MET A 74 -12.11 -9.55 -1.07
N MET A 75 -11.50 -9.11 0.01
CA MET A 75 -12.28 -8.48 1.11
C MET A 75 -13.00 -7.22 0.60
N ALA A 76 -12.39 -6.55 -0.35
CA ALA A 76 -13.02 -5.35 -0.97
C ALA A 76 -13.97 -5.77 -2.09
N ARG A 77 -13.78 -6.95 -2.63
CA ARG A 77 -14.68 -7.43 -3.72
C ARG A 77 -16.09 -7.63 -3.14
N GLU A 78 -16.19 -8.21 -1.96
CA GLU A 78 -17.55 -8.43 -1.35
C GLU A 78 -18.14 -7.10 -0.86
N GLN A 79 -17.29 -6.17 -0.48
CA GLN A 79 -17.81 -4.84 0.00
C GLN A 79 -18.25 -3.95 -1.19
N GLY A 80 -18.29 -4.48 -2.39
CA GLY A 80 -18.71 -3.67 -3.56
C GLY A 80 -17.65 -2.61 -3.85
N ARG A 81 -16.42 -2.85 -3.46
CA ARG A 81 -15.34 -1.85 -3.72
C ARG A 81 -14.15 -2.51 -4.40
N GLU A 82 -13.74 -2.01 -5.54
CA GLU A 82 -12.55 -2.60 -6.24
C GLU A 82 -11.28 -2.01 -5.64
N VAL A 83 -10.15 -2.61 -5.94
CA VAL A 83 -8.87 -2.06 -5.39
C VAL A 83 -7.75 -2.14 -6.43
N GLN A 84 -6.76 -1.30 -6.28
CA GLN A 84 -5.60 -1.35 -7.21
C GLN A 84 -4.46 -2.06 -6.46
N ILE A 85 -3.97 -3.16 -6.97
CA ILE A 85 -2.88 -3.88 -6.23
C ILE A 85 -1.67 -4.12 -7.14
N ILE A 86 -0.50 -3.73 -6.67
CA ILE A 86 0.75 -3.96 -7.45
C ILE A 86 1.74 -4.71 -6.58
N ALA A 87 2.16 -5.87 -6.99
CA ALA A 87 3.16 -6.61 -6.18
C ALA A 87 4.55 -6.06 -6.44
N ALA A 88 5.49 -6.39 -5.59
CA ALA A 88 6.90 -5.92 -5.78
C ALA A 88 7.42 -6.37 -7.16
N ASP A 89 8.71 -6.40 -7.34
CA ASP A 89 9.28 -6.83 -8.65
C ASP A 89 8.72 -8.19 -9.13
N ARG A 90 8.04 -8.93 -8.29
CA ARG A 90 7.47 -10.25 -8.73
C ARG A 90 6.15 -10.06 -9.48
N ARG A 91 5.67 -8.84 -9.58
CA ARG A 91 4.37 -8.60 -10.29
C ARG A 91 4.48 -9.01 -11.76
N SER A 92 5.63 -8.83 -12.36
CA SER A 92 5.79 -9.21 -13.80
C SER A 92 5.59 -10.72 -13.99
N GLN A 93 6.16 -11.50 -13.11
CA GLN A 93 6.02 -12.99 -13.22
C GLN A 93 4.56 -13.39 -13.06
N MET A 94 3.88 -12.78 -12.14
CA MET A 94 2.43 -13.10 -11.91
C MET A 94 1.59 -12.65 -13.11
N ASN A 95 1.99 -11.62 -13.82
CA ASN A 95 1.19 -11.16 -15.00
C ASN A 95 1.09 -12.30 -16.02
N MET A 96 2.16 -12.99 -16.25
CA MET A 96 2.13 -14.15 -17.19
C MET A 96 1.26 -15.27 -16.61
N LYS A 97 1.35 -15.50 -15.31
CA LYS A 97 0.54 -16.57 -14.68
C LYS A 97 -0.17 -16.05 -13.42
N GLN A 98 -1.46 -16.24 -13.30
CA GLN A 98 -2.20 -15.77 -12.09
C GLN A 98 -2.01 -14.29 -11.83
N ASP A 99 -2.89 -13.49 -12.34
CA ASP A 99 -2.80 -12.03 -12.08
C ASP A 99 -3.44 -11.74 -10.70
N GLU A 100 -3.46 -12.71 -9.80
CA GLU A 100 -4.08 -12.49 -8.45
C GLU A 100 -5.48 -11.93 -8.60
N ARG A 101 -6.23 -12.46 -9.54
CA ARG A 101 -7.62 -11.96 -9.78
C ARG A 101 -7.56 -10.45 -10.09
N LEU A 102 -6.42 -9.95 -10.52
CA LEU A 102 -6.33 -8.49 -10.87
C LEU A 102 -5.84 -8.31 -12.32
N SER A 103 -5.97 -9.33 -13.13
CA SER A 103 -5.54 -9.26 -14.57
C SER A 103 -6.04 -8.00 -15.28
N GLY A 104 -7.08 -7.36 -14.79
CA GLY A 104 -7.59 -6.13 -15.47
C GLY A 104 -8.94 -5.76 -14.86
N GLU A 105 -8.94 -5.15 -13.71
CA GLU A 105 -10.21 -4.76 -13.04
C GLU A 105 -9.91 -3.96 -11.79
N LEU A 106 -8.96 -3.07 -11.86
CA LEU A 106 -8.61 -2.26 -10.65
C LEU A 106 -9.69 -1.18 -10.45
N ILE A 107 -9.62 -0.07 -11.14
CA ILE A 107 -10.72 0.93 -11.03
C ILE A 107 -10.67 1.91 -12.20
N THR A 108 -9.67 2.77 -12.25
CA THR A 108 -9.57 3.70 -13.42
C THR A 108 -8.53 3.17 -14.41
N GLY A 109 -8.05 1.97 -14.22
CA GLY A 109 -7.06 1.42 -15.18
C GLY A 109 -7.84 0.84 -16.35
N ARG A 110 -8.59 1.67 -17.05
CA ARG A 110 -9.39 1.15 -18.18
C ARG A 110 -9.41 2.18 -19.29
N ARG A 111 -10.07 3.28 -19.05
CA ARG A 111 -10.13 4.34 -20.09
C ARG A 111 -9.13 5.46 -19.78
N GLN A 112 -8.87 5.70 -18.53
CA GLN A 112 -7.91 6.78 -18.15
C GLN A 112 -6.50 6.50 -18.71
N LEU A 113 -6.06 5.28 -18.58
CA LEU A 113 -4.68 4.92 -19.06
C LEU A 113 -4.61 4.88 -20.61
N LEU A 114 -5.64 4.37 -21.25
CA LEU A 114 -5.60 4.27 -22.76
C LEU A 114 -6.48 5.30 -23.49
N GLU A 115 -7.68 5.55 -23.02
CA GLU A 115 -8.58 6.50 -23.75
C GLU A 115 -8.41 7.96 -23.30
N GLY A 116 -7.61 8.23 -22.31
CA GLY A 116 -7.47 9.66 -21.85
C GLY A 116 -8.83 10.06 -21.26
N MET A 117 -9.37 9.22 -20.43
CA MET A 117 -10.69 9.51 -19.80
C MET A 117 -10.58 9.56 -18.26
N ALA A 118 -11.68 9.86 -17.60
CA ALA A 118 -11.66 9.92 -16.11
C ALA A 118 -12.52 8.80 -15.53
N PHE A 119 -12.03 8.11 -14.54
CA PHE A 119 -12.82 6.99 -13.94
C PHE A 119 -13.21 7.29 -12.48
N THR A 120 -14.34 6.78 -12.07
CA THR A 120 -14.85 7.02 -10.68
C THR A 120 -13.77 6.70 -9.65
N PRO A 121 -13.19 7.72 -9.06
CA PRO A 121 -12.13 7.49 -8.06
C PRO A 121 -12.78 7.09 -6.74
N GLY A 122 -12.58 5.88 -6.34
CA GLY A 122 -13.15 5.39 -5.05
C GLY A 122 -12.52 4.04 -4.76
N SER A 123 -11.27 3.90 -5.09
CA SER A 123 -10.55 2.61 -4.90
C SER A 123 -9.77 2.52 -3.59
N THR A 124 -9.21 1.37 -3.37
CA THR A 124 -8.34 1.14 -2.18
C THR A 124 -7.03 0.59 -2.76
N VAL A 125 -6.00 1.39 -2.77
CA VAL A 125 -4.71 0.93 -3.41
C VAL A 125 -3.74 0.40 -2.36
N ILE A 126 -3.09 -0.70 -2.67
CA ILE A 126 -2.10 -1.30 -1.73
C ILE A 126 -0.92 -1.84 -2.57
N VAL A 127 0.23 -1.21 -2.49
CA VAL A 127 1.38 -1.66 -3.35
C VAL A 127 2.54 -2.29 -2.54
N ASP A 128 2.77 -3.57 -2.74
CA ASP A 128 3.89 -4.26 -2.05
C ASP A 128 5.15 -4.01 -2.89
N GLN A 129 6.25 -3.59 -2.30
CA GLN A 129 7.42 -3.26 -3.16
C GLN A 129 8.80 -3.32 -2.44
N GLY A 130 9.62 -4.24 -2.87
CA GLY A 130 10.99 -4.36 -2.28
C GLY A 130 11.84 -3.24 -2.86
N GLU A 131 12.09 -3.34 -4.13
CA GLU A 131 12.87 -2.32 -4.85
C GLU A 131 12.17 -0.99 -4.68
N LYS A 132 12.76 0.07 -5.11
CA LYS A 132 12.13 1.41 -4.91
C LYS A 132 11.76 2.08 -6.24
N LEU A 133 12.26 1.57 -7.33
CA LEU A 133 11.91 2.18 -8.66
C LEU A 133 10.43 1.95 -8.95
N SER A 134 9.91 0.81 -8.58
CA SER A 134 8.47 0.53 -8.83
C SER A 134 7.59 1.14 -7.74
N LEU A 135 8.17 1.58 -6.64
CA LEU A 135 7.35 2.22 -5.57
C LEU A 135 6.85 3.57 -6.08
N LYS A 136 7.72 4.32 -6.70
CA LYS A 136 7.34 5.67 -7.24
C LYS A 136 6.36 5.55 -8.42
N GLU A 137 6.53 4.55 -9.27
CA GLU A 137 5.58 4.43 -10.45
C GLU A 137 4.12 4.35 -9.97
N THR A 138 3.85 3.47 -9.03
CA THR A 138 2.45 3.34 -8.53
C THR A 138 1.96 4.65 -7.92
N LEU A 139 2.79 5.29 -7.14
CA LEU A 139 2.38 6.57 -6.48
C LEU A 139 1.94 7.62 -7.52
N THR A 140 2.62 7.70 -8.63
CA THR A 140 2.25 8.69 -9.68
C THR A 140 0.84 8.43 -10.22
N LEU A 141 0.48 7.17 -10.39
CA LEU A 141 -0.89 6.85 -10.89
C LEU A 141 -1.93 7.26 -9.84
N LEU A 142 -1.68 6.96 -8.60
CA LEU A 142 -2.64 7.31 -7.49
C LEU A 142 -2.85 8.83 -7.38
N ASP A 143 -1.92 9.60 -7.86
CA ASP A 143 -2.04 11.10 -7.73
C ASP A 143 -3.45 11.61 -8.11
N GLY A 144 -3.88 11.39 -9.32
CA GLY A 144 -5.23 11.89 -9.72
C GLY A 144 -6.37 11.04 -9.12
N ALA A 145 -6.29 9.75 -9.25
CA ALA A 145 -7.38 8.86 -8.72
C ALA A 145 -7.50 8.87 -7.19
N ALA A 146 -6.39 8.94 -6.48
CA ALA A 146 -6.46 8.91 -4.98
C ALA A 146 -7.16 10.13 -4.39
N ARG A 147 -7.20 11.24 -5.10
CA ARG A 147 -7.87 12.48 -4.57
C ARG A 147 -9.24 12.14 -3.93
N HIS A 148 -9.87 11.08 -4.34
CA HIS A 148 -11.19 10.69 -3.74
C HIS A 148 -11.01 9.61 -2.65
N ASN A 149 -11.90 8.63 -2.58
CA ASN A 149 -11.82 7.57 -1.51
C ASN A 149 -10.63 6.62 -1.76
N VAL A 150 -9.45 6.97 -1.31
CA VAL A 150 -8.29 6.07 -1.56
C VAL A 150 -7.29 6.11 -0.41
N GLN A 151 -6.38 5.19 -0.42
CA GLN A 151 -5.33 5.13 0.64
C GLN A 151 -4.18 4.27 0.14
N VAL A 152 -3.04 4.33 0.80
CA VAL A 152 -1.86 3.54 0.34
C VAL A 152 -1.43 2.48 1.38
N LEU A 153 -1.55 1.24 1.02
CA LEU A 153 -1.06 0.14 1.90
C LEU A 153 0.15 -0.45 1.20
N ILE A 154 1.30 -0.43 1.81
CA ILE A 154 2.49 -0.99 1.09
C ILE A 154 3.38 -1.80 2.00
N THR A 155 3.97 -2.81 1.45
CA THR A 155 4.93 -3.63 2.20
C THR A 155 6.31 -3.24 1.68
N ASP A 156 7.33 -3.97 2.04
CA ASP A 156 8.69 -3.62 1.53
C ASP A 156 9.59 -4.83 1.61
N SER A 157 10.73 -4.76 0.99
CA SER A 157 11.71 -5.90 1.07
C SER A 157 13.12 -5.39 1.37
N GLY A 158 13.32 -4.09 1.40
CA GLY A 158 14.67 -3.53 1.70
C GLY A 158 14.51 -2.48 2.81
N GLN A 159 13.52 -2.64 3.65
CA GLN A 159 13.26 -1.67 4.75
C GLN A 159 13.84 -2.18 6.08
N ARG A 160 14.42 -3.36 6.08
CA ARG A 160 14.95 -3.95 7.36
C ARG A 160 15.96 -3.02 8.05
N THR A 161 16.88 -2.43 7.32
CA THR A 161 17.87 -1.53 7.96
C THR A 161 17.52 -0.06 7.73
N GLY A 162 17.39 0.35 6.50
CA GLY A 162 17.05 1.77 6.21
C GLY A 162 15.53 1.91 6.17
N THR A 163 14.87 1.59 7.26
CA THR A 163 13.39 1.68 7.28
C THR A 163 12.91 3.13 7.17
N GLY A 164 13.52 4.04 7.88
CA GLY A 164 13.08 5.47 7.80
C GLY A 164 13.24 5.99 6.37
N SER A 165 14.32 5.62 5.72
CA SER A 165 14.58 6.08 4.33
C SER A 165 13.50 5.58 3.37
N ALA A 166 13.02 4.36 3.54
CA ALA A 166 11.96 3.83 2.62
C ALA A 166 10.75 4.76 2.64
N LEU A 167 10.43 5.31 3.78
CA LEU A 167 9.27 6.24 3.86
C LEU A 167 9.54 7.49 3.01
N MET A 168 10.75 8.00 3.05
CA MET A 168 11.08 9.19 2.21
C MET A 168 10.90 8.82 0.72
N ALA A 169 11.11 7.58 0.40
CA ALA A 169 10.95 7.12 -1.01
C ALA A 169 9.52 7.43 -1.52
N MET A 170 8.51 6.97 -0.82
CA MET A 170 7.10 7.23 -1.26
C MET A 170 6.87 8.74 -1.41
N LYS A 171 7.29 9.50 -0.44
CA LYS A 171 7.12 10.99 -0.48
C LYS A 171 7.85 11.62 -1.67
N ASP A 172 8.95 11.05 -2.08
CA ASP A 172 9.73 11.64 -3.22
C ASP A 172 8.99 11.45 -4.55
N ALA A 173 8.01 10.57 -4.60
CA ALA A 173 7.28 10.32 -5.89
C ALA A 173 6.30 11.47 -6.26
N GLY A 174 6.28 12.55 -5.52
CA GLY A 174 5.36 13.68 -5.87
C GLY A 174 4.36 13.94 -4.74
N VAL A 175 4.19 13.00 -3.82
CA VAL A 175 3.22 13.23 -2.70
C VAL A 175 3.88 13.99 -1.55
N ASN A 176 3.37 15.15 -1.24
CA ASN A 176 3.91 15.97 -0.12
C ASN A 176 2.92 17.09 0.21
N THR A 177 2.66 17.33 1.46
CA THR A 177 1.71 18.42 1.82
C THR A 177 2.51 19.67 2.20
N TYR A 178 1.93 20.83 2.02
CA TYR A 178 2.66 22.09 2.34
C TYR A 178 2.78 22.29 3.86
N ARG A 179 1.74 22.79 4.48
CA ARG A 179 1.78 23.02 5.97
C ARG A 179 0.38 23.36 6.48
N TRP A 180 -0.13 24.51 6.10
CA TRP A 180 -1.51 24.89 6.56
C TRP A 180 -2.55 24.48 5.51
N GLN A 181 -2.14 24.32 4.27
CA GLN A 181 -3.10 23.92 3.21
C GLN A 181 -2.39 23.09 2.13
N GLY A 182 -2.69 21.82 2.07
CA GLY A 182 -2.02 20.94 1.06
C GLY A 182 -2.66 21.14 -0.31
N GLY A 183 -1.88 21.07 -1.35
CA GLY A 183 -2.43 21.25 -2.72
C GLY A 183 -2.78 22.72 -2.94
N GLU A 184 -2.13 23.61 -2.24
CA GLU A 184 -2.42 25.06 -2.41
C GLU A 184 -1.77 25.62 -3.69
N GLN A 185 -1.01 24.82 -4.39
CA GLN A 185 -0.37 25.29 -5.66
C GLN A 185 -1.23 24.95 -6.88
N ARG A 186 -2.36 24.32 -6.66
CA ARG A 186 -3.25 23.94 -7.79
C ARG A 186 -4.71 23.89 -7.31
N PRO A 187 -5.19 25.01 -6.83
CA PRO A 187 -6.57 25.09 -6.34
C PRO A 187 -7.54 25.53 -7.44
N ALA A 188 -7.03 25.87 -8.61
CA ALA A 188 -7.92 26.31 -9.72
C ALA A 188 -7.87 25.30 -10.88
N THR A 189 -6.84 24.48 -10.94
CA THR A 189 -6.74 23.47 -12.04
C THR A 189 -6.48 22.08 -11.45
N THR A 1 -21.26 -0.68 27.46
CA THR A 1 -20.16 -0.66 26.46
C THR A 1 -18.86 -0.17 27.12
N SER A 2 -17.75 -0.77 26.80
CA SER A 2 -16.46 -0.34 27.40
C SER A 2 -16.15 1.10 26.99
N GLY A 3 -16.47 1.46 25.78
CA GLY A 3 -16.21 2.84 25.30
C GLY A 3 -15.58 2.79 23.91
N ILE A 4 -16.38 2.78 22.88
CA ILE A 4 -15.84 2.71 21.48
C ILE A 4 -15.95 4.07 20.80
N HIS A 5 -14.87 4.58 20.26
CA HIS A 5 -14.93 5.90 19.55
C HIS A 5 -14.54 5.73 18.08
N VAL A 6 -14.75 6.74 17.28
CA VAL A 6 -14.40 6.65 15.83
C VAL A 6 -12.88 6.59 15.65
N LEU A 7 -12.40 5.67 14.83
CA LEU A 7 -10.93 5.54 14.60
C LEU A 7 -10.48 6.48 13.47
N ASP A 8 -9.29 6.99 13.56
CA ASP A 8 -8.77 7.90 12.49
C ASP A 8 -7.29 7.56 12.19
N GLU A 9 -6.54 8.51 11.71
CA GLU A 9 -5.09 8.24 11.39
C GLU A 9 -4.31 7.85 12.66
N LEU A 10 -4.85 8.12 13.82
CA LEU A 10 -4.13 7.78 15.10
C LEU A 10 -3.92 6.27 15.20
N SER A 11 -4.87 5.48 14.75
CA SER A 11 -4.73 3.99 14.81
C SER A 11 -3.53 3.57 13.94
N VAL A 12 -3.42 4.15 12.78
CA VAL A 12 -2.31 3.80 11.85
C VAL A 12 -0.96 4.23 12.45
N ARG A 13 -0.91 5.34 13.12
CA ARG A 13 0.39 5.81 13.70
C ARG A 13 0.94 4.76 14.70
N ALA A 14 0.13 4.33 15.63
CA ALA A 14 0.58 3.29 16.61
C ALA A 14 0.76 1.96 15.87
N LEU A 15 -0.06 1.73 14.88
CA LEU A 15 0.01 0.46 14.10
C LEU A 15 1.39 0.29 13.45
N SER A 16 1.94 1.35 12.95
CA SER A 16 3.29 1.28 12.28
C SER A 16 4.38 0.98 13.30
N ARG A 17 4.24 1.45 14.51
CA ARG A 17 5.31 1.21 15.53
C ARG A 17 5.43 -0.31 15.84
N ASP A 18 4.31 -0.98 15.98
CA ASP A 18 4.34 -2.46 16.30
C ASP A 18 4.87 -3.31 15.12
N ILE A 19 4.48 -2.98 13.92
CA ILE A 19 4.94 -3.80 12.74
C ILE A 19 6.45 -3.67 12.61
N MET A 20 6.96 -2.47 12.74
CA MET A 20 8.43 -2.27 12.64
C MET A 20 9.12 -3.06 13.76
N LYS A 21 8.42 -3.36 14.82
CA LYS A 21 9.02 -4.17 15.93
C LYS A 21 9.40 -5.56 15.39
N GLN A 22 8.65 -6.04 14.42
CA GLN A 22 9.00 -7.36 13.80
C GLN A 22 9.94 -7.14 12.60
N ASN A 23 10.06 -5.90 12.15
CA ASN A 23 10.97 -5.59 11.01
C ASN A 23 12.42 -5.82 11.43
N ARG A 24 12.78 -5.47 12.64
CA ARG A 24 14.18 -5.67 13.13
C ARG A 24 14.21 -6.67 14.32
N VAL A 25 13.16 -7.45 14.49
CA VAL A 25 13.14 -8.44 15.62
C VAL A 25 14.32 -9.42 15.48
N THR A 26 15.25 -9.40 16.41
CA THR A 26 16.44 -10.32 16.32
C THR A 26 15.98 -11.78 16.12
N VAL A 27 16.03 -12.24 14.89
CA VAL A 27 15.60 -13.65 14.60
C VAL A 27 16.83 -14.54 14.41
N HIS A 28 16.85 -15.69 15.05
CA HIS A 28 18.02 -16.62 14.89
C HIS A 28 17.76 -17.63 13.75
N PRO A 29 18.77 -17.88 12.93
CA PRO A 29 18.60 -18.83 11.79
C PRO A 29 18.37 -20.26 12.29
N GLU A 30 18.91 -20.59 13.43
CA GLU A 30 18.73 -21.97 14.00
C GLU A 30 17.25 -22.22 14.29
N LYS A 31 16.53 -21.17 14.53
CA LYS A 31 15.09 -21.31 14.88
C LYS A 31 14.38 -19.99 14.55
N SER A 32 14.41 -19.62 13.30
CA SER A 32 13.77 -18.34 12.87
C SER A 32 12.27 -18.32 13.20
N VAL A 33 11.88 -17.42 14.07
CA VAL A 33 10.43 -17.28 14.44
C VAL A 33 9.65 -16.85 13.20
N PRO A 34 8.39 -17.23 13.12
CA PRO A 34 7.58 -16.83 11.94
C PRO A 34 7.50 -15.30 11.85
N ARG A 35 7.60 -14.76 10.65
CA ARG A 35 7.59 -13.28 10.51
C ARG A 35 6.39 -12.76 9.71
N THR A 36 5.54 -13.62 9.21
CA THR A 36 4.35 -13.11 8.46
C THR A 36 3.13 -13.06 9.40
N ALA A 37 3.38 -12.99 10.67
CA ALA A 37 2.29 -12.92 11.66
C ALA A 37 2.26 -11.53 12.27
N GLY A 38 3.40 -10.90 12.37
CA GLY A 38 3.44 -9.53 12.96
C GLY A 38 2.63 -8.56 12.10
N TYR A 39 2.77 -8.62 10.78
CA TYR A 39 2.00 -7.66 9.94
C TYR A 39 0.79 -8.32 9.27
N SER A 40 0.65 -9.63 9.32
CA SER A 40 -0.57 -10.24 8.72
C SER A 40 -1.77 -9.81 9.57
N ASP A 41 -1.62 -9.85 10.87
CA ASP A 41 -2.71 -9.44 11.79
C ASP A 41 -2.80 -7.92 11.90
N ALA A 42 -1.68 -7.25 12.06
CA ALA A 42 -1.69 -5.75 12.22
C ALA A 42 -2.19 -5.04 10.95
N VAL A 43 -1.71 -5.42 9.81
CA VAL A 43 -2.12 -4.76 8.54
C VAL A 43 -3.58 -5.07 8.16
N SER A 44 -4.00 -6.30 8.28
CA SER A 44 -5.40 -6.66 7.90
C SER A 44 -6.44 -5.93 8.77
N VAL A 45 -6.22 -5.85 10.06
CA VAL A 45 -7.20 -5.16 10.97
C VAL A 45 -7.29 -3.66 10.66
N LEU A 46 -6.23 -3.08 10.17
CA LEU A 46 -6.25 -1.61 9.86
C LEU A 46 -7.13 -1.30 8.64
N ALA A 47 -7.17 -2.17 7.66
CA ALA A 47 -8.03 -1.91 6.47
C ALA A 47 -9.48 -2.05 6.88
N GLN A 48 -9.76 -2.94 7.81
CA GLN A 48 -11.15 -3.10 8.30
C GLN A 48 -11.58 -1.81 8.98
N ASP A 49 -10.64 -1.09 9.58
CA ASP A 49 -10.98 0.22 10.21
C ASP A 49 -11.43 1.16 9.09
N ARG A 50 -10.52 1.85 8.42
CA ARG A 50 -10.93 2.73 7.29
C ARG A 50 -9.69 3.37 6.63
N PRO A 51 -8.87 4.07 7.40
CA PRO A 51 -7.66 4.69 6.81
C PRO A 51 -6.63 3.60 6.49
N SER A 52 -6.54 3.22 5.24
CA SER A 52 -5.57 2.16 4.86
C SER A 52 -4.21 2.75 4.56
N LEU A 53 -3.30 2.68 5.47
CA LEU A 53 -1.94 3.23 5.22
C LEU A 53 -0.93 2.63 6.19
N ALA A 54 -0.33 1.53 5.84
CA ALA A 54 0.65 0.89 6.77
C ALA A 54 1.95 0.51 6.07
N ILE A 55 2.96 0.24 6.86
CA ILE A 55 4.29 -0.16 6.30
C ILE A 55 4.66 -1.57 6.81
N VAL A 56 5.01 -2.46 5.92
CA VAL A 56 5.38 -3.86 6.34
C VAL A 56 6.79 -4.20 5.88
N SER A 57 7.58 -4.85 6.71
CA SER A 57 8.98 -5.19 6.30
C SER A 57 9.22 -6.70 6.31
N GLY A 58 9.69 -7.25 5.22
CA GLY A 58 9.95 -8.71 5.14
C GLY A 58 11.38 -8.94 4.62
N GLN A 59 11.93 -10.10 4.86
CA GLN A 59 13.31 -10.40 4.36
C GLN A 59 13.31 -11.60 3.43
N GLY A 60 12.41 -12.53 3.62
CA GLY A 60 12.36 -13.74 2.74
C GLY A 60 10.93 -14.29 2.68
N GLY A 61 10.71 -15.26 1.84
CA GLY A 61 9.35 -15.86 1.72
C GLY A 61 8.41 -14.86 1.05
N ALA A 62 8.94 -14.01 0.19
CA ALA A 62 8.06 -13.01 -0.49
C ALA A 62 7.09 -13.68 -1.47
N ALA A 63 7.39 -14.89 -1.90
CA ALA A 63 6.47 -15.57 -2.86
C ALA A 63 5.08 -15.79 -2.24
N GLY A 64 5.02 -16.28 -1.02
CA GLY A 64 3.70 -16.52 -0.37
C GLY A 64 3.09 -15.18 0.02
N GLN A 65 3.90 -14.25 0.45
CA GLN A 65 3.37 -12.91 0.86
C GLN A 65 2.70 -12.23 -0.33
N ARG A 66 3.23 -12.40 -1.51
CA ARG A 66 2.63 -11.75 -2.71
C ARG A 66 1.20 -12.26 -2.92
N GLU A 67 1.01 -13.55 -2.79
CA GLU A 67 -0.36 -14.11 -2.96
C GLU A 67 -1.26 -13.67 -1.80
N ARG A 68 -0.70 -13.49 -0.63
CA ARG A 68 -1.53 -13.06 0.54
C ARG A 68 -2.13 -11.66 0.34
N VAL A 69 -1.37 -10.69 -0.13
CA VAL A 69 -1.97 -9.32 -0.33
C VAL A 69 -3.16 -9.44 -1.29
N ALA A 70 -3.10 -10.36 -2.21
CA ALA A 70 -4.25 -10.56 -3.13
C ALA A 70 -5.46 -11.01 -2.30
N GLU A 71 -5.25 -11.66 -1.18
CA GLU A 71 -6.40 -12.09 -0.32
C GLU A 71 -7.13 -10.83 0.18
N LEU A 72 -6.38 -9.79 0.47
CA LEU A 72 -7.02 -8.52 0.92
C LEU A 72 -7.85 -7.96 -0.23
N VAL A 73 -7.38 -8.15 -1.44
CA VAL A 73 -8.13 -7.65 -2.63
C VAL A 73 -9.51 -8.31 -2.67
N MET A 74 -9.62 -9.53 -2.17
CA MET A 74 -10.95 -10.22 -2.14
C MET A 74 -11.87 -9.51 -1.14
N MET A 75 -11.31 -9.05 -0.04
CA MET A 75 -12.13 -8.34 0.99
C MET A 75 -12.80 -7.11 0.37
N ALA A 76 -12.21 -6.54 -0.64
CA ALA A 76 -12.84 -5.39 -1.36
C ALA A 76 -13.80 -5.91 -2.44
N ARG A 77 -13.60 -7.13 -2.89
CA ARG A 77 -14.50 -7.71 -3.92
C ARG A 77 -15.90 -7.92 -3.36
N GLU A 78 -16.01 -8.44 -2.18
CA GLU A 78 -17.34 -8.67 -1.56
C GLU A 78 -17.95 -7.34 -1.11
N GLN A 79 -17.12 -6.40 -0.74
CA GLN A 79 -17.65 -5.09 -0.25
C GLN A 79 -17.94 -4.11 -1.41
N GLY A 80 -18.00 -4.58 -2.63
CA GLY A 80 -18.29 -3.67 -3.78
C GLY A 80 -17.16 -2.64 -3.95
N ARG A 81 -15.96 -2.98 -3.55
CA ARG A 81 -14.82 -2.02 -3.70
C ARG A 81 -13.68 -2.66 -4.49
N GLU A 82 -13.24 -2.01 -5.54
CA GLU A 82 -12.12 -2.58 -6.37
C GLU A 82 -10.78 -2.06 -5.88
N VAL A 83 -9.70 -2.75 -6.18
CA VAL A 83 -8.35 -2.28 -5.75
C VAL A 83 -7.29 -2.51 -6.85
N GLN A 84 -6.16 -1.86 -6.73
CA GLN A 84 -5.03 -2.05 -7.67
C GLN A 84 -3.93 -2.68 -6.84
N ILE A 85 -3.45 -3.83 -7.21
CA ILE A 85 -2.39 -4.48 -6.37
C ILE A 85 -1.09 -4.69 -7.16
N ILE A 86 -0.01 -4.15 -6.64
CA ILE A 86 1.31 -4.29 -7.27
C ILE A 86 2.11 -5.38 -6.54
N ALA A 87 3.21 -5.78 -7.11
CA ALA A 87 4.09 -6.78 -6.45
C ALA A 87 5.52 -6.25 -6.48
N ALA A 88 6.35 -6.70 -5.59
CA ALA A 88 7.77 -6.23 -5.56
C ALA A 88 8.43 -6.52 -6.91
N ASP A 89 9.75 -6.55 -6.95
CA ASP A 89 10.48 -6.85 -8.22
C ASP A 89 9.92 -8.12 -8.92
N ARG A 90 9.12 -8.92 -8.23
CA ARG A 90 8.55 -10.15 -8.85
C ARG A 90 7.21 -9.83 -9.56
N ARG A 91 6.83 -8.58 -9.63
CA ARG A 91 5.54 -8.22 -10.28
C ARG A 91 5.50 -8.67 -11.74
N SER A 92 6.60 -8.60 -12.44
CA SER A 92 6.61 -9.03 -13.88
C SER A 92 6.20 -10.50 -14.00
N GLN A 93 6.75 -11.35 -13.16
CA GLN A 93 6.40 -12.81 -13.22
C GLN A 93 4.92 -13.01 -12.85
N MET A 94 4.44 -12.31 -11.87
CA MET A 94 3.02 -12.46 -11.43
C MET A 94 2.04 -12.05 -12.55
N ASN A 95 2.39 -11.06 -13.34
CA ASN A 95 1.49 -10.63 -14.45
C ASN A 95 1.28 -11.81 -15.40
N MET A 96 2.31 -12.57 -15.65
CA MET A 96 2.19 -13.74 -16.57
C MET A 96 1.16 -14.72 -15.98
N LYS A 97 1.19 -14.93 -14.68
CA LYS A 97 0.21 -15.85 -14.04
C LYS A 97 -0.81 -15.05 -13.22
N GLN A 98 -1.32 -15.62 -12.14
CA GLN A 98 -2.32 -14.89 -11.29
C GLN A 98 -3.45 -14.32 -12.14
N ASP A 99 -4.40 -15.14 -12.49
CA ASP A 99 -5.55 -14.68 -13.30
C ASP A 99 -6.84 -15.00 -12.55
N GLU A 100 -6.81 -14.91 -11.25
CA GLU A 100 -8.02 -15.23 -10.43
C GLU A 100 -8.39 -14.07 -9.49
N ARG A 101 -7.70 -12.96 -9.56
CA ARG A 101 -8.04 -11.84 -8.64
C ARG A 101 -8.01 -10.47 -9.33
N LEU A 102 -7.15 -10.27 -10.29
CA LEU A 102 -7.09 -8.93 -10.96
C LEU A 102 -6.74 -9.05 -12.45
N SER A 103 -7.65 -9.53 -13.25
CA SER A 103 -7.38 -9.65 -14.71
C SER A 103 -7.86 -8.39 -15.44
N GLY A 104 -7.49 -7.23 -14.94
CA GLY A 104 -7.91 -5.94 -15.58
C GLY A 104 -9.29 -5.52 -15.05
N GLU A 105 -9.63 -5.93 -13.86
CA GLU A 105 -10.96 -5.55 -13.28
C GLU A 105 -10.77 -4.75 -11.98
N LEU A 106 -10.02 -3.68 -12.06
CA LEU A 106 -9.83 -2.82 -10.83
C LEU A 106 -10.71 -1.58 -10.89
N ILE A 107 -10.29 -0.51 -11.56
CA ILE A 107 -11.21 0.66 -11.64
C ILE A 107 -11.14 1.32 -13.02
N THR A 108 -10.24 2.24 -13.21
CA THR A 108 -10.14 2.94 -14.51
C THR A 108 -8.96 2.41 -15.34
N GLY A 109 -8.50 1.22 -15.07
CA GLY A 109 -7.34 0.64 -15.82
C GLY A 109 -7.68 0.51 -17.32
N ARG A 110 -7.43 1.53 -18.09
CA ARG A 110 -7.70 1.46 -19.56
C ARG A 110 -6.58 2.21 -20.28
N ARG A 111 -6.86 3.35 -20.89
CA ARG A 111 -5.75 4.10 -21.54
C ARG A 111 -5.41 5.33 -20.70
N GLN A 112 -6.34 5.78 -19.88
CA GLN A 112 -6.11 6.98 -19.01
C GLN A 112 -4.76 6.89 -18.27
N LEU A 113 -4.25 5.69 -18.09
CA LEU A 113 -2.97 5.51 -17.34
C LEU A 113 -1.85 6.41 -17.91
N LEU A 114 -1.47 6.29 -19.16
CA LEU A 114 -0.40 7.18 -19.72
C LEU A 114 -0.97 8.23 -20.68
N GLU A 115 -2.27 8.32 -20.83
CA GLU A 115 -2.87 9.29 -21.81
C GLU A 115 -2.98 10.71 -21.25
N GLY A 116 -2.70 10.90 -19.98
CA GLY A 116 -2.80 12.27 -19.40
C GLY A 116 -4.23 12.52 -18.89
N MET A 117 -5.15 11.62 -19.16
CA MET A 117 -6.55 11.80 -18.69
C MET A 117 -6.60 11.69 -17.17
N ALA A 118 -7.77 11.76 -16.59
CA ALA A 118 -7.88 11.66 -15.11
C ALA A 118 -8.60 10.37 -14.74
N PHE A 119 -8.55 10.01 -13.48
CA PHE A 119 -9.22 8.75 -13.02
C PHE A 119 -10.40 9.14 -12.12
N THR A 120 -11.44 8.33 -12.07
CA THR A 120 -12.59 8.68 -11.21
C THR A 120 -12.25 8.23 -9.80
N PRO A 121 -12.58 9.03 -8.83
CA PRO A 121 -12.25 8.65 -7.45
C PRO A 121 -13.05 7.42 -7.03
N GLY A 122 -12.39 6.54 -6.34
CA GLY A 122 -13.04 5.28 -5.89
C GLY A 122 -12.00 4.15 -5.81
N SER A 123 -10.80 4.37 -6.32
CA SER A 123 -9.75 3.32 -6.32
C SER A 123 -9.09 3.13 -4.95
N THR A 124 -8.85 1.89 -4.60
CA THR A 124 -8.12 1.56 -3.34
C THR A 124 -6.79 0.99 -3.80
N VAL A 125 -5.67 1.52 -3.38
CA VAL A 125 -4.37 1.00 -3.92
C VAL A 125 -3.48 0.36 -2.86
N ILE A 126 -3.08 -0.86 -3.07
CA ILE A 126 -2.12 -1.52 -2.14
C ILE A 126 -0.90 -1.91 -2.98
N VAL A 127 0.27 -1.40 -2.65
CA VAL A 127 1.47 -1.71 -3.49
C VAL A 127 2.57 -2.42 -2.67
N ASP A 128 2.78 -3.69 -2.91
CA ASP A 128 3.85 -4.44 -2.17
C ASP A 128 5.17 -4.22 -2.89
N GLN A 129 6.18 -3.68 -2.22
CA GLN A 129 7.43 -3.36 -2.96
C GLN A 129 8.75 -3.46 -2.16
N GLY A 130 9.52 -4.50 -2.41
CA GLY A 130 10.85 -4.63 -1.75
C GLY A 130 11.77 -3.56 -2.35
N GLU A 131 11.62 -3.35 -3.63
CA GLU A 131 12.41 -2.33 -4.33
C GLU A 131 11.75 -0.99 -4.06
N LYS A 132 11.95 -0.05 -4.92
CA LYS A 132 11.33 1.30 -4.74
C LYS A 132 10.95 1.93 -6.09
N LEU A 133 11.33 1.32 -7.18
CA LEU A 133 11.00 1.88 -8.53
C LEU A 133 9.49 1.79 -8.78
N SER A 134 8.87 0.74 -8.30
CA SER A 134 7.40 0.57 -8.54
C SER A 134 6.57 1.29 -7.48
N LEU A 135 7.13 1.53 -6.31
CA LEU A 135 6.34 2.25 -5.26
C LEU A 135 6.10 3.71 -5.69
N LYS A 136 7.13 4.36 -6.16
CA LYS A 136 6.99 5.78 -6.59
C LYS A 136 6.13 5.93 -7.86
N GLU A 137 6.33 5.11 -8.87
CA GLU A 137 5.50 5.26 -10.12
C GLU A 137 4.02 4.99 -9.81
N THR A 138 3.72 4.00 -9.00
CA THR A 138 2.30 3.70 -8.66
C THR A 138 1.67 4.91 -7.98
N LEU A 139 2.38 5.51 -7.06
CA LEU A 139 1.85 6.71 -6.32
C LEU A 139 1.45 7.79 -7.32
N THR A 140 2.17 7.93 -8.39
CA THR A 140 1.82 8.95 -9.43
C THR A 140 0.41 8.67 -9.95
N LEU A 141 0.09 7.40 -10.11
CA LEU A 141 -1.28 7.03 -10.57
C LEU A 141 -2.31 7.32 -9.46
N LEU A 142 -1.96 7.04 -8.24
CA LEU A 142 -2.89 7.27 -7.08
C LEU A 142 -3.21 8.76 -6.93
N ASP A 143 -2.35 9.63 -7.42
CA ASP A 143 -2.59 11.10 -7.27
C ASP A 143 -4.02 11.50 -7.65
N GLY A 144 -4.45 11.20 -8.87
CA GLY A 144 -5.83 11.56 -9.29
C GLY A 144 -6.84 10.84 -8.39
N ALA A 145 -6.70 9.54 -8.26
CA ALA A 145 -7.66 8.76 -7.40
C ALA A 145 -7.73 9.38 -6.00
N ALA A 146 -6.67 9.99 -5.57
CA ALA A 146 -6.65 10.64 -4.22
C ALA A 146 -7.75 11.71 -4.10
N ARG A 147 -8.22 12.25 -5.22
CA ARG A 147 -9.29 13.31 -5.18
C ARG A 147 -10.39 13.01 -4.14
N HIS A 148 -10.85 11.78 -4.07
CA HIS A 148 -11.92 11.45 -3.06
C HIS A 148 -11.60 10.11 -2.40
N ASN A 149 -11.55 9.04 -3.16
CA ASN A 149 -11.25 7.69 -2.56
C ASN A 149 -9.75 7.53 -2.35
N VAL A 150 -9.36 6.68 -1.43
CA VAL A 150 -7.89 6.42 -1.19
C VAL A 150 -7.70 5.30 -0.18
N GLN A 151 -6.61 4.60 -0.31
CA GLN A 151 -6.28 3.49 0.61
C GLN A 151 -4.91 2.95 0.21
N VAL A 152 -3.85 3.44 0.80
CA VAL A 152 -2.48 2.93 0.41
C VAL A 152 -1.97 1.91 1.42
N LEU A 153 -2.06 0.67 1.07
CA LEU A 153 -1.52 -0.42 1.92
C LEU A 153 -0.28 -0.93 1.21
N ILE A 154 0.88 -0.73 1.77
CA ILE A 154 2.11 -1.16 1.05
C ILE A 154 3.04 -1.97 1.96
N THR A 155 3.69 -2.94 1.38
CA THR A 155 4.66 -3.74 2.15
C THR A 155 6.05 -3.30 1.70
N ASP A 156 7.09 -3.90 2.19
CA ASP A 156 8.45 -3.45 1.77
C ASP A 156 9.48 -4.54 2.05
N SER A 157 10.66 -4.38 1.52
CA SER A 157 11.75 -5.39 1.79
C SER A 157 13.13 -4.70 1.92
N GLY A 158 13.20 -3.41 1.71
CA GLY A 158 14.51 -2.70 1.84
C GLY A 158 14.53 -1.90 3.16
N GLN A 159 13.52 -2.05 3.98
CA GLN A 159 13.49 -1.29 5.27
C GLN A 159 14.33 -2.00 6.35
N ARG A 160 14.90 -3.14 6.05
CA ARG A 160 15.71 -3.87 7.08
C ARG A 160 16.81 -2.96 7.65
N THR A 161 17.48 -2.22 6.81
CA THR A 161 18.56 -1.32 7.30
C THR A 161 18.09 0.15 7.22
N GLY A 162 17.48 0.53 6.13
CA GLY A 162 17.02 1.95 5.98
C GLY A 162 15.49 1.99 5.84
N THR A 163 14.79 1.70 6.89
CA THR A 163 13.29 1.72 6.82
C THR A 163 12.76 3.13 6.55
N GLY A 164 13.29 4.13 7.21
CA GLY A 164 12.80 5.53 7.00
C GLY A 164 13.08 5.99 5.56
N SER A 165 14.13 5.48 4.95
CA SER A 165 14.46 5.91 3.55
C SER A 165 13.36 5.48 2.57
N ALA A 166 12.79 4.33 2.80
CA ALA A 166 11.71 3.84 1.88
C ALA A 166 10.50 4.78 1.96
N LEU A 167 10.21 5.26 3.14
CA LEU A 167 9.03 6.19 3.29
C LEU A 167 9.25 7.48 2.49
N MET A 168 10.44 8.03 2.51
CA MET A 168 10.71 9.28 1.72
C MET A 168 10.53 8.95 0.23
N ALA A 169 10.92 7.76 -0.16
CA ALA A 169 10.78 7.32 -1.58
C ALA A 169 9.34 7.56 -2.05
N MET A 170 8.39 7.10 -1.27
CA MET A 170 6.95 7.30 -1.64
C MET A 170 6.64 8.79 -1.84
N LYS A 171 7.05 9.61 -0.91
CA LYS A 171 6.79 11.08 -1.02
C LYS A 171 7.42 11.68 -2.28
N ASP A 172 8.53 11.14 -2.71
CA ASP A 172 9.20 11.68 -3.93
C ASP A 172 8.32 11.44 -5.16
N ALA A 173 7.35 10.56 -5.05
CA ALA A 173 6.46 10.25 -6.22
C ALA A 173 5.53 11.42 -6.59
N GLY A 174 5.59 12.55 -5.90
CA GLY A 174 4.69 13.67 -6.27
C GLY A 174 4.10 14.34 -5.02
N VAL A 175 4.24 13.73 -3.87
CA VAL A 175 3.65 14.34 -2.63
C VAL A 175 4.66 15.30 -1.99
N ASN A 176 4.42 16.58 -2.10
CA ASN A 176 5.34 17.59 -1.51
C ASN A 176 4.60 18.92 -1.31
N THR A 177 4.45 19.36 -0.07
CA THR A 177 3.76 20.64 0.18
C THR A 177 4.71 21.80 -0.14
N TYR A 178 4.21 22.99 -0.32
CA TYR A 178 5.10 24.13 -0.64
C TYR A 178 5.38 25.00 0.60
N ARG A 179 4.49 25.91 0.90
CA ARG A 179 4.71 26.80 2.09
C ARG A 179 3.39 27.07 2.82
N TRP A 180 2.57 27.94 2.28
CA TRP A 180 1.28 28.27 2.94
C TRP A 180 0.14 27.38 2.41
N GLN A 181 0.30 26.83 1.23
CA GLN A 181 -0.78 25.95 0.67
C GLN A 181 -0.20 24.64 0.16
N GLY A 182 -1.01 23.61 0.11
CA GLY A 182 -0.54 22.30 -0.38
C GLY A 182 -0.37 22.35 -1.89
N GLY A 183 -1.07 21.51 -2.61
CA GLY A 183 -0.95 21.49 -4.10
C GLY A 183 -1.52 22.79 -4.68
N GLU A 184 -0.73 23.85 -4.71
CA GLU A 184 -1.23 25.14 -5.28
C GLU A 184 -0.82 25.28 -6.75
N GLN A 185 0.14 24.51 -7.22
CA GLN A 185 0.56 24.60 -8.66
C GLN A 185 -0.11 23.50 -9.51
N ARG A 186 -0.85 22.60 -8.89
CA ARG A 186 -1.53 21.51 -9.66
C ARG A 186 -2.75 21.00 -8.87
N PRO A 187 -3.65 21.89 -8.54
CA PRO A 187 -4.86 21.50 -7.77
C PRO A 187 -5.85 20.70 -8.64
N ALA A 188 -5.68 20.69 -9.94
CA ALA A 188 -6.59 19.91 -10.81
C ALA A 188 -5.88 19.55 -12.12
N THR A 189 -5.18 18.45 -12.14
CA THR A 189 -4.44 18.04 -13.36
C THR A 189 -4.86 16.63 -13.81
N THR A 1 -22.78 19.95 14.25
CA THR A 1 -21.33 19.58 14.23
C THR A 1 -21.06 18.56 13.13
N SER A 2 -20.38 18.97 12.08
CA SER A 2 -20.08 18.04 10.95
C SER A 2 -19.18 16.89 11.42
N GLY A 3 -18.14 17.19 12.18
CA GLY A 3 -17.22 16.12 12.65
C GLY A 3 -15.77 16.63 12.63
N ILE A 4 -15.40 17.46 13.56
CA ILE A 4 -14.01 17.99 13.59
C ILE A 4 -13.16 17.24 14.64
N HIS A 5 -13.67 16.17 15.20
CA HIS A 5 -12.90 15.40 16.22
C HIS A 5 -11.75 14.62 15.57
N VAL A 6 -11.94 14.14 14.37
CA VAL A 6 -10.85 13.36 13.69
C VAL A 6 -10.08 14.25 12.70
N LEU A 7 -8.79 14.38 12.90
CA LEU A 7 -7.97 15.23 11.98
C LEU A 7 -6.84 14.39 11.37
N ASP A 8 -5.88 14.01 12.17
CA ASP A 8 -4.73 13.20 11.65
C ASP A 8 -5.08 11.71 11.67
N GLU A 9 -4.24 10.89 11.10
CA GLU A 9 -4.50 9.42 11.10
C GLU A 9 -3.87 8.80 12.35
N LEU A 10 -4.51 8.94 13.48
CA LEU A 10 -3.95 8.39 14.75
C LEU A 10 -3.85 6.86 14.69
N SER A 11 -4.83 6.21 14.12
CA SER A 11 -4.80 4.72 14.05
C SER A 11 -3.60 4.21 13.25
N VAL A 12 -3.33 4.79 12.10
CA VAL A 12 -2.17 4.33 11.28
C VAL A 12 -0.85 4.63 12.02
N ARG A 13 -0.79 5.71 12.77
CA ARG A 13 0.49 6.04 13.49
C ARG A 13 0.85 4.91 14.47
N ALA A 14 -0.11 4.48 15.26
CA ALA A 14 0.16 3.35 16.21
C ALA A 14 0.48 2.10 15.41
N LEU A 15 -0.11 1.98 14.24
CA LEU A 15 0.13 0.79 13.38
C LEU A 15 1.62 0.68 13.00
N SER A 16 2.26 1.77 12.69
CA SER A 16 3.70 1.71 12.32
C SER A 16 4.53 1.19 13.50
N ARG A 17 4.17 1.54 14.71
CA ARG A 17 4.98 1.07 15.89
C ARG A 17 4.90 -0.45 16.08
N ASP A 18 3.72 -1.02 16.00
CA ASP A 18 3.58 -2.51 16.21
C ASP A 18 4.22 -3.32 15.08
N ILE A 19 4.01 -2.90 13.86
CA ILE A 19 4.61 -3.63 12.69
C ILE A 19 6.13 -3.58 12.75
N MET A 20 6.68 -2.45 13.08
CA MET A 20 8.17 -2.32 13.15
C MET A 20 8.74 -3.31 14.17
N LYS A 21 8.01 -3.59 15.21
CA LYS A 21 8.50 -4.54 16.26
C LYS A 21 8.76 -5.92 15.65
N GLN A 22 7.94 -6.35 14.71
CA GLN A 22 8.21 -7.68 14.07
C GLN A 22 9.05 -7.48 12.80
N ASN A 23 9.16 -6.27 12.33
CA ASN A 23 9.97 -5.99 11.12
C ASN A 23 11.45 -6.18 11.47
N ARG A 24 11.82 -5.90 12.70
CA ARG A 24 13.24 -6.08 13.13
C ARG A 24 13.30 -7.17 14.23
N VAL A 25 12.27 -7.98 14.32
CA VAL A 25 12.22 -9.10 15.34
C VAL A 25 13.57 -9.82 15.47
N THR A 26 13.86 -10.32 16.65
CA THR A 26 15.14 -11.06 16.86
C THR A 26 14.97 -12.52 16.40
N VAL A 27 14.92 -12.73 15.11
CA VAL A 27 14.72 -14.13 14.59
C VAL A 27 16.05 -14.73 14.10
N HIS A 28 16.31 -15.94 14.52
CA HIS A 28 17.57 -16.62 14.08
C HIS A 28 17.23 -17.50 12.86
N PRO A 29 18.16 -17.62 11.94
CA PRO A 29 17.92 -18.46 10.73
C PRO A 29 17.78 -19.93 11.13
N GLU A 30 18.32 -20.30 12.25
CA GLU A 30 18.20 -21.71 12.75
C GLU A 30 16.74 -22.14 12.84
N LYS A 31 15.89 -21.19 13.00
CA LYS A 31 14.44 -21.48 13.14
C LYS A 31 13.67 -20.23 12.75
N SER A 32 13.77 -19.81 11.52
CA SER A 32 13.04 -18.57 11.09
C SER A 32 11.57 -18.63 11.49
N VAL A 33 11.21 -17.86 12.47
CA VAL A 33 9.79 -17.81 12.92
C VAL A 33 8.92 -17.30 11.77
N PRO A 34 7.66 -17.67 11.75
CA PRO A 34 6.77 -17.22 10.64
C PRO A 34 6.72 -15.69 10.62
N ARG A 35 7.09 -15.08 9.52
CA ARG A 35 7.15 -13.59 9.46
C ARG A 35 5.89 -12.97 8.85
N THR A 36 4.97 -13.74 8.33
CA THR A 36 3.73 -13.13 7.75
C THR A 36 2.63 -13.08 8.80
N ALA A 37 3.00 -13.10 10.06
CA ALA A 37 1.98 -13.04 11.14
C ALA A 37 1.99 -11.64 11.76
N GLY A 38 3.15 -11.08 11.88
CA GLY A 38 3.27 -9.73 12.47
C GLY A 38 2.53 -8.69 11.63
N TYR A 39 2.74 -8.65 10.32
CA TYR A 39 2.04 -7.60 9.52
C TYR A 39 0.81 -8.14 8.78
N SER A 40 0.55 -9.43 8.75
CA SER A 40 -0.71 -9.87 8.07
C SER A 40 -1.88 -9.41 8.95
N ASP A 41 -1.69 -9.48 10.25
CA ASP A 41 -2.75 -9.03 11.20
C ASP A 41 -2.79 -7.50 11.31
N ALA A 42 -1.65 -6.88 11.51
CA ALA A 42 -1.63 -5.40 11.66
C ALA A 42 -2.13 -4.70 10.38
N VAL A 43 -1.61 -5.10 9.26
CA VAL A 43 -2.00 -4.47 7.97
C VAL A 43 -3.49 -4.72 7.63
N SER A 44 -3.95 -5.94 7.76
CA SER A 44 -5.38 -6.25 7.41
C SER A 44 -6.38 -5.45 8.28
N VAL A 45 -6.18 -5.39 9.57
CA VAL A 45 -7.15 -4.65 10.44
C VAL A 45 -7.21 -3.16 10.06
N LEU A 46 -6.07 -2.55 9.89
CA LEU A 46 -6.05 -1.09 9.56
C LEU A 46 -6.92 -0.76 8.33
N ALA A 47 -7.01 -1.65 7.38
CA ALA A 47 -7.88 -1.37 6.19
C ALA A 47 -9.33 -1.40 6.62
N GLN A 48 -9.67 -2.26 7.56
CA GLN A 48 -11.08 -2.31 8.05
C GLN A 48 -11.45 -0.95 8.64
N ASP A 49 -10.48 -0.23 9.17
CA ASP A 49 -10.78 1.14 9.70
C ASP A 49 -11.16 2.03 8.52
N ARG A 50 -10.21 2.70 7.89
CA ARG A 50 -10.54 3.55 6.70
C ARG A 50 -9.26 4.13 6.10
N PRO A 51 -8.45 4.84 6.88
CA PRO A 51 -7.19 5.39 6.31
C PRO A 51 -6.25 4.21 6.12
N SER A 52 -6.05 3.78 4.90
CA SER A 52 -5.18 2.60 4.70
C SER A 52 -3.73 2.97 4.51
N LEU A 53 -2.95 2.85 5.55
CA LEU A 53 -1.49 3.12 5.45
C LEU A 53 -0.72 2.13 6.29
N ALA A 54 0.39 1.67 5.80
CA ALA A 54 1.19 0.70 6.60
C ALA A 54 2.57 0.47 5.99
N ILE A 55 3.51 0.16 6.83
CA ILE A 55 4.88 -0.14 6.36
C ILE A 55 5.23 -1.57 6.77
N VAL A 56 5.52 -2.40 5.81
CA VAL A 56 5.84 -3.83 6.13
C VAL A 56 7.19 -4.21 5.55
N SER A 57 7.98 -4.97 6.28
CA SER A 57 9.32 -5.37 5.77
C SER A 57 9.39 -6.90 5.59
N GLY A 58 9.69 -7.36 4.40
CA GLY A 58 9.76 -8.83 4.15
C GLY A 58 11.22 -9.29 4.22
N GLN A 59 11.43 -10.55 4.53
CA GLN A 59 12.83 -11.07 4.61
C GLN A 59 12.97 -12.43 3.92
N GLY A 60 11.97 -13.27 4.02
CA GLY A 60 12.04 -14.62 3.36
C GLY A 60 10.63 -15.10 3.02
N GLY A 61 10.51 -15.96 2.04
CA GLY A 61 9.16 -16.46 1.65
C GLY A 61 8.34 -15.32 1.05
N ALA A 62 8.78 -14.75 -0.04
CA ALA A 62 8.03 -13.63 -0.68
C ALA A 62 6.96 -14.17 -1.63
N ALA A 63 7.12 -15.39 -2.10
CA ALA A 63 6.10 -15.96 -3.03
C ALA A 63 4.75 -16.11 -2.34
N GLY A 64 4.73 -16.65 -1.14
CA GLY A 64 3.44 -16.81 -0.41
C GLY A 64 2.92 -15.44 -0.01
N GLN A 65 3.79 -14.54 0.35
CA GLN A 65 3.34 -13.16 0.76
C GLN A 65 2.58 -12.51 -0.39
N ARG A 66 3.01 -12.75 -1.60
CA ARG A 66 2.32 -12.12 -2.78
C ARG A 66 0.86 -12.56 -2.92
N GLU A 67 0.58 -13.84 -2.87
CA GLU A 67 -0.84 -14.29 -3.01
C GLU A 67 -1.64 -14.00 -1.73
N ARG A 68 -1.00 -14.04 -0.59
CA ARG A 68 -1.74 -13.77 0.69
C ARG A 68 -2.33 -12.36 0.67
N VAL A 69 -1.57 -11.35 0.32
CA VAL A 69 -2.15 -9.97 0.28
C VAL A 69 -3.28 -9.95 -0.75
N ALA A 70 -3.16 -10.75 -1.78
CA ALA A 70 -4.25 -10.82 -2.81
C ALA A 70 -5.53 -11.32 -2.14
N GLU A 71 -5.42 -12.12 -1.12
CA GLU A 71 -6.65 -12.60 -0.41
C GLU A 71 -7.34 -11.40 0.24
N LEU A 72 -6.56 -10.43 0.67
CA LEU A 72 -7.15 -9.21 1.29
C LEU A 72 -8.04 -8.53 0.25
N VAL A 73 -7.64 -8.59 -1.00
CA VAL A 73 -8.47 -7.99 -2.09
C VAL A 73 -9.83 -8.68 -2.12
N MET A 74 -9.88 -9.92 -1.66
CA MET A 74 -11.20 -10.64 -1.62
C MET A 74 -12.11 -9.96 -0.60
N MET A 75 -11.55 -9.55 0.52
CA MET A 75 -12.35 -8.83 1.57
C MET A 75 -13.02 -7.60 0.96
N ALA A 76 -12.43 -7.05 -0.08
CA ALA A 76 -13.03 -5.89 -0.77
C ALA A 76 -14.05 -6.36 -1.80
N ARG A 77 -13.93 -7.59 -2.25
CA ARG A 77 -14.91 -8.12 -3.25
C ARG A 77 -16.30 -8.24 -2.63
N GLU A 78 -16.39 -8.77 -1.44
CA GLU A 78 -17.71 -8.93 -0.77
C GLU A 78 -18.28 -7.57 -0.35
N GLN A 79 -17.41 -6.66 0.03
CA GLN A 79 -17.89 -5.32 0.48
C GLN A 79 -18.18 -4.37 -0.70
N GLY A 80 -18.18 -4.88 -1.92
CA GLY A 80 -18.46 -4.00 -3.09
C GLY A 80 -17.30 -3.03 -3.31
N ARG A 81 -16.10 -3.44 -2.94
CA ARG A 81 -14.93 -2.53 -3.12
C ARG A 81 -13.83 -3.24 -3.91
N GLU A 82 -13.38 -2.61 -4.96
CA GLU A 82 -12.27 -3.20 -5.77
C GLU A 82 -10.97 -2.56 -5.27
N VAL A 83 -9.82 -3.16 -5.52
CA VAL A 83 -8.55 -2.53 -5.00
C VAL A 83 -7.38 -2.66 -5.99
N GLN A 84 -6.37 -1.84 -5.81
CA GLN A 84 -5.16 -1.92 -6.70
C GLN A 84 -4.01 -2.52 -5.91
N ILE A 85 -3.45 -3.59 -6.40
CA ILE A 85 -2.35 -4.27 -5.64
C ILE A 85 -1.13 -4.49 -6.55
N ILE A 86 0.03 -4.06 -6.09
CA ILE A 86 1.28 -4.25 -6.90
C ILE A 86 2.34 -4.93 -6.07
N ALA A 87 2.83 -6.06 -6.50
CA ALA A 87 3.92 -6.73 -5.73
C ALA A 87 5.26 -6.16 -6.17
N ALA A 88 6.30 -6.46 -5.45
CA ALA A 88 7.67 -5.98 -5.85
C ALA A 88 7.99 -6.47 -7.27
N ASP A 89 9.24 -6.50 -7.65
CA ASP A 89 9.62 -6.96 -9.02
C ASP A 89 8.89 -8.25 -9.48
N ARG A 90 8.29 -9.01 -8.57
CA ARG A 90 7.58 -10.26 -8.99
C ARG A 90 6.23 -9.94 -9.65
N ARG A 91 5.79 -8.71 -9.59
CA ARG A 91 4.46 -8.35 -10.20
C ARG A 91 4.42 -8.72 -11.68
N SER A 92 5.53 -8.63 -12.37
CA SER A 92 5.53 -8.98 -13.83
C SER A 92 5.16 -10.45 -14.02
N GLN A 93 5.71 -11.33 -13.22
CA GLN A 93 5.40 -12.79 -13.35
C GLN A 93 3.93 -13.04 -13.01
N MET A 94 3.43 -12.39 -11.98
CA MET A 94 2.00 -12.58 -11.59
C MET A 94 1.07 -12.06 -12.69
N ASN A 95 1.46 -11.01 -13.38
CA ASN A 95 0.60 -10.45 -14.46
C ASN A 95 0.36 -11.52 -15.54
N MET A 96 1.37 -12.29 -15.84
CA MET A 96 1.20 -13.37 -16.86
C MET A 96 0.19 -14.38 -16.31
N LYS A 97 0.27 -14.65 -15.03
CA LYS A 97 -0.69 -15.59 -14.39
C LYS A 97 -1.76 -14.74 -13.67
N GLN A 98 -2.27 -15.19 -12.54
CA GLN A 98 -3.31 -14.39 -11.80
C GLN A 98 -4.46 -13.98 -12.71
N ASP A 99 -5.38 -14.89 -12.93
CA ASP A 99 -6.56 -14.60 -13.79
C ASP A 99 -7.85 -14.70 -12.97
N GLU A 100 -7.74 -14.72 -11.66
CA GLU A 100 -8.97 -14.83 -10.81
C GLU A 100 -9.50 -13.44 -10.39
N ARG A 101 -8.83 -12.37 -10.77
CA ARG A 101 -9.33 -11.00 -10.42
C ARG A 101 -8.40 -9.92 -10.99
N LEU A 102 -7.80 -10.15 -12.14
CA LEU A 102 -6.86 -9.12 -12.70
C LEU A 102 -6.77 -9.14 -14.23
N SER A 103 -7.58 -9.90 -14.93
CA SER A 103 -7.46 -9.91 -16.44
C SER A 103 -7.57 -8.48 -17.00
N GLY A 104 -8.23 -7.62 -16.28
CA GLY A 104 -8.39 -6.19 -16.73
C GLY A 104 -9.56 -5.56 -15.99
N GLU A 105 -9.66 -5.83 -14.71
CA GLU A 105 -10.77 -5.27 -13.90
C GLU A 105 -10.18 -4.65 -12.62
N LEU A 106 -8.98 -4.16 -12.70
CA LEU A 106 -8.33 -3.54 -11.49
C LEU A 106 -9.18 -2.36 -11.01
N ILE A 107 -9.01 -1.20 -11.60
CA ILE A 107 -9.87 -0.04 -11.20
C ILE A 107 -9.97 0.91 -12.37
N THR A 108 -8.99 1.76 -12.54
CA THR A 108 -9.02 2.72 -13.65
C THR A 108 -8.14 2.24 -14.80
N GLY A 109 -7.70 0.99 -14.76
CA GLY A 109 -6.87 0.46 -15.87
C GLY A 109 -7.76 0.12 -17.06
N ARG A 110 -8.39 1.12 -17.64
CA ARG A 110 -9.26 0.87 -18.81
C ARG A 110 -8.96 1.94 -19.85
N ARG A 111 -9.37 3.16 -19.57
CA ARG A 111 -9.09 4.26 -20.52
C ARG A 111 -8.21 5.35 -19.90
N GLN A 112 -7.97 5.28 -18.61
CA GLN A 112 -7.12 6.32 -17.96
C GLN A 112 -5.67 6.07 -18.37
N LEU A 113 -5.31 4.82 -18.46
CA LEU A 113 -3.92 4.45 -18.85
C LEU A 113 -3.86 4.21 -20.37
N LEU A 114 -5.00 3.94 -20.98
CA LEU A 114 -5.03 3.61 -22.44
C LEU A 114 -5.52 4.76 -23.33
N GLU A 115 -6.42 5.61 -22.87
CA GLU A 115 -6.92 6.69 -23.79
C GLU A 115 -6.90 8.08 -23.14
N GLY A 116 -6.51 8.21 -21.90
CA GLY A 116 -6.48 9.57 -21.29
C GLY A 116 -7.91 9.96 -20.87
N MET A 117 -8.57 9.09 -20.18
CA MET A 117 -9.96 9.41 -19.71
C MET A 117 -9.92 9.52 -18.18
N ALA A 118 -11.05 9.74 -17.55
CA ALA A 118 -11.06 9.85 -16.05
C ALA A 118 -11.95 8.74 -15.47
N PHE A 119 -11.52 8.11 -14.39
CA PHE A 119 -12.34 7.01 -13.79
C PHE A 119 -12.85 7.36 -12.39
N THR A 120 -13.98 6.84 -12.03
CA THR A 120 -14.56 7.12 -10.68
C THR A 120 -13.63 6.57 -9.58
N PRO A 121 -13.07 7.45 -8.79
CA PRO A 121 -12.17 6.99 -7.69
C PRO A 121 -12.97 6.26 -6.61
N GLY A 122 -12.70 4.99 -6.44
CA GLY A 122 -13.43 4.20 -5.39
C GLY A 122 -12.62 2.96 -4.98
N SER A 123 -11.33 2.96 -5.24
CA SER A 123 -10.47 1.78 -4.91
C SER A 123 -9.71 1.92 -3.58
N THR A 124 -9.05 0.86 -3.21
CA THR A 124 -8.18 0.85 -2.00
C THR A 124 -6.80 0.44 -2.54
N VAL A 125 -5.90 1.38 -2.68
CA VAL A 125 -4.57 1.06 -3.30
C VAL A 125 -3.51 0.64 -2.29
N ILE A 126 -2.80 -0.41 -2.61
CA ILE A 126 -1.70 -0.91 -1.75
C ILE A 126 -0.49 -1.19 -2.68
N VAL A 127 0.64 -0.58 -2.46
CA VAL A 127 1.80 -0.86 -3.36
C VAL A 127 2.97 -1.51 -2.58
N ASP A 128 3.13 -2.80 -2.77
CA ASP A 128 4.23 -3.56 -2.10
C ASP A 128 5.48 -3.42 -2.96
N GLN A 129 6.36 -2.51 -2.59
CA GLN A 129 7.55 -2.26 -3.44
C GLN A 129 8.91 -2.68 -2.88
N GLY A 130 9.44 -3.76 -3.37
CA GLY A 130 10.80 -4.17 -2.96
C GLY A 130 11.77 -3.18 -3.63
N GLU A 131 11.43 -2.77 -4.83
CA GLU A 131 12.23 -1.80 -5.59
C GLU A 131 11.59 -0.42 -5.43
N LYS A 132 12.32 0.59 -5.73
CA LYS A 132 11.79 1.99 -5.60
C LYS A 132 11.34 2.53 -6.97
N LEU A 133 11.65 1.83 -8.03
CA LEU A 133 11.26 2.30 -9.40
C LEU A 133 9.73 2.39 -9.49
N SER A 134 9.05 1.41 -8.94
CA SER A 134 7.56 1.41 -8.97
C SER A 134 6.98 2.06 -7.71
N LEU A 135 7.80 2.41 -6.74
CA LEU A 135 7.25 3.06 -5.52
C LEU A 135 6.77 4.46 -5.88
N LYS A 136 7.64 5.28 -6.43
CA LYS A 136 7.22 6.67 -6.81
C LYS A 136 6.33 6.65 -8.07
N GLU A 137 6.65 5.84 -9.06
CA GLU A 137 5.79 5.83 -10.29
C GLU A 137 4.35 5.44 -9.95
N THR A 138 4.15 4.42 -9.15
CA THR A 138 2.75 4.03 -8.79
C THR A 138 2.07 5.20 -8.08
N LEU A 139 2.76 5.85 -7.16
CA LEU A 139 2.17 7.01 -6.42
C LEU A 139 1.57 8.02 -7.41
N THR A 140 2.20 8.22 -8.53
CA THR A 140 1.68 9.19 -9.55
C THR A 140 0.31 8.73 -10.12
N LEU A 141 0.17 7.46 -10.42
CA LEU A 141 -1.12 6.96 -11.01
C LEU A 141 -2.28 7.07 -10.01
N LEU A 142 -2.08 6.63 -8.79
CA LEU A 142 -3.16 6.68 -7.76
C LEU A 142 -3.34 8.09 -7.18
N ASP A 143 -2.36 8.95 -7.34
CA ASP A 143 -2.45 10.34 -6.76
C ASP A 143 -3.81 10.98 -7.08
N GLY A 144 -4.27 10.88 -8.30
CA GLY A 144 -5.60 11.47 -8.64
C GLY A 144 -6.67 10.70 -7.85
N ALA A 145 -6.58 9.40 -7.86
CA ALA A 145 -7.58 8.56 -7.13
C ALA A 145 -7.52 8.79 -5.61
N ALA A 146 -6.35 8.97 -5.06
CA ALA A 146 -6.24 9.19 -3.57
C ALA A 146 -6.98 10.46 -3.15
N ARG A 147 -7.06 11.43 -4.02
CA ARG A 147 -7.80 12.68 -3.66
C ARG A 147 -9.25 12.32 -3.31
N HIS A 148 -9.74 11.24 -3.87
CA HIS A 148 -11.14 10.81 -3.59
C HIS A 148 -11.16 9.53 -2.70
N ASN A 149 -11.69 8.42 -3.17
CA ASN A 149 -11.77 7.19 -2.32
C ASN A 149 -10.55 6.26 -2.46
N VAL A 150 -9.37 6.68 -2.05
CA VAL A 150 -8.19 5.75 -2.15
C VAL A 150 -7.30 5.89 -0.91
N GLN A 151 -6.42 4.94 -0.72
CA GLN A 151 -5.50 4.94 0.46
C GLN A 151 -4.18 4.26 0.10
N VAL A 152 -3.12 4.48 0.85
CA VAL A 152 -1.81 3.84 0.51
C VAL A 152 -1.35 2.77 1.55
N LEU A 153 -1.43 1.53 1.18
CA LEU A 153 -0.91 0.43 2.05
C LEU A 153 0.33 -0.10 1.33
N ILE A 154 1.51 0.01 1.90
CA ILE A 154 2.72 -0.43 1.13
C ILE A 154 3.71 -1.24 1.96
N THR A 155 4.17 -2.34 1.41
CA THR A 155 5.18 -3.17 2.11
C THR A 155 6.55 -2.82 1.51
N ASP A 156 7.58 -3.57 1.79
CA ASP A 156 8.93 -3.23 1.22
C ASP A 156 9.82 -4.48 1.16
N SER A 157 10.89 -4.42 0.42
CA SER A 157 11.81 -5.62 0.33
C SER A 157 13.31 -5.22 0.28
N GLY A 158 13.63 -3.99 -0.06
CA GLY A 158 15.07 -3.56 -0.12
C GLY A 158 15.36 -2.53 0.99
N GLN A 159 14.31 -1.95 1.55
CA GLN A 159 14.50 -0.95 2.66
C GLN A 159 14.56 -1.66 4.02
N ARG A 160 14.48 -2.98 4.01
CA ARG A 160 14.48 -3.81 5.27
C ARG A 160 15.31 -3.19 6.40
N THR A 161 16.45 -2.63 6.09
CA THR A 161 17.29 -2.00 7.16
C THR A 161 17.09 -0.49 7.14
N GLY A 162 16.54 0.03 8.19
CA GLY A 162 16.25 1.49 8.24
C GLY A 162 15.13 1.78 7.24
N THR A 163 14.00 1.16 7.46
CA THR A 163 12.85 1.37 6.51
C THR A 163 12.30 2.80 6.64
N GLY A 164 12.73 3.56 7.63
CA GLY A 164 12.23 4.96 7.78
C GLY A 164 12.60 5.76 6.52
N SER A 165 13.72 5.45 5.92
CA SER A 165 14.12 6.15 4.67
C SER A 165 13.07 5.90 3.58
N ALA A 166 12.42 4.77 3.64
CA ALA A 166 11.37 4.44 2.63
C ALA A 166 10.15 5.34 2.85
N LEU A 167 9.88 5.71 4.08
CA LEU A 167 8.69 6.60 4.35
C LEU A 167 8.88 7.94 3.63
N MET A 168 10.08 8.48 3.67
CA MET A 168 10.36 9.75 2.94
C MET A 168 10.20 9.49 1.45
N ALA A 169 10.57 8.29 1.03
CA ALA A 169 10.46 7.90 -0.42
C ALA A 169 9.06 8.27 -0.92
N MET A 170 8.03 7.83 -0.23
CA MET A 170 6.63 8.18 -0.64
C MET A 170 6.50 9.71 -0.74
N LYS A 171 7.06 10.42 0.22
CA LYS A 171 7.00 11.91 0.20
C LYS A 171 7.61 12.45 -1.09
N ASP A 172 8.60 11.76 -1.63
CA ASP A 172 9.23 12.21 -2.90
C ASP A 172 8.19 12.19 -4.01
N ALA A 173 7.23 11.30 -3.90
CA ALA A 173 6.16 11.19 -4.94
C ALA A 173 5.23 12.42 -4.91
N GLY A 174 5.36 13.28 -3.92
CA GLY A 174 4.50 14.50 -3.87
C GLY A 174 3.43 14.39 -2.78
N VAL A 175 3.31 13.27 -2.12
CA VAL A 175 2.24 13.14 -1.08
C VAL A 175 2.62 13.89 0.21
N ASN A 176 1.83 14.87 0.59
CA ASN A 176 2.13 15.64 1.85
C ASN A 176 0.98 16.58 2.20
N THR A 177 0.63 16.66 3.46
CA THR A 177 -0.46 17.60 3.88
C THR A 177 0.22 18.77 4.60
N TYR A 178 -0.37 19.94 4.59
CA TYR A 178 0.28 21.10 5.28
C TYR A 178 0.12 20.95 6.80
N ARG A 179 -0.81 21.66 7.42
CA ARG A 179 -0.97 21.53 8.91
C ARG A 179 -2.46 21.49 9.31
N TRP A 180 -3.07 22.62 9.56
CA TRP A 180 -4.51 22.63 9.99
C TRP A 180 -5.44 22.72 8.77
N GLN A 181 -4.95 23.21 7.66
CA GLN A 181 -5.82 23.34 6.46
C GLN A 181 -5.92 21.99 5.73
N GLY A 182 -7.10 21.64 5.26
CA GLY A 182 -7.27 20.33 4.56
C GLY A 182 -7.12 20.52 3.04
N GLY A 183 -6.22 21.37 2.63
CA GLY A 183 -6.02 21.59 1.16
C GLY A 183 -5.77 23.07 0.89
N GLU A 184 -4.57 23.53 1.12
CA GLU A 184 -4.24 24.96 0.87
C GLU A 184 -3.67 25.16 -0.54
N GLN A 185 -3.29 24.09 -1.20
CA GLN A 185 -2.73 24.22 -2.58
C GLN A 185 -3.85 24.10 -3.62
N ARG A 186 -5.05 23.78 -3.21
CA ARG A 186 -6.18 23.64 -4.17
C ARG A 186 -7.51 23.92 -3.45
N PRO A 187 -7.60 25.08 -2.82
CA PRO A 187 -8.83 25.45 -2.08
C PRO A 187 -9.98 25.81 -3.04
N ALA A 188 -9.71 25.89 -4.31
CA ALA A 188 -10.79 26.22 -5.29
C ALA A 188 -10.46 25.65 -6.66
N THR A 189 -11.06 24.54 -7.02
CA THR A 189 -10.76 23.90 -8.34
C THR A 189 -12.02 23.29 -8.93
N THR A 1 -23.12 9.26 15.20
CA THR A 1 -22.89 8.96 13.75
C THR A 1 -23.92 9.70 12.89
N SER A 2 -24.28 10.91 13.29
CA SER A 2 -25.28 11.69 12.49
C SER A 2 -24.76 11.92 11.07
N GLY A 3 -23.52 12.26 10.94
CA GLY A 3 -22.94 12.49 9.58
C GLY A 3 -21.50 11.98 9.56
N ILE A 4 -21.11 11.28 8.51
CA ILE A 4 -19.71 10.77 8.45
C ILE A 4 -18.79 11.83 7.83
N HIS A 5 -17.65 12.07 8.44
CA HIS A 5 -16.71 13.10 7.91
C HIS A 5 -15.27 12.59 7.96
N VAL A 6 -14.38 13.23 7.25
CA VAL A 6 -12.95 12.78 7.25
C VAL A 6 -12.30 13.08 8.60
N LEU A 7 -11.43 12.21 9.06
CA LEU A 7 -10.75 12.44 10.37
C LEU A 7 -9.25 12.21 10.24
N ASP A 8 -8.52 12.46 11.30
CA ASP A 8 -7.03 12.25 11.26
C ASP A 8 -6.70 10.76 11.26
N GLU A 9 -5.53 10.40 10.79
CA GLU A 9 -5.14 8.96 10.76
C GLU A 9 -4.52 8.54 12.10
N LEU A 10 -5.21 8.76 13.18
CA LEU A 10 -4.68 8.38 14.52
C LEU A 10 -4.47 6.87 14.60
N SER A 11 -5.38 6.11 14.05
CA SER A 11 -5.25 4.61 14.09
C SER A 11 -3.99 4.16 13.36
N VAL A 12 -3.68 4.77 12.25
CA VAL A 12 -2.48 4.35 11.48
C VAL A 12 -1.18 4.77 12.18
N ARG A 13 -1.20 5.77 13.02
CA ARG A 13 0.07 6.21 13.70
C ARG A 13 0.60 5.11 14.64
N ALA A 14 -0.23 4.63 15.53
CA ALA A 14 0.21 3.57 16.49
C ALA A 14 0.43 2.25 15.75
N LEU A 15 -0.38 1.97 14.77
CA LEU A 15 -0.25 0.69 14.01
C LEU A 15 1.10 0.61 13.29
N SER A 16 1.54 1.70 12.72
CA SER A 16 2.84 1.70 11.98
C SER A 16 4.00 1.38 12.91
N ARG A 17 3.99 1.91 14.11
CA ARG A 17 5.13 1.66 15.05
C ARG A 17 5.26 0.15 15.33
N ASP A 18 4.18 -0.52 15.58
CA ASP A 18 4.24 -1.99 15.87
C ASP A 18 4.74 -2.80 14.66
N ILE A 19 4.34 -2.43 13.47
CA ILE A 19 4.80 -3.22 12.26
C ILE A 19 6.33 -3.08 12.15
N MET A 20 6.83 -1.90 12.39
CA MET A 20 8.30 -1.68 12.32
C MET A 20 8.99 -2.51 13.39
N LYS A 21 8.31 -2.78 14.48
CA LYS A 21 8.93 -3.62 15.56
C LYS A 21 9.26 -5.00 14.97
N GLN A 22 8.55 -5.41 13.94
CA GLN A 22 8.86 -6.71 13.27
C GLN A 22 9.86 -6.47 12.12
N ASN A 23 9.98 -5.23 11.69
CA ASN A 23 10.91 -4.90 10.59
C ASN A 23 12.36 -5.10 11.04
N ARG A 24 12.70 -4.77 12.27
CA ARG A 24 14.08 -4.98 12.78
C ARG A 24 14.08 -6.01 13.94
N VAL A 25 13.02 -6.79 14.05
CA VAL A 25 12.94 -7.80 15.15
C VAL A 25 14.10 -8.80 15.04
N THR A 26 14.93 -8.85 16.05
CA THR A 26 16.11 -9.77 16.03
C THR A 26 15.69 -11.21 15.75
N VAL A 27 15.88 -11.66 14.53
CA VAL A 27 15.50 -13.06 14.14
C VAL A 27 16.76 -13.87 13.80
N HIS A 28 16.84 -15.08 14.30
CA HIS A 28 18.04 -15.95 14.01
C HIS A 28 17.76 -16.80 12.75
N PRO A 29 18.78 -16.98 11.92
CA PRO A 29 18.60 -17.80 10.70
C PRO A 29 18.38 -19.26 11.07
N GLU A 30 18.91 -19.68 12.18
CA GLU A 30 18.74 -21.10 12.63
C GLU A 30 17.28 -21.35 12.99
N LYS A 31 16.65 -20.36 13.52
CA LYS A 31 15.23 -20.50 13.94
C LYS A 31 14.48 -19.22 13.54
N SER A 32 14.46 -18.89 12.28
CA SER A 32 13.78 -17.64 11.82
C SER A 32 12.35 -17.55 12.37
N VAL A 33 12.19 -16.81 13.43
CA VAL A 33 10.83 -16.62 14.03
C VAL A 33 9.88 -16.01 13.00
N PRO A 34 8.61 -16.35 13.08
CA PRO A 34 7.63 -15.79 12.13
C PRO A 34 7.54 -14.27 12.30
N ARG A 35 7.25 -13.56 11.24
CA ARG A 35 7.20 -12.07 11.34
C ARG A 35 5.98 -11.48 10.62
N THR A 36 5.25 -12.25 9.86
CA THR A 36 4.02 -11.73 9.22
C THR A 36 2.81 -12.23 10.03
N ALA A 37 3.05 -12.64 11.24
CA ALA A 37 1.97 -13.19 12.10
C ALA A 37 1.12 -12.08 12.72
N GLY A 38 1.62 -11.45 13.74
CA GLY A 38 0.82 -10.40 14.43
C GLY A 38 0.95 -9.03 13.75
N TYR A 39 1.73 -8.89 12.70
CA TYR A 39 1.81 -7.55 12.03
C TYR A 39 1.06 -7.61 10.69
N SER A 40 0.88 -8.81 10.15
CA SER A 40 0.06 -8.94 8.91
C SER A 40 -1.38 -8.70 9.33
N ASP A 41 -1.76 -9.24 10.46
CA ASP A 41 -3.14 -9.04 10.99
C ASP A 41 -3.33 -7.56 11.34
N ALA A 42 -2.30 -6.94 11.87
CA ALA A 42 -2.39 -5.48 12.22
C ALA A 42 -2.67 -4.68 10.94
N VAL A 43 -2.03 -5.07 9.88
CA VAL A 43 -2.20 -4.37 8.58
C VAL A 43 -3.64 -4.54 8.04
N SER A 44 -4.18 -5.73 8.09
CA SER A 44 -5.56 -5.96 7.55
C SER A 44 -6.59 -5.13 8.31
N VAL A 45 -6.41 -4.95 9.59
CA VAL A 45 -7.40 -4.15 10.39
C VAL A 45 -7.47 -2.70 9.89
N LEU A 46 -6.33 -2.08 9.69
CA LEU A 46 -6.34 -0.65 9.24
C LEU A 46 -7.11 -0.46 7.92
N ALA A 47 -7.08 -1.42 7.03
CA ALA A 47 -7.86 -1.24 5.76
C ALA A 47 -9.35 -1.27 6.11
N GLN A 48 -9.73 -2.10 7.05
CA GLN A 48 -11.16 -2.16 7.47
C GLN A 48 -11.58 -0.78 7.98
N ASP A 49 -10.65 -0.08 8.59
CA ASP A 49 -10.98 1.31 9.07
C ASP A 49 -11.27 2.16 7.83
N ARG A 50 -10.28 2.82 7.25
CA ARG A 50 -10.51 3.61 6.01
C ARG A 50 -9.17 4.24 5.54
N PRO A 51 -8.53 5.03 6.39
CA PRO A 51 -7.25 5.64 5.98
C PRO A 51 -6.21 4.54 5.87
N SER A 52 -6.03 4.01 4.70
CA SER A 52 -5.06 2.92 4.51
C SER A 52 -3.67 3.47 4.26
N LEU A 53 -2.78 3.29 5.18
CA LEU A 53 -1.38 3.80 5.01
C LEU A 53 -0.47 3.11 6.02
N ALA A 54 0.10 1.99 5.65
CA ALA A 54 0.99 1.26 6.61
C ALA A 54 2.22 0.71 5.91
N ILE A 55 3.17 0.26 6.69
CA ILE A 55 4.43 -0.31 6.11
C ILE A 55 4.72 -1.70 6.70
N VAL A 56 5.00 -2.67 5.87
CA VAL A 56 5.30 -4.05 6.38
C VAL A 56 6.66 -4.52 5.86
N SER A 57 7.34 -5.35 6.60
CA SER A 57 8.69 -5.84 6.15
C SER A 57 8.70 -7.38 6.08
N GLY A 58 9.11 -7.92 4.95
CA GLY A 58 9.14 -9.40 4.79
C GLY A 58 10.55 -9.86 4.42
N GLN A 59 10.84 -11.11 4.63
CA GLN A 59 12.20 -11.65 4.29
C GLN A 59 12.07 -13.12 3.88
N GLY A 60 11.36 -13.90 4.66
CA GLY A 60 11.19 -15.34 4.32
C GLY A 60 9.81 -15.55 3.70
N GLY A 61 9.69 -16.42 2.72
CA GLY A 61 8.38 -16.64 2.06
C GLY A 61 8.05 -15.44 1.18
N ALA A 62 8.47 -15.49 -0.06
CA ALA A 62 8.20 -14.34 -0.98
C ALA A 62 7.13 -14.71 -2.01
N ALA A 63 7.24 -15.88 -2.60
CA ALA A 63 6.23 -16.29 -3.62
C ALA A 63 4.83 -16.37 -3.02
N GLY A 64 4.70 -16.95 -1.85
CA GLY A 64 3.36 -17.06 -1.20
C GLY A 64 2.93 -15.70 -0.65
N GLN A 65 3.87 -14.87 -0.27
CA GLN A 65 3.49 -13.53 0.29
C GLN A 65 2.85 -12.64 -0.79
N ARG A 66 3.38 -12.66 -1.99
CA ARG A 66 2.80 -11.81 -3.07
C ARG A 66 1.35 -12.26 -3.34
N GLU A 67 1.13 -13.54 -3.41
CA GLU A 67 -0.26 -14.03 -3.65
C GLU A 67 -1.13 -13.71 -2.42
N ARG A 68 -0.53 -13.65 -1.25
CA ARG A 68 -1.30 -13.36 -0.01
C ARG A 68 -1.96 -11.98 -0.09
N VAL A 69 -1.22 -10.95 -0.47
CA VAL A 69 -1.85 -9.60 -0.56
C VAL A 69 -3.02 -9.63 -1.54
N ALA A 70 -2.94 -10.46 -2.56
CA ALA A 70 -4.08 -10.56 -3.52
C ALA A 70 -5.30 -11.11 -2.77
N GLU A 71 -5.10 -11.88 -1.72
CA GLU A 71 -6.25 -12.42 -0.94
C GLU A 71 -6.99 -11.23 -0.30
N LEU A 72 -6.26 -10.21 0.06
CA LEU A 72 -6.90 -9.00 0.66
C LEU A 72 -7.84 -8.38 -0.39
N VAL A 73 -7.44 -8.46 -1.63
CA VAL A 73 -8.29 -7.90 -2.71
C VAL A 73 -9.63 -8.65 -2.78
N MET A 74 -9.67 -9.88 -2.33
CA MET A 74 -10.95 -10.66 -2.35
C MET A 74 -11.95 -10.09 -1.33
N MET A 75 -11.50 -9.75 -0.14
CA MET A 75 -12.44 -9.18 0.88
C MET A 75 -13.02 -7.85 0.36
N ALA A 76 -12.34 -7.24 -0.58
CA ALA A 76 -12.85 -5.98 -1.19
C ALA A 76 -13.90 -6.30 -2.27
N ARG A 77 -13.84 -7.50 -2.81
CA ARG A 77 -14.84 -7.88 -3.86
C ARG A 77 -16.23 -7.95 -3.23
N GLU A 78 -16.34 -8.50 -2.04
CA GLU A 78 -17.67 -8.56 -1.36
C GLU A 78 -18.09 -7.16 -0.93
N GLN A 79 -17.15 -6.28 -0.69
CA GLN A 79 -17.49 -4.89 -0.27
C GLN A 79 -17.93 -4.03 -1.46
N GLY A 80 -18.03 -4.59 -2.65
CA GLY A 80 -18.51 -3.81 -3.83
C GLY A 80 -17.37 -3.01 -4.48
N ARG A 81 -16.15 -3.16 -4.02
CA ARG A 81 -15.03 -2.38 -4.65
C ARG A 81 -13.79 -3.26 -4.85
N GLU A 82 -13.22 -3.22 -6.01
CA GLU A 82 -11.99 -4.04 -6.28
C GLU A 82 -10.78 -3.37 -5.65
N VAL A 83 -9.61 -3.92 -5.90
CA VAL A 83 -8.37 -3.33 -5.32
C VAL A 83 -7.28 -3.25 -6.39
N GLN A 84 -6.48 -2.23 -6.33
CA GLN A 84 -5.33 -2.13 -7.27
C GLN A 84 -4.19 -2.76 -6.49
N ILE A 85 -3.67 -3.87 -6.95
CA ILE A 85 -2.61 -4.57 -6.16
C ILE A 85 -1.37 -4.84 -7.01
N ILE A 86 -0.21 -4.46 -6.51
CA ILE A 86 1.06 -4.68 -7.27
C ILE A 86 2.05 -5.46 -6.41
N ALA A 87 2.49 -6.60 -6.87
CA ALA A 87 3.51 -7.35 -6.08
C ALA A 87 4.87 -6.71 -6.32
N ALA A 88 5.83 -7.02 -5.50
CA ALA A 88 7.21 -6.46 -5.66
C ALA A 88 7.76 -6.79 -7.05
N ASP A 89 9.06 -6.73 -7.25
CA ASP A 89 9.65 -7.08 -8.59
C ASP A 89 9.14 -8.45 -9.08
N ARG A 90 8.60 -9.26 -8.20
CA ARG A 90 8.07 -10.59 -8.61
C ARG A 90 6.76 -10.44 -9.40
N ARG A 91 6.23 -9.23 -9.48
CA ARG A 91 4.96 -9.01 -10.24
C ARG A 91 5.11 -9.47 -11.69
N SER A 92 6.29 -9.38 -12.24
CA SER A 92 6.49 -9.80 -13.66
C SER A 92 6.14 -11.29 -13.82
N GLN A 93 6.60 -12.12 -12.92
CA GLN A 93 6.27 -13.58 -13.00
C GLN A 93 4.77 -13.76 -12.83
N MET A 94 4.18 -13.03 -11.93
CA MET A 94 2.72 -13.15 -11.67
C MET A 94 1.92 -12.76 -12.92
N ASN A 95 2.41 -11.84 -13.71
CA ASN A 95 1.66 -11.41 -14.93
C ASN A 95 1.50 -12.61 -15.88
N MET A 96 2.51 -13.43 -16.01
CA MET A 96 2.40 -14.62 -16.92
C MET A 96 1.22 -15.50 -16.47
N LYS A 97 1.07 -15.67 -15.18
CA LYS A 97 -0.06 -16.49 -14.64
C LYS A 97 -0.94 -15.59 -13.75
N GLN A 98 -1.53 -16.14 -12.70
CA GLN A 98 -2.39 -15.31 -11.78
C GLN A 98 -3.34 -14.37 -12.56
N ASP A 99 -4.50 -14.85 -12.94
CA ASP A 99 -5.45 -13.99 -13.69
C ASP A 99 -6.79 -13.88 -12.94
N GLU A 100 -6.81 -14.27 -11.69
CA GLU A 100 -8.07 -14.20 -10.89
C GLU A 100 -8.10 -12.99 -9.96
N ARG A 101 -6.99 -12.30 -9.80
CA ARG A 101 -6.98 -11.16 -8.85
C ARG A 101 -6.34 -9.89 -9.46
N LEU A 102 -5.90 -9.91 -10.70
CA LEU A 102 -5.27 -8.66 -11.27
C LEU A 102 -4.92 -8.79 -12.76
N SER A 103 -5.80 -9.34 -13.57
CA SER A 103 -5.48 -9.45 -15.03
C SER A 103 -5.92 -8.20 -15.80
N GLY A 104 -5.56 -7.04 -15.30
CA GLY A 104 -5.98 -5.76 -15.96
C GLY A 104 -7.18 -5.15 -15.21
N GLU A 105 -7.78 -5.90 -14.31
CA GLU A 105 -8.93 -5.36 -13.53
C GLU A 105 -8.41 -4.68 -12.26
N LEU A 106 -7.37 -3.88 -12.36
CA LEU A 106 -6.83 -3.23 -11.13
C LEU A 106 -7.91 -2.37 -10.49
N ILE A 107 -8.10 -1.14 -10.93
CA ILE A 107 -9.21 -0.31 -10.38
C ILE A 107 -9.58 0.77 -11.41
N THR A 108 -8.84 1.85 -11.42
CA THR A 108 -9.12 2.97 -12.37
C THR A 108 -8.19 2.88 -13.59
N GLY A 109 -7.50 1.78 -13.75
CA GLY A 109 -6.61 1.61 -14.93
C GLY A 109 -7.47 1.04 -16.06
N ARG A 110 -8.30 1.86 -16.65
CA ARG A 110 -9.16 1.39 -17.77
C ARG A 110 -9.30 2.53 -18.76
N ARG A 111 -10.05 3.53 -18.39
CA ARG A 111 -10.24 4.70 -19.28
C ARG A 111 -9.48 5.91 -18.73
N GLN A 112 -9.20 5.94 -17.45
CA GLN A 112 -8.44 7.10 -16.88
C GLN A 112 -7.05 7.18 -17.50
N LEU A 113 -6.43 6.06 -17.74
CA LEU A 113 -5.07 6.08 -18.36
C LEU A 113 -5.22 6.05 -19.88
N LEU A 114 -5.95 5.09 -20.37
CA LEU A 114 -6.16 4.95 -21.84
C LEU A 114 -6.96 6.12 -22.42
N GLU A 115 -8.02 6.54 -21.75
CA GLU A 115 -8.87 7.64 -22.33
C GLU A 115 -8.82 8.96 -21.54
N GLY A 116 -8.21 9.00 -20.38
CA GLY A 116 -8.16 10.30 -19.61
C GLY A 116 -9.45 10.52 -18.80
N MET A 117 -10.43 9.65 -18.95
CA MET A 117 -11.72 9.84 -18.19
C MET A 117 -11.50 9.62 -16.69
N ALA A 118 -12.55 9.71 -15.91
CA ALA A 118 -12.41 9.56 -14.43
C ALA A 118 -13.04 8.24 -13.96
N PHE A 119 -12.49 7.67 -12.92
CA PHE A 119 -13.01 6.37 -12.40
C PHE A 119 -13.63 6.54 -11.00
N THR A 120 -14.53 5.66 -10.67
CA THR A 120 -15.25 5.73 -9.36
C THR A 120 -14.30 5.87 -8.17
N PRO A 121 -14.39 6.99 -7.47
CA PRO A 121 -13.51 7.19 -6.29
C PRO A 121 -14.01 6.38 -5.11
N GLY A 122 -13.24 5.41 -4.71
CA GLY A 122 -13.62 4.56 -3.55
C GLY A 122 -12.93 3.20 -3.62
N SER A 123 -11.78 3.13 -4.24
CA SER A 123 -11.07 1.82 -4.36
C SER A 123 -10.10 1.59 -3.21
N THR A 124 -9.61 0.38 -3.12
CA THR A 124 -8.59 0.06 -2.10
C THR A 124 -7.30 -0.17 -2.86
N VAL A 125 -6.30 0.62 -2.62
CA VAL A 125 -5.03 0.45 -3.38
C VAL A 125 -3.92 -0.03 -2.44
N ILE A 126 -3.22 -1.06 -2.83
CA ILE A 126 -2.13 -1.61 -1.97
C ILE A 126 -0.93 -1.97 -2.86
N VAL A 127 0.26 -1.56 -2.51
CA VAL A 127 1.44 -1.91 -3.36
C VAL A 127 2.57 -2.53 -2.51
N ASP A 128 2.80 -3.82 -2.68
CA ASP A 128 3.90 -4.51 -1.95
C ASP A 128 5.19 -4.32 -2.73
N GLN A 129 6.13 -3.53 -2.23
CA GLN A 129 7.35 -3.27 -3.03
C GLN A 129 8.70 -3.57 -2.32
N GLY A 130 9.35 -4.63 -2.71
CA GLY A 130 10.70 -4.93 -2.16
C GLY A 130 11.66 -3.91 -2.79
N GLU A 131 11.42 -3.62 -4.04
CA GLU A 131 12.20 -2.61 -4.78
C GLU A 131 11.58 -1.26 -4.49
N LYS A 132 12.37 -0.25 -4.48
CA LYS A 132 11.83 1.11 -4.17
C LYS A 132 11.59 1.93 -5.44
N LEU A 133 12.13 1.52 -6.56
CA LEU A 133 11.91 2.27 -7.82
C LEU A 133 10.46 2.06 -8.31
N SER A 134 9.90 0.91 -8.04
CA SER A 134 8.50 0.64 -8.49
C SER A 134 7.50 1.22 -7.49
N LEU A 135 7.93 1.47 -6.27
CA LEU A 135 7.00 2.07 -5.28
C LEU A 135 6.63 3.48 -5.74
N LYS A 136 7.61 4.22 -6.18
CA LYS A 136 7.35 5.62 -6.66
C LYS A 136 6.52 5.61 -7.95
N GLU A 137 6.79 4.70 -8.87
CA GLU A 137 6.01 4.70 -10.16
C GLU A 137 4.50 4.57 -9.89
N THR A 138 4.10 3.60 -9.12
CA THR A 138 2.65 3.42 -8.81
C THR A 138 2.10 4.70 -8.15
N LEU A 139 2.88 5.27 -7.29
CA LEU A 139 2.45 6.51 -6.56
C LEU A 139 2.12 7.65 -7.53
N THR A 140 2.87 7.80 -8.60
CA THR A 140 2.56 8.91 -9.57
C THR A 140 1.19 8.64 -10.20
N LEU A 141 0.84 7.40 -10.35
CA LEU A 141 -0.50 7.05 -10.94
C LEU A 141 -1.61 7.43 -9.94
N LEU A 142 -1.36 7.16 -8.69
CA LEU A 142 -2.36 7.46 -7.62
C LEU A 142 -2.44 8.97 -7.33
N ASP A 143 -1.43 9.72 -7.68
CA ASP A 143 -1.44 11.20 -7.40
C ASP A 143 -2.76 11.85 -7.83
N GLY A 144 -3.12 11.75 -9.10
CA GLY A 144 -4.42 12.36 -9.55
C GLY A 144 -5.56 11.69 -8.80
N ALA A 145 -5.58 10.38 -8.77
CA ALA A 145 -6.65 9.63 -8.06
C ALA A 145 -6.71 10.05 -6.58
N ALA A 146 -5.60 10.41 -6.00
CA ALA A 146 -5.58 10.81 -4.55
C ALA A 146 -6.65 11.88 -4.28
N ARG A 147 -6.98 12.66 -5.26
CA ARG A 147 -8.03 13.70 -5.06
C ARG A 147 -9.36 13.02 -4.75
N HIS A 148 -9.63 11.91 -5.38
CA HIS A 148 -10.91 11.19 -5.13
C HIS A 148 -10.67 9.68 -4.88
N ASN A 149 -10.09 8.98 -5.84
CA ASN A 149 -9.81 7.51 -5.64
C ASN A 149 -8.55 7.34 -4.78
N VAL A 150 -8.62 6.76 -3.59
CA VAL A 150 -7.33 6.60 -2.81
C VAL A 150 -7.41 5.70 -1.55
N GLN A 151 -6.34 4.98 -1.31
CA GLN A 151 -6.20 4.08 -0.12
C GLN A 151 -4.85 3.35 -0.29
N VAL A 152 -3.86 3.59 0.55
CA VAL A 152 -2.54 2.90 0.34
C VAL A 152 -2.16 1.92 1.47
N LEU A 153 -2.10 0.67 1.13
CA LEU A 153 -1.66 -0.39 2.07
C LEU A 153 -0.40 -0.93 1.42
N ILE A 154 0.74 -0.84 2.04
CA ILE A 154 1.96 -1.34 1.34
C ILE A 154 2.85 -2.17 2.24
N THR A 155 3.53 -3.11 1.66
CA THR A 155 4.48 -3.93 2.43
C THR A 155 5.86 -3.60 1.90
N ASP A 156 6.86 -4.35 2.24
CA ASP A 156 8.22 -4.03 1.73
C ASP A 156 9.11 -5.26 1.79
N SER A 157 10.23 -5.19 1.15
CA SER A 157 11.20 -6.33 1.18
C SER A 157 12.65 -5.79 1.20
N GLY A 158 12.81 -4.53 1.53
CA GLY A 158 14.16 -3.91 1.60
C GLY A 158 14.14 -2.80 2.65
N GLN A 159 13.25 -2.91 3.62
CA GLN A 159 13.14 -1.87 4.68
C GLN A 159 14.02 -2.20 5.89
N ARG A 160 14.75 -3.31 5.87
CA ARG A 160 15.60 -3.67 7.05
C ARG A 160 16.55 -2.51 7.39
N THR A 161 17.15 -1.91 6.39
CA THR A 161 18.04 -0.74 6.64
C THR A 161 17.38 0.49 6.01
N GLY A 162 17.69 1.67 6.47
CA GLY A 162 17.06 2.90 5.89
C GLY A 162 15.53 2.78 5.91
N THR A 163 14.97 2.32 7.01
CA THR A 163 13.47 2.17 7.09
C THR A 163 12.78 3.55 6.96
N GLY A 164 13.28 4.55 7.63
CA GLY A 164 12.66 5.91 7.55
C GLY A 164 12.78 6.40 6.11
N SER A 165 13.86 6.06 5.46
CA SER A 165 14.04 6.51 4.05
C SER A 165 12.95 5.94 3.15
N ALA A 166 12.51 4.73 3.40
CA ALA A 166 11.43 4.13 2.54
C ALA A 166 10.17 5.00 2.60
N LEU A 167 9.86 5.52 3.76
CA LEU A 167 8.65 6.40 3.89
C LEU A 167 8.86 7.65 3.05
N MET A 168 10.05 8.20 3.08
CA MET A 168 10.36 9.39 2.25
C MET A 168 10.22 9.01 0.76
N ALA A 169 10.43 7.77 0.45
CA ALA A 169 10.30 7.29 -0.97
C ALA A 169 8.90 7.65 -1.50
N MET A 170 7.86 7.24 -0.81
CA MET A 170 6.47 7.55 -1.28
C MET A 170 6.29 9.07 -1.46
N LYS A 171 6.74 9.84 -0.49
CA LYS A 171 6.62 11.32 -0.57
C LYS A 171 7.42 11.90 -1.75
N ASP A 172 8.50 11.26 -2.10
CA ASP A 172 9.34 11.76 -3.23
C ASP A 172 8.60 11.64 -4.57
N ALA A 173 7.56 10.84 -4.62
CA ALA A 173 6.81 10.66 -5.90
C ALA A 173 5.90 11.87 -6.22
N GLY A 174 5.97 12.94 -5.47
CA GLY A 174 5.11 14.11 -5.78
C GLY A 174 4.21 14.48 -4.59
N VAL A 175 4.11 13.62 -3.60
CA VAL A 175 3.25 13.94 -2.42
C VAL A 175 4.06 14.71 -1.37
N ASN A 176 3.70 15.95 -1.12
CA ASN A 176 4.43 16.77 -0.11
C ASN A 176 3.67 18.07 0.16
N THR A 177 3.50 18.43 1.40
CA THR A 177 2.80 19.70 1.73
C THR A 177 3.76 20.87 1.47
N TYR A 178 3.24 22.06 1.37
CA TYR A 178 4.14 23.23 1.12
C TYR A 178 4.31 24.05 2.40
N ARG A 179 3.23 24.61 2.89
CA ARG A 179 3.31 25.43 4.14
C ARG A 179 2.01 25.26 4.96
N TRP A 180 1.10 26.23 4.92
CA TRP A 180 -0.17 26.06 5.70
C TRP A 180 -1.26 25.44 4.82
N GLN A 181 -1.14 25.56 3.52
CA GLN A 181 -2.16 24.97 2.60
C GLN A 181 -1.51 23.90 1.72
N GLY A 182 -2.29 22.95 1.28
CA GLY A 182 -1.74 21.87 0.41
C GLY A 182 -1.95 20.51 1.08
N GLY A 183 -3.17 20.03 1.08
CA GLY A 183 -3.45 18.70 1.71
C GLY A 183 -3.97 18.90 3.13
N GLU A 184 -3.61 20.00 3.75
CA GLU A 184 -4.08 20.26 5.14
C GLU A 184 -5.36 21.11 5.15
N GLN A 185 -5.85 21.51 3.99
CA GLN A 185 -7.09 22.34 3.95
C GLN A 185 -8.34 21.47 4.06
N ARG A 186 -8.20 20.17 4.03
CA ARG A 186 -9.42 19.28 4.14
C ARG A 186 -9.05 17.91 4.74
N PRO A 187 -8.25 17.13 4.04
CA PRO A 187 -7.86 15.79 4.57
C PRO A 187 -6.83 15.91 5.70
N ALA A 188 -6.32 17.11 5.97
CA ALA A 188 -5.32 17.28 7.08
C ALA A 188 -4.12 16.35 6.90
N THR A 189 -3.88 15.87 5.69
CA THR A 189 -2.72 14.94 5.47
C THR A 189 -1.41 15.73 5.60
#